data_5LQZ
#
_entry.id   5LQZ
#
_cell.length_a   1.000
_cell.length_b   1.000
_cell.length_c   1.000
_cell.angle_alpha   90.00
_cell.angle_beta   90.00
_cell.angle_gamma   90.00
#
_symmetry.space_group_name_H-M   'P 1'
#
loop_
_entity.id
_entity.type
_entity.pdbx_description
1 polymer 'ATP synthase subunit f'
2 polymer 'ATP synthase subunit AAP1'
3 polymer 'ATP synthase subunit a'
4 polymer 'ATP synthase subunit b'
5 polymer 'ATP synthase alpha subunit'
6 polymer 'ATP synthase beta subunit'
7 polymer 'ATP synthase gamma subunit'
8 polymer 'ATP synthase delta subunit'
9 polymer 'ATP synthase epsilon subunit'
10 polymer 'ATP synthase inhibitor protein IF1'
11 polymer 'ATP synthase subunit c'
12 polymer 'ATP synthase OSCP subunit'
13 polymer 'ATP synthase subunit b'
14 polymer 'ATP synthase subunit d'
15 polymer 'ATP synthase subunit h'
16 polymer 'ATP synthase subunit a'
17 polymer 'ATP synthase subunit a'
18 non-polymer "ADENOSINE-5'-TRIPHOSPHATE"
19 non-polymer 'MAGNESIUM ION'
20 non-polymer "ADENOSINE-5'-DIPHOSPHATE"
#
loop_
_entity_poly.entity_id
_entity_poly.type
_entity_poly.pdbx_seq_one_letter_code
_entity_poly.pdbx_strand_id
1 'polypeptide(L)'
;(UNK)(UNK)(UNK)(UNK)(UNK)(UNK)(UNK)(UNK)(UNK)(UNK)(UNK)(UNK)(UNK)(UNK)(UNK)(UNK)
(UNK)(UNK)(UNK)(UNK)(UNK)(UNK)(UNK)(UNK)(UNK)(UNK)(UNK)(UNK)(UNK)(UNK)
;
1
2 'polypeptide(L)'
;(UNK)(UNK)(UNK)(UNK)(UNK)(UNK)(UNK)(UNK)(UNK)(UNK)(UNK)(UNK)(UNK)(UNK)(UNK)(UNK)
(UNK)(UNK)(UNK)(UNK)(UNK)(UNK)(UNK)(UNK)(UNK)
;
2
3 'polypeptide(L)'
;(UNK)(UNK)(UNK)(UNK)(UNK)(UNK)(UNK)(UNK)(UNK)(UNK)(UNK)(UNK)(UNK)(UNK)(UNK)(UNK)
(UNK)
;
3
4 'polypeptide(L)'
;(UNK)(UNK)(UNK)(UNK)(UNK)(UNK)(UNK)(UNK)(UNK)(UNK)(UNK)(UNK)(UNK)(UNK)(UNK)(UNK)
(UNK)(UNK)(UNK)(UNK)(UNK)(UNK)(UNK)(UNK)(UNK)(UNK)(UNK)
;
4
5 'polypeptide(L)'
;ATAKAAPTEVSSILESKIRGVSDEANLDETGRVLSVGDGIARVFGLNNCQAEELVEFASGVKGMALNLEPGQVGIVLFGS
DREVKEGEIVKRTGKIVDVPIGPGMLGRVVDALGNPIDGKGPIEATGYAIAQLKAPGILPRRSVFEPMQTGLKAVDALVP
IGRGQRELIIGDRQTGKTAVALDTILNQKRWNDGNDESKKLYCVYVAVGQKRSTVAQLVQTLEQNDAMKYSIVVAATASE
AAPLQYLAPFTACAIAEWFRDNGKHALIVYDDLSKQAVAYRQLSLLLRRPPGREAYPGDVFYLHSRLLERAAKMSDANGG
GSLTALPVIETQGGDVSAYIPTNVISITDGQIFLEAELFYKGIRPAINVGLSVSRVGSAAQVKAMKQVAGSLKLFLAQYR
EVAAFAQFGSDLDASTKQTLSRGERLTQLLKQKQYSPQASEEQVPVIYAGVNGFLDNIPIERIPEFEEQFIAYLKANEGD
ILEAIRTKGELSSELLDKLKSATETFVATF
;
A,B,C
6 'polypeptide(L)'
;ATAGPASGKIRAVIGAVVDVQFEQGELPAILNALTIDQGNNQKLVLEVAQHLGENAVRAIAMDGTEGLVRGQTVVDTGAP
ISVPVGRGTLGRIINVVGEPIDERGPIECKQRNPIHADPPSFVEQSTEAEVLETGIKVVDLLAPYARGGKIGLFGGAGVG
KTVFIQELINNIAKAHGGFSVFTGVGERTREGNDLYREMKETGVINLEGESKVALVFGQMNEPPGARARVALTGLTIAEY
FRDEEGQDVLLFVDNIFRFTQAGSEVSALLGRIPSAVGYQPTLATDMGLLQERITTTRKGSVTSVQAVYVPADDLTDPAP
ATTFAHLDATTVLSRGISELGIYPAVDPLDSKSRLLDVSVVGQEHYDVATGVQQTLQAYKSLQDIIAILGMDELSEQDKL
TVERARKIQRFLSQPFAVAEVFTGIEGKLVRLKDTIASFKAVLEGKYDHLPENAFYMVGGIEDVVAKAEKIAAEAN
;
D,E,F
7 'polypeptide(L)'
;ATLREIETRLKSIKNIEKITNTMKVVASTRMGRAQRAMASSRAFREGDSDFFATAETSTPETAEKTLIIAVSSDKGLCGS
IHSQIAKATRAKLQETPNADVVTIGDKIKAQMLRTHSSNVVLSFNGVGKEAPTFWEASLIADEIRKLGDYDKIEVMYNKF
VSGVAFEPSVFPSFSPISIEESPKLSEFELEEDQAIPTSLSQISLTNAILNAMAEGYASEISARRNAMDNASKNAGEMIN
KYSILYNRTRQAVITNELVDIITGASSLD
;
G
8 'polypeptide(L)'
;AEAVNPDVLKVSLVAPHQAIFTNKEVSQVNLPASSGEMGVLANHVPTVEELAPGVVEVIESSGTASKYFVSGGFASILPG
SKLSISTVEAHPLDAFSSENIKSLLAEAQKNASSADETVAAEAAIEIEVLEALQAAVH
;
H
9 'polypeptide(L)' SSWQKAGISFNKYLAIAARTVQRSLKNDLKVAAEKRYISDAKVQKLEKGNVVSTTDLASNKSA I
10 'polypeptide(L)' GSESGDNVRSSAGAVRDAGGAFGKREQAEEERYFRARAKEQLAALKKHHENEISHHAKEIHHHHHH J
11 'polypeptide(L)' MQLVLAAKYIGAAIATIGLTGAGIGIAIVFAALINGTSRNPSLRNTLFPFAILGFALSEATGLFCLMISFLLLYGV K,L,M,N,O,P,Q,R,S,T
12 'polypeptide(L)'
;ASAAPIKPPVQLFGLDGTYATALFSASAKDSSIEKTFQSVQKLSSTISKDAKVAQVLSNPALSLNSRKEVVSVLSKELKL
EPVVSNLLTVLAENNRLSLFDSIAKQFSVLNDAYNGVVEATVVSAKPLDSKILNRLTKSITNSKYVGPGKTLKIKNEVDP
EILGGLIVEVADKSVDLSLASKVNKLNKVLSETI
;
U
13 'polypeptide(L)'
;STPVDPKTKANALIDSLPGNSFLSKTGILATTAAASVYAISSELYVVNDESILLVTFLGFIALISKTVAPLYGEMAKNRT
DHVVGLLNQARADHVNAVKTRIDQVSNLKDVVSTTKALFEMSKETAALEAEAFELKQKVAVASEAKSVLDSWVRYEAQVR
QHEQEQLASTVISKVQSELQNAKFQDKVLAQAVEEVERLFAKEK
;
V
14 'polypeptide(L)'
;SSVAKSTANKLDWTKIVSKLGLSGQTAAALTSFKKRNDEAKRILFELKQQPSNVDFAFYKSTLKNTAIVDKIQSDVSKFT
PSKANLSKQLNLIESFEAKALENAKETESVVLAELTDLEKTLENIES(UNK)(UNK)(UNK)(UNK)(UNK)(UNK)
(UNK)(UNK)(UNK)(UNK)(UNK)(UNK)(UNK)(UNK)(UNK)(UNK)(UNK)(UNK)(UNK)(UNK)(UNK)(UNK)
(UNK)(UNK)(UNK)(UNK)(UNK)(UNK)
;
W
15 'polypeptide(L)'
;(UNK)(UNK)(UNK)(UNK)(UNK)(UNK)(UNK)(UNK)(UNK)(UNK)(UNK)(UNK)(UNK)(UNK)(UNK)(UNK)
(UNK)(UNK)(UNK)(UNK)(UNK)
;
X
16 'polypeptide(L)'
;SPLDQFIINNLLEINSPFLNLSTLNFSTFSLYTLFVVLVISLTFILSIGGESNNLVKGSNWLIAIEAIFDTILNMVKGQI
GGSVYGRYVPLVYTLFTFILVANLIGMVPYNFALSASLIYIIGISVSLWIGLTILGLFLNKAVFFSLFVPSGTPLPLVPV
LVLIELLSYTARAISLGLRLAANTLSGHLLMSILGNLVKNLMSINYFTFIFGLIPLAGIFAIVILEFAIACIQAYVFAIL
TSSYLKDSIYLH
;
Y
17 'polypeptide(L)'
;(UNK)(UNK)(UNK)(UNK)(UNK)(UNK)(UNK)(UNK)(UNK)(UNK)(UNK)(UNK)(UNK)(UNK)(UNK)(UNK)
(UNK)(UNK)(UNK)(UNK)(UNK)(UNK)(UNK)(UNK)(UNK)(UNK)(UNK)(UNK)(UNK)(UNK)(UNK)(UNK)
(UNK)(UNK)(UNK)(UNK)(UNK)(UNK)(UNK)(UNK)(UNK)(UNK)(UNK)(UNK)
;
Z
#
loop_
_chem_comp.id
_chem_comp.type
_chem_comp.name
_chem_comp.formula
ADP non-polymer ADENOSINE-5'-DIPHOSPHATE 'C10 H15 N5 O10 P2'
ATP non-polymer ADENOSINE-5'-TRIPHOSPHATE 'C10 H16 N5 O13 P3'
MG non-polymer 'MAGNESIUM ION' 'Mg 2'
#
# COMPACT_ATOMS: atom_id res chain seq x y z
N UNK A 1 -58.64 -32.28 58.41
CA UNK A 1 -58.80 -33.31 59.42
C UNK A 1 -60.27 -33.55 59.74
N UNK A 2 -61.07 -32.48 59.64
CA UNK A 2 -62.49 -32.57 59.91
C UNK A 2 -63.23 -33.25 58.75
N UNK A 3 -62.72 -33.05 57.54
CA UNK A 3 -63.33 -33.64 56.35
C UNK A 3 -62.99 -35.13 56.26
N UNK A 4 -61.80 -35.49 56.74
CA UNK A 4 -61.37 -36.88 56.71
C UNK A 4 -62.06 -37.69 57.81
N UNK A 5 -62.42 -37.02 58.90
CA UNK A 5 -63.10 -37.67 60.00
C UNK A 5 -64.56 -37.95 59.67
N UNK A 6 -65.14 -37.09 58.83
CA UNK A 6 -66.53 -37.23 58.42
C UNK A 6 -66.68 -38.36 57.40
N UNK A 7 -65.65 -38.56 56.59
CA UNK A 7 -65.66 -39.61 55.58
C UNK A 7 -65.45 -40.98 56.22
N UNK A 8 -64.67 -41.01 57.30
CA UNK A 8 -64.38 -42.25 58.01
C UNK A 8 -65.59 -42.67 58.84
N UNK A 9 -66.34 -41.69 59.34
CA UNK A 9 -67.52 -41.97 60.14
C UNK A 9 -68.68 -42.43 59.27
N UNK A 10 -68.69 -41.98 58.02
CA UNK A 10 -69.74 -42.35 57.08
C UNK A 10 -69.53 -43.78 56.58
N UNK A 11 -68.27 -44.21 56.53
CA UNK A 11 -67.93 -45.55 56.07
C UNK A 11 -68.28 -46.58 57.15
N UNK A 12 -68.16 -46.17 58.41
CA UNK A 12 -68.47 -47.06 59.53
C UNK A 12 -69.97 -47.21 59.70
N UNK A 13 -70.71 -46.16 59.36
CA UNK A 13 -72.17 -46.17 59.47
C UNK A 13 -72.78 -46.99 58.33
N UNK A 14 -72.13 -46.96 57.17
CA UNK A 14 -72.60 -47.71 56.01
C UNK A 14 -72.31 -49.20 56.17
N UNK A 15 -71.22 -49.51 56.87
CA UNK A 15 -70.84 -50.89 57.10
C UNK A 15 -71.71 -51.52 58.17
N UNK A 16 -72.18 -50.70 59.11
CA UNK A 16 -73.05 -51.17 60.18
C UNK A 16 -74.46 -51.44 59.67
N UNK A 17 -74.87 -50.65 58.67
CA UNK A 17 -76.19 -50.81 58.08
C UNK A 17 -76.24 -52.03 57.16
N UNK A 18 -75.11 -52.32 56.54
CA UNK A 18 -75.01 -53.48 55.64
C UNK A 18 -74.92 -54.77 56.43
N UNK A 19 -74.35 -54.70 57.63
CA UNK A 19 -74.21 -55.86 58.50
C UNK A 19 -75.54 -56.21 59.14
N UNK A 20 -76.37 -55.19 59.37
CA UNK A 20 -77.67 -55.39 59.98
C UNK A 20 -78.65 -55.99 58.97
N UNK A 21 -78.47 -55.65 57.69
CA UNK A 21 -79.32 -56.15 56.63
C UNK A 21 -78.98 -57.61 56.31
N UNK A 22 -77.71 -57.96 56.49
CA UNK A 22 -77.25 -59.33 56.22
C UNK A 22 -77.67 -60.26 57.35
N UNK A 23 -77.79 -59.72 58.55
CA UNK A 23 -78.19 -60.52 59.72
C UNK A 23 -79.70 -60.77 59.68
N UNK A 24 -80.44 -59.84 59.12
CA UNK A 24 -81.90 -59.96 59.02
C UNK A 24 -82.28 -60.94 57.92
N UNK A 25 -81.45 -60.99 56.88
CA UNK A 25 -81.70 -61.88 55.75
C UNK A 25 -81.31 -63.32 56.10
N UNK A 26 -80.35 -63.46 57.01
CA UNK A 26 -79.89 -64.77 57.44
C UNK A 26 -80.86 -65.39 58.44
N UNK A 27 -81.59 -64.54 59.15
CA UNK A 27 -82.57 -65.00 60.13
C UNK A 27 -83.84 -65.49 59.45
N UNK A 28 -84.12 -64.95 58.27
CA UNK A 28 -85.31 -65.33 57.52
C UNK A 28 -85.05 -66.61 56.73
N UNK A 29 -83.79 -66.91 56.49
CA UNK A 29 -83.41 -68.11 55.74
C UNK A 29 -83.20 -69.29 56.69
N UNK A 30 -83.04 -68.99 57.98
CA UNK A 30 -82.82 -70.02 58.99
C UNK A 30 -84.14 -70.40 59.65
N UNK B 1 -64.05 -52.40 62.30
CA UNK B 1 -62.73 -52.94 62.63
C UNK B 1 -61.67 -52.40 61.67
N UNK B 2 -62.07 -52.14 60.43
CA UNK B 2 -61.15 -51.61 59.42
C UNK B 2 -60.91 -50.12 59.64
N UNK B 3 -61.92 -49.43 60.15
CA UNK B 3 -61.82 -48.00 60.42
C UNK B 3 -61.02 -47.73 61.68
N UNK B 4 -61.08 -48.69 62.61
CA UNK B 4 -60.37 -48.56 63.88
C UNK B 4 -58.87 -48.83 63.70
N UNK B 5 -58.56 -49.73 62.77
CA UNK B 5 -57.16 -50.07 62.50
C UNK B 5 -56.50 -49.00 61.64
N UNK B 6 -57.30 -48.31 60.84
CA UNK B 6 -56.79 -47.25 59.97
C UNK B 6 -56.59 -45.96 60.75
N UNK B 7 -57.32 -45.83 61.86
CA UNK B 7 -57.22 -44.65 62.71
C UNK B 7 -55.92 -44.65 63.51
N UNK B 8 -55.50 -45.84 63.95
CA UNK B 8 -54.28 -46.00 64.72
C UNK B 8 -53.05 -45.96 63.81
N UNK B 9 -53.26 -46.32 62.54
CA UNK B 9 -52.17 -46.33 61.58
C UNK B 9 -51.94 -44.94 61.00
N UNK B 10 -52.96 -44.08 61.11
CA UNK B 10 -52.86 -42.71 60.61
C UNK B 10 -51.99 -41.86 61.52
N UNK B 11 -52.01 -42.16 62.81
CA UNK B 11 -51.22 -41.42 63.79
C UNK B 11 -49.75 -41.83 63.70
N UNK B 12 -49.50 -43.08 63.34
CA UNK B 12 -48.14 -43.59 63.20
C UNK B 12 -47.50 -43.11 61.90
N UNK B 13 -48.32 -42.92 60.88
CA UNK B 13 -47.84 -42.46 59.58
C UNK B 13 -47.54 -40.97 59.62
N UNK B 14 -48.29 -40.23 60.44
CA UNK B 14 -48.10 -38.80 60.57
C UNK B 14 -46.86 -38.48 61.41
N UNK B 15 -46.57 -39.36 62.36
CA UNK B 15 -45.40 -39.19 63.23
C UNK B 15 -44.12 -39.58 62.49
N UNK B 16 -44.24 -40.52 61.56
CA UNK B 16 -43.10 -40.98 60.79
C UNK B 16 -42.73 -39.97 59.71
N UNK B 17 -43.72 -39.24 59.23
CA UNK B 17 -43.51 -38.23 58.19
C UNK B 17 -42.88 -36.97 58.78
N UNK B 18 -43.18 -36.71 60.05
CA UNK B 18 -42.63 -35.55 60.73
C UNK B 18 -41.19 -35.78 61.14
N UNK B 19 -40.85 -37.04 61.40
CA UNK B 19 -39.49 -37.41 61.80
C UNK B 19 -38.56 -37.42 60.59
N UNK B 20 -39.12 -37.71 59.42
CA UNK B 20 -38.34 -37.75 58.19
C UNK B 20 -38.06 -36.34 57.68
N UNK B 21 -38.95 -35.42 58.00
CA UNK B 21 -38.81 -34.02 57.58
C UNK B 21 -37.78 -33.30 58.45
N UNK B 22 -37.63 -33.76 59.69
CA UNK B 22 -36.68 -33.16 60.62
C UNK B 22 -35.26 -33.62 60.31
N UNK B 23 -35.14 -34.80 59.72
CA UNK B 23 -33.83 -35.35 59.37
C UNK B 23 -33.31 -34.73 58.08
N UNK B 24 -34.22 -34.25 57.25
CA UNK B 24 -33.86 -33.63 55.98
C UNK B 24 -33.61 -32.14 56.15
N UNK B 25 -34.06 -31.59 57.28
CA UNK B 25 -33.88 -30.18 57.56
C UNK B 25 -32.65 -29.94 58.43
N UNK C 1 -61.20 -62.26 62.68
CA UNK C 1 -60.65 -61.74 63.93
C UNK C 1 -59.21 -62.18 64.11
N UNK C 2 -58.89 -63.39 63.67
CA UNK C 2 -57.54 -63.93 63.77
C UNK C 2 -56.63 -63.32 62.71
N UNK C 3 -57.20 -62.98 61.57
CA UNK C 3 -56.44 -62.38 60.47
C UNK C 3 -56.16 -60.91 60.74
N UNK C 4 -57.06 -60.28 61.48
CA UNK C 4 -56.91 -58.86 61.81
C UNK C 4 -55.89 -58.67 62.93
N UNK C 5 -55.77 -59.68 63.79
CA UNK C 5 -54.83 -59.62 64.90
C UNK C 5 -53.40 -59.87 64.42
N UNK C 6 -53.28 -60.66 63.36
CA UNK C 6 -51.97 -60.99 62.80
C UNK C 6 -51.43 -59.82 61.98
N UNK C 7 -52.33 -59.04 61.40
CA UNK C 7 -51.95 -57.89 60.59
C UNK C 7 -51.54 -56.72 61.47
N UNK C 8 -52.12 -56.65 62.66
CA UNK C 8 -51.81 -55.58 63.61
C UNK C 8 -50.47 -55.83 64.29
N UNK C 9 -50.11 -57.09 64.44
CA UNK C 9 -48.86 -57.47 65.09
C UNK C 9 -47.68 -57.28 64.12
N UNK C 10 -47.96 -57.42 62.83
CA UNK C 10 -46.92 -57.26 61.81
C UNK C 10 -46.63 -55.78 61.57
N UNK C 11 -47.63 -54.94 61.78
CA UNK C 11 -47.48 -53.50 61.58
C UNK C 11 -46.74 -52.87 62.75
N UNK C 12 -46.88 -53.47 63.93
CA UNK C 12 -46.23 -52.97 65.14
C UNK C 12 -44.75 -53.35 65.15
N UNK C 13 -44.42 -54.47 64.51
CA UNK C 13 -43.05 -54.95 64.44
C UNK C 13 -42.26 -54.17 63.39
N UNK C 14 -42.96 -53.69 62.38
CA UNK C 14 -42.32 -52.92 61.31
C UNK C 14 -42.08 -51.48 61.74
N UNK C 15 -42.87 -51.01 62.68
CA UNK C 15 -42.75 -49.65 63.19
C UNK C 15 -41.63 -49.56 64.23
N UNK C 16 -41.32 -50.68 64.86
CA UNK C 16 -40.27 -50.73 65.87
C UNK C 16 -38.93 -51.08 65.24
N UNK C 17 -38.95 -51.48 63.97
CA UNK C 17 -37.73 -51.83 63.25
C UNK C 17 -37.24 -50.67 62.40
N UNK D 1 -30.61 -56.20 57.65
CA UNK D 1 -30.95 -57.03 56.50
C UNK D 1 -31.13 -58.48 56.92
N UNK D 2 -30.22 -58.97 57.75
CA UNK D 2 -30.27 -60.35 58.23
C UNK D 2 -31.33 -60.50 59.30
N UNK D 3 -31.57 -59.44 60.06
CA UNK D 3 -32.57 -59.46 61.12
C UNK D 3 -33.98 -59.38 60.54
N UNK D 4 -34.12 -58.65 59.43
CA UNK D 4 -35.41 -58.50 58.78
C UNK D 4 -35.78 -59.76 58.00
N UNK D 5 -34.77 -60.45 57.50
CA UNK D 5 -34.99 -61.69 56.75
C UNK D 5 -35.34 -62.84 57.68
N UNK D 6 -34.76 -62.80 58.88
CA UNK D 6 -35.01 -63.85 59.88
C UNK D 6 -36.39 -63.67 60.50
N UNK D 7 -36.85 -62.43 60.57
CA UNK D 7 -38.16 -62.13 61.13
C UNK D 7 -39.28 -62.54 60.18
N UNK D 8 -39.00 -62.46 58.88
CA UNK D 8 -39.97 -62.84 57.86
C UNK D 8 -40.11 -64.36 57.77
N UNK D 9 -38.99 -65.05 58.02
CA UNK D 9 -38.98 -66.51 57.97
C UNK D 9 -39.64 -67.09 59.22
N UNK D 10 -39.51 -66.38 60.34
CA UNK D 10 -40.10 -66.81 61.59
C UNK D 10 -41.61 -66.59 61.59
N UNK D 11 -42.05 -65.55 60.87
CA UNK D 11 -43.46 -65.24 60.77
C UNK D 11 -44.18 -66.24 59.87
N UNK D 12 -43.47 -66.73 58.86
CA UNK D 12 -44.03 -67.70 57.93
C UNK D 12 -44.11 -69.08 58.58
N UNK D 13 -43.16 -69.37 59.46
CA UNK D 13 -43.12 -70.64 60.17
C UNK D 13 -44.18 -70.68 61.26
N UNK D 14 -44.48 -69.53 61.84
CA UNK D 14 -45.49 -69.43 62.90
C UNK D 14 -46.89 -69.52 62.29
N UNK D 15 -47.04 -69.02 61.08
CA UNK D 15 -48.33 -69.05 60.39
C UNK D 15 -48.62 -70.45 59.87
N UNK D 16 -47.56 -71.18 59.53
CA UNK D 16 -47.71 -72.55 59.02
C UNK D 16 -48.03 -73.51 60.17
N UNK D 17 -47.52 -73.19 61.35
CA UNK D 17 -47.76 -74.02 62.53
C UNK D 17 -49.18 -73.83 63.05
N UNK D 18 -49.69 -72.61 62.89
CA UNK D 18 -51.05 -72.29 63.33
C UNK D 18 -52.08 -72.87 62.37
N UNK D 19 -51.71 -72.96 61.10
CA UNK D 19 -52.59 -73.51 60.08
C UNK D 19 -52.66 -75.03 60.18
N UNK D 20 -51.57 -75.64 60.63
CA UNK D 20 -51.49 -77.08 60.79
C UNK D 20 -52.27 -77.53 62.02
N UNK D 21 -52.30 -76.67 63.04
CA UNK D 21 -53.03 -76.98 64.26
C UNK D 21 -54.52 -76.80 64.07
N UNK D 22 -54.89 -75.87 63.20
CA UNK D 22 -56.30 -75.60 62.90
C UNK D 22 -56.87 -76.68 61.99
N UNK D 23 -56.02 -77.25 61.16
CA UNK D 23 -56.45 -78.30 60.23
C UNK D 23 -56.61 -79.63 60.96
N UNK D 24 -55.84 -79.82 62.02
CA UNK D 24 -55.90 -81.04 62.82
C UNK D 24 -57.09 -81.01 63.76
N UNK D 25 -57.53 -79.81 64.12
CA UNK D 25 -58.67 -79.65 65.02
C UNK D 25 -59.98 -79.69 64.25
N UNK D 26 -59.90 -79.50 62.94
CA UNK D 26 -61.08 -79.52 62.08
C UNK D 26 -61.27 -80.90 61.46
N UNK D 27 -60.27 -81.75 61.61
CA UNK D 27 -60.33 -83.11 61.07
C UNK D 27 -60.62 -84.12 62.16
N LYS E 4 41.94 40.86 -24.19
CA LYS E 4 42.82 42.03 -24.22
C LYS E 4 44.28 41.61 -24.40
N ALA E 5 44.80 40.87 -23.42
CA ALA E 5 46.17 40.40 -23.46
C ALA E 5 46.27 39.08 -24.20
N ALA E 6 47.49 38.73 -24.61
CA ALA E 6 47.75 37.49 -25.33
C ALA E 6 49.01 36.84 -24.80
N PRO E 7 49.40 35.68 -25.34
CA PRO E 7 50.61 35.01 -24.86
C PRO E 7 51.80 35.20 -25.81
N THR E 8 52.50 34.11 -26.11
CA THR E 8 53.65 34.12 -27.00
C THR E 8 54.70 35.12 -26.54
N GLU E 9 54.73 36.29 -27.17
CA GLU E 9 55.70 37.33 -26.82
C GLU E 9 55.29 37.97 -25.50
N VAL E 10 56.01 37.63 -24.42
CA VAL E 10 55.72 38.17 -23.10
C VAL E 10 56.99 38.17 -22.25
N SER E 11 57.43 39.36 -21.84
CA SER E 11 58.60 39.53 -21.00
C SER E 11 59.85 38.91 -21.62
N SER E 12 60.01 37.60 -21.45
CA SER E 12 61.19 36.93 -21.98
C SER E 12 61.16 36.88 -23.51
N ILE E 13 60.03 36.43 -24.08
CA ILE E 13 59.93 36.35 -25.53
C ILE E 13 59.72 37.72 -26.16
N LEU E 14 59.31 38.71 -25.38
CA LEU E 14 59.11 40.06 -25.92
C LEU E 14 60.40 40.85 -26.01
N GLU E 15 61.43 40.47 -25.26
CA GLU E 15 62.71 41.17 -25.28
C GLU E 15 63.72 40.42 -26.15
N SER E 16 63.35 40.26 -27.43
CA SER E 16 64.21 39.57 -28.38
C SER E 16 64.11 40.22 -29.76
N LYS E 17 62.92 40.68 -30.13
CA LYS E 17 62.71 41.32 -31.42
C LYS E 17 63.06 42.81 -31.42
N ILE E 18 63.31 43.39 -30.25
CA ILE E 18 63.65 44.81 -30.19
C ILE E 18 65.09 45.05 -30.60
N ARG E 19 66.00 44.16 -30.17
CA ARG E 19 67.41 44.32 -30.53
C ARG E 19 67.68 43.86 -31.95
N GLY E 20 67.01 42.79 -32.39
CA GLY E 20 67.20 42.27 -33.72
C GLY E 20 66.03 41.45 -34.22
N VAL E 21 65.70 41.59 -35.50
CA VAL E 21 64.59 40.86 -36.10
C VAL E 21 65.14 39.67 -36.89
N SER E 22 66.06 38.93 -36.27
CA SER E 22 66.67 37.77 -36.92
C SER E 22 67.04 36.71 -35.88
N ASP E 23 68.16 36.94 -35.17
CA ASP E 23 68.65 36.03 -34.16
C ASP E 23 68.85 34.62 -34.72
N GLU E 24 67.83 33.79 -34.65
CA GLU E 24 67.88 32.43 -35.15
C GLU E 24 67.26 32.35 -36.54
N ALA E 25 67.92 31.63 -37.45
CA ALA E 25 67.44 31.49 -38.81
C ALA E 25 66.42 30.36 -38.95
N ASN E 26 66.12 29.63 -37.87
CA ASN E 26 65.15 28.54 -37.94
C ASN E 26 63.72 29.08 -37.88
N LEU E 27 63.11 28.99 -36.69
CA LEU E 27 61.74 29.46 -36.48
C LEU E 27 60.76 28.79 -37.44
N ASP E 28 60.97 27.49 -37.68
CA ASP E 28 60.10 26.73 -38.58
C ASP E 28 60.11 25.25 -38.21
N GLU E 29 61.30 24.66 -38.11
CA GLU E 29 61.45 23.26 -37.77
C GLU E 29 61.75 23.03 -36.28
N THR E 30 62.01 24.09 -35.52
CA THR E 30 62.32 23.99 -34.10
C THR E 30 61.50 25.02 -33.34
N GLY E 31 61.54 24.91 -32.02
CA GLY E 31 60.81 25.84 -31.17
C GLY E 31 61.31 25.78 -29.75
N ARG E 32 61.00 26.84 -29.00
CA ARG E 32 61.39 26.97 -27.60
C ARG E 32 60.16 26.84 -26.73
N VAL E 33 60.28 26.03 -25.66
CA VAL E 33 59.17 25.82 -24.74
C VAL E 33 59.07 27.02 -23.82
N LEU E 34 57.87 27.62 -23.75
CA LEU E 34 57.62 28.77 -22.90
C LEU E 34 56.81 28.45 -21.65
N SER E 35 55.92 27.47 -21.72
CA SER E 35 55.09 27.09 -20.57
C SER E 35 54.78 25.61 -20.67
N VAL E 36 55.08 24.87 -19.61
CA VAL E 36 54.84 23.43 -19.56
C VAL E 36 54.05 23.11 -18.30
N GLY E 37 53.08 22.21 -18.41
CA GLY E 37 52.27 21.83 -17.27
C GLY E 37 51.00 21.11 -17.66
N ASP E 38 50.59 20.14 -16.84
CA ASP E 38 49.38 19.34 -17.07
C ASP E 38 49.43 18.64 -18.43
N GLY E 39 50.61 18.18 -18.82
CA GLY E 39 50.77 17.48 -20.08
C GLY E 39 50.62 18.35 -21.30
N ILE E 40 50.77 19.66 -21.16
CA ILE E 40 50.65 20.60 -22.27
C ILE E 40 51.91 21.47 -22.31
N ALA E 41 52.47 21.63 -23.50
CA ALA E 41 53.68 22.42 -23.71
C ALA E 41 53.39 23.49 -24.74
N ARG E 42 53.59 24.76 -24.38
CA ARG E 42 53.36 25.89 -25.28
C ARG E 42 54.68 26.26 -25.93
N VAL E 43 54.99 25.57 -27.03
CA VAL E 43 56.23 25.81 -27.76
C VAL E 43 56.07 27.06 -28.61
N PHE E 44 57.02 27.99 -28.47
CA PHE E 44 56.99 29.24 -29.22
C PHE E 44 57.73 29.05 -30.54
N GLY E 45 57.03 29.25 -31.64
CA GLY E 45 57.62 29.10 -32.96
C GLY E 45 57.03 27.95 -33.76
N LEU E 46 57.88 27.27 -34.53
CA LEU E 46 57.48 26.13 -35.36
C LEU E 46 56.36 26.53 -36.32
N ASN E 47 56.75 27.35 -37.31
CA ASN E 47 55.80 27.83 -38.30
C ASN E 47 55.57 26.81 -39.41
N ASN E 48 56.55 25.95 -39.68
CA ASN E 48 56.44 24.94 -40.71
C ASN E 48 55.82 23.63 -40.21
N CYS E 49 55.46 23.57 -38.93
CA CYS E 49 54.87 22.36 -38.38
C CYS E 49 53.40 22.26 -38.78
N GLN E 50 53.01 21.12 -39.34
CA GLN E 50 51.64 20.91 -39.78
C GLN E 50 50.78 20.49 -38.60
N ALA E 51 49.48 20.33 -38.86
CA ALA E 51 48.54 19.93 -37.82
C ALA E 51 48.66 18.45 -37.52
N GLU E 52 48.57 18.12 -36.23
CA GLU E 52 48.68 16.74 -35.74
C GLU E 52 50.00 16.11 -36.18
N GLU E 53 51.08 16.85 -36.01
CA GLU E 53 52.42 16.39 -36.36
C GLU E 53 53.21 16.00 -35.12
N LEU E 54 54.09 15.03 -35.28
CA LEU E 54 54.91 14.56 -34.18
C LEU E 54 56.06 15.53 -33.89
N VAL E 55 56.40 15.65 -32.62
CA VAL E 55 57.47 16.54 -32.17
C VAL E 55 58.38 15.76 -31.22
N GLU E 56 59.49 16.40 -30.86
CA GLU E 56 60.46 15.79 -29.96
C GLU E 56 61.10 16.89 -29.11
N PHE E 57 61.15 16.67 -27.80
CA PHE E 57 61.74 17.63 -26.88
C PHE E 57 63.23 17.36 -26.71
N ALA E 58 63.88 18.17 -25.88
CA ALA E 58 65.31 18.02 -25.63
C ALA E 58 65.62 16.89 -24.65
N SER E 59 64.66 16.49 -23.83
CA SER E 59 64.87 15.43 -22.85
C SER E 59 64.53 14.05 -23.40
N GLY E 60 63.83 13.96 -24.53
CA GLY E 60 63.46 12.69 -25.12
C GLY E 60 61.97 12.41 -25.18
N VAL E 61 61.13 13.28 -24.61
CA VAL E 61 59.69 13.05 -24.63
C VAL E 61 59.12 13.55 -25.95
N LYS E 62 58.18 12.79 -26.51
CA LYS E 62 57.55 13.15 -27.77
C LYS E 62 56.29 13.99 -27.53
N GLY E 63 55.89 14.72 -28.56
CA GLY E 63 54.71 15.56 -28.47
C GLY E 63 53.96 15.58 -29.80
N MET E 64 52.71 16.04 -29.72
CA MET E 64 51.83 16.14 -30.88
C MET E 64 51.24 17.55 -30.91
N ALA E 65 51.66 18.34 -31.89
CA ALA E 65 51.18 19.71 -32.02
C ALA E 65 49.76 19.67 -32.60
N LEU E 66 48.76 19.95 -31.75
CA LEU E 66 47.37 19.95 -32.18
C LEU E 66 46.72 21.33 -32.14
N ASN E 67 47.25 22.26 -31.35
CA ASN E 67 46.71 23.61 -31.24
C ASN E 67 47.75 24.58 -31.80
N LEU E 68 47.70 24.79 -33.11
CA LEU E 68 48.63 25.69 -33.80
C LEU E 68 48.05 27.10 -33.75
N GLU E 69 48.63 27.95 -32.90
CA GLU E 69 48.18 29.33 -32.75
C GLU E 69 48.96 30.24 -33.69
N PRO E 70 48.85 31.56 -33.53
CA PRO E 70 49.60 32.47 -34.42
C PRO E 70 50.97 32.83 -33.85
N GLY E 71 51.10 32.76 -32.53
CA GLY E 71 52.35 33.08 -31.88
C GLY E 71 53.01 31.89 -31.22
N GLN E 72 52.21 30.99 -30.66
CA GLN E 72 52.68 29.79 -29.99
C GLN E 72 52.14 28.56 -30.71
N VAL E 73 52.39 27.39 -30.11
CA VAL E 73 51.93 26.12 -30.67
C VAL E 73 51.69 25.14 -29.55
N GLY E 74 50.42 24.82 -29.29
CA GLY E 74 50.08 23.90 -28.23
C GLY E 74 50.33 22.45 -28.60
N ILE E 75 51.30 21.83 -27.94
CA ILE E 75 51.66 20.44 -28.17
C ILE E 75 51.37 19.64 -26.91
N VAL E 76 50.78 18.47 -27.09
CA VAL E 76 50.43 17.58 -25.97
C VAL E 76 51.54 16.56 -25.83
N LEU E 77 52.21 16.57 -24.67
CA LEU E 77 53.30 15.64 -24.41
C LEU E 77 52.75 14.25 -24.12
N PHE E 78 53.44 13.22 -24.63
CA PHE E 78 53.04 11.84 -24.44
C PHE E 78 53.62 11.22 -23.19
N GLY E 79 54.42 11.96 -22.42
CA GLY E 79 55.02 11.43 -21.20
C GLY E 79 54.80 12.32 -20.00
N SER E 80 55.73 12.28 -19.06
CA SER E 80 55.62 13.08 -17.85
C SER E 80 56.03 14.53 -18.12
N ASP E 81 55.50 15.44 -17.31
CA ASP E 81 55.79 16.86 -17.44
C ASP E 81 57.03 17.28 -16.67
N ARG E 82 57.67 16.36 -15.94
CA ARG E 82 58.88 16.70 -15.18
C ARG E 82 60.12 16.79 -16.07
N GLU E 83 60.11 16.18 -17.25
CA GLU E 83 61.26 16.23 -18.14
C GLU E 83 61.33 17.52 -18.93
N VAL E 84 60.21 18.20 -19.13
CA VAL E 84 60.17 19.45 -19.88
C VAL E 84 60.21 20.62 -18.90
N LYS E 85 60.87 21.70 -19.32
CA LYS E 85 61.01 22.89 -18.50
C LYS E 85 60.87 24.12 -19.40
N GLU E 86 60.98 25.30 -18.79
CA GLU E 86 60.87 26.55 -19.53
C GLU E 86 62.20 26.86 -20.22
N GLY E 87 62.15 26.98 -21.54
CA GLY E 87 63.33 27.27 -22.32
C GLY E 87 63.96 26.08 -23.02
N GLU E 88 63.30 24.93 -23.03
CA GLU E 88 63.84 23.75 -23.68
C GLU E 88 63.58 23.81 -25.19
N ILE E 89 64.46 23.15 -25.95
CA ILE E 89 64.35 23.10 -27.40
C ILE E 89 63.41 21.97 -27.79
N VAL E 90 62.47 22.27 -28.69
CA VAL E 90 61.49 21.31 -29.17
C VAL E 90 61.61 21.25 -30.68
N LYS E 91 62.07 20.12 -31.20
CA LYS E 91 62.23 19.93 -32.63
C LYS E 91 61.01 19.22 -33.22
N ARG E 92 60.84 19.39 -34.53
CA ARG E 92 59.72 18.80 -35.25
C ARG E 92 60.21 17.60 -36.06
N THR E 93 59.37 16.56 -36.13
CA THR E 93 59.73 15.36 -36.88
C THR E 93 59.45 15.48 -38.37
N GLY E 94 58.51 16.35 -38.76
CA GLY E 94 58.18 16.55 -40.15
C GLY E 94 57.09 15.65 -40.69
N LYS E 95 56.63 14.68 -39.91
CA LYS E 95 55.58 13.76 -40.32
C LYS E 95 54.40 13.86 -39.35
N ILE E 96 53.31 13.20 -39.73
CA ILE E 96 52.09 13.19 -38.92
C ILE E 96 52.15 12.05 -37.93
N VAL E 97 51.11 11.89 -37.13
CA VAL E 97 51.03 10.83 -36.12
C VAL E 97 50.68 9.53 -36.86
N ASP E 98 51.66 8.68 -37.06
CA ASP E 98 51.49 7.40 -37.73
C ASP E 98 51.82 6.25 -36.80
N VAL E 99 51.58 5.03 -37.26
CA VAL E 99 51.84 3.83 -36.48
C VAL E 99 52.23 2.70 -37.43
N PRO E 100 52.89 1.65 -36.94
CA PRO E 100 53.28 0.55 -37.84
C PRO E 100 52.14 -0.43 -38.05
N ILE E 101 52.12 -1.02 -39.24
CA ILE E 101 51.11 -1.99 -39.64
C ILE E 101 51.77 -3.09 -40.45
N GLY E 102 51.01 -4.15 -40.71
CA GLY E 102 51.50 -5.27 -41.48
C GLY E 102 51.24 -6.59 -40.79
N PRO E 103 51.73 -7.68 -41.38
CA PRO E 103 51.52 -9.01 -40.78
C PRO E 103 52.53 -9.38 -39.72
N GLY E 104 53.56 -8.56 -39.51
CA GLY E 104 54.57 -8.86 -38.52
C GLY E 104 54.23 -8.45 -37.10
N MET E 105 53.11 -7.75 -36.91
CA MET E 105 52.68 -7.30 -35.59
C MET E 105 51.85 -8.35 -34.85
N LEU E 106 51.53 -9.47 -35.49
CA LEU E 106 50.75 -10.52 -34.86
C LEU E 106 51.63 -11.35 -33.93
N GLY E 107 51.27 -11.38 -32.64
CA GLY E 107 52.03 -12.12 -31.65
C GLY E 107 52.78 -11.26 -30.66
N ARG E 108 52.69 -9.94 -30.75
CA ARG E 108 53.37 -9.04 -29.84
C ARG E 108 52.43 -7.93 -29.39
N VAL E 109 52.62 -7.46 -28.17
CA VAL E 109 51.80 -6.40 -27.59
C VAL E 109 52.47 -5.06 -27.86
N VAL E 110 51.84 -4.22 -28.66
CA VAL E 110 52.36 -2.92 -28.99
C VAL E 110 51.66 -1.86 -28.15
N ASP E 111 52.20 -0.64 -28.16
CA ASP E 111 51.62 0.46 -27.40
C ASP E 111 50.73 1.32 -28.28
N ALA E 112 50.69 2.62 -28.00
CA ALA E 112 49.88 3.55 -28.78
C ALA E 112 50.63 4.17 -29.95
N LEU E 113 51.95 4.04 -29.99
CA LEU E 113 52.75 4.59 -31.08
C LEU E 113 53.37 3.52 -31.97
N GLY E 114 53.17 2.25 -31.65
CA GLY E 114 53.73 1.15 -32.42
C GLY E 114 54.94 0.49 -31.84
N ASN E 115 55.42 0.95 -30.68
CA ASN E 115 56.60 0.35 -30.07
C ASN E 115 56.22 -0.95 -29.35
N PRO E 116 57.04 -2.00 -29.47
CA PRO E 116 56.72 -3.26 -28.79
C PRO E 116 57.09 -3.20 -27.32
N ILE E 117 56.18 -3.65 -26.47
CA ILE E 117 56.38 -3.67 -25.02
C ILE E 117 56.38 -5.07 -24.45
N ASP E 118 56.21 -6.10 -25.27
CA ASP E 118 56.21 -7.47 -24.77
C ASP E 118 57.60 -8.03 -24.56
N GLY E 119 58.63 -7.42 -25.15
CA GLY E 119 59.98 -7.88 -25.00
C GLY E 119 60.31 -9.07 -25.87
N LYS E 120 59.98 -8.98 -27.16
CA LYS E 120 60.24 -10.06 -28.11
C LYS E 120 61.02 -9.57 -29.32
N GLY E 121 61.78 -8.48 -29.17
CA GLY E 121 62.56 -7.95 -30.26
C GLY E 121 61.79 -6.93 -31.07
N PRO E 122 62.23 -6.68 -32.30
CA PRO E 122 61.55 -5.70 -33.15
C PRO E 122 60.37 -6.34 -33.89
N ILE E 123 59.60 -5.48 -34.55
CA ILE E 123 58.42 -5.89 -35.31
C ILE E 123 58.68 -5.58 -36.78
N GLU E 124 58.50 -6.58 -37.63
CA GLU E 124 58.70 -6.43 -39.07
C GLU E 124 57.48 -5.75 -39.66
N ALA E 125 57.54 -4.42 -39.73
CA ALA E 125 56.44 -3.63 -40.26
C ALA E 125 56.56 -3.53 -41.78
N THR E 126 55.47 -3.83 -42.48
CA THR E 126 55.43 -3.77 -43.94
C THR E 126 54.90 -2.45 -44.47
N GLY E 127 54.44 -1.56 -43.60
CA GLY E 127 53.92 -0.28 -44.03
C GLY E 127 53.71 0.64 -42.85
N TYR E 128 53.44 1.90 -43.18
CA TYR E 128 53.21 2.94 -42.18
C TYR E 128 51.94 3.69 -42.54
N ALA E 129 50.91 3.56 -41.70
CA ALA E 129 49.64 4.22 -41.91
C ALA E 129 49.40 5.28 -40.84
N ILE E 130 48.70 6.35 -41.23
CA ILE E 130 48.41 7.44 -40.30
C ILE E 130 47.27 7.03 -39.37
N ALA E 131 47.20 7.70 -38.22
CA ALA E 131 46.16 7.41 -37.25
C ALA E 131 44.83 8.01 -37.68
N GLN E 132 44.82 9.28 -38.07
CA GLN E 132 43.61 9.97 -38.50
C GLN E 132 43.43 9.72 -39.99
N LEU E 133 42.81 8.60 -40.32
CA LEU E 133 42.55 8.22 -41.71
C LEU E 133 41.07 8.33 -42.03
N LYS E 134 40.77 8.47 -43.31
CA LYS E 134 39.39 8.60 -43.76
C LYS E 134 38.72 7.23 -43.79
N ALA E 135 37.40 7.24 -43.62
CA ALA E 135 36.61 6.01 -43.63
C ALA E 135 36.26 5.64 -45.06
N PRO E 136 35.59 4.50 -45.26
CA PRO E 136 35.23 4.09 -46.61
C PRO E 136 33.98 4.81 -47.10
N GLY E 137 33.91 4.97 -48.43
CA GLY E 137 32.78 5.63 -49.04
C GLY E 137 31.59 4.72 -49.22
N ILE E 138 30.55 5.27 -49.87
CA ILE E 138 29.32 4.52 -50.12
C ILE E 138 29.40 3.67 -51.37
N LEU E 139 30.44 3.82 -52.17
CA LEU E 139 30.59 3.06 -53.40
C LEU E 139 31.57 1.90 -53.19
N PRO E 140 32.41 1.97 -52.16
CA PRO E 140 33.36 0.88 -51.93
C PRO E 140 32.93 -0.03 -50.80
N ARG E 141 31.62 -0.07 -50.52
CA ARG E 141 31.06 -0.90 -49.47
C ARG E 141 30.01 -1.82 -50.05
N ARG E 142 29.90 -3.01 -49.47
CA ARG E 142 28.95 -4.02 -49.89
C ARG E 142 28.06 -4.42 -48.71
N SER E 143 27.16 -5.37 -48.95
CA SER E 143 26.27 -5.85 -47.91
C SER E 143 26.98 -6.85 -47.00
N VAL E 144 26.52 -6.90 -45.76
CA VAL E 144 27.09 -7.81 -44.76
C VAL E 144 26.52 -9.20 -45.02
N PHE E 145 27.32 -10.07 -45.64
CA PHE E 145 26.91 -11.42 -45.96
C PHE E 145 27.66 -12.49 -45.18
N GLU E 146 28.88 -12.20 -44.73
CA GLU E 146 29.65 -13.17 -43.98
C GLU E 146 29.18 -13.25 -42.53
N PRO E 147 29.25 -14.43 -41.92
CA PRO E 147 28.80 -14.55 -40.53
C PRO E 147 29.97 -14.59 -39.55
N MET E 148 29.83 -13.86 -38.44
CA MET E 148 30.85 -13.79 -37.41
C MET E 148 30.50 -14.77 -36.30
N GLN E 149 31.24 -15.87 -36.23
CA GLN E 149 30.99 -16.90 -35.21
C GLN E 149 31.54 -16.43 -33.87
N THR E 150 30.65 -16.15 -32.93
CA THR E 150 31.04 -15.70 -31.59
C THR E 150 31.19 -16.84 -30.60
N GLY E 151 30.49 -17.95 -30.80
CA GLY E 151 30.54 -19.10 -29.91
C GLY E 151 29.37 -19.21 -28.95
N LEU E 152 28.76 -18.08 -28.59
CA LEU E 152 27.64 -18.10 -27.67
C LEU E 152 26.36 -18.55 -28.38
N LYS E 153 25.52 -19.29 -27.67
CA LYS E 153 24.28 -19.77 -28.24
C LYS E 153 23.21 -18.68 -28.30
N ALA E 154 23.29 -17.69 -27.42
CA ALA E 154 22.33 -16.60 -27.39
C ALA E 154 22.76 -15.40 -28.22
N VAL E 155 23.94 -15.46 -28.85
CA VAL E 155 24.43 -14.36 -29.67
C VAL E 155 24.39 -14.76 -31.14
N ASP E 156 24.56 -16.06 -31.42
CA ASP E 156 24.52 -16.57 -32.78
C ASP E 156 23.09 -16.78 -33.29
N ALA E 157 22.10 -16.75 -32.40
CA ALA E 157 20.71 -16.95 -32.78
C ALA E 157 19.87 -15.68 -32.73
N LEU E 158 20.10 -14.82 -31.72
CA LEU E 158 19.34 -13.59 -31.59
C LEU E 158 19.98 -12.48 -32.40
N VAL E 159 20.84 -11.69 -31.77
CA VAL E 159 21.53 -10.59 -32.45
C VAL E 159 22.78 -11.13 -33.14
N PRO E 160 22.64 -11.73 -34.31
CA PRO E 160 23.83 -12.27 -35.01
C PRO E 160 24.60 -11.16 -35.72
N ILE E 161 25.86 -11.00 -35.36
CA ILE E 161 26.72 -9.99 -35.94
C ILE E 161 27.40 -10.56 -37.17
N GLY E 162 27.74 -9.68 -38.11
CA GLY E 162 28.41 -10.05 -39.35
C GLY E 162 29.71 -9.30 -39.55
N ARG E 163 30.40 -9.66 -40.62
CA ARG E 163 31.67 -9.04 -40.97
C ARG E 163 31.41 -7.68 -41.61
N GLY E 164 31.96 -6.63 -41.00
CA GLY E 164 31.81 -5.27 -41.50
C GLY E 164 30.86 -4.42 -40.70
N GLN E 165 30.14 -4.99 -39.74
CA GLN E 165 29.21 -4.23 -38.92
C GLN E 165 29.86 -3.79 -37.62
N ARG E 166 29.13 -2.96 -36.87
CA ARG E 166 29.60 -2.43 -35.58
C ARG E 166 28.61 -2.84 -34.51
N GLU E 167 29.02 -3.76 -33.63
CA GLU E 167 28.18 -4.25 -32.55
C GLU E 167 28.70 -3.67 -31.24
N LEU E 168 27.85 -2.89 -30.58
CA LEU E 168 28.23 -2.28 -29.31
C LEU E 168 28.02 -3.25 -28.15
N ILE E 169 28.88 -3.13 -27.14
CA ILE E 169 28.81 -3.99 -25.96
C ILE E 169 28.49 -3.14 -24.75
N ILE E 170 27.23 -2.70 -24.65
CA ILE E 170 26.81 -1.88 -23.51
C ILE E 170 26.63 -2.76 -22.28
N GLY E 171 26.67 -2.12 -21.13
CA GLY E 171 26.51 -2.83 -19.87
C GLY E 171 27.00 -2.00 -18.71
N ASP E 172 26.74 -2.51 -17.51
CA ASP E 172 27.14 -1.86 -16.28
C ASP E 172 28.49 -2.40 -15.83
N ARG E 173 28.82 -2.26 -14.55
CA ARG E 173 30.08 -2.76 -14.01
C ARG E 173 29.94 -4.23 -13.63
N GLN E 174 30.78 -5.07 -14.24
CA GLN E 174 30.80 -6.51 -14.00
C GLN E 174 29.41 -7.12 -14.28
N THR E 175 29.08 -7.13 -15.57
CA THR E 175 27.81 -7.68 -16.03
C THR E 175 27.92 -8.46 -17.34
N GLY E 176 29.08 -8.48 -17.98
CA GLY E 176 29.23 -9.20 -19.24
C GLY E 176 29.68 -8.31 -20.37
N LYS E 177 30.59 -7.37 -20.08
CA LYS E 177 31.09 -6.46 -21.09
C LYS E 177 32.29 -7.05 -21.84
N THR E 178 33.38 -7.32 -21.12
CA THR E 178 34.58 -7.88 -21.73
C THR E 178 34.49 -9.40 -21.89
N ALA E 179 33.48 -10.05 -21.32
CA ALA E 179 33.35 -11.49 -21.44
C ALA E 179 32.87 -11.91 -22.82
N VAL E 180 32.01 -11.11 -23.46
CA VAL E 180 31.52 -11.45 -24.78
C VAL E 180 32.59 -11.20 -25.84
N ALA E 181 33.48 -10.22 -25.62
CA ALA E 181 34.52 -9.94 -26.60
C ALA E 181 35.65 -10.95 -26.53
N LEU E 182 35.96 -11.48 -25.35
CA LEU E 182 37.03 -12.46 -25.21
C LEU E 182 36.63 -13.83 -25.74
N ASP E 183 35.35 -14.19 -25.63
CA ASP E 183 34.89 -15.48 -26.13
C ASP E 183 34.76 -15.50 -27.65
N THR E 184 34.52 -14.34 -28.26
CA THR E 184 34.39 -14.29 -29.71
C THR E 184 35.74 -14.38 -30.41
N ILE E 185 36.80 -13.85 -29.79
CA ILE E 185 38.12 -13.91 -30.40
C ILE E 185 38.74 -15.29 -30.22
N LEU E 186 38.42 -15.98 -29.12
CA LEU E 186 38.97 -17.31 -28.88
C LEU E 186 38.23 -18.39 -29.66
N ASN E 187 37.05 -18.09 -30.19
CA ASN E 187 36.27 -19.07 -30.95
C ASN E 187 36.69 -19.15 -32.40
N GLN E 188 37.63 -18.32 -32.85
CA GLN E 188 38.09 -18.33 -34.23
C GLN E 188 39.28 -19.27 -34.45
N LYS E 189 39.54 -20.19 -33.51
CA LYS E 189 40.66 -21.11 -33.66
C LYS E 189 40.35 -22.21 -34.68
N ARG E 190 39.08 -22.49 -34.95
CA ARG E 190 38.72 -23.53 -35.91
C ARG E 190 38.91 -23.07 -37.35
N TRP E 191 38.96 -21.77 -37.61
CA TRP E 191 39.14 -21.24 -38.95
C TRP E 191 40.51 -20.64 -39.20
N ASN E 192 41.18 -20.12 -38.16
CA ASN E 192 42.50 -19.53 -38.32
C ASN E 192 43.61 -20.58 -38.39
N ASP E 193 43.37 -21.77 -37.85
CA ASP E 193 44.37 -22.83 -37.87
C ASP E 193 44.38 -23.62 -39.17
N GLY E 194 43.42 -23.40 -40.05
CA GLY E 194 43.34 -24.09 -41.32
C GLY E 194 44.11 -23.40 -42.41
N ASN E 195 43.57 -23.49 -43.64
CA ASN E 195 44.19 -22.88 -44.80
C ASN E 195 43.31 -21.86 -45.51
N ASP E 196 42.04 -21.72 -45.11
CA ASP E 196 41.13 -20.77 -45.73
C ASP E 196 41.40 -19.39 -45.17
N GLU E 197 41.91 -18.49 -46.01
CA GLU E 197 42.20 -17.13 -45.58
C GLU E 197 40.96 -16.26 -45.47
N SER E 198 39.89 -16.60 -46.19
CA SER E 198 38.67 -15.82 -46.13
C SER E 198 37.82 -16.13 -44.90
N LYS E 199 38.06 -17.27 -44.25
CA LYS E 199 37.30 -17.63 -43.06
C LYS E 199 37.96 -17.19 -41.76
N LYS E 200 39.25 -16.85 -41.80
CA LYS E 200 39.94 -16.42 -40.61
C LYS E 200 39.61 -14.96 -40.29
N LEU E 201 39.78 -14.60 -39.01
CA LEU E 201 39.50 -13.24 -38.55
C LEU E 201 40.53 -12.90 -37.48
N TYR E 202 41.42 -11.96 -37.78
CA TYR E 202 42.45 -11.54 -36.85
C TYR E 202 41.87 -10.59 -35.82
N CYS E 203 42.04 -10.92 -34.53
CA CYS E 203 41.52 -10.09 -33.47
C CYS E 203 42.41 -8.87 -33.25
N VAL E 204 41.83 -7.85 -32.62
CA VAL E 204 42.56 -6.61 -32.35
C VAL E 204 42.04 -6.01 -31.05
N TYR E 205 42.48 -6.55 -29.91
CA TYR E 205 42.05 -6.06 -28.62
C TYR E 205 42.79 -4.77 -28.28
N VAL E 206 42.04 -3.69 -28.07
CA VAL E 206 42.62 -2.40 -27.74
C VAL E 206 42.25 -2.03 -26.31
N ALA E 207 43.09 -2.42 -25.36
CA ALA E 207 42.86 -2.13 -23.94
C ALA E 207 43.18 -0.67 -23.67
N VAL E 208 42.15 0.14 -23.46
CA VAL E 208 42.31 1.56 -23.18
C VAL E 208 41.60 1.88 -21.87
N GLY E 209 42.32 2.52 -20.95
CA GLY E 209 41.76 2.88 -19.66
C GLY E 209 41.92 1.83 -18.58
N GLN E 210 42.33 0.63 -18.92
CA GLN E 210 42.52 -0.42 -17.94
C GLN E 210 43.84 -0.24 -17.18
N LYS E 211 44.01 -1.03 -16.13
CA LYS E 211 45.20 -0.97 -15.31
C LYS E 211 46.30 -1.85 -15.90
N ARG E 212 47.44 -1.90 -15.23
CA ARG E 212 48.55 -2.72 -15.71
C ARG E 212 48.33 -4.20 -15.40
N SER E 213 47.59 -4.50 -14.34
CA SER E 213 47.34 -5.90 -14.00
C SER E 213 46.25 -6.52 -14.86
N THR E 214 45.35 -5.71 -15.42
CA THR E 214 44.29 -6.23 -16.26
C THR E 214 44.78 -6.57 -17.65
N VAL E 215 45.81 -5.88 -18.14
CA VAL E 215 46.33 -6.16 -19.47
C VAL E 215 47.22 -7.40 -19.46
N ALA E 216 47.89 -7.68 -18.34
CA ALA E 216 48.75 -8.85 -18.25
C ALA E 216 47.96 -10.13 -18.05
N GLN E 217 46.79 -10.06 -17.42
CA GLN E 217 45.98 -11.24 -17.19
C GLN E 217 45.23 -11.67 -18.44
N LEU E 218 44.86 -10.72 -19.30
CA LEU E 218 44.14 -11.05 -20.53
C LEU E 218 45.07 -11.62 -21.59
N VAL E 219 46.33 -11.20 -21.60
CA VAL E 219 47.27 -11.72 -22.60
C VAL E 219 47.77 -13.11 -22.22
N GLN E 220 47.77 -13.44 -20.93
CA GLN E 220 48.23 -14.76 -20.50
C GLN E 220 47.18 -15.83 -20.75
N THR E 221 45.90 -15.47 -20.73
CA THR E 221 44.83 -16.45 -20.96
C THR E 221 44.70 -16.80 -22.43
N LEU E 222 44.99 -15.87 -23.33
CA LEU E 222 44.89 -16.14 -24.75
C LEU E 222 46.07 -16.96 -25.28
N GLU E 223 47.22 -16.87 -24.62
CA GLU E 223 48.39 -17.62 -25.06
C GLU E 223 48.31 -19.09 -24.67
N GLN E 224 47.56 -19.42 -23.61
CA GLN E 224 47.43 -20.80 -23.17
C GLN E 224 46.46 -21.59 -24.03
N ASN E 225 45.57 -20.92 -24.76
CA ASN E 225 44.59 -21.59 -25.62
C ASN E 225 44.90 -21.42 -27.10
N ASP E 226 46.14 -21.02 -27.42
CA ASP E 226 46.59 -20.81 -28.81
C ASP E 226 45.69 -19.80 -29.52
N ALA E 227 45.66 -18.58 -28.97
CA ALA E 227 44.85 -17.52 -29.55
C ALA E 227 45.58 -16.18 -29.62
N MET E 228 46.84 -16.11 -29.21
CA MET E 228 47.61 -14.86 -29.24
C MET E 228 48.55 -14.78 -30.44
N LYS E 229 48.60 -15.82 -31.27
CA LYS E 229 49.49 -15.81 -32.43
C LYS E 229 48.94 -14.97 -33.58
N TYR E 230 47.63 -14.74 -33.62
CA TYR E 230 46.98 -13.96 -34.66
C TYR E 230 46.01 -12.95 -34.06
N SER E 231 46.48 -12.23 -33.03
CA SER E 231 45.66 -11.24 -32.35
C SER E 231 46.56 -10.09 -31.92
N ILE E 232 46.20 -8.88 -32.36
CA ILE E 232 46.98 -7.69 -32.02
C ILE E 232 46.52 -7.16 -30.66
N VAL E 233 47.48 -6.76 -29.84
CA VAL E 233 47.23 -6.22 -28.51
C VAL E 233 47.76 -4.79 -28.46
N VAL E 234 46.87 -3.84 -28.23
CA VAL E 234 47.22 -2.43 -28.15
C VAL E 234 47.18 -2.04 -26.68
N ALA E 235 48.35 -2.03 -26.03
CA ALA E 235 48.44 -1.68 -24.62
C ALA E 235 48.36 -0.17 -24.45
N ALA E 236 47.38 0.29 -23.65
CA ALA E 236 47.19 1.71 -23.39
C ALA E 236 46.59 1.84 -21.99
N THR E 237 47.46 1.82 -20.98
CA THR E 237 47.03 1.93 -19.60
C THR E 237 46.71 3.39 -19.26
N ALA E 238 46.11 3.58 -18.07
CA ALA E 238 45.75 4.91 -17.61
C ALA E 238 46.90 5.63 -16.91
N SER E 239 48.05 4.98 -16.76
CA SER E 239 49.19 5.61 -16.10
C SER E 239 50.01 6.48 -17.04
N GLU E 240 49.69 6.50 -18.33
CA GLU E 240 50.41 7.30 -19.30
C GLU E 240 49.77 8.68 -19.40
N ALA E 241 50.05 9.41 -20.49
CA ALA E 241 49.48 10.73 -20.69
C ALA E 241 48.08 10.61 -21.31
N ALA E 242 47.43 11.76 -21.47
CA ALA E 242 46.09 11.80 -22.05
C ALA E 242 46.17 11.69 -23.57
N PRO E 243 47.32 12.00 -24.16
CA PRO E 243 47.44 11.90 -25.63
C PRO E 243 47.59 10.47 -26.11
N LEU E 244 48.18 9.62 -25.27
CA LEU E 244 48.37 8.22 -25.65
C LEU E 244 47.09 7.42 -25.54
N GLN E 245 46.25 7.71 -24.53
CA GLN E 245 45.00 6.98 -24.36
C GLN E 245 43.94 7.43 -25.35
N TYR E 246 43.94 8.71 -25.72
CA TYR E 246 42.95 9.21 -26.67
C TYR E 246 43.24 8.77 -28.09
N LEU E 247 44.51 8.58 -28.44
CA LEU E 247 44.90 8.15 -29.78
C LEU E 247 45.03 6.64 -29.89
N ALA E 248 44.58 5.89 -28.90
CA ALA E 248 44.66 4.43 -28.92
C ALA E 248 43.61 3.86 -29.87
N PRO E 249 42.48 4.56 -30.05
CA PRO E 249 41.45 4.04 -30.97
C PRO E 249 41.81 4.26 -32.43
N PHE E 250 42.53 5.35 -32.71
CA PHE E 250 42.94 5.64 -34.08
C PHE E 250 44.18 4.83 -34.49
N THR E 251 45.05 4.52 -33.55
CA THR E 251 46.25 3.75 -33.88
C THR E 251 45.92 2.27 -34.06
N ALA E 252 44.94 1.76 -33.30
CA ALA E 252 44.57 0.35 -33.44
C ALA E 252 43.74 0.11 -34.69
N CYS E 253 43.00 1.12 -35.14
CA CYS E 253 42.19 0.97 -36.36
C CYS E 253 43.05 1.03 -37.61
N ALA E 254 44.20 1.70 -37.55
CA ALA E 254 45.07 1.79 -38.72
C ALA E 254 45.85 0.50 -38.92
N ILE E 255 46.18 -0.20 -37.85
CA ILE E 255 46.93 -1.45 -37.98
C ILE E 255 46.00 -2.58 -38.41
N ALA E 256 44.73 -2.54 -38.00
CA ALA E 256 43.79 -3.57 -38.38
C ALA E 256 43.21 -3.36 -39.78
N GLU E 257 43.40 -2.18 -40.37
CA GLU E 257 42.89 -1.91 -41.70
C GLU E 257 43.77 -2.47 -42.80
N TRP E 258 44.98 -2.94 -42.47
CA TRP E 258 45.85 -3.51 -43.50
C TRP E 258 45.38 -4.88 -43.94
N PHE E 259 44.71 -5.62 -43.07
CA PHE E 259 44.22 -6.95 -43.44
C PHE E 259 42.94 -6.87 -44.26
N ARG E 260 42.10 -5.88 -44.00
CA ARG E 260 40.85 -5.75 -44.76
C ARG E 260 41.10 -5.21 -46.15
N ASP E 261 42.20 -4.47 -46.34
CA ASP E 261 42.55 -3.91 -47.65
C ASP E 261 43.35 -4.88 -48.51
N ASN E 262 43.70 -6.05 -47.99
CA ASN E 262 44.46 -7.04 -48.74
C ASN E 262 43.65 -8.25 -49.15
N GLY E 263 42.69 -8.68 -48.34
CA GLY E 263 41.87 -9.83 -48.67
C GLY E 263 41.52 -10.69 -47.48
N LYS E 264 41.84 -10.19 -46.28
CA LYS E 264 41.57 -10.89 -45.04
C LYS E 264 40.53 -10.14 -44.22
N HIS E 265 40.15 -10.71 -43.08
CA HIS E 265 39.17 -10.13 -42.19
C HIS E 265 39.83 -9.77 -40.86
N ALA E 266 39.29 -8.72 -40.23
CA ALA E 266 39.79 -8.24 -38.94
C ALA E 266 38.63 -8.03 -37.99
N LEU E 267 38.96 -7.88 -36.71
CA LEU E 267 37.95 -7.67 -35.67
C LEU E 267 38.58 -6.84 -34.56
N ILE E 268 38.18 -5.58 -34.45
CA ILE E 268 38.69 -4.67 -33.44
C ILE E 268 37.76 -4.67 -32.24
N VAL E 269 38.34 -4.63 -31.05
CA VAL E 269 37.58 -4.62 -29.79
C VAL E 269 38.09 -3.43 -28.98
N TYR E 270 37.39 -2.30 -29.09
CA TYR E 270 37.78 -1.09 -28.37
C TYR E 270 37.23 -1.17 -26.95
N ASP E 271 38.07 -1.59 -26.01
CA ASP E 271 37.70 -1.73 -24.61
C ASP E 271 38.49 -0.70 -23.80
N ASP E 272 37.81 0.35 -23.34
CA ASP E 272 36.39 0.53 -23.59
C ASP E 272 36.11 1.85 -24.28
N LEU E 273 34.86 2.04 -24.73
CA LEU E 273 34.50 3.28 -25.39
C LEU E 273 34.33 4.42 -24.40
N SER E 274 34.03 4.10 -23.14
CA SER E 274 33.86 5.15 -22.14
C SER E 274 35.21 5.73 -21.70
N LYS E 275 36.26 4.92 -21.72
CA LYS E 275 37.57 5.41 -21.32
C LYS E 275 38.23 6.27 -22.41
N GLN E 276 37.86 6.06 -23.67
CA GLN E 276 38.43 6.85 -24.75
C GLN E 276 37.85 8.25 -24.80
N ALA E 277 36.60 8.42 -24.34
CA ALA E 277 36.00 9.74 -24.34
C ALA E 277 36.53 10.62 -23.22
N VAL E 278 36.99 10.02 -22.12
CA VAL E 278 37.53 10.80 -21.02
C VAL E 278 38.94 11.28 -21.34
N ALA E 279 39.67 10.56 -22.19
CA ALA E 279 41.01 10.98 -22.55
C ALA E 279 41.01 12.12 -23.56
N TYR E 280 39.99 12.18 -24.42
CA TYR E 280 39.92 13.25 -25.40
C TYR E 280 39.46 14.56 -24.77
N ARG E 281 38.61 14.49 -23.74
CA ARG E 281 38.14 15.70 -23.07
C ARG E 281 39.17 16.28 -22.11
N GLN E 282 40.14 15.48 -21.67
CA GLN E 282 41.17 15.99 -20.76
C GLN E 282 42.19 16.85 -21.50
N LEU E 283 42.54 16.45 -22.73
CA LEU E 283 43.51 17.22 -23.49
C LEU E 283 42.89 18.49 -24.08
N SER E 284 41.57 18.49 -24.31
CA SER E 284 40.91 19.66 -24.86
C SER E 284 40.65 20.71 -23.79
N LEU E 285 40.47 20.30 -22.53
CA LEU E 285 40.22 21.26 -21.46
C LEU E 285 41.49 22.00 -21.07
N LEU E 286 42.66 21.40 -21.29
CA LEU E 286 43.92 22.03 -20.95
C LEU E 286 44.50 22.88 -22.09
N LEU E 287 43.90 22.82 -23.27
CA LEU E 287 44.36 23.58 -24.43
C LEU E 287 43.58 24.87 -24.62
N ARG E 288 42.90 25.36 -23.57
CA ARG E 288 42.12 26.59 -23.61
C ARG E 288 41.06 26.52 -24.71
N ARG E 289 40.10 25.62 -24.52
CA ARG E 289 39.00 25.43 -25.46
C ARG E 289 37.67 25.45 -24.72
N PRO E 290 36.59 25.79 -25.42
CA PRO E 290 35.28 25.85 -24.77
C PRO E 290 34.69 24.45 -24.63
N PRO E 291 34.00 24.17 -23.53
CA PRO E 291 33.41 22.84 -23.36
C PRO E 291 31.94 22.80 -23.75
N GLY E 292 31.30 21.64 -23.59
CA GLY E 292 29.91 21.48 -23.94
C GLY E 292 29.11 20.73 -22.90
N ARG E 293 28.45 19.66 -23.31
CA ARG E 293 27.65 18.86 -22.40
C ARG E 293 28.51 17.80 -21.72
N GLU E 294 28.27 17.62 -20.41
CA GLU E 294 29.00 16.63 -19.60
C GLU E 294 30.50 16.88 -19.63
N ALA E 295 30.90 18.15 -19.68
CA ALA E 295 32.31 18.55 -19.70
C ALA E 295 33.07 17.88 -20.85
N TYR E 296 32.52 18.03 -22.05
CA TYR E 296 33.09 17.47 -23.26
C TYR E 296 33.29 18.56 -24.31
N PRO E 297 34.08 18.30 -25.34
CA PRO E 297 34.30 19.30 -26.39
C PRO E 297 33.14 19.31 -27.39
N GLY E 298 33.27 20.17 -28.39
CA GLY E 298 32.23 20.27 -29.42
C GLY E 298 32.20 19.08 -30.35
N ASP E 299 33.35 18.46 -30.58
CA ASP E 299 33.45 17.30 -31.49
C ASP E 299 33.39 15.99 -30.71
N VAL E 300 32.42 15.88 -29.80
CA VAL E 300 32.27 14.66 -29.01
C VAL E 300 31.63 13.56 -29.83
N PHE E 301 30.61 13.88 -30.62
CA PHE E 301 29.93 12.89 -31.44
C PHE E 301 30.74 12.55 -32.69
N TYR E 302 31.58 13.46 -33.15
CA TYR E 302 32.40 13.20 -34.34
C TYR E 302 33.67 12.42 -34.03
N LEU E 303 34.09 12.37 -32.76
CA LEU E 303 35.29 11.64 -32.41
C LEU E 303 35.05 10.13 -32.40
N HIS E 304 33.85 9.70 -32.02
CA HIS E 304 33.52 8.28 -31.98
C HIS E 304 32.92 7.77 -33.28
N SER E 305 32.30 8.64 -34.07
CA SER E 305 31.71 8.21 -35.33
C SER E 305 32.74 8.08 -36.45
N ARG E 306 33.85 8.81 -36.35
CA ARG E 306 34.89 8.73 -37.37
C ARG E 306 35.72 7.47 -37.24
N LEU E 307 35.93 6.97 -36.02
CA LEU E 307 36.71 5.76 -35.82
C LEU E 307 35.89 4.50 -35.99
N LEU E 308 34.57 4.58 -35.89
CA LEU E 308 33.70 3.42 -36.05
C LEU E 308 33.23 3.21 -37.48
N GLU E 309 33.25 4.25 -38.31
CA GLU E 309 32.82 4.14 -39.69
C GLU E 309 33.88 3.52 -40.61
N ARG E 310 35.13 3.44 -40.16
CA ARG E 310 36.18 2.86 -40.97
C ARG E 310 36.14 1.34 -41.01
N ALA E 311 35.48 0.72 -40.04
CA ALA E 311 35.38 -0.75 -39.98
C ALA E 311 34.12 -1.16 -40.73
N ALA E 312 34.26 -1.33 -42.05
CA ALA E 312 33.16 -1.73 -42.91
C ALA E 312 33.60 -2.89 -43.79
N LYS E 313 32.64 -3.44 -44.52
CA LYS E 313 32.88 -4.57 -45.43
C LYS E 313 33.07 -4.04 -46.84
N MET E 314 34.24 -4.30 -47.42
CA MET E 314 34.53 -3.86 -48.78
C MET E 314 33.85 -4.76 -49.81
N SER E 315 33.83 -4.28 -51.04
CA SER E 315 33.22 -5.02 -52.14
C SER E 315 34.25 -5.95 -52.78
N ASP E 316 33.88 -6.58 -53.88
CA ASP E 316 34.78 -7.50 -54.57
C ASP E 316 35.86 -6.76 -55.37
N ALA E 317 35.62 -5.50 -55.73
CA ALA E 317 36.60 -4.73 -56.49
C ALA E 317 37.70 -4.15 -55.63
N ASN E 318 37.51 -4.10 -54.31
CA ASN E 318 38.50 -3.56 -53.39
C ASN E 318 39.37 -4.63 -52.74
N GLY E 319 38.96 -5.90 -52.82
CA GLY E 319 39.74 -6.97 -52.22
C GLY E 319 38.87 -8.02 -51.55
N GLY E 320 37.70 -7.61 -51.09
CA GLY E 320 36.78 -8.53 -50.43
C GLY E 320 36.98 -8.68 -48.94
N GLY E 321 37.68 -7.74 -48.30
CA GLY E 321 37.91 -7.81 -46.87
C GLY E 321 36.88 -7.04 -46.07
N SER E 322 36.91 -7.25 -44.76
CA SER E 322 35.99 -6.59 -43.85
C SER E 322 36.68 -6.37 -42.52
N LEU E 323 36.05 -5.56 -41.66
CA LEU E 323 36.58 -5.25 -40.35
C LEU E 323 35.43 -5.06 -39.37
N THR E 324 35.51 -5.73 -38.23
CA THR E 324 34.49 -5.66 -37.20
C THR E 324 34.96 -4.75 -36.07
N ALA E 325 34.02 -3.98 -35.51
CA ALA E 325 34.30 -3.06 -34.42
C ALA E 325 33.43 -3.44 -33.23
N LEU E 326 34.07 -3.86 -32.14
CA LEU E 326 33.35 -4.26 -30.93
C LEU E 326 33.63 -3.25 -29.82
N PRO E 327 32.98 -2.10 -29.82
CA PRO E 327 33.22 -1.11 -28.76
C PRO E 327 32.34 -1.40 -27.54
N VAL E 328 32.96 -1.40 -26.38
CA VAL E 328 32.28 -1.66 -25.11
C VAL E 328 31.95 -0.32 -24.46
N ILE E 329 30.67 -0.06 -24.24
CA ILE E 329 30.20 1.18 -23.62
C ILE E 329 29.91 0.88 -22.16
N GLU E 330 30.75 1.39 -21.27
CA GLU E 330 30.59 1.20 -19.83
C GLU E 330 29.57 2.21 -19.31
N THR E 331 28.36 1.74 -19.03
CA THR E 331 27.32 2.62 -18.53
C THR E 331 27.48 2.83 -17.02
N GLN E 332 26.71 3.79 -16.50
CA GLN E 332 26.76 4.11 -15.08
C GLN E 332 25.96 3.11 -14.27
N GLY E 333 24.65 3.34 -14.15
CA GLY E 333 23.79 2.44 -13.40
C GLY E 333 22.66 1.87 -14.24
N GLY E 334 22.99 1.33 -15.41
CA GLY E 334 22.01 0.75 -16.28
C GLY E 334 21.28 1.72 -17.18
N ASP E 335 21.62 3.01 -17.14
CA ASP E 335 20.97 4.01 -17.97
C ASP E 335 21.61 4.01 -19.35
N VAL E 336 20.86 3.51 -20.34
CA VAL E 336 21.36 3.45 -21.72
C VAL E 336 21.11 4.74 -22.49
N SER E 337 20.44 5.73 -21.88
CA SER E 337 20.17 6.98 -22.55
C SER E 337 20.95 8.12 -21.91
N ALA E 338 22.27 7.96 -21.81
CA ALA E 338 23.11 8.99 -21.21
C ALA E 338 23.71 9.90 -22.27
N TYR E 339 24.88 10.46 -22.00
CA TYR E 339 25.55 11.35 -22.94
C TYR E 339 26.47 10.58 -23.89
N ILE E 340 27.36 9.76 -23.36
CA ILE E 340 28.29 8.98 -24.17
C ILE E 340 27.63 7.67 -24.56
N PRO E 341 26.57 7.25 -23.87
CA PRO E 341 25.91 5.98 -24.23
C PRO E 341 25.01 6.12 -25.44
N THR E 342 24.34 7.28 -25.55
CA THR E 342 23.44 7.52 -26.67
C THR E 342 24.18 7.81 -27.97
N ASN E 343 25.39 8.35 -27.90
CA ASN E 343 26.15 8.66 -29.10
C ASN E 343 26.74 7.41 -29.75
N VAL E 344 27.14 6.43 -28.95
CA VAL E 344 27.71 5.20 -29.49
C VAL E 344 26.65 4.21 -29.97
N ILE E 345 25.43 4.28 -29.42
CA ILE E 345 24.39 3.34 -29.85
C ILE E 345 23.74 3.81 -31.15
N SER E 346 23.68 5.13 -31.38
CA SER E 346 23.08 5.66 -32.60
C SER E 346 23.99 5.53 -33.81
N ILE E 347 25.30 5.48 -33.61
CA ILE E 347 26.24 5.36 -34.73
C ILE E 347 26.51 3.91 -35.11
N THR E 348 26.32 2.96 -34.19
CA THR E 348 26.57 1.56 -34.47
C THR E 348 25.30 0.88 -34.99
N ASP E 349 25.50 -0.23 -35.68
CA ASP E 349 24.39 -1.00 -36.25
C ASP E 349 24.04 -2.18 -35.35
N GLY E 350 23.71 -1.87 -34.11
CA GLY E 350 23.36 -2.89 -33.13
C GLY E 350 24.10 -2.68 -31.82
N GLN E 351 23.48 -3.13 -30.73
CA GLN E 351 24.06 -3.01 -29.40
C GLN E 351 23.62 -4.19 -28.56
N ILE E 352 24.55 -4.73 -27.78
CA ILE E 352 24.29 -5.87 -26.90
C ILE E 352 24.23 -5.35 -25.48
N PHE E 353 23.03 -5.34 -24.90
CA PHE E 353 22.84 -4.86 -23.54
C PHE E 353 23.18 -5.96 -22.53
N LEU E 354 23.69 -5.54 -21.37
CA LEU E 354 24.06 -6.46 -20.31
C LEU E 354 23.61 -5.86 -18.99
N GLU E 355 22.64 -6.51 -18.34
CA GLU E 355 22.09 -6.06 -17.07
C GLU E 355 22.73 -6.82 -15.91
N ALA E 356 22.82 -6.14 -14.77
CA ALA E 356 23.40 -6.75 -13.58
C ALA E 356 22.42 -7.61 -12.81
N GLU E 357 21.11 -7.54 -13.12
CA GLU E 357 20.13 -8.34 -12.42
C GLU E 357 20.02 -9.76 -13.00
N LEU E 358 20.24 -9.91 -14.30
CA LEU E 358 20.16 -11.23 -14.93
C LEU E 358 21.43 -12.04 -14.73
N PHE E 359 22.54 -11.41 -14.33
CA PHE E 359 23.78 -12.14 -14.13
C PHE E 359 23.80 -12.88 -12.80
N TYR E 360 23.06 -12.40 -11.81
CA TYR E 360 23.00 -13.03 -10.51
C TYR E 360 21.92 -14.10 -10.40
N LYS E 361 21.08 -14.26 -11.42
CA LYS E 361 20.02 -15.26 -11.40
C LYS E 361 20.50 -16.61 -11.90
N GLY E 362 21.34 -16.62 -12.94
CA GLY E 362 21.85 -17.86 -13.49
C GLY E 362 22.09 -17.80 -14.98
N ILE E 363 21.79 -16.65 -15.59
CA ILE E 363 21.98 -16.47 -17.02
C ILE E 363 23.43 -16.09 -17.26
N ARG E 364 24.17 -16.96 -17.93
CA ARG E 364 25.59 -16.72 -18.23
C ARG E 364 25.82 -16.79 -19.73
N PRO E 365 26.04 -15.66 -20.42
CA PRO E 365 26.09 -14.33 -19.80
C PRO E 365 24.74 -13.62 -19.80
N ALA E 366 24.64 -12.52 -19.07
CA ALA E 366 23.39 -11.76 -18.97
C ALA E 366 23.21 -10.97 -20.26
N ILE E 367 22.39 -11.49 -21.16
CA ILE E 367 22.11 -10.85 -22.45
C ILE E 367 20.60 -10.75 -22.59
N ASN E 368 20.07 -9.53 -22.50
CA ASN E 368 18.63 -9.31 -22.62
C ASN E 368 18.22 -9.41 -24.08
N VAL E 369 17.26 -10.31 -24.35
CA VAL E 369 16.80 -10.49 -25.72
C VAL E 369 15.86 -9.36 -26.14
N GLY E 370 15.16 -8.74 -25.18
CA GLY E 370 14.24 -7.67 -25.48
C GLY E 370 14.88 -6.31 -25.67
N LEU E 371 16.16 -6.17 -25.33
CA LEU E 371 16.86 -4.90 -25.47
C LEU E 371 17.98 -4.93 -26.51
N SER E 372 18.54 -6.10 -26.80
CA SER E 372 19.61 -6.23 -27.78
C SER E 372 19.02 -6.68 -29.12
N VAL E 373 19.46 -6.02 -30.19
CA VAL E 373 19.00 -6.33 -31.54
C VAL E 373 20.12 -6.02 -32.53
N SER E 374 20.03 -6.63 -33.70
CA SER E 374 21.03 -6.46 -34.76
C SER E 374 20.36 -5.84 -35.98
N ARG E 375 21.04 -4.87 -36.59
CA ARG E 375 20.51 -4.20 -37.78
C ARG E 375 20.70 -5.02 -39.04
N VAL E 376 21.60 -6.00 -39.04
CA VAL E 376 21.80 -6.82 -40.23
C VAL E 376 20.73 -7.88 -40.36
N GLY E 377 20.22 -8.40 -39.25
CA GLY E 377 19.20 -9.42 -39.29
C GLY E 377 19.75 -10.81 -39.58
N SER E 378 19.03 -11.57 -40.40
CA SER E 378 19.43 -12.91 -40.78
C SER E 378 20.22 -12.95 -42.08
N ALA E 379 20.63 -11.80 -42.60
CA ALA E 379 21.37 -11.77 -43.85
C ALA E 379 22.85 -12.12 -43.66
N ALA E 380 23.37 -11.99 -42.45
CA ALA E 380 24.77 -12.31 -42.18
C ALA E 380 24.89 -13.49 -41.22
N GLN E 381 24.20 -14.58 -41.53
CA GLN E 381 24.22 -15.78 -40.70
C GLN E 381 24.20 -17.01 -41.59
N VAL E 382 24.41 -18.17 -40.98
CA VAL E 382 24.42 -19.43 -41.70
C VAL E 382 22.98 -19.87 -41.99
N LYS E 383 22.81 -20.63 -43.07
CA LYS E 383 21.48 -21.09 -43.43
C LYS E 383 21.00 -22.22 -42.54
N ALA E 384 21.92 -22.98 -41.93
CA ALA E 384 21.51 -24.07 -41.05
C ALA E 384 21.03 -23.54 -39.70
N MET E 385 21.65 -22.46 -39.21
CA MET E 385 21.24 -21.88 -37.94
C MET E 385 20.06 -20.93 -38.07
N LYS E 386 19.78 -20.45 -39.28
CA LYS E 386 18.65 -19.54 -39.48
C LYS E 386 17.31 -20.26 -39.46
N GLN E 387 17.29 -21.57 -39.72
CA GLN E 387 16.03 -22.32 -39.71
C GLN E 387 15.54 -22.57 -38.28
N VAL E 388 16.47 -22.71 -37.33
CA VAL E 388 16.07 -22.94 -35.95
C VAL E 388 15.89 -21.64 -35.17
N ALA E 389 16.54 -20.56 -35.61
CA ALA E 389 16.42 -19.28 -34.92
C ALA E 389 15.15 -18.53 -35.30
N GLY E 390 14.48 -18.93 -36.37
CA GLY E 390 13.26 -18.26 -36.77
C GLY E 390 12.09 -18.59 -35.86
N SER E 391 11.97 -19.86 -35.46
CA SER E 391 10.89 -20.26 -34.57
C SER E 391 11.20 -19.96 -33.11
N LEU E 392 12.49 -19.88 -32.75
CA LEU E 392 12.87 -19.57 -31.38
C LEU E 392 12.71 -18.10 -31.03
N LYS E 393 12.68 -17.22 -32.02
CA LYS E 393 12.52 -15.80 -31.74
C LYS E 393 11.09 -15.47 -31.35
N LEU E 394 10.11 -16.18 -31.94
CA LEU E 394 8.72 -15.93 -31.61
C LEU E 394 8.34 -16.55 -30.27
N PHE E 395 8.97 -17.66 -29.90
CA PHE E 395 8.66 -18.28 -28.61
C PHE E 395 9.31 -17.55 -27.45
N LEU E 396 10.47 -16.93 -27.69
CA LEU E 396 11.14 -16.19 -26.62
C LEU E 396 10.48 -14.85 -26.36
N ALA E 397 9.88 -14.25 -27.39
CA ALA E 397 9.22 -12.96 -27.20
C ALA E 397 7.87 -13.12 -26.51
N GLN E 398 7.17 -14.22 -26.77
CA GLN E 398 5.87 -14.45 -26.13
C GLN E 398 6.01 -14.88 -24.68
N TYR E 399 7.09 -15.57 -24.34
CA TYR E 399 7.31 -16.01 -22.97
C TYR E 399 7.79 -14.89 -22.05
N ARG E 400 8.40 -13.84 -22.61
CA ARG E 400 8.87 -12.73 -21.80
C ARG E 400 7.71 -11.85 -21.32
N GLU E 401 6.71 -11.65 -22.18
CA GLU E 401 5.56 -10.83 -21.79
C GLU E 401 4.63 -11.56 -20.83
N VAL E 402 4.62 -12.89 -20.84
CA VAL E 402 3.77 -13.68 -19.97
C VAL E 402 4.59 -14.32 -18.85
N ALA E 403 5.75 -13.76 -18.53
CA ALA E 403 6.60 -14.30 -17.47
C ALA E 403 6.10 -13.94 -16.08
N ALA E 404 5.17 -13.00 -15.95
CA ALA E 404 4.65 -12.62 -14.65
C ALA E 404 3.69 -13.66 -14.06
N PHE E 405 3.20 -14.59 -14.87
CA PHE E 405 2.28 -15.61 -14.41
C PHE E 405 2.99 -16.86 -13.88
N ALA E 406 4.31 -16.81 -13.73
CA ALA E 406 5.05 -17.95 -13.23
C ALA E 406 4.89 -18.15 -11.74
N GLN E 407 4.52 -17.09 -11.00
CA GLN E 407 4.34 -17.22 -9.56
C GLN E 407 3.03 -17.92 -9.20
N PHE E 408 2.06 -17.94 -10.11
CA PHE E 408 0.77 -18.59 -9.87
C PHE E 408 0.63 -19.76 -10.84
N GLY E 409 1.33 -20.85 -10.52
CA GLY E 409 1.28 -22.04 -11.36
C GLY E 409 0.04 -22.89 -11.19
N SER E 410 -0.77 -22.61 -10.16
CA SER E 410 -1.99 -23.36 -9.92
C SER E 410 -3.19 -22.83 -10.70
N ASP E 411 -2.99 -21.76 -11.49
CA ASP E 411 -4.07 -21.18 -12.28
C ASP E 411 -3.68 -21.05 -13.75
N LEU E 412 -2.79 -21.93 -14.22
CA LEU E 412 -2.34 -21.90 -15.60
C LEU E 412 -3.30 -22.68 -16.49
N ASP E 413 -3.44 -22.22 -17.72
CA ASP E 413 -4.30 -22.85 -18.71
C ASP E 413 -3.48 -23.82 -19.56
N ALA E 414 -4.03 -24.20 -20.72
CA ALA E 414 -3.32 -25.12 -21.60
C ALA E 414 -2.26 -24.40 -22.43
N SER E 415 -2.59 -23.22 -22.95
CA SER E 415 -1.62 -22.47 -23.73
C SER E 415 -0.62 -21.74 -22.85
N THR E 416 -0.99 -21.46 -21.60
CA THR E 416 -0.07 -20.76 -20.70
C THR E 416 0.98 -21.70 -20.12
N LYS E 417 0.63 -22.98 -19.94
CA LYS E 417 1.59 -23.93 -19.39
C LYS E 417 2.58 -24.40 -20.46
N GLN E 418 2.18 -24.35 -21.73
CA GLN E 418 3.08 -24.78 -22.80
C GLN E 418 4.12 -23.71 -23.11
N THR E 419 3.76 -22.44 -22.95
CA THR E 419 4.72 -21.36 -23.21
C THR E 419 5.70 -21.18 -22.05
N LEU E 420 5.28 -21.52 -20.83
CA LEU E 420 6.16 -21.37 -19.69
C LEU E 420 7.17 -22.52 -19.61
N SER E 421 6.78 -23.71 -20.09
CA SER E 421 7.68 -24.84 -20.05
C SER E 421 8.70 -24.77 -21.19
N ARG E 422 8.27 -24.31 -22.36
CA ARG E 422 9.17 -24.19 -23.50
C ARG E 422 10.08 -22.96 -23.40
N GLY E 423 9.61 -21.91 -22.73
CA GLY E 423 10.42 -20.72 -22.59
C GLY E 423 11.51 -20.85 -21.55
N GLU E 424 11.29 -21.67 -20.52
CA GLU E 424 12.31 -21.87 -19.49
C GLU E 424 13.42 -22.79 -19.97
N ARG E 425 13.11 -23.75 -20.82
CA ARG E 425 14.13 -24.67 -21.32
C ARG E 425 14.97 -24.04 -22.42
N LEU E 426 14.42 -23.06 -23.15
CA LEU E 426 15.18 -22.41 -24.21
C LEU E 426 16.17 -21.40 -23.63
N THR E 427 15.81 -20.75 -22.53
CA THR E 427 16.70 -19.77 -21.91
C THR E 427 17.83 -20.44 -21.14
N GLN E 428 17.59 -21.62 -20.58
CA GLN E 428 18.63 -22.31 -19.83
C GLN E 428 19.60 -23.05 -20.73
N LEU E 429 19.16 -23.41 -21.94
CA LEU E 429 20.03 -24.13 -22.87
C LEU E 429 21.06 -23.21 -23.51
N LEU E 430 20.76 -21.91 -23.61
CA LEU E 430 21.68 -20.96 -24.21
C LEU E 430 22.74 -20.45 -23.23
N LYS E 431 22.63 -20.81 -21.95
CA LYS E 431 23.60 -20.38 -20.96
C LYS E 431 24.85 -21.24 -21.04
N GLN E 432 25.98 -20.62 -21.36
CA GLN E 432 27.26 -21.30 -21.48
C GLN E 432 28.23 -20.78 -20.43
N LYS E 433 29.24 -21.60 -20.15
CA LYS E 433 30.25 -21.23 -19.16
C LYS E 433 31.29 -20.29 -19.78
N GLN E 434 32.21 -19.83 -18.95
CA GLN E 434 33.26 -18.93 -19.40
C GLN E 434 34.33 -19.70 -20.17
N TYR E 435 34.78 -19.12 -21.28
CA TYR E 435 35.81 -19.71 -22.14
C TYR E 435 35.38 -21.10 -22.63
N SER E 436 34.12 -21.21 -23.05
CA SER E 436 33.56 -22.48 -23.53
C SER E 436 32.68 -22.19 -24.74
N PRO E 437 33.28 -21.76 -25.85
CA PRO E 437 32.48 -21.47 -27.05
C PRO E 437 32.14 -22.73 -27.83
N GLN E 438 30.99 -22.69 -28.49
CA GLN E 438 30.50 -23.79 -29.29
C GLN E 438 30.54 -23.43 -30.77
N ALA E 439 30.57 -24.46 -31.61
CA ALA E 439 30.62 -24.27 -33.05
C ALA E 439 29.20 -24.12 -33.60
N SER E 440 29.10 -24.00 -34.93
CA SER E 440 27.79 -23.86 -35.56
C SER E 440 27.06 -25.18 -35.66
N GLU E 441 27.78 -26.30 -35.68
CA GLU E 441 27.13 -27.61 -35.76
C GLU E 441 26.57 -28.06 -34.42
N GLU E 442 27.24 -27.71 -33.32
CA GLU E 442 26.77 -28.11 -32.00
C GLU E 442 25.61 -27.24 -31.52
N GLN E 443 25.53 -25.99 -32.00
CA GLN E 443 24.46 -25.09 -31.59
C GLN E 443 23.17 -25.30 -32.39
N VAL E 444 23.26 -25.90 -33.57
CA VAL E 444 22.09 -26.15 -34.42
C VAL E 444 21.35 -27.37 -33.89
N PRO E 445 22.05 -28.33 -33.28
CA PRO E 445 21.36 -29.52 -32.75
C PRO E 445 20.70 -29.26 -31.41
N VAL E 446 21.26 -28.32 -30.64
CA VAL E 446 20.69 -28.01 -29.34
C VAL E 446 19.48 -27.10 -29.47
N ILE E 447 19.46 -26.23 -30.48
CA ILE E 447 18.33 -25.33 -30.67
C ILE E 447 17.14 -26.02 -31.33
N TYR E 448 17.38 -27.10 -32.07
CA TYR E 448 16.29 -27.81 -32.74
C TYR E 448 15.53 -28.71 -31.77
N ALA E 449 16.19 -29.18 -30.71
CA ALA E 449 15.53 -30.06 -29.74
C ALA E 449 14.65 -29.29 -28.76
N GLY E 450 14.88 -27.99 -28.59
CA GLY E 450 14.07 -27.19 -27.69
C GLY E 450 12.94 -26.48 -28.37
N VAL E 451 13.08 -26.22 -29.67
CA VAL E 451 12.04 -25.53 -30.43
C VAL E 451 10.99 -26.50 -30.95
N ASN E 452 11.34 -27.76 -31.17
CA ASN E 452 10.37 -28.73 -31.66
C ASN E 452 9.49 -29.27 -30.54
N GLY E 453 10.08 -29.58 -29.39
CA GLY E 453 9.32 -30.10 -28.27
C GLY E 453 9.94 -31.34 -27.66
N PHE E 454 11.21 -31.59 -27.97
CA PHE E 454 11.92 -32.75 -27.45
C PHE E 454 12.54 -32.51 -26.08
N LEU E 455 12.51 -31.28 -25.59
CA LEU E 455 13.08 -30.94 -24.29
C LEU E 455 12.02 -30.54 -23.27
N ASP E 456 10.75 -30.62 -23.61
CA ASP E 456 9.69 -30.25 -22.68
C ASP E 456 9.44 -31.34 -21.64
N ASN E 457 9.76 -32.59 -21.97
CA ASN E 457 9.54 -33.69 -21.03
C ASN E 457 10.61 -33.76 -19.96
N ILE E 458 11.76 -33.14 -20.17
CA ILE E 458 12.86 -33.15 -19.20
C ILE E 458 12.57 -32.11 -18.13
N PRO E 459 13.24 -32.18 -16.97
CA PRO E 459 13.02 -31.21 -15.91
C PRO E 459 13.83 -29.94 -16.14
N ILE E 460 13.61 -28.95 -15.28
CA ILE E 460 14.34 -27.69 -15.40
C ILE E 460 15.76 -27.82 -14.86
N GLU E 461 15.96 -28.63 -13.82
CA GLU E 461 17.29 -28.82 -13.25
C GLU E 461 18.17 -29.73 -14.08
N ARG E 462 17.59 -30.53 -14.97
CA ARG E 462 18.34 -31.45 -15.81
C ARG E 462 18.69 -30.85 -17.17
N ILE E 463 18.57 -29.53 -17.33
CA ILE E 463 18.87 -28.86 -18.59
C ILE E 463 20.39 -28.75 -18.73
N PRO E 464 21.14 -28.70 -17.62
CA PRO E 464 22.60 -28.60 -17.74
C PRO E 464 23.25 -29.93 -18.09
N GLU E 465 22.68 -31.03 -17.59
CA GLU E 465 23.23 -32.35 -17.87
C GLU E 465 22.83 -32.85 -19.25
N PHE E 466 21.70 -32.37 -19.78
CA PHE E 466 21.25 -32.79 -21.11
C PHE E 466 22.02 -32.14 -22.24
N GLU E 467 22.69 -31.01 -21.98
CA GLU E 467 23.44 -30.34 -23.03
C GLU E 467 24.76 -31.06 -23.31
N GLU E 468 25.37 -31.64 -22.28
CA GLU E 468 26.63 -32.36 -22.46
C GLU E 468 26.40 -33.81 -22.88
N GLN E 469 25.25 -34.38 -22.53
CA GLN E 469 24.98 -35.76 -22.90
C GLN E 469 24.55 -35.88 -24.36
N PHE E 470 23.80 -34.89 -24.86
CA PHE E 470 23.36 -34.93 -26.25
C PHE E 470 24.47 -34.54 -27.21
N ILE E 471 25.42 -33.72 -26.77
CA ILE E 471 26.52 -33.33 -27.65
C ILE E 471 27.57 -34.44 -27.76
N ALA E 472 27.77 -35.20 -26.69
CA ALA E 472 28.75 -36.28 -26.73
C ALA E 472 28.22 -37.50 -27.47
N TYR E 473 26.92 -37.76 -27.39
CA TYR E 473 26.34 -38.91 -28.08
C TYR E 473 26.19 -38.68 -29.58
N LEU E 474 26.09 -37.41 -29.99
CA LEU E 474 25.94 -37.09 -31.41
C LEU E 474 27.26 -37.14 -32.16
N LYS E 475 28.39 -37.12 -31.45
CA LYS E 475 29.70 -37.16 -32.09
C LYS E 475 30.22 -38.58 -32.29
N ALA E 476 29.57 -39.58 -31.71
CA ALA E 476 29.98 -40.97 -31.85
C ALA E 476 28.96 -41.84 -32.57
N ASN E 477 27.67 -41.51 -32.49
CA ASN E 477 26.62 -42.29 -33.14
C ASN E 477 26.21 -41.69 -34.48
N GLU E 478 25.90 -40.40 -34.51
CA GLU E 478 25.49 -39.73 -35.75
C GLU E 478 26.48 -38.64 -36.13
N GLY E 479 27.72 -39.05 -36.46
CA GLY E 479 28.74 -38.08 -36.84
C GLY E 479 28.55 -37.51 -38.23
N ASP E 480 27.79 -38.20 -39.08
CA ASP E 480 27.57 -37.71 -40.44
C ASP E 480 26.61 -36.53 -40.49
N ILE E 481 25.73 -36.39 -39.50
CA ILE E 481 24.78 -35.29 -39.50
C ILE E 481 25.45 -34.00 -39.01
N LEU E 482 26.41 -34.11 -38.09
CA LEU E 482 27.08 -32.92 -37.58
C LEU E 482 28.11 -32.38 -38.56
N GLU E 483 28.75 -33.26 -39.34
CA GLU E 483 29.75 -32.81 -40.30
C GLU E 483 29.12 -32.20 -41.55
N ALA E 484 27.91 -32.65 -41.90
CA ALA E 484 27.24 -32.11 -43.08
C ALA E 484 26.65 -30.73 -42.83
N ILE E 485 26.30 -30.42 -41.58
CA ILE E 485 25.73 -29.11 -41.28
C ILE E 485 26.79 -28.01 -41.23
N ARG E 486 28.04 -28.37 -40.99
CA ARG E 486 29.12 -27.37 -40.93
C ARG E 486 29.76 -27.13 -42.29
N THR E 487 29.84 -28.14 -43.15
CA THR E 487 30.45 -27.97 -44.45
C THR E 487 29.51 -27.27 -45.42
N LYS E 488 28.28 -27.76 -45.54
CA LYS E 488 27.31 -27.15 -46.44
C LYS E 488 26.73 -25.87 -45.88
N GLY E 489 26.50 -25.81 -44.57
CA GLY E 489 25.94 -24.63 -43.93
C GLY E 489 24.44 -24.51 -44.02
N GLU E 490 23.75 -25.52 -44.53
CA GLU E 490 22.29 -25.48 -44.64
C GLU E 490 21.68 -26.80 -44.21
N LEU E 491 20.38 -26.96 -44.43
CA LEU E 491 19.67 -28.18 -44.06
C LEU E 491 18.66 -28.51 -45.15
N SER E 492 18.78 -29.68 -45.74
CA SER E 492 17.90 -30.14 -46.80
C SER E 492 16.75 -30.97 -46.19
N SER E 493 16.07 -31.75 -47.03
CA SER E 493 14.97 -32.57 -46.54
C SER E 493 15.48 -33.84 -45.85
N GLU E 494 16.65 -34.34 -46.26
CA GLU E 494 17.19 -35.54 -45.64
C GLU E 494 17.84 -35.24 -44.29
N LEU E 495 18.29 -34.00 -44.08
CA LEU E 495 18.91 -33.65 -42.81
C LEU E 495 17.87 -33.39 -41.72
N LEU E 496 16.65 -33.03 -42.11
CA LEU E 496 15.61 -32.77 -41.12
C LEU E 496 14.99 -34.07 -40.61
N ASP E 497 14.94 -35.10 -41.46
CA ASP E 497 14.38 -36.37 -41.03
C ASP E 497 15.37 -37.18 -40.20
N LYS E 498 16.68 -37.01 -40.46
CA LYS E 498 17.68 -37.74 -39.69
C LYS E 498 17.92 -37.11 -38.32
N LEU E 499 17.68 -35.80 -38.20
CA LEU E 499 17.89 -35.14 -36.91
C LEU E 499 16.73 -35.40 -35.95
N LYS E 500 15.52 -35.62 -36.48
CA LYS E 500 14.37 -35.88 -35.63
C LYS E 500 14.36 -37.31 -35.11
N SER E 501 14.91 -38.25 -35.87
CA SER E 501 14.94 -39.64 -35.42
C SER E 501 16.02 -39.89 -34.38
N ALA E 502 17.13 -39.16 -34.45
CA ALA E 502 18.21 -39.33 -33.48
C ALA E 502 17.89 -38.68 -32.15
N THR E 503 17.14 -37.58 -32.15
CA THR E 503 16.79 -36.90 -30.91
C THR E 503 15.67 -37.61 -30.17
N GLU E 504 14.80 -38.33 -30.88
CA GLU E 504 13.72 -39.04 -30.22
C GLU E 504 14.18 -40.33 -29.56
N THR E 505 15.22 -40.97 -30.11
CA THR E 505 15.72 -42.21 -29.53
C THR E 505 16.57 -41.96 -28.28
N PHE E 506 17.20 -40.79 -28.20
CA PHE E 506 18.04 -40.44 -27.06
C PHE E 506 17.26 -39.78 -25.93
N VAL E 507 16.01 -39.38 -26.17
CA VAL E 507 15.20 -38.74 -25.13
C VAL E 507 14.48 -39.74 -24.24
N ALA E 508 14.56 -41.04 -24.56
CA ALA E 508 13.89 -42.07 -23.76
C ALA E 508 14.74 -42.56 -22.60
N THR E 509 15.97 -42.08 -22.46
CA THR E 509 16.84 -42.49 -21.38
C THR E 509 17.36 -41.29 -20.59
N ILE F 13 51.65 70.46 -36.44
CA ILE F 13 50.92 70.95 -37.60
C ILE F 13 51.57 70.48 -38.89
N LEU F 14 52.87 70.21 -38.82
CA LEU F 14 53.61 69.76 -39.99
C LEU F 14 53.37 68.28 -40.31
N GLU F 15 52.91 67.50 -39.34
CA GLU F 15 52.65 66.08 -39.53
C GLU F 15 51.22 65.80 -39.99
N SER F 16 50.41 66.83 -40.24
CA SER F 16 49.05 66.62 -40.68
C SER F 16 48.99 66.30 -42.17
N LYS F 17 49.59 67.16 -43.00
CA LYS F 17 49.59 66.94 -44.45
C LYS F 17 50.69 66.00 -44.91
N ILE F 18 51.63 65.65 -44.02
CA ILE F 18 52.73 64.75 -44.40
C ILE F 18 52.35 63.29 -44.33
N ARG F 19 51.20 62.96 -43.75
CA ARG F 19 50.76 61.56 -43.65
C ARG F 19 50.18 61.09 -44.98
N GLY F 20 49.03 61.66 -45.36
CA GLY F 20 48.38 61.27 -46.60
C GLY F 20 47.66 59.94 -46.50
N VAL F 21 46.73 59.84 -45.55
CA VAL F 21 45.96 58.62 -45.35
C VAL F 21 44.50 58.98 -45.13
N SER F 22 44.05 60.07 -45.77
CA SER F 22 42.68 60.56 -45.66
C SER F 22 42.30 60.83 -44.21
N ASP F 23 42.84 61.95 -43.70
CA ASP F 23 42.59 62.36 -42.32
C ASP F 23 41.41 63.34 -42.29
N GLU F 24 40.23 62.80 -42.62
CA GLU F 24 39.02 63.61 -42.63
C GLU F 24 37.78 62.77 -42.32
N ALA F 25 37.94 61.68 -41.58
CA ALA F 25 36.82 60.83 -41.22
C ALA F 25 36.03 61.45 -40.09
N ASN F 26 34.77 61.79 -40.35
CA ASN F 26 33.90 62.41 -39.35
C ASN F 26 33.41 61.32 -38.41
N LEU F 27 34.04 61.21 -37.25
CA LEU F 27 33.68 60.22 -36.23
C LEU F 27 32.68 60.76 -35.23
N ASP F 28 32.10 61.93 -35.46
CA ASP F 28 31.13 62.48 -34.52
C ASP F 28 29.77 61.82 -34.66
N GLU F 29 29.31 61.60 -35.90
CA GLU F 29 28.03 60.98 -36.16
C GLU F 29 28.15 59.66 -36.92
N THR F 30 29.38 59.15 -37.09
CA THR F 30 29.61 57.90 -37.80
C THR F 30 30.68 57.12 -37.07
N GLY F 31 30.99 55.93 -37.58
CA GLY F 31 32.00 55.08 -36.97
C GLY F 31 32.36 53.94 -37.89
N ARG F 32 33.53 53.37 -37.63
CA ARG F 32 34.05 52.26 -38.40
C ARG F 32 33.77 50.94 -37.68
N VAL F 33 33.38 49.92 -38.43
CA VAL F 33 33.10 48.61 -37.88
C VAL F 33 34.40 47.86 -37.67
N LEU F 34 34.71 47.55 -36.41
CA LEU F 34 35.94 46.83 -36.09
C LEU F 34 35.76 45.32 -36.16
N SER F 35 34.66 44.80 -35.63
CA SER F 35 34.40 43.37 -35.66
C SER F 35 32.91 43.13 -35.76
N VAL F 36 32.55 41.93 -36.20
CA VAL F 36 31.15 41.55 -36.36
C VAL F 36 31.04 40.05 -36.17
N GLY F 37 30.00 39.62 -35.44
CA GLY F 37 29.79 38.21 -35.18
C GLY F 37 28.80 37.95 -34.07
N ASP F 38 28.09 36.82 -34.15
CA ASP F 38 27.09 36.42 -33.15
C ASP F 38 26.01 37.49 -32.98
N GLY F 39 25.61 38.09 -34.10
CA GLY F 39 24.58 39.11 -34.07
C GLY F 39 25.00 40.44 -33.48
N ILE F 40 26.30 40.67 -33.33
CA ILE F 40 26.81 41.91 -32.76
C ILE F 40 27.76 42.56 -33.77
N ALA F 41 28.02 43.85 -33.55
CA ALA F 41 28.90 44.63 -34.41
C ALA F 41 29.63 45.64 -33.56
N ARG F 42 30.92 45.42 -33.33
CA ARG F 42 31.74 46.33 -32.53
C ARG F 42 32.14 47.52 -33.39
N VAL F 43 31.45 48.64 -33.22
CA VAL F 43 31.73 49.86 -33.98
C VAL F 43 32.75 50.69 -33.23
N PHE F 44 33.74 51.21 -33.95
CA PHE F 44 34.80 52.03 -33.37
C PHE F 44 34.50 53.49 -33.72
N GLY F 45 34.00 54.24 -32.75
CA GLY F 45 33.69 55.64 -32.96
C GLY F 45 32.33 56.04 -32.43
N LEU F 46 31.71 57.03 -33.07
CA LEU F 46 30.39 57.55 -32.69
C LEU F 46 30.39 58.01 -31.23
N ASN F 47 31.03 59.16 -31.02
CA ASN F 47 31.12 59.74 -29.68
C ASN F 47 29.83 60.42 -29.26
N ASN F 48 29.07 60.95 -30.22
CA ASN F 48 27.81 61.64 -29.94
C ASN F 48 26.61 60.71 -30.01
N CYS F 49 26.83 59.41 -30.16
CA CYS F 49 25.73 58.45 -30.23
C CYS F 49 25.19 58.17 -28.83
N GLN F 50 23.87 58.31 -28.67
CA GLN F 50 23.24 58.08 -27.38
C GLN F 50 23.00 56.58 -27.17
N ALA F 51 22.55 56.23 -25.96
CA ALA F 51 22.28 54.85 -25.62
C ALA F 51 20.97 54.39 -26.24
N GLU F 52 20.96 53.15 -26.74
CA GLU F 52 19.78 52.54 -27.36
C GLU F 52 19.30 53.39 -28.55
N GLU F 53 20.24 53.80 -29.38
CA GLU F 53 19.95 54.61 -30.56
C GLU F 53 20.04 53.76 -31.82
N LEU F 54 19.27 54.17 -32.83
CA LEU F 54 19.26 53.45 -34.10
C LEU F 54 20.48 53.80 -34.94
N VAL F 55 20.98 52.81 -35.67
CA VAL F 55 22.15 52.98 -36.52
C VAL F 55 21.86 52.37 -37.89
N GLU F 56 22.72 52.68 -38.85
CA GLU F 56 22.59 52.18 -40.21
C GLU F 56 23.95 51.76 -40.73
N PHE F 57 24.01 50.57 -41.31
CA PHE F 57 25.25 50.03 -41.84
C PHE F 57 25.45 50.50 -43.29
N ALA F 58 26.51 50.01 -43.93
CA ALA F 58 26.79 50.37 -45.31
C ALA F 58 25.91 49.61 -46.29
N SER F 59 25.53 48.37 -45.96
CA SER F 59 24.70 47.57 -46.84
C SER F 59 23.20 47.82 -46.64
N GLY F 60 22.81 48.60 -45.64
CA GLY F 60 21.43 48.90 -45.37
C GLY F 60 20.83 48.20 -44.17
N VAL F 61 21.63 47.50 -43.38
CA VAL F 61 21.12 46.80 -42.21
C VAL F 61 21.07 47.76 -41.03
N LYS F 62 20.00 47.68 -40.25
CA LYS F 62 19.83 48.54 -39.10
C LYS F 62 20.56 47.97 -37.89
N GLY F 63 20.92 48.86 -36.96
CA GLY F 63 21.62 48.46 -35.76
C GLY F 63 21.20 49.30 -34.57
N MET F 64 21.37 48.72 -33.39
CA MET F 64 21.02 49.38 -32.13
C MET F 64 22.23 49.33 -31.21
N ALA F 65 22.75 50.50 -30.87
CA ALA F 65 23.91 50.61 -29.98
C ALA F 65 23.48 50.32 -28.55
N LEU F 66 23.80 49.12 -28.06
CA LEU F 66 23.45 48.75 -26.69
C LEU F 66 24.44 49.32 -25.69
N ASN F 67 25.62 48.73 -25.61
CA ASN F 67 26.67 49.18 -24.70
C ASN F 67 27.62 50.11 -25.42
N LEU F 68 27.98 51.21 -24.77
CA LEU F 68 28.88 52.22 -25.33
C LEU F 68 30.00 52.47 -24.31
N GLU F 69 31.12 51.79 -24.49
CA GLU F 69 32.26 51.93 -23.60
C GLU F 69 33.24 52.96 -24.16
N PRO F 70 34.46 53.02 -23.64
CA PRO F 70 35.44 53.98 -24.16
C PRO F 70 36.22 53.44 -25.35
N GLY F 71 36.05 54.06 -26.52
CA GLY F 71 36.73 53.65 -27.72
C GLY F 71 35.96 52.69 -28.60
N GLN F 72 34.93 52.03 -28.06
CA GLN F 72 34.12 51.09 -28.82
C GLN F 72 32.66 51.24 -28.44
N VAL F 73 31.79 50.68 -29.26
CA VAL F 73 30.35 50.73 -29.02
C VAL F 73 29.70 49.46 -29.57
N GLY F 74 29.09 48.68 -28.69
CA GLY F 74 28.43 47.45 -29.10
C GLY F 74 27.10 47.68 -29.77
N ILE F 75 27.04 47.46 -31.08
CA ILE F 75 25.83 47.65 -31.87
C ILE F 75 25.24 46.27 -32.16
N VAL F 76 23.95 46.12 -31.90
CA VAL F 76 23.23 44.87 -32.14
C VAL F 76 22.55 44.96 -33.48
N LEU F 77 22.96 44.10 -34.42
CA LEU F 77 22.38 44.09 -35.76
C LEU F 77 21.03 43.41 -35.74
N PHE F 78 20.06 44.01 -36.45
CA PHE F 78 18.71 43.48 -36.54
C PHE F 78 18.51 42.58 -37.76
N GLY F 79 19.58 42.21 -38.44
CA GLY F 79 19.46 41.35 -39.62
C GLY F 79 20.51 40.25 -39.66
N SER F 80 20.86 39.82 -40.85
CA SER F 80 21.86 38.78 -41.01
C SER F 80 23.26 39.32 -40.77
N ASP F 81 24.19 38.41 -40.50
CA ASP F 81 25.57 38.79 -40.23
C ASP F 81 26.40 38.95 -41.50
N ARG F 82 25.84 38.62 -42.66
CA ARG F 82 26.57 38.76 -43.92
C ARG F 82 26.51 40.17 -44.50
N GLU F 83 25.69 41.05 -43.93
CA GLU F 83 25.57 42.42 -44.41
C GLU F 83 26.47 43.39 -43.66
N VAL F 84 27.42 42.89 -42.87
CA VAL F 84 28.33 43.72 -42.10
C VAL F 84 29.69 43.04 -42.09
N LYS F 85 30.72 43.74 -42.56
CA LYS F 85 32.08 43.23 -42.61
C LYS F 85 33.00 44.15 -41.82
N GLU F 86 34.28 43.76 -41.76
CA GLU F 86 35.27 44.54 -41.03
C GLU F 86 35.71 45.74 -41.86
N GLY F 87 35.68 46.93 -41.26
CA GLY F 87 36.06 48.14 -41.94
C GLY F 87 34.95 48.88 -42.63
N GLU F 88 33.70 48.50 -42.40
CA GLU F 88 32.58 49.19 -43.03
C GLU F 88 32.26 50.49 -42.31
N ILE F 89 31.50 51.34 -42.99
CA ILE F 89 31.10 52.64 -42.46
C ILE F 89 29.69 52.51 -41.90
N VAL F 90 29.55 52.78 -40.60
CA VAL F 90 28.26 52.70 -39.91
C VAL F 90 27.87 54.11 -39.48
N LYS F 91 26.71 54.56 -39.95
CA LYS F 91 26.20 55.88 -39.63
C LYS F 91 25.12 55.80 -38.57
N ARG F 92 24.88 56.92 -37.91
CA ARG F 92 23.88 57.03 -36.86
C ARG F 92 22.63 57.74 -37.37
N THR F 93 21.47 57.31 -36.87
CA THR F 93 20.20 57.90 -37.26
C THR F 93 19.84 59.14 -36.45
N GLY F 94 20.39 59.28 -35.25
CA GLY F 94 20.11 60.42 -34.40
C GLY F 94 18.96 60.23 -33.44
N LYS F 95 18.13 59.21 -33.62
CA LYS F 95 17.00 58.92 -32.75
C LYS F 95 17.18 57.55 -32.12
N ILE F 96 16.21 57.18 -31.26
CA ILE F 96 16.25 55.90 -30.58
C ILE F 96 15.49 54.86 -31.41
N VAL F 97 15.26 53.69 -30.83
CA VAL F 97 14.55 52.62 -31.52
C VAL F 97 13.06 52.92 -31.51
N ASP F 98 12.58 53.60 -32.56
CA ASP F 98 11.18 53.97 -32.70
C ASP F 98 10.55 53.18 -33.84
N VAL F 99 9.24 53.34 -33.97
CA VAL F 99 8.48 52.66 -35.02
C VAL F 99 7.30 53.54 -35.42
N PRO F 100 6.66 53.27 -36.55
CA PRO F 100 5.52 54.09 -36.96
C PRO F 100 4.24 53.69 -36.25
N ILE F 101 3.40 54.69 -35.99
CA ILE F 101 2.12 54.52 -35.32
C ILE F 101 1.12 55.49 -35.92
N GLY F 102 -0.15 55.33 -35.55
CA GLY F 102 -1.20 56.18 -36.04
C GLY F 102 -2.38 55.40 -36.57
N PRO F 103 -3.37 56.10 -37.13
CA PRO F 103 -4.54 55.41 -37.68
C PRO F 103 -4.36 54.92 -39.10
N GLY F 104 -3.25 55.24 -39.76
CA GLY F 104 -3.02 54.80 -41.12
C GLY F 104 -2.43 53.41 -41.25
N MET F 105 -2.11 52.76 -40.14
CA MET F 105 -1.54 51.42 -40.16
C MET F 105 -2.60 50.33 -40.14
N LEU F 106 -3.88 50.69 -40.10
CA LEU F 106 -4.95 49.70 -40.07
C LEU F 106 -5.19 49.17 -41.47
N GLY F 107 -4.96 47.87 -41.67
CA GLY F 107 -5.15 47.22 -42.95
C GLY F 107 -3.87 46.79 -43.65
N ARG F 108 -2.71 46.92 -43.00
CA ARG F 108 -1.44 46.52 -43.59
C ARG F 108 -0.66 45.67 -42.61
N VAL F 109 0.18 44.80 -43.15
CA VAL F 109 1.01 43.90 -42.36
C VAL F 109 2.40 44.50 -42.27
N VAL F 110 2.77 44.96 -41.08
CA VAL F 110 4.07 45.56 -40.87
C VAL F 110 5.00 44.52 -40.24
N ASP F 111 6.28 44.88 -40.10
CA ASP F 111 7.26 43.98 -39.52
C ASP F 111 7.66 44.45 -38.12
N ALA F 112 8.94 44.28 -37.78
CA ALA F 112 9.44 44.69 -36.46
C ALA F 112 9.85 46.16 -36.42
N LEU F 113 10.37 46.69 -37.53
CA LEU F 113 10.80 48.08 -37.59
C LEU F 113 9.72 49.01 -38.13
N GLY F 114 8.56 48.48 -38.51
CA GLY F 114 7.48 49.28 -39.03
C GLY F 114 7.37 49.33 -40.54
N ASN F 115 8.23 48.61 -41.26
CA ASN F 115 8.18 48.62 -42.72
C ASN F 115 7.07 47.69 -43.20
N PRO F 116 6.39 48.04 -44.30
CA PRO F 116 5.32 47.18 -44.80
C PRO F 116 5.87 46.02 -45.61
N ILE F 117 5.28 44.84 -45.41
CA ILE F 117 5.68 43.62 -46.09
C ILE F 117 4.54 43.01 -46.89
N ASP F 118 3.41 43.72 -47.01
CA ASP F 118 2.26 43.23 -47.75
C ASP F 118 2.21 43.72 -49.18
N GLY F 119 3.07 44.68 -49.55
CA GLY F 119 3.07 45.19 -50.90
C GLY F 119 2.01 46.21 -51.21
N LYS F 120 1.46 46.88 -50.18
CA LYS F 120 0.44 47.89 -50.37
C LYS F 120 1.00 49.30 -50.42
N GLY F 121 2.32 49.45 -50.47
CA GLY F 121 2.94 50.75 -50.53
C GLY F 121 3.37 51.24 -49.16
N PRO F 122 3.52 52.55 -49.01
CA PRO F 122 3.94 53.11 -47.72
C PRO F 122 2.77 53.25 -46.77
N ILE F 123 3.11 53.39 -45.49
CA ILE F 123 2.12 53.54 -44.42
C ILE F 123 2.05 55.01 -44.04
N GLU F 124 0.82 55.54 -44.04
CA GLU F 124 0.59 56.95 -43.69
C GLU F 124 0.55 57.07 -42.17
N ALA F 125 1.73 57.20 -41.58
CA ALA F 125 1.85 57.33 -40.14
C ALA F 125 1.66 58.77 -39.70
N THR F 126 1.04 58.94 -38.53
CA THR F 126 0.77 60.26 -37.97
C THR F 126 1.78 60.65 -36.90
N GLY F 127 2.81 59.86 -36.69
CA GLY F 127 3.81 60.19 -35.68
C GLY F 127 4.89 59.13 -35.61
N TYR F 128 5.65 59.16 -34.52
CA TYR F 128 6.74 58.21 -34.32
C TYR F 128 6.91 58.00 -32.83
N ALA F 129 6.53 56.82 -32.35
CA ALA F 129 6.63 56.47 -30.94
C ALA F 129 7.78 55.48 -30.72
N ILE F 130 8.45 55.61 -29.60
CA ILE F 130 9.57 54.73 -29.28
C ILE F 130 9.05 53.39 -28.79
N ALA F 131 9.85 52.35 -28.98
CA ALA F 131 9.45 51.01 -28.56
C ALA F 131 9.59 50.80 -27.06
N GLN F 132 10.60 51.43 -26.44
CA GLN F 132 10.83 51.30 -25.00
C GLN F 132 10.18 52.51 -24.31
N LEU F 133 8.88 52.39 -24.07
CA LEU F 133 8.10 53.43 -23.42
C LEU F 133 7.69 52.98 -22.03
N LYS F 134 7.68 53.92 -21.09
CA LYS F 134 7.30 53.61 -19.72
C LYS F 134 5.78 53.50 -19.59
N ALA F 135 5.35 52.67 -18.65
CA ALA F 135 3.92 52.46 -18.42
C ALA F 135 3.37 53.61 -17.58
N PRO F 136 2.04 53.71 -17.49
CA PRO F 136 1.43 54.78 -16.71
C PRO F 136 1.44 54.46 -15.22
N GLY F 137 1.29 55.51 -14.42
CA GLY F 137 1.27 55.40 -12.97
C GLY F 137 -0.11 55.10 -12.43
N ILE F 138 -0.27 55.33 -11.12
CA ILE F 138 -1.55 55.08 -10.46
C ILE F 138 -2.49 56.28 -10.54
N LEU F 139 -2.03 57.40 -11.07
CA LEU F 139 -2.88 58.59 -11.18
C LEU F 139 -3.53 58.64 -12.55
N PRO F 140 -2.89 58.08 -13.59
CA PRO F 140 -3.50 58.11 -14.92
C PRO F 140 -4.14 56.78 -15.30
N ARG F 141 -4.51 56.00 -14.30
CA ARG F 141 -5.13 54.70 -14.50
C ARG F 141 -6.48 54.65 -13.79
N ARG F 142 -7.33 53.74 -14.25
CA ARG F 142 -8.66 53.55 -13.70
C ARG F 142 -9.00 52.08 -13.69
N SER F 143 -10.15 51.75 -13.09
CA SER F 143 -10.60 50.37 -13.01
C SER F 143 -11.21 49.93 -14.34
N VAL F 144 -11.08 48.64 -14.62
CA VAL F 144 -11.62 48.07 -15.85
C VAL F 144 -13.12 47.85 -15.68
N PHE F 145 -13.91 48.50 -16.52
CA PHE F 145 -15.36 48.39 -16.47
C PHE F 145 -16.00 48.06 -17.80
N GLU F 146 -15.32 48.23 -18.93
CA GLU F 146 -15.90 47.92 -20.22
C GLU F 146 -15.86 46.42 -20.48
N PRO F 147 -16.84 45.89 -21.23
CA PRO F 147 -16.86 44.45 -21.50
C PRO F 147 -16.22 44.11 -22.84
N MET F 148 -15.42 43.06 -22.89
CA MET F 148 -14.73 42.61 -24.09
C MET F 148 -15.35 41.29 -24.53
N GLN F 149 -16.24 41.34 -25.52
CA GLN F 149 -16.90 40.15 -26.01
C GLN F 149 -15.95 39.37 -26.92
N THR F 150 -15.71 38.11 -26.58
CA THR F 150 -14.82 37.25 -27.37
C THR F 150 -15.57 36.35 -28.35
N GLY F 151 -16.86 36.12 -28.14
CA GLY F 151 -17.66 35.30 -29.01
C GLY F 151 -17.87 33.88 -28.50
N LEU F 152 -16.94 33.35 -27.70
CA LEU F 152 -17.07 32.00 -27.19
C LEU F 152 -18.06 31.97 -26.03
N LYS F 153 -18.82 30.87 -25.94
CA LYS F 153 -19.80 30.72 -24.88
C LYS F 153 -19.15 30.29 -23.56
N ALA F 154 -17.99 29.63 -23.63
CA ALA F 154 -17.30 29.19 -22.42
C ALA F 154 -16.26 30.19 -21.94
N VAL F 155 -16.13 31.35 -22.59
CA VAL F 155 -15.16 32.36 -22.20
C VAL F 155 -15.91 33.60 -21.73
N ASP F 156 -17.08 33.86 -22.31
CA ASP F 156 -17.89 35.01 -21.92
C ASP F 156 -18.67 34.78 -20.64
N ALA F 157 -18.85 33.51 -20.24
CA ALA F 157 -19.58 33.18 -19.02
C ALA F 157 -18.69 32.79 -17.85
N LEU F 158 -17.54 32.18 -18.11
CA LEU F 158 -16.64 31.76 -17.04
C LEU F 158 -15.68 32.89 -16.67
N VAL F 159 -14.56 32.97 -17.37
CA VAL F 159 -13.55 34.00 -17.10
C VAL F 159 -13.66 35.08 -18.18
N PRO F 160 -14.47 36.11 -17.99
CA PRO F 160 -14.60 37.15 -19.01
C PRO F 160 -13.43 38.13 -18.97
N ILE F 161 -13.20 38.75 -20.13
CA ILE F 161 -12.12 39.72 -20.29
C ILE F 161 -12.72 41.12 -20.34
N GLY F 162 -11.88 42.11 -20.05
CA GLY F 162 -12.30 43.49 -20.07
C GLY F 162 -11.26 44.38 -20.72
N ARG F 163 -11.67 45.61 -21.01
CA ARG F 163 -10.79 46.58 -21.64
C ARG F 163 -9.82 47.15 -20.60
N GLY F 164 -8.53 46.89 -20.79
CA GLY F 164 -7.50 47.37 -19.89
C GLY F 164 -6.85 46.29 -19.04
N GLN F 165 -7.36 45.06 -19.09
CA GLN F 165 -6.82 43.96 -18.32
C GLN F 165 -5.92 43.09 -19.18
N ARG F 166 -5.14 42.24 -18.52
CA ARG F 166 -4.21 41.32 -19.19
C ARG F 166 -4.63 39.90 -18.88
N GLU F 167 -5.14 39.19 -19.89
CA GLU F 167 -5.59 37.82 -19.75
C GLU F 167 -4.63 36.91 -20.51
N LEU F 168 -3.94 36.04 -19.78
CA LEU F 168 -2.99 35.13 -20.40
C LEU F 168 -3.70 33.94 -21.02
N ILE F 169 -2.98 33.24 -21.90
CA ILE F 169 -3.54 32.08 -22.59
C ILE F 169 -2.51 30.95 -22.56
N ILE F 170 -2.35 30.31 -21.42
CA ILE F 170 -1.39 29.23 -21.28
C ILE F 170 -1.96 27.95 -21.89
N GLY F 171 -1.09 27.00 -22.18
CA GLY F 171 -1.49 25.75 -22.76
C GLY F 171 -0.34 25.12 -23.53
N ASP F 172 -0.58 23.89 -23.98
CA ASP F 172 0.41 23.15 -24.74
C ASP F 172 0.18 23.37 -26.24
N ARG F 173 0.86 22.60 -27.07
CA ARG F 173 0.72 22.73 -28.51
C ARG F 173 -0.53 22.00 -28.99
N GLN F 174 -1.24 22.62 -29.93
CA GLN F 174 -2.47 22.07 -30.50
C GLN F 174 -3.51 21.78 -29.42
N THR F 175 -3.84 22.82 -28.66
CA THR F 175 -4.82 22.71 -27.59
C THR F 175 -5.91 23.77 -27.75
N GLY F 176 -5.56 24.92 -28.30
CA GLY F 176 -6.51 25.99 -28.50
C GLY F 176 -5.99 27.34 -28.04
N LYS F 177 -4.68 27.55 -28.15
CA LYS F 177 -4.08 28.82 -27.73
C LYS F 177 -4.32 29.90 -28.77
N THR F 178 -3.98 29.63 -30.03
CA THR F 178 -4.18 30.59 -31.10
C THR F 178 -5.62 30.66 -31.58
N ALA F 179 -6.43 29.64 -31.26
CA ALA F 179 -7.82 29.65 -31.70
C ALA F 179 -8.67 30.58 -30.84
N VAL F 180 -8.28 30.80 -29.58
CA VAL F 180 -9.05 31.69 -28.71
C VAL F 180 -8.78 33.15 -29.06
N ALA F 181 -7.56 33.48 -29.50
CA ALA F 181 -7.24 34.86 -29.84
C ALA F 181 -7.80 35.25 -31.21
N LEU F 182 -7.94 34.29 -32.12
CA LEU F 182 -8.47 34.61 -33.44
C LEU F 182 -9.99 34.79 -33.41
N ASP F 183 -10.68 34.12 -32.49
CA ASP F 183 -12.12 34.24 -32.40
C ASP F 183 -12.54 35.55 -31.74
N THR F 184 -11.69 36.12 -30.88
CA THR F 184 -12.02 37.37 -30.22
C THR F 184 -11.86 38.57 -31.14
N ILE F 185 -10.91 38.50 -32.08
CA ILE F 185 -10.73 39.62 -33.01
C ILE F 185 -11.80 39.63 -34.09
N LEU F 186 -12.27 38.45 -34.51
CA LEU F 186 -13.30 38.38 -35.54
C LEU F 186 -14.69 38.68 -35.00
N ASN F 187 -14.88 38.60 -33.68
CA ASN F 187 -16.18 38.88 -33.08
C ASN F 187 -16.43 40.36 -32.85
N GLN F 188 -15.45 41.22 -33.12
CA GLN F 188 -15.58 42.65 -32.93
C GLN F 188 -16.14 43.36 -34.17
N LYS F 189 -16.58 42.61 -35.17
CA LYS F 189 -17.12 43.22 -36.39
C LYS F 189 -18.53 43.78 -36.18
N ARG F 190 -19.25 43.32 -35.16
CA ARG F 190 -20.59 43.82 -34.90
C ARG F 190 -20.59 45.21 -34.27
N TRP F 191 -19.48 45.62 -33.65
CA TRP F 191 -19.38 46.93 -33.02
C TRP F 191 -18.49 47.90 -33.76
N ASN F 192 -17.51 47.40 -34.52
CA ASN F 192 -16.61 48.28 -35.26
C ASN F 192 -17.21 48.77 -36.57
N ASP F 193 -18.19 48.04 -37.13
CA ASP F 193 -18.82 48.44 -38.38
C ASP F 193 -19.91 49.49 -38.20
N GLY F 194 -20.32 49.76 -36.96
CA GLY F 194 -21.35 50.74 -36.68
C GLY F 194 -20.80 52.13 -36.50
N ASN F 195 -21.47 52.91 -35.65
CA ASN F 195 -21.07 54.29 -35.37
C ASN F 195 -20.62 54.48 -33.93
N ASP F 196 -20.72 53.46 -33.09
CA ASP F 196 -20.30 53.57 -31.70
C ASP F 196 -18.79 53.41 -31.61
N GLU F 197 -18.10 54.52 -31.34
CA GLU F 197 -16.65 54.49 -31.23
C GLU F 197 -16.16 53.94 -29.90
N SER F 198 -16.99 53.98 -28.86
CA SER F 198 -16.58 53.46 -27.55
C SER F 198 -16.67 51.95 -27.49
N LYS F 199 -17.54 51.34 -28.30
CA LYS F 199 -17.71 49.89 -28.32
C LYS F 199 -16.74 49.19 -29.26
N LYS F 200 -16.07 49.93 -30.13
CA LYS F 200 -15.13 49.32 -31.06
C LYS F 200 -13.81 49.00 -30.38
N LEU F 201 -13.10 48.02 -30.91
CA LEU F 201 -11.81 47.59 -30.37
C LEU F 201 -10.91 47.18 -31.53
N TYR F 202 -9.80 47.88 -31.71
CA TYR F 202 -8.86 47.57 -32.78
C TYR F 202 -7.95 46.42 -32.37
N CYS F 203 -7.89 45.38 -33.20
CA CYS F 203 -7.06 44.24 -32.93
C CYS F 203 -5.60 44.53 -33.28
N VAL F 204 -4.70 43.79 -32.64
CA VAL F 204 -3.27 43.95 -32.87
C VAL F 204 -2.58 42.59 -32.76
N TYR F 205 -2.62 41.83 -33.84
CA TYR F 205 -2.00 40.51 -33.86
C TYR F 205 -0.50 40.66 -34.05
N VAL F 206 0.27 40.09 -33.13
CA VAL F 206 1.74 40.16 -33.17
C VAL F 206 2.24 38.71 -33.26
N ALA F 207 2.40 38.21 -34.47
CA ALA F 207 2.88 36.85 -34.71
C ALA F 207 4.39 36.83 -34.56
N VAL F 208 4.86 36.39 -33.39
CA VAL F 208 6.29 36.31 -33.09
C VAL F 208 6.65 34.84 -32.90
N GLY F 209 7.64 34.38 -33.66
CA GLY F 209 8.10 33.01 -33.59
C GLY F 209 7.37 32.04 -34.49
N GLN F 210 6.31 32.48 -35.18
CA GLN F 210 5.57 31.60 -36.06
C GLN F 210 6.30 31.41 -37.38
N LYS F 211 5.81 30.47 -38.18
CA LYS F 211 6.40 30.19 -39.48
C LYS F 211 5.94 31.21 -40.51
N ARG F 212 6.56 31.15 -41.69
CA ARG F 212 6.20 32.07 -42.77
C ARG F 212 4.89 31.68 -43.43
N SER F 213 4.60 30.38 -43.50
CA SER F 213 3.36 29.94 -44.13
C SER F 213 2.15 30.12 -43.21
N THR F 214 2.38 30.11 -41.90
CA THR F 214 1.27 30.28 -40.96
C THR F 214 0.82 31.73 -40.85
N VAL F 215 1.73 32.68 -41.11
CA VAL F 215 1.35 34.09 -41.03
C VAL F 215 0.57 34.52 -42.27
N ALA F 216 0.86 33.91 -43.43
CA ALA F 216 0.15 34.28 -44.65
C ALA F 216 -1.24 33.66 -44.71
N GLN F 217 -1.43 32.48 -44.12
CA GLN F 217 -2.73 31.84 -44.13
C GLN F 217 -3.69 32.46 -43.13
N LEU F 218 -3.17 33.01 -42.03
CA LEU F 218 -4.03 33.63 -41.02
C LEU F 218 -4.51 35.00 -41.45
N VAL F 219 -3.74 35.70 -42.29
CA VAL F 219 -4.16 37.02 -42.75
C VAL F 219 -5.21 36.93 -43.85
N GLN F 220 -5.23 35.81 -44.60
CA GLN F 220 -6.21 35.65 -45.66
C GLN F 220 -7.59 35.27 -45.12
N THR F 221 -7.64 34.61 -43.96
CA THR F 221 -8.91 34.22 -43.38
C THR F 221 -9.63 35.40 -42.74
N LEU F 222 -8.88 36.38 -42.21
CA LEU F 222 -9.52 37.53 -41.58
C LEU F 222 -10.02 38.54 -42.60
N GLU F 223 -9.41 38.59 -43.79
CA GLU F 223 -9.85 39.52 -44.81
C GLU F 223 -11.12 39.06 -45.51
N GLN F 224 -11.39 37.76 -45.52
CA GLN F 224 -12.59 37.24 -46.16
C GLN F 224 -13.83 37.41 -45.30
N ASN F 225 -13.68 37.62 -43.99
CA ASN F 225 -14.79 37.80 -43.08
C ASN F 225 -14.94 39.24 -42.62
N ASP F 226 -14.31 40.18 -43.34
CA ASP F 226 -14.37 41.61 -43.01
C ASP F 226 -13.86 41.87 -41.59
N ALA F 227 -12.59 41.50 -41.37
CA ALA F 227 -11.97 41.68 -40.07
C ALA F 227 -10.53 42.19 -40.15
N MET F 228 -9.97 42.35 -41.34
CA MET F 228 -8.60 42.84 -41.51
C MET F 228 -8.53 44.32 -41.84
N LYS F 229 -9.67 45.01 -41.91
CA LYS F 229 -9.67 46.43 -42.21
C LYS F 229 -9.36 47.29 -41.00
N TYR F 230 -9.52 46.77 -39.79
CA TYR F 230 -9.25 47.49 -38.56
C TYR F 230 -8.43 46.64 -37.60
N SER F 231 -7.38 45.99 -38.11
CA SER F 231 -6.52 45.15 -37.32
C SER F 231 -5.09 45.28 -37.81
N ILE F 232 -4.16 45.44 -36.88
CA ILE F 232 -2.74 45.59 -37.20
C ILE F 232 -2.07 44.23 -37.09
N VAL F 233 -1.25 43.89 -38.08
CA VAL F 233 -0.55 42.61 -38.14
C VAL F 233 0.94 42.90 -38.08
N VAL F 234 1.62 42.32 -37.09
CA VAL F 234 3.05 42.48 -36.90
C VAL F 234 3.72 41.16 -37.25
N ALA F 235 4.24 41.06 -38.46
CA ALA F 235 4.89 39.84 -38.92
C ALA F 235 6.30 39.75 -38.34
N ALA F 236 6.60 38.62 -37.67
CA ALA F 236 7.92 38.41 -37.06
C ALA F 236 8.17 36.90 -37.06
N THR F 237 8.66 36.40 -38.19
CA THR F 237 8.95 34.97 -38.33
C THR F 237 10.26 34.63 -37.63
N ALA F 238 10.52 33.33 -37.50
CA ALA F 238 11.73 32.84 -36.86
C ALA F 238 12.92 32.78 -37.81
N SER F 239 12.73 33.08 -39.09
CA SER F 239 13.81 33.05 -40.06
C SER F 239 14.63 34.33 -40.07
N GLU F 240 14.25 35.34 -39.31
CA GLU F 240 14.97 36.61 -39.26
C GLU F 240 16.01 36.54 -38.14
N ALA F 241 16.51 37.70 -37.70
CA ALA F 241 17.50 37.74 -36.64
C ALA F 241 16.83 37.61 -35.28
N ALA F 242 17.67 37.52 -34.24
CA ALA F 242 17.18 37.38 -32.88
C ALA F 242 16.70 38.74 -32.35
N PRO F 243 17.24 39.85 -32.87
CA PRO F 243 16.79 41.17 -32.39
C PRO F 243 15.44 41.60 -32.94
N LEU F 244 15.04 41.09 -34.10
CA LEU F 244 13.75 41.47 -34.68
C LEU F 244 12.60 40.78 -33.96
N GLN F 245 12.78 39.54 -33.52
CA GLN F 245 11.73 38.81 -32.83
C GLN F 245 11.57 39.28 -31.38
N TYR F 246 12.66 39.69 -30.74
CA TYR F 246 12.58 40.16 -29.36
C TYR F 246 11.98 41.55 -29.27
N LEU F 247 12.18 42.38 -30.30
CA LEU F 247 11.64 43.73 -30.32
C LEU F 247 10.26 43.81 -30.94
N ALA F 248 9.66 42.68 -31.31
CA ALA F 248 8.33 42.67 -31.90
C ALA F 248 7.28 42.97 -30.83
N PRO F 249 7.53 42.63 -29.57
CA PRO F 249 6.55 42.92 -28.52
C PRO F 249 6.53 44.38 -28.14
N PHE F 250 7.69 45.03 -28.16
CA PHE F 250 7.78 46.44 -27.82
C PHE F 250 7.31 47.34 -28.95
N THR F 251 7.50 46.91 -30.21
CA THR F 251 7.06 47.72 -31.34
C THR F 251 5.55 47.64 -31.54
N ALA F 252 4.95 46.49 -31.23
CA ALA F 252 3.50 46.35 -31.39
C ALA F 252 2.74 47.08 -30.29
N CYS F 253 3.35 47.24 -29.11
CA CYS F 253 2.68 47.94 -28.03
C CYS F 253 2.69 49.45 -28.23
N ALA F 254 3.66 49.97 -29.00
CA ALA F 254 3.71 51.40 -29.25
C ALA F 254 2.67 51.84 -30.26
N ILE F 255 2.33 50.97 -31.22
CA ILE F 255 1.32 51.32 -32.21
C ILE F 255 -0.08 51.26 -31.62
N ALA F 256 -0.33 50.33 -30.69
CA ALA F 256 -1.64 50.21 -30.08
C ALA F 256 -1.86 51.22 -28.96
N GLU F 257 -0.80 51.86 -28.47
CA GLU F 257 -0.92 52.84 -27.41
C GLU F 257 -1.43 54.19 -27.91
N TRP F 258 -1.42 54.42 -29.23
CA TRP F 258 -1.89 55.69 -29.76
C TRP F 258 -3.41 55.78 -29.70
N PHE F 259 -4.11 54.66 -29.81
CA PHE F 259 -5.57 54.68 -29.75
C PHE F 259 -6.08 54.79 -28.33
N ARG F 260 -5.35 54.25 -27.35
CA ARG F 260 -5.78 54.34 -25.96
C ARG F 260 -5.55 55.73 -25.38
N ASP F 261 -4.57 56.47 -25.90
CA ASP F 261 -4.27 57.81 -25.41
C ASP F 261 -5.10 58.88 -26.10
N ASN F 262 -5.92 58.52 -27.08
CA ASN F 262 -6.75 59.48 -27.79
C ASN F 262 -8.24 59.32 -27.54
N GLY F 263 -8.69 58.12 -27.19
CA GLY F 263 -10.10 57.89 -26.93
C GLY F 263 -10.65 56.69 -27.68
N LYS F 264 -9.95 55.57 -27.63
CA LYS F 264 -10.38 54.35 -28.32
C LYS F 264 -9.82 53.14 -27.59
N HIS F 265 -10.40 51.98 -27.86
CA HIS F 265 -9.98 50.73 -27.26
C HIS F 265 -9.09 49.95 -28.22
N ALA F 266 -8.16 49.19 -27.65
CA ALA F 266 -7.24 48.38 -28.42
C ALA F 266 -7.10 47.01 -27.77
N LEU F 267 -6.79 46.01 -28.60
CA LEU F 267 -6.62 44.63 -28.15
C LEU F 267 -5.36 44.07 -28.78
N ILE F 268 -4.34 43.81 -27.97
CA ILE F 268 -3.07 43.28 -28.43
C ILE F 268 -3.02 41.79 -28.12
N VAL F 269 -2.52 41.01 -29.08
CA VAL F 269 -2.41 39.56 -28.94
C VAL F 269 -0.96 39.20 -29.24
N TYR F 270 -0.18 38.91 -28.19
CA TYR F 270 1.23 38.55 -28.34
C TYR F 270 1.32 37.03 -28.43
N ASP F 271 1.32 36.53 -29.66
CA ASP F 271 1.41 35.10 -29.93
C ASP F 271 2.76 34.81 -30.59
N ASP F 272 3.65 34.16 -29.86
CA ASP F 272 3.36 33.72 -28.49
C ASP F 272 4.38 34.30 -27.50
N LEU F 273 4.07 34.21 -26.22
CA LEU F 273 4.98 34.73 -25.20
C LEU F 273 6.18 33.80 -24.99
N SER F 274 6.03 32.52 -25.31
CA SER F 274 7.14 31.59 -25.15
C SER F 274 8.19 31.78 -26.25
N LYS F 275 7.78 32.21 -27.44
CA LYS F 275 8.72 32.43 -28.53
C LYS F 275 9.54 33.69 -28.34
N GLN F 276 8.99 34.69 -27.63
CA GLN F 276 9.73 35.93 -27.40
C GLN F 276 10.82 35.75 -26.36
N ALA F 277 10.65 34.81 -25.42
CA ALA F 277 11.66 34.59 -24.41
C ALA F 277 12.87 33.84 -24.96
N VAL F 278 12.67 33.01 -25.99
CA VAL F 278 13.79 32.29 -26.57
C VAL F 278 14.61 33.18 -27.47
N ALA F 279 13.99 34.20 -28.07
CA ALA F 279 14.75 35.11 -28.94
C ALA F 279 15.58 36.09 -28.13
N TYR F 280 15.11 36.47 -26.93
CA TYR F 280 15.88 37.40 -26.11
C TYR F 280 17.06 36.72 -25.44
N ARG F 281 16.96 35.41 -25.19
CA ARG F 281 18.05 34.68 -24.56
C ARG F 281 19.19 34.37 -25.53
N GLN F 282 18.92 34.42 -26.84
CA GLN F 282 19.98 34.14 -27.81
C GLN F 282 20.95 35.30 -27.92
N LEU F 283 20.45 36.54 -27.87
CA LEU F 283 21.31 37.70 -27.96
C LEU F 283 22.07 37.95 -26.65
N SER F 284 21.50 37.54 -25.51
CA SER F 284 22.17 37.73 -24.23
C SER F 284 23.25 36.69 -23.99
N LEU F 285 23.08 35.47 -24.51
CA LEU F 285 24.09 34.44 -24.32
C LEU F 285 25.33 34.68 -25.17
N LEU F 286 25.18 35.37 -26.30
CA LEU F 286 26.32 35.67 -27.17
C LEU F 286 27.12 36.87 -26.70
N LEU F 287 26.61 37.66 -25.77
CA LEU F 287 27.32 38.83 -25.25
C LEU F 287 28.02 38.55 -23.93
N ARG F 288 28.22 37.27 -23.58
CA ARG F 288 28.87 36.84 -22.35
C ARG F 288 28.16 37.43 -21.13
N ARG F 289 27.04 36.78 -20.79
CA ARG F 289 26.23 37.19 -19.65
C ARG F 289 26.07 36.02 -18.68
N PRO F 290 25.37 36.21 -17.57
CA PRO F 290 25.18 35.12 -16.61
C PRO F 290 23.85 34.43 -16.83
N PRO F 291 23.86 33.11 -17.06
CA PRO F 291 22.60 32.40 -17.27
C PRO F 291 22.04 31.82 -15.98
N GLY F 292 20.79 32.19 -15.66
CA GLY F 292 20.17 31.70 -14.45
C GLY F 292 19.38 30.42 -14.66
N ARG F 293 18.09 30.44 -14.33
CA ARG F 293 17.26 29.26 -14.48
C ARG F 293 16.85 29.08 -15.94
N GLU F 294 16.92 27.82 -16.40
CA GLU F 294 16.56 27.46 -17.77
C GLU F 294 17.37 28.24 -18.80
N ALA F 295 18.63 28.52 -18.48
CA ALA F 295 19.55 29.26 -19.37
C ALA F 295 18.96 30.61 -19.76
N TYR F 296 18.54 31.37 -18.77
CA TYR F 296 17.97 32.69 -18.99
C TYR F 296 18.74 33.75 -18.21
N PRO F 297 18.74 34.99 -18.68
CA PRO F 297 19.47 36.06 -17.98
C PRO F 297 18.67 36.56 -16.79
N GLY F 298 19.28 37.50 -16.06
CA GLY F 298 18.64 38.07 -14.88
C GLY F 298 17.51 39.02 -15.20
N ASP F 299 17.49 39.59 -16.42
CA ASP F 299 16.45 40.51 -16.84
C ASP F 299 15.37 39.82 -17.67
N VAL F 300 15.12 38.54 -17.43
CA VAL F 300 14.10 37.82 -18.18
C VAL F 300 12.71 38.18 -17.68
N PHE F 301 12.56 38.37 -16.37
CA PHE F 301 11.25 38.74 -15.83
C PHE F 301 10.92 40.20 -16.04
N TYR F 302 11.94 41.06 -16.22
CA TYR F 302 11.70 42.47 -16.43
C TYR F 302 11.31 42.80 -17.86
N LEU F 303 11.61 41.90 -18.81
CA LEU F 303 11.26 42.16 -20.20
C LEU F 303 9.77 41.91 -20.46
N HIS F 304 9.18 40.94 -19.77
CA HIS F 304 7.76 40.64 -19.95
C HIS F 304 6.86 41.48 -19.05
N SER F 305 7.37 41.94 -17.90
CA SER F 305 6.57 42.75 -16.99
C SER F 305 6.47 44.20 -17.45
N ARG F 306 7.48 44.70 -18.16
CA ARG F 306 7.46 46.08 -18.62
C ARG F 306 6.55 46.24 -19.84
N LEU F 307 6.47 45.23 -20.71
CA LEU F 307 5.62 45.32 -21.88
C LEU F 307 4.16 45.07 -21.58
N LEU F 308 3.85 44.35 -20.49
CA LEU F 308 2.48 44.07 -20.12
C LEU F 308 1.88 45.12 -19.20
N GLU F 309 2.71 45.94 -18.56
CA GLU F 309 2.20 46.97 -17.66
C GLU F 309 1.64 48.18 -18.40
N ARG F 310 2.02 48.37 -19.66
CA ARG F 310 1.52 49.50 -20.44
C ARG F 310 0.09 49.29 -20.93
N ALA F 311 -0.39 48.05 -20.97
CA ALA F 311 -1.74 47.76 -21.43
C ALA F 311 -2.69 47.86 -20.23
N ALA F 312 -3.07 49.10 -19.93
CA ALA F 312 -3.97 49.39 -18.83
C ALA F 312 -5.10 50.29 -19.31
N LYS F 313 -6.06 50.55 -18.42
CA LYS F 313 -7.20 51.39 -18.73
C LYS F 313 -6.97 52.78 -18.14
N MET F 314 -7.02 53.79 -19.00
CA MET F 314 -6.81 55.16 -18.57
C MET F 314 -8.08 55.71 -17.91
N SER F 315 -7.93 56.85 -17.24
CA SER F 315 -9.04 57.51 -16.57
C SER F 315 -9.75 58.46 -17.53
N ASP F 316 -10.68 59.25 -17.01
CA ASP F 316 -11.42 60.19 -17.84
C ASP F 316 -10.60 61.42 -18.22
N ALA F 317 -9.56 61.74 -17.45
CA ALA F 317 -8.73 62.90 -17.74
C ALA F 317 -7.63 62.61 -18.77
N ASN F 318 -7.42 61.34 -19.13
CA ASN F 318 -6.41 60.97 -20.10
C ASN F 318 -6.97 60.62 -21.46
N GLY F 319 -8.30 60.55 -21.60
CA GLY F 319 -8.91 60.22 -22.87
C GLY F 319 -10.02 59.18 -22.74
N GLY F 320 -9.87 58.27 -21.78
CA GLY F 320 -10.86 57.24 -21.56
C GLY F 320 -10.62 55.95 -22.31
N GLY F 321 -9.47 55.80 -22.97
CA GLY F 321 -9.18 54.59 -23.70
C GLY F 321 -8.55 53.50 -22.85
N SER F 322 -8.39 52.33 -23.45
CA SER F 322 -7.80 51.19 -22.77
C SER F 322 -7.09 50.31 -23.79
N LEU F 323 -6.24 49.42 -23.27
CA LEU F 323 -5.48 48.50 -24.10
C LEU F 323 -5.52 47.12 -23.47
N THR F 324 -5.99 46.14 -24.22
CA THR F 324 -6.10 44.76 -23.74
C THR F 324 -4.94 43.94 -24.28
N ALA F 325 -4.37 43.11 -23.40
CA ALA F 325 -3.24 42.25 -23.74
C ALA F 325 -3.67 40.79 -23.64
N LEU F 326 -3.37 40.02 -24.68
CA LEU F 326 -3.71 38.60 -24.75
C LEU F 326 -2.45 37.82 -25.07
N PRO F 327 -1.65 37.49 -24.06
CA PRO F 327 -0.42 36.73 -24.30
C PRO F 327 -0.65 35.22 -24.23
N VAL F 328 -0.08 34.51 -25.19
CA VAL F 328 -0.19 33.07 -25.30
C VAL F 328 1.11 32.45 -24.82
N ILE F 329 1.03 31.56 -23.84
CA ILE F 329 2.19 30.87 -23.27
C ILE F 329 2.13 29.42 -23.73
N GLU F 330 3.21 28.97 -24.37
CA GLU F 330 3.31 27.60 -24.86
C GLU F 330 3.98 26.74 -23.81
N THR F 331 3.18 25.94 -23.10
CA THR F 331 3.72 25.07 -22.06
C THR F 331 4.27 23.79 -22.67
N GLN F 332 5.24 23.20 -21.95
CA GLN F 332 5.88 21.96 -22.39
C GLN F 332 5.32 20.82 -21.55
N GLY F 333 4.25 20.20 -22.04
CA GLY F 333 3.63 19.10 -21.34
C GLY F 333 2.77 19.50 -20.17
N GLY F 334 2.21 20.72 -20.19
CA GLY F 334 1.37 21.18 -19.11
C GLY F 334 2.11 21.64 -17.88
N ASP F 335 3.41 21.92 -18.00
CA ASP F 335 4.22 22.38 -16.87
C ASP F 335 3.95 23.86 -16.65
N VAL F 336 3.01 24.14 -15.73
CA VAL F 336 2.66 25.53 -15.43
C VAL F 336 3.58 26.16 -14.39
N SER F 337 4.47 25.39 -13.79
CA SER F 337 5.40 25.88 -12.77
C SER F 337 6.81 26.03 -13.33
N ALA F 338 6.94 26.54 -14.56
CA ALA F 338 8.24 26.72 -15.18
C ALA F 338 8.75 28.14 -14.90
N TYR F 339 9.90 28.48 -15.49
CA TYR F 339 10.47 29.81 -15.28
C TYR F 339 9.74 30.87 -16.09
N ILE F 340 9.37 30.55 -17.33
CA ILE F 340 8.66 31.49 -18.20
C ILE F 340 7.16 31.38 -17.93
N PRO F 341 6.70 30.30 -17.30
CA PRO F 341 5.26 30.18 -17.04
C PRO F 341 4.83 30.94 -15.80
N THR F 342 5.67 30.91 -14.75
CA THR F 342 5.36 31.61 -13.51
C THR F 342 5.59 33.10 -13.60
N ASN F 343 6.43 33.56 -14.54
CA ASN F 343 6.69 34.98 -14.67
C ASN F 343 5.55 35.72 -15.38
N VAL F 344 4.87 35.05 -16.31
CA VAL F 344 3.77 35.70 -17.03
C VAL F 344 2.48 35.62 -16.22
N ILE F 345 2.35 34.62 -15.34
CA ILE F 345 1.13 34.50 -14.55
C ILE F 345 1.13 35.43 -13.35
N SER F 346 2.29 35.88 -12.89
CA SER F 346 2.38 36.78 -11.75
C SER F 346 2.24 38.25 -12.14
N ILE F 347 2.22 38.56 -13.43
CA ILE F 347 2.09 39.94 -13.88
C ILE F 347 0.76 40.21 -14.57
N THR F 348 0.04 39.18 -15.00
CA THR F 348 -1.25 39.33 -15.67
C THR F 348 -2.39 39.12 -14.68
N ASP F 349 -3.53 39.74 -14.98
CA ASP F 349 -4.71 39.62 -14.12
C ASP F 349 -5.61 38.50 -14.65
N GLY F 350 -5.17 37.29 -14.42
CA GLY F 350 -5.87 36.10 -14.84
C GLY F 350 -5.17 35.40 -15.99
N GLN F 351 -5.60 34.16 -16.23
CA GLN F 351 -5.05 33.33 -17.29
C GLN F 351 -6.11 32.36 -17.77
N ILE F 352 -5.89 31.81 -18.96
CA ILE F 352 -6.80 30.86 -19.59
C ILE F 352 -5.98 29.59 -19.87
N PHE F 353 -6.12 28.59 -19.00
CA PHE F 353 -5.39 27.35 -19.16
C PHE F 353 -6.05 26.49 -20.24
N LEU F 354 -5.25 25.94 -21.14
CA LEU F 354 -5.72 25.10 -22.24
C LEU F 354 -5.11 23.71 -22.06
N GLU F 355 -5.85 22.80 -21.44
CA GLU F 355 -5.37 21.45 -21.22
C GLU F 355 -5.44 20.63 -22.51
N ALA F 356 -4.46 19.76 -22.71
CA ALA F 356 -4.40 18.92 -23.88
C ALA F 356 -5.18 17.62 -23.74
N GLU F 357 -5.68 17.32 -22.54
CA GLU F 357 -6.44 16.09 -22.34
C GLU F 357 -7.87 16.23 -22.85
N LEU F 358 -8.53 17.35 -22.56
CA LEU F 358 -9.89 17.58 -23.01
C LEU F 358 -9.98 18.07 -24.44
N PHE F 359 -8.86 18.50 -25.03
CA PHE F 359 -8.88 18.98 -26.41
C PHE F 359 -8.96 17.84 -27.42
N TYR F 360 -8.48 16.66 -27.05
CA TYR F 360 -8.51 15.49 -27.94
C TYR F 360 -9.81 14.71 -27.85
N LYS F 361 -10.68 15.03 -26.91
CA LYS F 361 -11.95 14.32 -26.75
C LYS F 361 -13.11 15.01 -27.46
N GLY F 362 -12.90 16.22 -27.99
CA GLY F 362 -13.93 16.95 -28.69
C GLY F 362 -14.37 18.22 -28.01
N ILE F 363 -13.93 18.47 -26.77
CA ILE F 363 -14.30 19.68 -26.04
C ILE F 363 -13.45 20.84 -26.54
N ARG F 364 -13.95 21.55 -27.56
CA ARG F 364 -13.25 22.69 -28.12
C ARG F 364 -14.01 23.97 -27.81
N PRO F 365 -13.39 24.94 -27.12
CA PRO F 365 -12.01 24.85 -26.63
C PRO F 365 -11.92 24.27 -25.22
N ALA F 366 -10.84 23.54 -24.96
CA ALA F 366 -10.62 22.92 -23.65
C ALA F 366 -10.23 24.00 -22.66
N ILE F 367 -11.22 24.54 -21.97
CA ILE F 367 -11.04 25.59 -20.97
C ILE F 367 -11.33 24.99 -19.60
N ASN F 368 -10.29 24.84 -18.78
CA ASN F 368 -10.44 24.28 -17.45
C ASN F 368 -11.09 25.31 -16.52
N VAL F 369 -12.20 24.92 -15.89
CA VAL F 369 -12.88 25.82 -14.98
C VAL F 369 -12.17 25.90 -13.63
N GLY F 370 -11.44 24.84 -13.26
CA GLY F 370 -10.73 24.83 -12.00
C GLY F 370 -9.36 25.48 -12.03
N LEU F 371 -8.88 25.89 -13.20
CA LEU F 371 -7.57 26.52 -13.35
C LEU F 371 -7.65 27.93 -13.88
N SER F 372 -8.50 28.18 -14.87
CA SER F 372 -8.63 29.52 -15.45
C SER F 372 -9.57 30.37 -14.60
N VAL F 373 -9.15 31.61 -14.34
CA VAL F 373 -9.92 32.56 -13.55
C VAL F 373 -9.66 33.97 -14.09
N SER F 374 -10.48 34.92 -13.68
CA SER F 374 -10.36 36.31 -14.10
C SER F 374 -10.44 37.21 -12.88
N ARG F 375 -9.47 38.11 -12.74
CA ARG F 375 -9.45 39.03 -11.60
C ARG F 375 -10.46 40.15 -11.79
N VAL F 376 -10.31 40.93 -12.86
CA VAL F 376 -11.20 42.05 -13.14
C VAL F 376 -12.16 41.66 -14.26
N GLY F 377 -12.75 40.47 -14.14
CA GLY F 377 -13.68 39.99 -15.15
C GLY F 377 -15.12 39.96 -14.66
N SER F 378 -15.30 40.09 -13.35
CA SER F 378 -16.65 40.07 -12.78
C SER F 378 -17.37 41.40 -13.00
N ALA F 379 -16.68 42.51 -12.72
CA ALA F 379 -17.28 43.83 -12.89
C ALA F 379 -17.22 44.32 -14.33
N ALA F 380 -16.36 43.73 -15.15
CA ALA F 380 -16.22 44.10 -16.56
C ALA F 380 -16.93 43.13 -17.49
N GLN F 381 -18.13 42.70 -17.12
CA GLN F 381 -18.92 41.77 -17.91
C GLN F 381 -20.33 42.33 -18.10
N VAL F 382 -21.12 41.64 -18.90
CA VAL F 382 -22.49 42.06 -19.16
C VAL F 382 -23.39 41.61 -18.02
N LYS F 383 -24.41 42.42 -17.72
CA LYS F 383 -25.33 42.10 -16.64
C LYS F 383 -26.35 41.06 -17.05
N ALA F 384 -26.58 40.90 -18.36
CA ALA F 384 -27.56 39.91 -18.82
C ALA F 384 -26.96 38.51 -18.82
N MET F 385 -25.66 38.39 -19.11
CA MET F 385 -25.02 37.09 -19.12
C MET F 385 -24.63 36.62 -17.72
N LYS F 386 -24.39 37.55 -16.80
CA LYS F 386 -24.03 37.18 -15.43
C LYS F 386 -25.25 36.80 -14.61
N GLN F 387 -26.43 37.32 -14.96
CA GLN F 387 -27.63 36.99 -14.21
C GLN F 387 -28.18 35.62 -14.61
N VAL F 388 -28.05 35.26 -15.89
CA VAL F 388 -28.56 33.97 -16.34
C VAL F 388 -27.61 32.84 -15.96
N ALA F 389 -26.32 33.14 -15.81
CA ALA F 389 -25.33 32.12 -15.43
C ALA F 389 -24.99 32.24 -13.94
N GLY F 390 -25.97 31.93 -13.11
CA GLY F 390 -25.79 31.99 -11.68
C GLY F 390 -24.97 30.81 -11.18
N SER F 391 -23.81 31.08 -10.59
CA SER F 391 -22.93 30.04 -10.06
C SER F 391 -22.55 29.03 -11.13
N LEU F 392 -22.19 29.53 -12.32
CA LEU F 392 -21.80 28.65 -13.41
C LEU F 392 -20.34 28.23 -13.30
N LYS F 393 -19.49 29.08 -12.70
CA LYS F 393 -18.09 28.74 -12.55
C LYS F 393 -17.86 27.77 -11.39
N LEU F 394 -18.71 27.82 -10.37
CA LEU F 394 -18.56 26.91 -9.24
C LEU F 394 -19.18 25.54 -9.52
N PHE F 395 -20.22 25.50 -10.36
CA PHE F 395 -20.86 24.23 -10.68
C PHE F 395 -20.08 23.48 -11.75
N LEU F 396 -19.27 24.19 -12.54
CA LEU F 396 -18.50 23.52 -13.59
C LEU F 396 -17.26 22.84 -13.01
N ALA F 397 -16.68 23.41 -11.96
CA ALA F 397 -15.51 22.80 -11.35
C ALA F 397 -15.88 21.64 -10.43
N GLN F 398 -17.07 21.68 -9.82
CA GLN F 398 -17.49 20.60 -8.94
C GLN F 398 -18.02 19.40 -9.72
N TYR F 399 -18.51 19.63 -10.95
CA TYR F 399 -19.03 18.52 -11.74
C TYR F 399 -17.90 17.71 -12.40
N ARG F 400 -16.73 18.33 -12.55
CA ARG F 400 -15.61 17.60 -13.17
C ARG F 400 -14.93 16.66 -12.18
N GLU F 401 -14.92 17.02 -10.89
CA GLU F 401 -14.30 16.15 -9.89
C GLU F 401 -15.21 15.00 -9.49
N VAL F 402 -16.53 15.18 -9.59
CA VAL F 402 -17.44 14.10 -9.22
C VAL F 402 -17.58 13.09 -10.36
N ALA F 403 -17.42 13.52 -11.60
CA ALA F 403 -17.54 12.60 -12.73
C ALA F 403 -16.29 11.75 -12.93
N ALA F 404 -15.13 12.20 -12.45
CA ALA F 404 -13.91 11.42 -12.60
C ALA F 404 -13.81 10.28 -11.60
N PHE F 405 -14.56 10.33 -10.50
CA PHE F 405 -14.54 9.29 -9.49
C PHE F 405 -15.77 8.39 -9.54
N ALA F 406 -16.66 8.61 -10.51
CA ALA F 406 -17.86 7.80 -10.63
C ALA F 406 -17.81 6.91 -11.87
N LEU F 412 -24.13 4.81 -8.15
CA LEU F 412 -25.07 5.71 -8.81
C LEU F 412 -26.10 6.24 -7.83
N ASP F 413 -25.76 7.34 -7.16
CA ASP F 413 -26.65 7.96 -6.19
C ASP F 413 -27.68 8.85 -6.89
N ALA F 414 -28.66 9.30 -6.12
CA ALA F 414 -29.70 10.15 -6.68
C ALA F 414 -29.21 11.60 -6.80
N SER F 415 -28.35 12.03 -5.89
CA SER F 415 -27.83 13.40 -5.96
C SER F 415 -26.73 13.53 -7.00
N THR F 416 -25.97 12.47 -7.23
CA THR F 416 -24.89 12.53 -8.23
C THR F 416 -25.42 12.39 -9.65
N LYS F 417 -26.61 11.84 -9.82
CA LYS F 417 -27.16 11.69 -11.17
C LYS F 417 -27.72 13.00 -11.70
N GLN F 418 -28.13 13.90 -10.81
CA GLN F 418 -28.66 15.19 -11.26
C GLN F 418 -27.54 16.14 -11.67
N THR F 419 -26.40 16.06 -10.99
CA THR F 419 -25.28 16.93 -11.34
C THR F 419 -24.54 16.43 -12.58
N LEU F 420 -24.58 15.12 -12.84
CA LEU F 420 -23.90 14.58 -14.02
C LEU F 420 -24.70 14.84 -15.30
N SER F 421 -26.03 14.88 -15.19
CA SER F 421 -26.85 15.12 -16.37
C SER F 421 -26.85 16.60 -16.75
N ARG F 422 -26.85 17.49 -15.75
CA ARG F 422 -26.83 18.92 -16.04
C ARG F 422 -25.45 19.41 -16.44
N GLY F 423 -24.39 18.76 -15.93
CA GLY F 423 -23.05 19.19 -16.29
C GLY F 423 -22.63 18.76 -17.67
N GLU F 424 -23.20 17.65 -18.17
CA GLU F 424 -22.84 17.17 -19.51
C GLU F 424 -23.50 18.01 -20.60
N ARG F 425 -24.71 18.51 -20.34
CA ARG F 425 -25.40 19.33 -21.33
C ARG F 425 -24.84 20.75 -21.40
N LEU F 426 -24.31 21.26 -20.29
CA LEU F 426 -23.76 22.60 -20.28
C LEU F 426 -22.39 22.66 -20.94
N THR F 427 -21.61 21.58 -20.87
CA THR F 427 -20.29 21.57 -21.48
C THR F 427 -20.37 21.39 -22.99
N GLN F 428 -21.38 20.66 -23.48
CA GLN F 428 -21.52 20.44 -24.91
C GLN F 428 -22.15 21.64 -25.60
N LEU F 429 -23.01 22.38 -24.90
CA LEU F 429 -23.64 23.56 -25.50
C LEU F 429 -22.70 24.74 -25.57
N LEU F 430 -21.74 24.83 -24.64
CA LEU F 430 -20.78 25.93 -24.64
C LEU F 430 -19.63 25.74 -25.61
N LYS F 431 -19.47 24.54 -26.16
CA LYS F 431 -18.40 24.24 -27.11
C LYS F 431 -18.85 24.66 -28.50
N GLN F 432 -18.20 25.67 -29.05
CA GLN F 432 -18.50 26.19 -30.38
C GLN F 432 -17.44 25.74 -31.38
N LYS F 433 -17.77 25.89 -32.66
CA LYS F 433 -16.86 25.51 -33.73
C LYS F 433 -15.87 26.63 -34.01
N GLN F 434 -14.96 26.40 -34.95
CA GLN F 434 -13.97 27.38 -35.32
C GLN F 434 -14.58 28.46 -36.19
N TYR F 435 -14.21 29.72 -35.91
CA TYR F 435 -14.71 30.89 -36.64
C TYR F 435 -16.23 30.96 -36.62
N SER F 436 -16.80 30.74 -35.43
CA SER F 436 -18.26 30.78 -35.24
C SER F 436 -18.56 31.49 -33.93
N PRO F 437 -18.35 32.80 -33.87
CA PRO F 437 -18.60 33.55 -32.64
C PRO F 437 -20.06 33.97 -32.51
N GLN F 438 -20.52 34.01 -31.26
CA GLN F 438 -21.88 34.39 -30.93
C GLN F 438 -21.89 35.74 -30.22
N ALA F 439 -23.05 36.40 -30.27
CA ALA F 439 -23.22 37.70 -29.65
C ALA F 439 -23.60 37.53 -28.18
N SER F 440 -23.85 38.66 -27.51
CA SER F 440 -24.23 38.60 -26.10
C SER F 440 -25.70 38.24 -25.92
N GLU F 441 -26.54 38.53 -26.92
CA GLU F 441 -27.96 38.21 -26.83
C GLU F 441 -28.23 36.75 -27.14
N GLU F 442 -27.45 36.14 -28.02
CA GLU F 442 -27.66 34.73 -28.35
C GLU F 442 -27.07 33.79 -27.30
N GLN F 443 -26.00 34.22 -26.62
CA GLN F 443 -25.37 33.38 -25.60
C GLN F 443 -26.09 33.45 -24.27
N VAL F 444 -26.93 34.46 -24.06
CA VAL F 444 -27.66 34.60 -22.80
C VAL F 444 -28.89 33.69 -22.84
N PRO F 445 -29.43 33.39 -24.03
CA PRO F 445 -30.60 32.51 -24.09
C PRO F 445 -30.22 31.03 -24.03
N VAL F 446 -28.99 30.72 -24.45
CA VAL F 446 -28.54 29.33 -24.43
C VAL F 446 -28.01 28.95 -23.06
N ILE F 447 -27.46 29.91 -22.31
CA ILE F 447 -26.93 29.60 -20.99
C ILE F 447 -28.04 29.59 -19.93
N TYR F 448 -29.19 30.22 -20.20
CA TYR F 448 -30.28 30.23 -19.23
C TYR F 448 -31.09 28.94 -19.28
N ALA F 449 -31.08 28.24 -20.41
CA ALA F 449 -31.84 27.00 -20.51
C ALA F 449 -31.09 25.84 -19.87
N GLY F 450 -29.77 25.83 -19.96
CA GLY F 450 -28.99 24.75 -19.37
C GLY F 450 -28.82 24.85 -17.87
N VAL F 451 -29.01 26.04 -17.30
CA VAL F 451 -28.87 26.21 -15.85
C VAL F 451 -30.20 26.10 -15.11
N ASN F 452 -31.33 26.20 -15.82
CA ASN F 452 -32.64 26.11 -15.21
C ASN F 452 -33.27 24.74 -15.35
N GLY F 453 -32.60 23.81 -16.03
CA GLY F 453 -33.13 22.47 -16.20
C GLY F 453 -33.99 22.27 -17.44
N PHE F 454 -33.91 23.19 -18.40
CA PHE F 454 -34.70 23.08 -19.63
C PHE F 454 -34.05 22.18 -20.67
N LEU F 455 -32.79 21.79 -20.48
CA LEU F 455 -32.08 20.94 -21.41
C LEU F 455 -31.77 19.56 -20.85
N ASP F 456 -32.34 19.22 -19.68
CA ASP F 456 -32.09 17.91 -19.09
C ASP F 456 -32.89 16.82 -19.75
N ASN F 457 -34.04 17.14 -20.34
CA ASN F 457 -34.87 16.15 -21.00
C ASN F 457 -34.40 15.81 -22.41
N ILE F 458 -33.52 16.63 -22.99
CA ILE F 458 -33.01 16.38 -24.34
C ILE F 458 -31.88 15.36 -24.26
N PRO F 459 -31.49 14.75 -25.37
CA PRO F 459 -30.41 13.76 -25.34
C PRO F 459 -29.04 14.43 -25.36
N ILE F 460 -28.01 13.60 -25.21
CA ILE F 460 -26.64 14.11 -25.21
C ILE F 460 -26.18 14.42 -26.63
N GLU F 461 -26.61 13.62 -27.61
CA GLU F 461 -26.21 13.85 -28.99
C GLU F 461 -26.99 14.98 -29.66
N ARG F 462 -28.12 15.39 -29.09
CA ARG F 462 -28.93 16.45 -29.63
C ARG F 462 -28.63 17.81 -29.00
N ILE F 463 -27.46 17.97 -28.40
CA ILE F 463 -27.08 19.22 -27.76
C ILE F 463 -26.67 20.22 -28.83
N PRO F 464 -26.12 19.77 -29.96
CA PRO F 464 -25.73 20.72 -31.02
C PRO F 464 -26.92 21.17 -31.86
N GLU F 465 -27.90 20.28 -32.01
CA GLU F 465 -29.08 20.64 -32.78
C GLU F 465 -30.05 21.50 -31.99
N PHE F 466 -30.00 21.42 -30.65
CA PHE F 466 -30.90 22.24 -29.84
C PHE F 466 -30.42 23.68 -29.75
N GLU F 467 -29.12 23.91 -29.94
CA GLU F 467 -28.59 25.27 -29.87
C GLU F 467 -28.93 26.06 -31.13
N GLU F 468 -28.92 25.39 -32.29
CA GLU F 468 -29.25 26.07 -33.54
C GLU F 468 -30.75 26.27 -33.70
N GLN F 469 -31.56 25.38 -33.14
CA GLN F 469 -33.00 25.51 -33.24
C GLN F 469 -33.55 26.58 -32.30
N PHE F 470 -32.95 26.74 -31.12
CA PHE F 470 -33.42 27.75 -30.18
C PHE F 470 -33.00 29.16 -30.59
N ILE F 471 -31.86 29.29 -31.29
CA ILE F 471 -31.43 30.61 -31.72
C ILE F 471 -32.22 31.11 -32.91
N ALA F 472 -32.66 30.19 -33.79
CA ALA F 472 -33.44 30.60 -34.95
C ALA F 472 -34.89 30.92 -34.58
N TYR F 473 -35.46 30.22 -33.60
CA TYR F 473 -36.83 30.48 -33.19
C TYR F 473 -36.95 31.76 -32.37
N LEU F 474 -35.90 32.14 -31.66
CA LEU F 474 -35.92 33.36 -30.85
C LEU F 474 -35.68 34.62 -31.68
N LYS F 475 -35.19 34.50 -32.91
CA LYS F 475 -34.93 35.64 -33.77
C LYS F 475 -36.14 35.99 -34.64
N ALA F 476 -37.18 35.16 -34.64
CA ALA F 476 -38.36 35.41 -35.47
C ALA F 476 -39.67 35.47 -34.68
N ASN F 477 -39.85 34.65 -33.65
CA ASN F 477 -41.09 34.64 -32.88
C ASN F 477 -41.02 35.47 -31.61
N GLU F 478 -39.84 35.92 -31.21
CA GLU F 478 -39.66 36.72 -30.01
C GLU F 478 -38.47 37.67 -30.20
N GLY F 479 -38.57 38.54 -31.20
CA GLY F 479 -37.50 39.47 -31.48
C GLY F 479 -37.38 40.61 -30.47
N ASP F 480 -38.43 40.86 -29.69
CA ASP F 480 -38.39 41.93 -28.70
C ASP F 480 -37.57 41.55 -27.48
N ILE F 481 -37.43 40.24 -27.21
CA ILE F 481 -36.65 39.81 -26.05
C ILE F 481 -35.17 39.77 -26.38
N LEU F 482 -34.81 39.47 -27.63
CA LEU F 482 -33.41 39.42 -28.01
C LEU F 482 -32.81 40.81 -28.20
N GLU F 483 -33.60 41.77 -28.66
CA GLU F 483 -33.11 43.13 -28.86
C GLU F 483 -32.99 43.89 -27.56
N ALA F 484 -33.79 43.53 -26.55
CA ALA F 484 -33.73 44.22 -25.27
C ALA F 484 -32.53 43.78 -24.43
N ILE F 485 -32.05 42.56 -24.62
CA ILE F 485 -30.90 42.08 -23.86
C ILE F 485 -29.59 42.62 -24.39
N ARG F 486 -29.55 43.07 -25.65
CA ARG F 486 -28.33 43.61 -26.24
C ARG F 486 -28.24 45.12 -26.11
N THR F 487 -29.37 45.82 -26.10
CA THR F 487 -29.35 47.28 -25.98
C THR F 487 -29.22 47.72 -24.53
N LYS F 488 -30.05 47.16 -23.65
CA LYS F 488 -29.99 47.52 -22.24
C LYS F 488 -28.85 46.82 -21.52
N GLY F 489 -28.59 45.56 -21.88
CA GLY F 489 -27.53 44.79 -21.25
C GLY F 489 -27.90 44.08 -19.97
N GLU F 490 -29.16 44.17 -19.55
CA GLU F 490 -29.61 43.52 -18.32
C GLU F 490 -31.02 43.00 -18.53
N LEU F 491 -31.51 42.24 -17.55
CA LEU F 491 -32.85 41.66 -17.57
C LEU F 491 -33.52 41.91 -16.23
N SER F 492 -34.69 42.54 -16.26
CA SER F 492 -35.43 42.82 -15.03
C SER F 492 -36.44 41.72 -14.75
N SER F 493 -37.57 42.09 -14.13
CA SER F 493 -38.59 41.11 -13.83
C SER F 493 -39.42 40.75 -15.05
N GLU F 494 -39.64 41.71 -15.95
CA GLU F 494 -40.42 41.44 -17.16
C GLU F 494 -39.60 40.70 -18.21
N LEU F 495 -38.29 40.92 -18.26
CA LEU F 495 -37.44 40.23 -19.23
C LEU F 495 -37.14 38.80 -18.82
N LEU F 496 -37.11 38.52 -17.51
CA LEU F 496 -36.83 37.17 -17.04
C LEU F 496 -38.04 36.26 -17.19
N ASP F 497 -39.25 36.81 -17.08
CA ASP F 497 -40.45 36.01 -17.22
C ASP F 497 -40.77 35.68 -18.67
N LYS F 498 -40.38 36.54 -19.60
CA LYS F 498 -40.64 36.28 -21.01
C LYS F 498 -39.66 35.27 -21.59
N LEU F 499 -38.45 35.19 -21.04
CA LEU F 499 -37.47 34.23 -21.55
C LEU F 499 -37.76 32.81 -21.08
N LYS F 500 -38.39 32.67 -19.90
CA LYS F 500 -38.72 31.34 -19.39
C LYS F 500 -39.92 30.73 -20.10
N SER F 501 -40.86 31.56 -20.55
CA SER F 501 -42.03 31.04 -21.24
C SER F 501 -41.73 30.63 -22.67
N ALA F 502 -40.78 31.32 -23.33
CA ALA F 502 -40.44 30.97 -24.70
C ALA F 502 -39.57 29.72 -24.78
N THR F 503 -38.73 29.49 -23.77
CA THR F 503 -37.87 28.31 -23.78
C THR F 503 -38.64 27.04 -23.42
N GLU F 504 -39.69 27.15 -22.61
CA GLU F 504 -40.47 25.98 -22.22
C GLU F 504 -41.40 25.53 -23.34
N THR F 505 -41.91 26.46 -24.14
CA THR F 505 -42.81 26.08 -25.23
C THR F 505 -42.05 25.50 -26.42
N PHE F 506 -40.80 25.91 -26.62
CA PHE F 506 -40.00 25.40 -27.73
C PHE F 506 -39.34 24.07 -27.42
N VAL F 507 -39.15 23.73 -26.15
CA VAL F 507 -38.53 22.46 -25.80
C VAL F 507 -39.49 21.29 -25.92
N ALA F 508 -40.79 21.54 -25.85
CA ALA F 508 -41.79 20.48 -25.96
C ALA F 508 -42.19 20.18 -27.39
N THR F 509 -41.70 20.94 -28.36
CA THR F 509 -42.03 20.72 -29.76
C THR F 509 -40.78 20.37 -30.58
N PRO G 7 32.79 57.93 40.77
CA PRO G 7 33.28 58.34 42.09
C PRO G 7 34.19 59.56 42.03
N THR G 8 33.67 60.71 42.48
CA THR G 8 34.41 61.96 42.49
C THR G 8 34.94 62.30 41.11
N GLU G 9 34.06 62.81 40.24
CA GLU G 9 34.41 63.18 38.87
C GLU G 9 35.03 62.02 38.12
N VAL G 10 34.20 61.09 37.64
CA VAL G 10 34.70 59.94 36.91
C VAL G 10 35.16 60.31 35.50
N SER G 11 34.70 61.45 34.98
CA SER G 11 35.10 61.87 33.64
C SER G 11 36.53 62.38 33.59
N SER G 12 37.08 62.83 34.73
CA SER G 12 38.45 63.33 34.76
C SER G 12 39.49 62.20 34.73
N ILE G 13 39.12 61.00 35.15
CA ILE G 13 40.07 59.89 35.15
C ILE G 13 40.26 59.34 33.74
N LEU G 14 39.22 59.40 32.91
CA LEU G 14 39.33 58.89 31.55
C LEU G 14 40.10 59.84 30.64
N GLU G 15 40.06 61.14 30.92
CA GLU G 15 40.78 62.11 30.09
C GLU G 15 42.28 62.12 30.38
N SER G 16 42.67 61.83 31.63
CA SER G 16 44.08 61.82 31.98
C SER G 16 44.80 60.57 31.51
N LYS G 17 44.10 59.45 31.39
CA LYS G 17 44.71 58.21 30.93
C LYS G 17 44.81 58.11 29.42
N ILE G 18 43.99 58.85 28.68
CA ILE G 18 44.03 58.81 27.22
C ILE G 18 44.66 60.10 26.71
N ARG G 19 45.55 60.70 27.50
CA ARG G 19 46.22 61.93 27.11
C ARG G 19 47.35 61.63 26.13
N GLY G 20 48.48 61.17 26.63
CA GLY G 20 49.62 60.86 25.79
C GLY G 20 49.60 59.43 25.27
N VAL G 21 49.33 59.27 23.97
CA VAL G 21 49.29 57.95 23.35
C VAL G 21 49.91 58.02 21.97
N SER G 22 49.49 59.01 21.18
CA SER G 22 50.01 59.19 19.81
C SER G 22 51.37 59.89 19.90
N ASP G 23 52.44 59.12 19.82
CA ASP G 23 53.78 59.70 19.90
C ASP G 23 54.80 58.98 19.04
N GLU G 24 54.45 57.89 18.35
CA GLU G 24 55.39 57.14 17.51
C GLU G 24 54.59 56.52 16.36
N ALA G 25 54.23 57.36 15.40
CA ALA G 25 53.47 56.91 14.23
C ALA G 25 53.89 57.72 13.01
N ASN G 26 55.20 57.83 12.78
CA ASN G 26 55.75 58.56 11.65
C ASN G 26 56.84 57.70 11.00
N LEU G 27 56.41 56.59 10.38
CA LEU G 27 57.35 55.69 9.72
C LEU G 27 56.74 55.05 8.49
N ASP G 28 55.91 55.79 7.75
CA ASP G 28 55.27 55.29 6.53
C ASP G 28 54.47 54.04 6.80
N GLU G 29 54.92 52.90 6.24
CA GLU G 29 54.27 51.61 6.41
C GLU G 29 52.81 51.66 5.95
N THR G 30 52.61 52.15 4.74
CA THR G 30 51.27 52.27 4.17
C THR G 30 51.36 52.03 2.66
N GLY G 31 50.19 51.95 2.03
CA GLY G 31 50.08 51.72 0.61
C GLY G 31 49.08 52.67 -0.02
N ARG G 32 48.47 52.22 -1.12
CA ARG G 32 47.48 53.00 -1.84
C ARG G 32 46.41 52.07 -2.39
N VAL G 33 45.16 52.45 -2.23
CA VAL G 33 44.03 51.66 -2.71
C VAL G 33 43.68 52.11 -4.12
N LEU G 34 43.71 51.16 -5.06
CA LEU G 34 43.40 51.47 -6.46
C LEU G 34 41.92 51.26 -6.77
N SER G 35 41.31 50.22 -6.23
CA SER G 35 39.91 49.94 -6.48
C SER G 35 39.32 49.24 -5.27
N VAL G 36 38.05 49.55 -4.98
CA VAL G 36 37.35 48.96 -3.85
C VAL G 36 35.86 48.89 -4.19
N GLY G 37 35.20 47.86 -3.65
CA GLY G 37 33.79 47.67 -3.91
C GLY G 37 33.30 46.28 -3.57
N ASP G 38 32.08 46.18 -3.03
CA ASP G 38 31.47 44.90 -2.66
C ASP G 38 32.35 44.13 -1.68
N GLY G 39 32.93 44.84 -0.72
CA GLY G 39 33.79 44.26 0.29
C GLY G 39 35.25 44.13 -0.10
N ILE G 40 35.51 43.84 -1.37
CA ILE G 40 36.89 43.69 -1.83
C ILE G 40 37.54 45.06 -1.97
N ALA G 41 38.87 45.10 -1.85
CA ALA G 41 39.62 46.34 -1.97
C ALA G 41 41.00 46.01 -2.54
N ARG G 42 41.23 46.42 -3.79
CA ARG G 42 42.50 46.16 -4.46
C ARG G 42 43.48 47.25 -4.06
N VAL G 43 44.42 46.93 -3.18
CA VAL G 43 45.43 47.87 -2.71
C VAL G 43 46.68 47.69 -3.55
N PHE G 44 47.19 48.79 -4.10
CA PHE G 44 48.40 48.77 -4.92
C PHE G 44 49.60 49.10 -4.06
N GLY G 45 50.55 48.17 -3.99
CA GLY G 45 51.75 48.36 -3.20
C GLY G 45 51.85 47.42 -2.02
N LEU G 46 52.48 47.87 -0.94
CA LEU G 46 52.67 47.10 0.28
C LEU G 46 53.40 45.77 -0.01
N ASN G 47 54.69 45.92 -0.30
CA ASN G 47 55.52 44.77 -0.61
C ASN G 47 55.90 43.96 0.64
N ASN G 48 55.89 44.59 1.80
CA ASN G 48 56.24 43.91 3.05
C ASN G 48 55.04 43.30 3.75
N CYS G 49 53.85 43.38 3.14
CA CYS G 49 52.66 42.81 3.76
C CYS G 49 52.62 41.30 3.54
N GLN G 50 52.47 40.55 4.62
CA GLN G 50 52.42 39.10 4.55
C GLN G 50 51.00 38.64 4.22
N ALA G 51 50.84 37.33 4.06
CA ALA G 51 49.54 36.75 3.75
C ALA G 51 48.68 36.67 5.00
N GLU G 52 47.38 36.95 4.83
CA GLU G 52 46.42 36.92 5.92
C GLU G 52 46.83 37.86 7.06
N GLU G 53 47.22 39.07 6.69
CA GLU G 53 47.64 40.08 7.64
C GLU G 53 46.55 41.13 7.85
N LEU G 54 46.50 41.67 9.06
CA LEU G 54 45.50 42.68 9.40
C LEU G 54 45.92 44.03 8.81
N VAL G 55 45.07 44.59 7.96
CA VAL G 55 45.33 45.87 7.31
C VAL G 55 44.38 46.91 7.90
N GLU G 56 44.89 48.13 8.02
CA GLU G 56 44.13 49.26 8.56
C GLU G 56 44.08 50.37 7.52
N PHE G 57 42.87 50.75 7.12
CA PHE G 57 42.71 51.80 6.12
C PHE G 57 42.80 53.18 6.78
N ALA G 58 42.77 54.21 5.94
CA ALA G 58 42.85 55.59 6.43
C ALA G 58 41.54 56.06 7.04
N SER G 59 40.41 55.44 6.70
CA SER G 59 39.13 55.83 7.23
C SER G 59 38.80 55.18 8.57
N GLY G 60 39.48 54.08 8.92
CA GLY G 60 39.25 53.38 10.15
C GLY G 60 38.71 51.97 9.99
N VAL G 61 38.42 51.54 8.76
CA VAL G 61 37.89 50.21 8.52
C VAL G 61 39.06 49.22 8.45
N LYS G 62 38.88 48.06 9.06
CA LYS G 62 39.92 47.03 9.04
C LYS G 62 39.87 46.23 7.75
N GLY G 63 41.00 45.61 7.42
CA GLY G 63 41.11 44.81 6.21
C GLY G 63 41.99 43.61 6.44
N MET G 64 41.85 42.63 5.54
CA MET G 64 42.62 41.40 5.60
C MET G 64 43.10 41.07 4.19
N ALA G 65 44.40 41.19 3.96
CA ALA G 65 45.00 40.91 2.66
C ALA G 65 45.06 39.39 2.46
N LEU G 66 44.15 38.86 1.64
CA LEU G 66 44.11 37.43 1.37
C LEU G 66 44.66 37.05 0.00
N ASN G 67 44.64 37.95 -0.97
CA ASN G 67 45.13 37.69 -2.32
C ASN G 67 46.27 38.66 -2.62
N LEU G 68 47.48 38.14 -2.72
CA LEU G 68 48.67 38.93 -3.01
C LEU G 68 49.10 38.65 -4.44
N GLU G 69 49.10 39.68 -5.28
CA GLU G 69 49.49 39.54 -6.67
C GLU G 69 50.87 40.15 -6.89
N PRO G 70 51.23 40.49 -8.14
CA PRO G 70 52.55 41.07 -8.38
C PRO G 70 52.49 42.58 -8.55
N GLY G 71 51.32 43.09 -8.90
CA GLY G 71 51.14 44.52 -9.09
C GLY G 71 50.16 45.14 -8.12
N GLN G 72 49.26 44.32 -7.58
CA GLN G 72 48.26 44.79 -6.64
C GLN G 72 48.16 43.77 -5.49
N VAL G 73 47.23 44.02 -4.57
CA VAL G 73 47.03 43.15 -3.42
C VAL G 73 45.56 43.21 -3.01
N GLY G 74 44.83 42.12 -3.23
CA GLY G 74 43.43 42.07 -2.88
C GLY G 74 43.20 41.88 -1.39
N ILE G 75 42.62 42.89 -0.75
CA ILE G 75 42.33 42.86 0.67
C ILE G 75 40.83 42.88 0.87
N VAL G 76 40.35 42.08 1.82
CA VAL G 76 38.93 41.97 2.13
C VAL G 76 38.64 42.84 3.34
N LEU G 77 37.71 43.78 3.19
CA LEU G 77 37.35 44.68 4.28
C LEU G 77 36.47 43.95 5.29
N PHE G 78 36.68 44.24 6.57
CA PHE G 78 35.92 43.63 7.65
C PHE G 78 34.71 44.46 8.06
N GLY G 79 34.42 45.54 7.34
CA GLY G 79 33.29 46.38 7.66
C GLY G 79 32.57 46.91 6.44
N SER G 80 32.24 48.20 6.44
CA SER G 80 31.55 48.84 5.33
C SER G 80 32.56 49.52 4.41
N ASP G 81 32.33 49.41 3.11
CA ASP G 81 33.20 50.00 2.10
C ASP G 81 32.68 51.35 1.60
N ARG G 82 31.83 52.02 2.38
CA ARG G 82 31.28 53.31 1.99
C ARG G 82 32.26 54.45 2.23
N GLU G 83 33.23 54.29 3.14
CA GLU G 83 34.20 55.33 3.43
C GLU G 83 35.53 55.12 2.72
N VAL G 84 35.72 53.98 2.07
CA VAL G 84 36.96 53.69 1.37
C VAL G 84 36.80 54.06 -0.10
N LYS G 85 37.75 54.83 -0.63
CA LYS G 85 37.70 55.26 -2.02
C LYS G 85 39.03 54.99 -2.71
N GLU G 86 39.18 55.48 -3.94
CA GLU G 86 40.40 55.28 -4.70
C GLU G 86 41.47 56.26 -4.22
N GLY G 87 42.66 55.74 -3.94
CA GLY G 87 43.76 56.55 -3.48
C GLY G 87 43.93 56.63 -1.98
N GLU G 88 43.15 55.87 -1.22
CA GLU G 88 43.26 55.90 0.24
C GLU G 88 44.46 55.09 0.71
N ILE G 89 45.05 55.51 1.82
CA ILE G 89 46.21 54.84 2.39
C ILE G 89 45.74 53.61 3.15
N VAL G 90 46.40 52.49 2.92
CA VAL G 90 46.07 51.23 3.59
C VAL G 90 47.31 50.80 4.35
N LYS G 91 47.37 51.17 5.63
CA LYS G 91 48.51 50.81 6.47
C LYS G 91 48.40 49.37 6.94
N ARG G 92 49.56 48.76 7.21
CA ARG G 92 49.64 47.39 7.67
C ARG G 92 50.01 47.36 9.14
N THR G 93 49.33 46.50 9.90
CA THR G 93 49.60 46.38 11.33
C THR G 93 50.84 45.57 11.63
N GLY G 94 51.30 44.73 10.69
CA GLY G 94 52.48 43.93 10.89
C GLY G 94 52.22 42.54 11.44
N LYS G 95 51.01 42.27 11.93
CA LYS G 95 50.66 40.97 12.49
C LYS G 95 49.59 40.31 11.62
N ILE G 96 49.21 39.10 12.01
CA ILE G 96 48.20 38.33 11.28
C ILE G 96 46.84 38.60 11.87
N VAL G 97 45.83 37.86 11.42
CA VAL G 97 44.46 38.03 11.90
C VAL G 97 44.36 37.30 13.25
N ASP G 98 44.52 38.05 14.34
CA ASP G 98 44.46 37.51 15.69
C ASP G 98 43.19 37.98 16.38
N VAL G 99 42.94 37.40 17.56
CA VAL G 99 41.76 37.74 18.35
C VAL G 99 42.11 37.61 19.83
N PRO G 100 41.29 38.15 20.73
CA PRO G 100 41.59 38.05 22.16
C PRO G 100 41.13 36.72 22.74
N ILE G 101 41.81 36.31 23.81
CA ILE G 101 41.52 35.06 24.51
C ILE G 101 41.86 35.26 25.99
N GLY G 102 41.49 34.27 26.80
CA GLY G 102 41.75 34.32 28.22
C GLY G 102 40.50 34.03 29.04
N PRO G 103 40.65 34.05 30.37
CA PRO G 103 39.49 33.77 31.23
C PRO G 103 38.58 34.98 31.45
N GLY G 104 39.00 36.17 31.04
CA GLY G 104 38.20 37.36 31.22
C GLY G 104 37.17 37.62 30.16
N MET G 105 37.09 36.77 29.13
CA MET G 105 36.12 36.95 28.06
C MET G 105 34.76 36.35 28.37
N LEU G 106 34.64 35.63 29.48
CA LEU G 106 33.36 35.01 29.86
C LEU G 106 32.46 36.06 30.49
N GLY G 107 31.31 36.32 29.87
CA GLY G 107 30.36 37.29 30.37
C GLY G 107 30.14 38.48 29.47
N ARG G 108 30.73 38.50 28.27
CA ARG G 108 30.57 39.61 27.34
C ARG G 108 30.38 39.06 25.94
N VAL G 109 29.49 39.70 25.17
CA VAL G 109 29.21 39.30 23.81
C VAL G 109 30.23 39.97 22.90
N VAL G 110 31.25 39.22 22.51
CA VAL G 110 32.30 39.75 21.64
C VAL G 110 31.89 39.57 20.18
N ASP G 111 32.64 40.18 19.28
CA ASP G 111 32.34 40.09 17.86
C ASP G 111 33.27 39.10 17.17
N ALA G 112 33.61 39.37 15.91
CA ALA G 112 34.50 38.49 15.15
C ALA G 112 35.97 38.88 15.26
N LEU G 113 36.27 40.04 15.83
CA LEU G 113 37.65 40.50 15.98
C LEU G 113 38.04 40.70 17.44
N GLY G 114 37.16 40.34 18.39
CA GLY G 114 37.43 40.50 19.79
C GLY G 114 36.91 41.77 20.42
N ASN G 115 36.23 42.62 19.66
CA ASN G 115 35.71 43.86 20.22
C ASN G 115 34.41 43.58 20.98
N PRO G 116 34.17 44.28 22.08
CA PRO G 116 32.94 44.05 22.85
C PRO G 116 31.76 44.79 22.22
N ILE G 117 30.65 44.07 22.06
CA ILE G 117 29.44 44.63 21.47
C ILE G 117 28.29 44.72 22.47
N ASP G 118 28.52 44.32 23.73
CA ASP G 118 27.48 44.38 24.74
C ASP G 118 27.47 45.69 25.52
N GLY G 119 28.50 46.52 25.35
CA GLY G 119 28.55 47.79 26.07
C GLY G 119 29.08 47.69 27.48
N LYS G 120 30.00 46.77 27.74
CA LYS G 120 30.59 46.59 29.06
C LYS G 120 32.01 47.12 29.15
N GLY G 121 32.40 47.98 28.22
CA GLY G 121 33.73 48.54 28.21
C GLY G 121 34.73 47.64 27.49
N PRO G 122 35.96 47.63 27.98
CA PRO G 122 36.99 46.79 27.34
C PRO G 122 36.95 45.36 27.86
N ILE G 123 37.59 44.48 27.11
CA ILE G 123 37.67 43.05 27.43
C ILE G 123 39.01 42.77 28.08
N GLU G 124 38.97 42.15 29.26
CA GLU G 124 40.19 41.81 30.00
C GLU G 124 40.81 40.57 29.38
N ALA G 125 41.63 40.77 28.35
CA ALA G 125 42.29 39.68 27.66
C ALA G 125 43.65 39.40 28.29
N THR G 126 43.97 38.12 28.42
CA THR G 126 45.23 37.68 29.00
C THR G 126 46.24 37.23 27.95
N GLY G 127 45.86 37.21 26.68
CA GLY G 127 46.77 36.79 25.63
C GLY G 127 46.25 37.19 24.27
N TYR G 128 47.03 36.85 23.25
CA TYR G 128 46.67 37.16 21.87
C TYR G 128 46.94 35.92 21.02
N ALA G 129 45.88 35.25 20.58
CA ALA G 129 45.98 34.06 19.76
C ALA G 129 45.49 34.33 18.35
N ILE G 130 46.11 33.66 17.38
CA ILE G 130 45.72 33.84 15.99
C ILE G 130 44.44 33.05 15.69
N ALA G 131 43.75 33.47 14.63
CA ALA G 131 42.51 32.79 14.25
C ALA G 131 42.80 31.49 13.52
N GLN G 132 43.73 31.51 12.57
CA GLN G 132 44.09 30.33 11.79
C GLN G 132 45.22 29.60 12.52
N LEU G 133 44.84 28.72 13.43
CA LEU G 133 45.78 27.94 14.22
C LEU G 133 45.76 26.49 13.78
N LYS G 134 46.86 25.79 14.05
CA LYS G 134 46.99 24.39 13.68
C LYS G 134 46.23 23.52 14.68
N ALA G 135 45.73 22.39 14.19
CA ALA G 135 44.99 21.45 15.00
C ALA G 135 45.94 20.56 15.78
N PRO G 136 45.42 19.75 16.70
CA PRO G 136 46.28 18.87 17.48
C PRO G 136 46.67 17.62 16.71
N GLY G 137 47.86 17.11 17.00
CA GLY G 137 48.37 15.93 16.36
C GLY G 137 47.83 14.65 16.97
N ILE G 138 48.32 13.53 16.45
CA ILE G 138 47.90 12.22 16.94
C ILE G 138 48.61 11.84 18.23
N LEU G 139 49.73 12.47 18.55
CA LEU G 139 50.47 12.17 19.77
C LEU G 139 49.97 13.03 20.92
N PRO G 140 49.36 14.19 20.63
CA PRO G 140 48.86 15.04 21.73
C PRO G 140 47.36 14.92 21.91
N ARG G 141 46.81 13.75 21.59
CA ARG G 141 45.38 13.49 21.73
C ARG G 141 45.16 12.16 22.41
N ARG G 142 44.04 12.05 23.12
CA ARG G 142 43.67 10.85 23.85
C ARG G 142 42.25 10.45 23.47
N SER G 143 41.78 9.37 24.06
CA SER G 143 40.42 8.88 23.79
C SER G 143 39.40 9.69 24.57
N VAL G 144 38.20 9.79 24.00
CA VAL G 144 37.09 10.53 24.60
C VAL G 144 36.49 9.64 25.69
N PHE G 145 36.83 9.93 26.95
CA PHE G 145 36.32 9.16 28.08
C PHE G 145 35.41 9.96 29.01
N GLU G 146 35.39 11.28 28.90
CA GLU G 146 34.56 12.09 29.76
C GLU G 146 33.11 12.07 29.28
N PRO G 147 32.17 12.52 30.11
CA PRO G 147 30.77 12.52 29.70
C PRO G 147 30.17 13.92 29.66
N MET G 148 29.62 14.31 28.51
CA MET G 148 29.02 15.63 28.33
C MET G 148 27.51 15.48 28.54
N GLN G 149 27.04 15.85 29.73
CA GLN G 149 25.62 15.78 30.06
C GLN G 149 24.90 16.94 29.39
N THR G 150 24.06 16.62 28.40
CA THR G 150 23.32 17.64 27.68
C THR G 150 22.01 18.01 28.34
N GLY G 151 21.46 17.13 29.18
CA GLY G 151 20.21 17.36 29.87
C GLY G 151 19.02 16.66 29.26
N LEU G 152 19.05 16.38 27.97
CA LEU G 152 17.95 15.69 27.30
C LEU G 152 18.00 14.19 27.58
N LYS G 153 16.83 13.60 27.80
CA LYS G 153 16.76 12.17 28.07
C LYS G 153 16.96 11.32 26.82
N ALA G 154 16.58 11.85 25.66
CA ALA G 154 16.71 11.12 24.40
C ALA G 154 18.11 11.24 23.79
N VAL G 155 18.94 12.16 24.27
CA VAL G 155 20.27 12.34 23.76
C VAL G 155 21.34 11.70 24.64
N ASP G 156 21.13 11.65 25.95
CA ASP G 156 22.12 11.06 26.85
C ASP G 156 22.09 9.54 26.85
N ALA G 157 20.98 8.93 26.41
CA ALA G 157 20.86 7.48 26.38
C ALA G 157 21.11 6.89 25.00
N LEU G 158 20.82 7.63 23.93
CA LEU G 158 21.05 7.13 22.58
C LEU G 158 22.43 7.53 22.08
N VAL G 159 22.54 8.70 21.46
CA VAL G 159 23.80 9.19 20.94
C VAL G 159 24.46 10.09 21.98
N PRO G 160 25.15 9.54 22.97
CA PRO G 160 25.79 10.39 23.98
C PRO G 160 27.10 10.97 23.47
N ILE G 161 27.29 12.26 23.74
CA ILE G 161 28.48 12.98 23.31
C ILE G 161 29.41 13.11 24.50
N GLY G 162 30.71 13.29 24.21
CA GLY G 162 31.72 13.43 25.24
C GLY G 162 32.56 14.66 25.01
N ARG G 163 33.46 14.91 25.96
CA ARG G 163 34.36 16.05 25.91
C ARG G 163 35.49 15.75 24.93
N GLY G 164 35.51 16.46 23.81
CA GLY G 164 36.51 16.28 22.78
C GLY G 164 35.99 15.77 21.45
N GLN G 165 34.75 15.30 21.39
CA GLN G 165 34.17 14.81 20.14
C GLN G 165 33.43 15.92 19.41
N ARG G 166 33.14 15.67 18.15
CA ARG G 166 32.43 16.62 17.29
C ARG G 166 31.10 16.00 16.87
N GLU G 167 30.01 16.50 17.44
CA GLU G 167 28.67 16.00 17.14
C GLU G 167 27.94 17.04 16.28
N LEU G 168 27.49 16.61 15.11
CA LEU G 168 26.79 17.48 14.19
C LEU G 168 25.30 17.52 14.51
N ILE G 169 24.64 18.58 14.06
CA ILE G 169 23.21 18.76 14.28
C ILE G 169 22.54 19.14 12.97
N ILE G 170 22.29 18.14 12.12
CA ILE G 170 21.66 18.39 10.83
C ILE G 170 20.15 18.45 11.01
N GLY G 171 19.48 19.21 10.15
CA GLY G 171 18.04 19.35 10.22
C GLY G 171 17.58 20.56 9.45
N ASP G 172 16.27 20.68 9.34
CA ASP G 172 15.64 21.78 8.64
C ASP G 172 15.40 22.95 9.60
N ARG G 173 14.69 23.98 9.13
CA ARG G 173 14.40 25.14 9.97
C ARG G 173 13.23 24.86 10.88
N GLN G 174 13.29 25.41 12.10
CA GLN G 174 12.24 25.25 13.10
C GLN G 174 11.98 23.77 13.39
N THR G 175 13.05 23.05 13.71
CA THR G 175 12.97 21.62 14.02
C THR G 175 13.68 21.22 15.29
N GLY G 176 14.53 22.06 15.86
CA GLY G 176 15.23 21.73 17.08
C GLY G 176 16.74 21.74 16.94
N LYS G 177 17.24 22.55 16.00
CA LYS G 177 18.67 22.63 15.78
C LYS G 177 19.35 23.49 16.85
N THR G 178 18.87 24.73 17.02
CA THR G 178 19.44 25.62 18.02
C THR G 178 18.97 25.30 19.43
N ALA G 179 17.88 24.55 19.58
CA ALA G 179 17.39 24.21 20.91
C ALA G 179 18.22 23.10 21.54
N VAL G 180 18.87 22.27 20.73
CA VAL G 180 19.68 21.18 21.27
C VAL G 180 21.00 21.72 21.81
N ALA G 181 21.55 22.75 21.17
CA ALA G 181 22.80 23.34 21.63
C ALA G 181 22.60 24.26 22.83
N LEU G 182 21.42 24.90 22.92
CA LEU G 182 21.17 25.79 24.04
C LEU G 182 20.85 25.01 25.32
N ASP G 183 20.30 23.81 25.20
CA ASP G 183 19.99 23.02 26.38
C ASP G 183 21.24 22.38 26.98
N THR G 184 22.27 22.15 26.17
CA THR G 184 23.49 21.56 26.69
C THR G 184 24.33 22.56 27.47
N ILE G 185 24.24 23.85 27.11
CA ILE G 185 25.00 24.87 27.83
C ILE G 185 24.37 25.19 29.17
N LEU G 186 23.04 25.16 29.25
CA LEU G 186 22.35 25.46 30.50
C LEU G 186 22.39 24.29 31.48
N ASN G 187 22.68 23.07 31.00
CA ASN G 187 22.73 21.91 31.86
C ASN G 187 24.05 21.79 32.63
N GLN G 188 25.05 22.60 32.28
CA GLN G 188 26.34 22.57 32.96
C GLN G 188 26.41 23.51 34.15
N LYS G 189 25.26 24.05 34.60
CA LYS G 189 25.27 24.95 35.74
C LYS G 189 25.46 24.23 37.06
N ARG G 190 25.18 22.92 37.11
CA ARG G 190 25.35 22.17 38.35
C ARG G 190 26.81 21.88 38.65
N TRP G 191 27.67 21.87 37.63
CA TRP G 191 29.09 21.61 37.83
C TRP G 191 29.95 22.86 37.77
N ASN G 192 29.48 23.92 37.11
CA ASN G 192 30.26 25.15 37.03
C ASN G 192 30.07 26.05 38.24
N ASP G 193 28.98 25.89 38.99
CA ASP G 193 28.73 26.71 40.17
C ASP G 193 29.49 26.24 41.39
N GLY G 194 30.06 25.03 41.37
CA GLY G 194 30.80 24.52 42.50
C GLY G 194 32.27 24.90 42.47
N ASN G 195 33.14 23.94 42.79
CA ASN G 195 34.58 24.17 42.80
C ASN G 195 35.36 23.16 41.98
N ASP G 196 34.70 22.14 41.43
CA ASP G 196 35.38 21.12 40.62
C ASP G 196 35.63 21.68 39.23
N GLU G 197 36.90 21.96 38.91
CA GLU G 197 37.25 22.48 37.60
C GLU G 197 37.30 21.41 36.52
N SER G 198 37.44 20.14 36.91
CA SER G 198 37.51 19.06 35.93
C SER G 198 36.13 18.68 35.39
N LYS G 199 35.07 18.96 36.13
CA LYS G 199 33.71 18.64 35.69
C LYS G 199 33.01 19.81 35.02
N LYS G 200 33.55 21.02 35.13
CA LYS G 200 32.93 22.18 34.50
C LYS G 200 33.31 22.27 33.04
N LEU G 201 32.35 22.73 32.23
CA LEU G 201 32.54 22.88 30.78
C LEU G 201 32.04 24.26 30.37
N TYR G 202 32.95 25.10 29.89
CA TYR G 202 32.59 26.43 29.46
C TYR G 202 31.94 26.40 28.07
N CYS G 203 30.90 27.21 27.89
CA CYS G 203 30.19 27.28 26.63
C CYS G 203 30.81 28.34 25.73
N VAL G 204 30.62 28.17 24.42
CA VAL G 204 31.14 29.10 23.44
C VAL G 204 30.20 29.16 22.24
N TYR G 205 29.14 29.94 22.37
CA TYR G 205 28.16 30.08 21.29
C TYR G 205 28.69 31.02 20.23
N VAL G 206 28.71 30.57 18.98
CA VAL G 206 29.19 31.35 17.85
C VAL G 206 28.02 31.49 16.88
N ALA G 207 27.21 32.53 17.10
CA ALA G 207 26.05 32.78 16.25
C ALA G 207 26.51 33.45 14.96
N VAL G 208 26.59 32.66 13.89
CA VAL G 208 27.02 33.14 12.58
C VAL G 208 25.87 32.99 11.60
N GLY G 209 25.52 34.08 10.93
CA GLY G 209 24.44 34.07 9.97
C GLY G 209 23.07 34.37 10.53
N GLN G 210 22.94 34.50 11.85
CA GLN G 210 21.66 34.78 12.46
C GLN G 210 21.33 36.27 12.35
N LYS G 211 20.10 36.61 12.72
CA LYS G 211 19.64 38.00 12.68
C LYS G 211 20.03 38.72 13.96
N ARG G 212 19.65 40.00 14.05
CA ARG G 212 19.97 40.78 15.24
C ARG G 212 19.03 40.44 16.40
N SER G 213 17.79 40.07 16.10
CA SER G 213 16.84 39.74 17.15
C SER G 213 17.07 38.34 17.70
N THR G 214 17.67 37.45 16.92
CA THR G 214 17.93 36.09 17.39
C THR G 214 19.12 36.02 18.34
N VAL G 215 20.11 36.91 18.17
CA VAL G 215 21.27 36.90 19.04
C VAL G 215 20.96 37.56 20.37
N ALA G 216 20.06 38.55 20.39
CA ALA G 216 19.70 39.22 21.63
C ALA G 216 18.74 38.40 22.48
N GLN G 217 17.92 37.56 21.85
CA GLN G 217 16.98 36.74 22.60
C GLN G 217 17.66 35.54 23.26
N LEU G 218 18.71 35.01 22.64
CA LEU G 218 19.41 33.87 23.22
C LEU G 218 20.33 34.29 24.36
N VAL G 219 20.86 35.50 24.33
CA VAL G 219 21.74 35.96 25.41
C VAL G 219 20.93 36.38 26.63
N GLN G 220 19.68 36.80 26.43
CA GLN G 220 18.85 37.21 27.56
C GLN G 220 18.32 36.03 28.35
N THR G 221 18.12 34.88 27.70
CA THR G 221 17.61 33.70 28.39
C THR G 221 18.69 33.03 29.22
N LEU G 222 19.95 33.13 28.82
CA LEU G 222 21.04 32.50 29.56
C LEU G 222 21.43 33.32 30.79
N GLU G 223 21.24 34.64 30.74
CA GLU G 223 21.59 35.48 31.88
C GLU G 223 20.58 35.36 33.02
N GLN G 224 19.32 35.04 32.70
CA GLN G 224 18.29 34.92 33.72
C GLN G 224 18.33 33.57 34.43
N ASN G 225 19.02 32.57 33.86
CA ASN G 225 19.12 31.25 34.45
C ASN G 225 20.52 30.97 35.00
N ASP G 226 21.32 32.02 35.22
CA ASP G 226 22.68 31.89 35.74
C ASP G 226 23.54 30.98 34.84
N ALA G 227 23.65 31.39 33.58
CA ALA G 227 24.42 30.62 32.61
C ALA G 227 25.28 31.48 31.69
N MET G 228 25.18 32.81 31.73
CA MET G 228 25.97 33.68 30.88
C MET G 228 27.28 34.12 31.53
N LYS G 229 27.52 33.73 32.79
CA LYS G 229 28.75 34.11 33.46
C LYS G 229 29.95 33.30 33.01
N TYR G 230 29.73 32.11 32.45
CA TYR G 230 30.81 31.25 31.97
C TYR G 230 30.53 30.79 30.55
N SER G 231 30.08 31.71 29.70
CA SER G 231 29.77 31.40 28.31
C SER G 231 30.23 32.56 27.43
N ILE G 232 30.89 32.24 26.33
CA ILE G 232 31.39 33.23 25.38
C ILE G 232 30.41 33.34 24.23
N VAL G 233 29.97 34.56 23.93
CA VAL G 233 29.03 34.83 22.84
C VAL G 233 29.78 35.54 21.73
N VAL G 234 29.78 34.94 20.55
CA VAL G 234 30.45 35.49 19.38
C VAL G 234 29.36 36.05 18.46
N ALA G 235 29.18 37.37 18.51
CA ALA G 235 28.17 38.03 17.69
C ALA G 235 28.68 38.17 16.25
N ALA G 236 27.94 37.59 15.31
CA ALA G 236 28.30 37.64 13.89
C ALA G 236 27.01 37.58 13.07
N THR G 237 26.35 38.73 12.95
CA THR G 237 25.10 38.80 12.21
C THR G 237 25.38 38.83 10.70
N ALA G 238 24.30 38.71 9.92
CA ALA G 238 24.40 38.72 8.47
C ALA G 238 24.43 40.13 7.89
N SER G 239 24.26 41.15 8.72
CA SER G 239 24.26 42.53 8.24
C SER G 239 25.67 43.12 8.14
N GLU G 240 26.70 42.37 8.53
CA GLU G 240 28.07 42.84 8.46
C GLU G 240 28.69 42.42 7.13
N ALA G 241 30.01 42.45 7.02
CA ALA G 241 30.69 42.07 5.80
C ALA G 241 30.79 40.55 5.70
N ALA G 242 31.25 40.09 4.54
CA ALA G 242 31.41 38.66 4.29
C ALA G 242 32.67 38.14 4.98
N PRO G 243 33.65 39.00 5.26
CA PRO G 243 34.87 38.54 5.92
C PRO G 243 34.67 38.33 7.41
N LEU G 244 33.70 39.04 7.99
CA LEU G 244 33.43 38.91 9.41
C LEU G 244 32.68 37.61 9.73
N GLN G 245 31.74 37.22 8.86
CA GLN G 245 30.98 36.00 9.10
C GLN G 245 31.78 34.76 8.75
N TYR G 246 32.71 34.85 7.80
CA TYR G 246 33.51 33.69 7.43
C TYR G 246 34.60 33.40 8.45
N LEU G 247 35.11 34.44 9.12
CA LEU G 247 36.15 34.28 10.13
C LEU G 247 35.59 34.13 11.54
N ALA G 248 34.28 33.94 11.68
CA ALA G 248 33.66 33.77 12.99
C ALA G 248 33.96 32.40 13.55
N PRO G 249 34.19 31.40 12.70
CA PRO G 249 34.50 30.06 13.20
C PRO G 249 35.94 29.94 13.69
N PHE G 250 36.85 30.66 13.03
CA PHE G 250 38.25 30.63 13.44
C PHE G 250 38.52 31.50 14.65
N THR G 251 37.75 32.58 14.83
CA THR G 251 37.96 33.46 15.97
C THR G 251 37.37 32.86 17.24
N ALA G 252 36.26 32.13 17.12
CA ALA G 252 35.64 31.52 18.29
C ALA G 252 36.40 30.28 18.74
N CYS G 253 37.12 29.62 17.83
CA CYS G 253 37.88 28.43 18.20
C CYS G 253 39.17 28.80 18.92
N ALA G 254 39.69 30.02 18.69
CA ALA G 254 40.92 30.43 19.35
C ALA G 254 40.67 30.83 20.81
N ILE G 255 39.48 31.34 21.11
CA ILE G 255 39.17 31.72 22.49
C ILE G 255 38.88 30.49 23.34
N ALA G 256 38.27 29.46 22.75
CA ALA G 256 37.96 28.25 23.49
C ALA G 256 39.16 27.33 23.63
N GLU G 257 40.21 27.54 22.82
CA GLU G 257 41.39 26.69 22.90
C GLU G 257 42.31 27.06 24.07
N TRP G 258 42.10 28.23 24.68
CA TRP G 258 42.94 28.63 25.81
C TRP G 258 42.59 27.84 27.07
N PHE G 259 41.33 27.45 27.23
CA PHE G 259 40.93 26.69 28.40
C PHE G 259 41.27 25.22 28.27
N ARG G 260 41.28 24.68 27.06
CA ARG G 260 41.61 23.27 26.86
C ARG G 260 43.11 23.02 27.01
N ASP G 261 43.93 24.04 26.75
CA ASP G 261 45.38 23.91 26.87
C ASP G 261 45.89 24.19 28.28
N ASN G 262 45.01 24.57 29.20
CA ASN G 262 45.39 24.87 30.58
C ASN G 262 44.95 23.82 31.57
N GLY G 263 43.80 23.20 31.36
CA GLY G 263 43.31 22.17 32.27
C GLY G 263 41.82 22.24 32.50
N LYS G 264 41.10 22.88 31.59
CA LYS G 264 39.65 23.03 31.67
C LYS G 264 39.00 22.47 30.41
N HIS G 265 37.68 22.34 30.47
CA HIS G 265 36.89 21.82 29.36
C HIS G 265 36.11 22.96 28.71
N ALA G 266 35.98 22.90 27.39
CA ALA G 266 35.26 23.90 26.62
C ALA G 266 34.22 23.23 25.74
N LEU G 267 33.25 24.02 25.29
CA LEU G 267 32.18 23.53 24.43
C LEU G 267 31.83 24.63 23.44
N ILE G 268 32.21 24.43 22.18
CA ILE G 268 31.95 25.39 21.11
C ILE G 268 30.70 24.96 20.35
N VAL G 269 29.91 25.94 19.91
CA VAL G 269 28.69 25.69 19.17
C VAL G 269 28.72 26.59 17.94
N TYR G 270 29.02 26.00 16.78
CA TYR G 270 29.09 26.74 15.52
C TYR G 270 27.72 26.70 14.87
N ASP G 271 26.90 27.70 15.17
CA ASP G 271 25.55 27.82 14.62
C ASP G 271 25.51 29.02 13.69
N ASP G 272 25.41 28.75 12.39
CA ASP G 272 25.34 27.39 11.87
C ASP G 272 26.43 27.14 10.84
N LEU G 273 26.64 25.86 10.51
CA LEU G 273 27.66 25.50 9.53
C LEU G 273 27.27 25.87 8.10
N SER G 274 25.97 25.96 7.82
CA SER G 274 25.54 26.31 6.46
C SER G 274 25.74 27.80 6.18
N LYS G 275 25.68 28.64 7.21
CA LYS G 275 25.88 30.07 7.02
C LYS G 275 27.35 30.42 6.83
N GLN G 276 28.26 29.61 7.37
CA GLN G 276 29.68 29.89 7.21
C GLN G 276 30.17 29.54 5.81
N ALA G 277 29.51 28.59 5.14
CA ALA G 277 29.93 28.22 3.79
C ALA G 277 29.49 29.26 2.77
N VAL G 278 28.37 29.94 3.01
CA VAL G 278 27.91 30.95 2.07
C VAL G 278 28.71 32.24 2.21
N ALA G 279 29.25 32.51 3.40
CA ALA G 279 30.04 33.73 3.60
C ALA G 279 31.43 33.60 3.01
N TYR G 280 32.00 32.39 2.98
CA TYR G 280 33.33 32.20 2.41
C TYR G 280 33.32 32.25 0.90
N ARG G 281 32.23 31.80 0.27
CA ARG G 281 32.12 31.83 -1.19
C ARG G 281 31.83 33.22 -1.73
N GLN G 282 31.28 34.12 -0.90
CA GLN G 282 30.99 35.47 -1.37
C GLN G 282 32.26 36.31 -1.46
N LEU G 283 33.17 36.15 -0.51
CA LEU G 283 34.41 36.91 -0.53
C LEU G 283 35.40 36.36 -1.56
N SER G 284 35.32 35.07 -1.88
CA SER G 284 36.23 34.48 -2.86
C SER G 284 35.79 34.78 -4.29
N LEU G 285 34.48 34.97 -4.51
CA LEU G 285 34.00 35.27 -5.86
C LEU G 285 34.29 36.70 -6.26
N LEU G 286 34.42 37.61 -5.29
CA LEU G 286 34.70 39.00 -5.56
C LEU G 286 36.19 39.29 -5.69
N LEU G 287 37.05 38.33 -5.38
CA LEU G 287 38.50 38.51 -5.46
C LEU G 287 39.08 37.95 -6.75
N ARG G 288 38.25 37.78 -7.78
CA ARG G 288 38.67 37.25 -9.09
C ARG G 288 39.32 35.88 -8.94
N ARG G 289 38.50 34.91 -8.54
CA ARG G 289 38.96 33.54 -8.35
C ARG G 289 38.00 32.58 -9.05
N PRO G 290 38.50 31.42 -9.49
CA PRO G 290 37.63 30.46 -10.17
C PRO G 290 36.79 29.68 -9.17
N PRO G 291 35.52 29.46 -9.47
CA PRO G 291 34.65 28.72 -8.55
C PRO G 291 34.75 27.21 -8.78
N GLY G 292 34.06 26.47 -7.92
CA GLY G 292 34.05 25.02 -8.02
C GLY G 292 32.67 24.45 -8.26
N ARG G 293 32.16 23.68 -7.31
CA ARG G 293 30.84 23.07 -7.42
C ARG G 293 29.80 23.90 -6.67
N GLU G 294 28.62 24.03 -7.27
CA GLU G 294 27.52 24.80 -6.70
C GLU G 294 27.92 26.25 -6.43
N ALA G 295 28.73 26.81 -7.32
CA ALA G 295 29.20 28.19 -7.24
C ALA G 295 29.90 28.45 -5.90
N TYR G 296 30.79 27.53 -5.52
CA TYR G 296 31.53 27.67 -4.27
C TYR G 296 33.02 27.60 -4.55
N PRO G 297 33.87 27.80 -3.54
CA PRO G 297 35.31 27.75 -3.75
C PRO G 297 35.81 26.32 -3.89
N GLY G 298 37.10 26.21 -4.24
CA GLY G 298 37.69 24.89 -4.40
C GLY G 298 37.93 24.19 -3.07
N ASP G 299 38.39 24.93 -2.07
CA ASP G 299 38.65 24.36 -0.75
C ASP G 299 37.45 24.52 0.18
N VAL G 300 36.29 24.05 -0.27
CA VAL G 300 35.08 24.14 0.54
C VAL G 300 35.09 23.09 1.64
N PHE G 301 35.56 21.88 1.34
CA PHE G 301 35.61 20.83 2.35
C PHE G 301 36.76 21.01 3.32
N TYR G 302 37.82 21.70 2.90
CA TYR G 302 38.97 21.91 3.77
C TYR G 302 38.75 23.04 4.77
N LEU G 303 37.79 23.93 4.51
CA LEU G 303 37.52 25.02 5.43
C LEU G 303 36.76 24.57 6.67
N HIS G 304 35.86 23.60 6.50
CA HIS G 304 35.07 23.08 7.62
C HIS G 304 35.78 21.94 8.35
N SER G 305 36.69 21.23 7.68
CA SER G 305 37.40 20.14 8.33
C SER G 305 38.57 20.63 9.17
N ARG G 306 39.16 21.77 8.81
CA ARG G 306 40.28 22.30 9.58
C ARG G 306 39.82 22.95 10.87
N LEU G 307 38.65 23.59 10.85
CA LEU G 307 38.13 24.24 12.05
C LEU G 307 37.54 23.25 13.05
N LEU G 308 37.12 22.06 12.60
CA LEU G 308 36.55 21.06 13.48
C LEU G 308 37.59 20.08 14.01
N GLU G 309 38.77 20.01 13.38
CA GLU G 309 39.80 19.09 13.84
C GLU G 309 40.54 19.59 15.07
N ARG G 310 40.48 20.90 15.35
CA ARG G 310 41.16 21.46 16.52
C ARG G 310 40.42 21.15 17.82
N ALA G 311 39.13 20.84 17.76
CA ALA G 311 38.34 20.54 18.96
C ALA G 311 38.45 19.05 19.25
N ALA G 312 39.54 18.68 19.91
CA ALA G 312 39.82 17.30 20.27
C ALA G 312 40.25 17.23 21.73
N LYS G 313 40.10 16.04 22.32
CA LYS G 313 40.48 15.82 23.71
C LYS G 313 41.98 15.62 23.80
N MET G 314 42.64 16.43 24.63
CA MET G 314 44.08 16.33 24.81
C MET G 314 44.42 15.17 25.74
N SER G 315 45.71 14.84 25.79
CA SER G 315 46.20 13.76 26.63
C SER G 315 46.53 14.30 28.02
N ASP G 316 47.11 13.45 28.87
CA ASP G 316 47.47 13.87 30.22
C ASP G 316 48.72 14.74 30.26
N ALA G 317 49.57 14.65 29.25
CA ALA G 317 50.79 15.46 29.21
C ALA G 317 50.56 16.85 28.64
N ASN G 318 49.39 17.12 28.06
CA ASN G 318 49.08 18.42 27.49
C ASN G 318 48.20 19.27 28.39
N GLY G 319 47.78 18.75 29.53
CA GLY G 319 46.94 19.50 30.43
C GLY G 319 45.68 18.76 30.85
N GLY G 320 45.21 17.87 29.97
CA GLY G 320 44.02 17.10 30.25
C GLY G 320 42.71 17.76 29.86
N GLY G 321 42.75 18.83 29.06
CA GLY G 321 41.55 19.51 28.65
C GLY G 321 40.95 18.94 27.37
N SER G 322 39.77 19.44 27.01
CA SER G 322 39.07 19.00 25.83
C SER G 322 38.20 20.14 25.30
N LEU G 323 37.76 20.00 24.06
CA LEU G 323 36.91 20.99 23.41
C LEU G 323 35.84 20.28 22.62
N THR G 324 34.57 20.56 22.93
CA THR G 324 33.44 19.96 22.25
C THR G 324 32.93 20.89 21.16
N ALA G 325 32.68 20.33 19.98
CA ALA G 325 32.19 21.08 18.83
C ALA G 325 30.77 20.65 18.50
N LEU G 326 29.86 21.62 18.41
CA LEU G 326 28.45 21.39 18.12
C LEU G 326 28.09 22.17 16.86
N PRO G 327 28.35 21.60 15.68
CA PRO G 327 28.02 22.32 14.44
C PRO G 327 26.62 21.98 13.94
N VAL G 328 25.80 23.00 13.71
CA VAL G 328 24.44 22.82 13.23
C VAL G 328 24.43 22.98 11.71
N ILE G 329 23.79 22.04 11.02
CA ILE G 329 23.69 22.05 9.57
C ILE G 329 22.24 22.31 9.19
N GLU G 330 22.01 23.43 8.50
CA GLU G 330 20.67 23.81 8.07
C GLU G 330 20.38 23.15 6.72
N THR G 331 19.46 22.19 6.72
CA THR G 331 19.09 21.48 5.50
C THR G 331 17.92 22.18 4.82
N GLN G 332 17.55 21.66 3.64
CA GLN G 332 16.46 22.19 2.83
C GLN G 332 15.52 21.04 2.50
N GLY G 333 14.47 20.87 3.30
CA GLY G 333 13.52 19.80 3.07
C GLY G 333 14.01 18.44 3.47
N GLY G 334 14.97 18.36 4.39
CA GLY G 334 15.51 17.08 4.82
C GLY G 334 16.44 16.41 3.84
N ASP G 335 17.00 17.15 2.89
CA ASP G 335 17.93 16.61 1.90
C ASP G 335 19.33 16.62 2.48
N VAL G 336 19.77 15.46 3.00
CA VAL G 336 21.09 15.35 3.59
C VAL G 336 22.15 14.95 2.57
N SER G 337 21.79 14.82 1.30
CA SER G 337 22.73 14.44 0.24
C SER G 337 23.13 15.64 -0.61
N ALA G 338 23.37 16.79 0.01
CA ALA G 338 23.76 17.99 -0.70
C ALA G 338 25.28 18.10 -0.73
N TYR G 339 25.79 19.27 -1.10
CA TYR G 339 27.23 19.49 -1.17
C TYR G 339 27.82 19.90 0.18
N ILE G 340 27.14 20.77 0.92
CA ILE G 340 27.61 21.23 2.22
C ILE G 340 27.08 20.29 3.29
N PRO G 341 26.06 19.48 3.01
CA PRO G 341 25.53 18.57 4.02
C PRO G 341 26.36 17.30 4.13
N THR G 342 26.79 16.76 3.00
CA THR G 342 27.59 15.54 2.99
C THR G 342 29.04 15.78 3.38
N ASN G 343 29.53 17.01 3.24
CA ASN G 343 30.92 17.31 3.59
C ASN G 343 31.11 17.42 5.09
N VAL G 344 30.12 17.95 5.81
CA VAL G 344 30.24 18.09 7.26
C VAL G 344 29.88 16.81 8.00
N ILE G 345 29.11 15.92 7.37
CA ILE G 345 28.73 14.68 8.03
C ILE G 345 29.82 13.62 7.96
N SER G 346 30.77 13.75 7.04
CA SER G 346 31.86 12.81 6.89
C SER G 346 33.15 13.29 7.55
N ILE G 347 33.08 14.33 8.37
CA ILE G 347 34.25 14.86 9.05
C ILE G 347 34.04 14.81 10.56
N THR G 348 32.78 14.88 10.98
CA THR G 348 32.43 14.83 12.39
C THR G 348 32.21 13.40 12.84
N ASP G 349 32.34 13.19 14.15
CA ASP G 349 32.17 11.88 14.76
C ASP G 349 30.72 11.71 15.21
N GLY G 350 29.85 11.57 14.22
CA GLY G 350 28.44 11.40 14.47
C GLY G 350 27.65 12.65 14.11
N GLN G 351 26.33 12.47 13.99
CA GLN G 351 25.44 13.57 13.66
C GLN G 351 24.08 13.31 14.30
N ILE G 352 23.35 14.38 14.56
CA ILE G 352 22.03 14.33 15.16
C ILE G 352 21.03 14.79 14.11
N PHE G 353 20.32 13.85 13.50
CA PHE G 353 19.34 14.17 12.48
C PHE G 353 18.05 14.68 13.13
N LEU G 354 17.61 15.85 12.69
CA LEU G 354 16.39 16.48 13.22
C LEU G 354 15.37 16.54 12.09
N GLU G 355 14.46 15.56 12.07
CA GLU G 355 13.44 15.50 11.05
C GLU G 355 12.31 16.46 11.37
N ALA G 356 11.66 16.96 10.33
CA ALA G 356 10.54 17.88 10.47
C ALA G 356 9.19 17.20 10.56
N GLU G 357 9.15 15.86 10.42
CA GLU G 357 7.88 15.15 10.52
C GLU G 357 7.47 14.90 11.96
N LEU G 358 8.42 14.47 12.80
CA LEU G 358 8.12 14.20 14.20
C LEU G 358 8.15 15.46 15.06
N PHE G 359 8.66 16.58 14.55
CA PHE G 359 8.70 17.81 15.33
C PHE G 359 7.36 18.53 15.36
N TYR G 360 6.54 18.34 14.32
CA TYR G 360 5.24 18.99 14.27
C TYR G 360 4.17 18.23 15.04
N LYS G 361 4.36 16.93 15.27
CA LYS G 361 3.38 16.14 16.00
C LYS G 361 3.44 16.37 17.51
N GLY G 362 4.56 16.87 18.02
CA GLY G 362 4.73 17.12 19.44
C GLY G 362 5.89 16.40 20.09
N ILE G 363 6.54 15.48 19.39
CA ILE G 363 7.68 14.74 19.96
C ILE G 363 8.92 15.63 19.90
N ARG G 364 9.06 16.51 20.89
CA ARG G 364 10.22 17.40 20.95
C ARG G 364 11.23 16.88 21.95
N PRO G 365 12.51 16.74 21.56
CA PRO G 365 13.00 17.06 20.21
C PRO G 365 12.93 15.87 19.27
N ALA G 366 12.66 16.13 17.99
CA ALA G 366 12.56 15.08 17.00
C ALA G 366 13.94 14.51 16.66
N ILE G 367 14.38 13.51 17.41
CA ILE G 367 15.67 12.86 17.21
C ILE G 367 15.40 11.46 16.69
N ASN G 368 15.80 11.21 15.45
CA ASN G 368 15.59 9.90 14.85
C ASN G 368 16.61 8.91 15.40
N VAL G 369 16.12 7.80 15.98
CA VAL G 369 17.01 6.80 16.53
C VAL G 369 17.64 5.95 15.44
N GLY G 370 16.97 5.81 14.30
CA GLY G 370 17.49 5.02 13.20
C GLY G 370 18.43 5.75 12.28
N LEU G 371 18.58 7.07 12.44
CA LEU G 371 19.46 7.87 11.60
C LEU G 371 20.61 8.49 12.37
N SER G 372 20.35 9.02 13.56
CA SER G 372 21.40 9.64 14.36
C SER G 372 22.16 8.58 15.13
N VAL G 373 23.49 8.66 15.10
CA VAL G 373 24.37 7.72 15.79
C VAL G 373 25.59 8.47 16.31
N SER G 374 26.28 7.83 17.25
CA SER G 374 27.48 8.40 17.87
C SER G 374 28.66 7.48 17.60
N ARG G 375 29.79 8.06 17.20
CA ARG G 375 30.98 7.28 16.92
C ARG G 375 31.76 6.91 18.17
N VAL G 376 31.48 7.58 19.30
CA VAL G 376 32.20 7.27 20.53
C VAL G 376 31.64 6.01 21.20
N GLY G 377 30.35 5.75 21.03
CA GLY G 377 29.74 4.58 21.63
C GLY G 377 29.35 4.78 23.08
N SER G 378 29.53 3.75 23.89
CA SER G 378 29.20 3.81 25.31
C SER G 378 30.34 4.32 26.17
N ALA G 379 31.49 4.64 25.57
CA ALA G 379 32.63 5.14 26.33
C ALA G 379 32.47 6.59 26.75
N ALA G 380 31.67 7.37 26.03
CA ALA G 380 31.45 8.77 26.34
C ALA G 380 30.24 9.00 27.24
N GLN G 381 29.64 7.93 27.77
CA GLN G 381 28.48 8.03 28.64
C GLN G 381 28.84 7.58 30.05
N VAL G 382 27.97 7.91 31.00
CA VAL G 382 28.19 7.54 32.39
C VAL G 382 27.85 6.07 32.59
N LYS G 383 28.41 5.50 33.67
CA LYS G 383 28.16 4.10 33.97
C LYS G 383 26.79 3.88 34.60
N ALA G 384 26.18 4.91 35.18
CA ALA G 384 24.86 4.75 35.78
C ALA G 384 23.77 4.71 34.72
N MET G 385 23.90 5.54 33.68
CA MET G 385 22.90 5.56 32.61
C MET G 385 23.06 4.38 31.66
N LYS G 386 24.27 3.82 31.54
CA LYS G 386 24.49 2.69 30.65
C LYS G 386 24.04 1.37 31.25
N GLN G 387 23.89 1.30 32.57
CA GLN G 387 23.46 0.06 33.21
C GLN G 387 21.94 -0.08 33.17
N VAL G 388 21.22 0.99 33.50
CA VAL G 388 19.76 0.95 33.47
C VAL G 388 19.20 0.99 32.06
N ALA G 389 19.95 1.56 31.11
CA ALA G 389 19.48 1.65 29.72
C ALA G 389 20.49 0.99 28.78
N GLY G 390 20.84 -0.26 29.05
CA GLY G 390 21.80 -0.96 28.20
C GLY G 390 21.19 -1.43 26.89
N SER G 391 19.88 -1.61 26.84
CA SER G 391 19.18 -2.05 25.65
C SER G 391 18.28 -0.95 25.08
N LEU G 392 18.64 0.31 25.29
CA LEU G 392 17.83 1.41 24.78
C LEU G 392 18.01 1.57 23.27
N LYS G 393 19.19 1.23 22.75
CA LYS G 393 19.43 1.34 21.32
C LYS G 393 18.78 0.20 20.55
N LEU G 394 18.58 -0.95 21.20
CA LEU G 394 17.96 -2.09 20.53
C LEU G 394 16.44 -2.06 20.65
N PHE G 395 15.91 -1.36 21.66
CA PHE G 395 14.46 -1.29 21.83
C PHE G 395 13.84 -0.29 20.87
N LEU G 396 14.63 0.66 20.36
CA LEU G 396 14.09 1.65 19.42
C LEU G 396 13.91 1.03 18.03
N ALA G 397 14.77 0.08 17.67
CA ALA G 397 14.65 -0.56 16.36
C ALA G 397 13.54 -1.61 16.34
N GLN G 398 13.29 -2.27 17.48
CA GLN G 398 12.24 -3.28 17.53
C GLN G 398 10.86 -2.66 17.63
N TYR G 399 10.74 -1.51 18.31
CA TYR G 399 9.45 -0.86 18.43
C TYR G 399 9.01 -0.13 17.17
N ARG G 400 9.95 0.20 16.29
CA ARG G 400 9.60 0.89 15.05
C ARG G 400 8.96 -0.07 14.05
N GLU G 401 9.42 -1.32 14.02
CA GLU G 401 8.85 -2.30 13.10
C GLU G 401 7.52 -2.83 13.59
N VAL G 402 7.30 -2.85 14.91
CA VAL G 402 6.03 -3.35 15.45
C VAL G 402 4.96 -2.27 15.44
N ALA G 403 5.32 -0.99 15.33
CA ALA G 403 4.33 0.07 15.31
C ALA G 403 3.61 0.15 13.98
N ALA G 404 4.24 -0.27 12.89
CA ALA G 404 3.60 -0.22 11.58
C ALA G 404 2.64 -1.38 11.36
N PHE G 405 2.70 -2.42 12.20
CA PHE G 405 1.80 -3.55 12.05
C PHE G 405 0.40 -3.27 12.57
N ALA G 406 0.22 -2.23 13.37
CA ALA G 406 -1.10 -1.90 13.90
C ALA G 406 -2.00 -1.26 12.86
N GLN G 407 -1.42 -0.66 11.81
CA GLN G 407 -2.19 -0.03 10.76
C GLN G 407 -2.54 -0.98 9.62
N PHE G 408 -2.23 -2.27 9.75
CA PHE G 408 -2.51 -3.25 8.72
C PHE G 408 -3.72 -4.12 9.04
N GLY G 409 -4.21 -4.10 10.27
CA GLY G 409 -5.36 -4.88 10.67
C GLY G 409 -5.03 -6.08 11.53
N SER G 410 -3.75 -6.37 11.77
CA SER G 410 -3.36 -7.50 12.59
C SER G 410 -3.52 -7.16 14.06
N ASP G 411 -4.25 -8.00 14.80
CA ASP G 411 -4.47 -7.80 16.22
C ASP G 411 -4.04 -9.01 17.06
N LEU G 412 -3.20 -9.88 16.50
CA LEU G 412 -2.74 -11.05 17.22
C LEU G 412 -1.40 -10.78 17.89
N ASP G 413 -0.52 -11.79 17.90
CA ASP G 413 0.80 -11.69 18.51
C ASP G 413 0.72 -11.28 19.98
N ALA G 414 0.41 -12.25 20.85
CA ALA G 414 0.31 -11.94 22.27
C ALA G 414 1.68 -11.67 22.89
N SER G 415 2.74 -12.24 22.33
CA SER G 415 4.08 -12.01 22.87
C SER G 415 4.62 -10.64 22.48
N THR G 416 4.12 -10.07 21.39
CA THR G 416 4.55 -8.75 20.93
C THR G 416 3.74 -7.62 21.54
N LYS G 417 2.77 -7.92 22.40
CA LYS G 417 1.96 -6.86 23.00
C LYS G 417 2.74 -6.12 24.09
N GLN G 418 3.69 -6.80 24.75
CA GLN G 418 4.47 -6.14 25.80
C GLN G 418 5.52 -5.21 25.21
N THR G 419 6.07 -5.55 24.06
CA THR G 419 7.08 -4.70 23.43
C THR G 419 6.46 -3.50 22.72
N LEU G 420 5.24 -3.63 22.23
CA LEU G 420 4.60 -2.52 21.55
C LEU G 420 4.08 -1.49 22.55
N SER G 421 3.62 -1.94 23.71
CA SER G 421 3.13 -1.01 24.72
C SER G 421 4.26 -0.31 25.44
N ARG G 422 5.41 -0.98 25.60
CA ARG G 422 6.55 -0.35 26.27
C ARG G 422 7.27 0.62 25.36
N GLY G 423 7.13 0.46 24.04
CA GLY G 423 7.80 1.36 23.11
C GLY G 423 7.14 2.72 23.03
N GLU G 424 5.82 2.78 23.21
CA GLU G 424 5.11 4.05 23.15
C GLU G 424 5.33 4.88 24.40
N ARG G 425 5.45 4.23 25.56
CA ARG G 425 5.67 4.95 26.81
C ARG G 425 7.11 5.42 26.96
N LEU G 426 8.06 4.73 26.31
CA LEU G 426 9.45 5.13 26.41
C LEU G 426 9.76 6.35 25.54
N THR G 427 9.01 6.52 24.44
CA THR G 427 9.25 7.67 23.57
C THR G 427 8.67 8.94 24.16
N GLN G 428 7.56 8.84 24.90
CA GLN G 428 6.95 10.02 25.50
C GLN G 428 7.67 10.46 26.76
N LEU G 429 8.29 9.51 27.48
CA LEU G 429 9.01 9.86 28.70
C LEU G 429 10.35 10.53 28.41
N LEU G 430 10.97 10.20 27.27
CA LEU G 430 12.25 10.79 26.92
C LEU G 430 12.12 12.17 26.28
N LYS G 431 10.91 12.60 25.92
CA LYS G 431 10.69 13.89 25.32
C LYS G 431 10.54 14.93 26.43
N GLN G 432 11.51 15.84 26.52
CA GLN G 432 11.50 16.89 27.53
C GLN G 432 11.08 18.22 26.91
N LYS G 433 10.74 19.17 27.77
CA LYS G 433 10.32 20.49 27.34
C LYS G 433 11.52 21.39 27.12
N GLN G 434 11.27 22.61 26.65
CA GLN G 434 12.33 23.57 26.40
C GLN G 434 12.85 24.16 27.70
N TYR G 435 14.18 24.29 27.81
CA TYR G 435 14.84 24.83 28.99
C TYR G 435 14.48 24.05 30.25
N SER G 436 14.51 22.72 30.12
CA SER G 436 14.19 21.82 31.24
C SER G 436 15.15 20.64 31.20
N PRO G 437 16.43 20.88 31.48
CA PRO G 437 17.41 19.80 31.47
C PRO G 437 17.38 18.98 32.74
N GLN G 438 17.67 17.70 32.60
CA GLN G 438 17.70 16.76 33.72
C GLN G 438 19.13 16.32 33.99
N ALA G 439 19.39 15.94 35.24
CA ALA G 439 20.71 15.48 35.66
C ALA G 439 20.84 13.98 35.40
N SER G 440 21.97 13.43 35.85
CA SER G 440 22.21 12.00 35.66
C SER G 440 21.46 11.16 36.70
N GLU G 441 21.13 11.77 37.84
CA GLU G 441 20.42 11.04 38.89
C GLU G 441 18.93 10.93 38.60
N GLU G 442 18.35 11.93 37.91
CA GLU G 442 16.93 11.89 37.60
C GLU G 442 16.65 11.12 36.30
N GLN G 443 17.65 11.01 35.42
CA GLN G 443 17.46 10.29 34.17
C GLN G 443 17.73 8.80 34.29
N VAL G 444 18.43 8.38 35.34
CA VAL G 444 18.72 6.97 35.56
C VAL G 444 17.50 6.29 36.18
N PRO G 445 16.68 7.01 36.95
CA PRO G 445 15.50 6.39 37.54
C PRO G 445 14.33 6.32 36.57
N VAL G 446 14.30 7.24 35.61
CA VAL G 446 13.22 7.26 34.63
C VAL G 446 13.47 6.22 33.53
N ILE G 447 14.72 5.95 33.21
CA ILE G 447 15.03 4.96 32.17
C ILE G 447 14.94 3.54 32.69
N TYR G 448 15.07 3.33 34.00
CA TYR G 448 14.98 1.98 34.56
C TYR G 448 13.54 1.52 34.70
N ALA G 449 12.60 2.43 34.90
CA ALA G 449 11.20 2.07 35.05
C ALA G 449 10.51 1.85 33.71
N GLY G 450 11.10 2.33 32.61
CA GLY G 450 10.50 2.17 31.30
C GLY G 450 11.08 1.00 30.52
N VAL G 451 12.27 0.55 30.93
CA VAL G 451 12.92 -0.57 30.24
C VAL G 451 12.66 -1.91 30.92
N ASN G 452 12.32 -1.91 32.21
CA ASN G 452 12.05 -3.13 32.94
C ASN G 452 10.59 -3.55 32.91
N GLY G 453 9.72 -2.74 32.30
CA GLY G 453 8.31 -3.06 32.22
C GLY G 453 7.45 -2.49 33.33
N PHE G 454 8.00 -1.60 34.16
CA PHE G 454 7.23 -1.02 35.25
C PHE G 454 6.28 0.08 34.79
N LEU G 455 6.52 0.66 33.62
CA LEU G 455 5.67 1.72 33.09
C LEU G 455 4.68 1.21 32.05
N ASP G 456 4.58 -0.12 31.87
CA ASP G 456 3.65 -0.66 30.88
C ASP G 456 2.22 -0.68 31.41
N ASN G 457 2.04 -0.71 32.72
CA ASN G 457 0.71 -0.72 33.32
C ASN G 457 0.13 0.67 33.52
N ILE G 458 0.90 1.72 33.25
CA ILE G 458 0.43 3.10 33.42
C ILE G 458 -0.19 3.57 32.11
N PRO G 459 -0.89 4.70 32.10
CA PRO G 459 -1.49 5.19 30.86
C PRO G 459 -0.52 6.00 30.02
N ILE G 460 -0.93 6.22 28.77
CA ILE G 460 -0.09 6.99 27.84
C ILE G 460 -0.20 8.48 28.13
N GLU G 461 -1.37 8.96 28.53
CA GLU G 461 -1.56 10.37 28.82
C GLU G 461 -0.96 10.79 30.16
N ARG G 462 -0.73 9.84 31.06
CA ARG G 462 -0.16 10.13 32.37
C ARG G 462 1.35 9.94 32.41
N ILE G 463 2.01 9.94 31.26
CA ILE G 463 3.46 9.76 31.19
C ILE G 463 4.14 11.07 31.59
N PRO G 464 3.49 12.21 31.40
CA PRO G 464 4.13 13.48 31.79
C PRO G 464 4.06 13.73 33.29
N GLU G 465 2.96 13.31 33.91
CA GLU G 465 2.80 13.49 35.35
C GLU G 465 3.54 12.44 36.16
N PHE G 466 3.89 11.30 35.55
CA PHE G 466 4.60 10.26 36.29
C PHE G 466 6.09 10.59 36.42
N GLU G 467 6.62 11.46 35.56
CA GLU G 467 8.03 11.82 35.64
C GLU G 467 8.27 12.81 36.78
N GLU G 468 7.33 13.74 37.00
CA GLU G 468 7.49 14.71 38.07
C GLU G 468 7.18 14.12 39.44
N GLN G 469 6.29 13.14 39.50
CA GLN G 469 5.94 12.52 40.77
C GLN G 469 7.01 11.54 41.25
N PHE G 470 7.73 10.89 40.32
CA PHE G 470 8.77 9.96 40.72
C PHE G 470 10.03 10.67 41.17
N ILE G 471 10.31 11.85 40.60
CA ILE G 471 11.51 12.58 40.99
C ILE G 471 11.29 13.30 42.32
N ALA G 472 10.05 13.69 42.62
CA ALA G 472 9.77 14.38 43.87
C ALA G 472 9.74 13.43 45.06
N TYR G 473 9.30 12.18 44.86
CA TYR G 473 9.26 11.22 45.94
C TYR G 473 10.64 10.66 46.28
N LEU G 474 11.55 10.66 45.30
CA LEU G 474 12.90 10.16 45.53
C LEU G 474 13.82 11.19 46.18
N LYS G 475 13.40 12.45 46.28
CA LYS G 475 14.20 13.49 46.89
C LYS G 475 13.84 13.76 48.34
N ALA G 476 12.69 13.28 48.81
CA ALA G 476 12.27 13.49 50.19
C ALA G 476 12.19 12.21 51.01
N ASN G 477 11.98 11.05 50.39
CA ASN G 477 11.89 9.80 51.12
C ASN G 477 13.19 9.01 51.01
N GLU G 478 13.48 8.49 49.82
CA GLU G 478 14.70 7.71 49.58
C GLU G 478 15.74 8.59 48.89
N GLY G 479 16.22 9.58 49.64
CA GLY G 479 17.21 10.51 49.11
C GLY G 479 18.60 9.91 49.00
N ASP G 480 18.85 8.80 49.68
CA ASP G 480 20.17 8.17 49.62
C ASP G 480 20.41 7.46 48.29
N ILE G 481 19.35 7.08 47.58
CA ILE G 481 19.53 6.41 46.29
C ILE G 481 19.83 7.41 45.19
N LEU G 482 19.33 8.63 45.29
CA LEU G 482 19.58 9.64 44.27
C LEU G 482 20.97 10.25 44.40
N GLU G 483 21.50 10.36 45.62
CA GLU G 483 22.82 10.93 45.82
C GLU G 483 23.93 9.93 45.47
N ALA G 484 23.64 8.63 45.54
CA ALA G 484 24.64 7.63 45.22
C ALA G 484 24.85 7.48 43.72
N ILE G 485 23.82 7.74 42.92
CA ILE G 485 23.96 7.63 41.47
C ILE G 485 24.68 8.82 40.86
N ARG G 486 24.72 9.96 41.56
CA ARG G 486 25.39 11.14 41.04
C ARG G 486 26.84 11.26 41.51
N THR G 487 27.14 10.76 42.71
CA THR G 487 28.51 10.85 43.22
C THR G 487 29.37 9.71 42.66
N LYS G 488 28.90 8.47 42.80
CA LYS G 488 29.64 7.33 42.29
C LYS G 488 29.53 7.18 40.78
N GLY G 489 28.38 7.52 40.21
CA GLY G 489 28.18 7.41 38.78
C GLY G 489 27.91 6.01 38.27
N GLU G 490 27.60 5.06 39.15
CA GLU G 490 27.33 3.69 38.74
C GLU G 490 26.38 3.07 39.76
N LEU G 491 26.00 1.81 39.49
CA LEU G 491 25.10 1.08 40.36
C LEU G 491 25.61 -0.35 40.49
N SER G 492 25.84 -0.79 41.72
CA SER G 492 26.34 -2.14 41.97
C SER G 492 25.17 -3.09 42.26
N SER G 493 25.42 -4.11 43.08
CA SER G 493 24.36 -5.05 43.42
C SER G 493 23.42 -4.49 44.48
N GLU G 494 23.94 -3.65 45.37
CA GLU G 494 23.10 -3.05 46.40
C GLU G 494 22.26 -1.89 45.85
N LEU G 495 22.77 -1.18 44.85
CA LEU G 495 22.03 -0.07 44.28
C LEU G 495 20.96 -0.54 43.30
N LEU G 496 21.13 -1.73 42.71
CA LEU G 496 20.14 -2.23 41.76
C LEU G 496 18.95 -2.84 42.48
N ASP G 497 19.15 -3.40 43.68
CA ASP G 497 18.05 -3.99 44.42
C ASP G 497 17.21 -2.92 45.13
N LYS G 498 17.83 -1.81 45.51
CA LYS G 498 17.07 -0.75 46.17
C LYS G 498 16.28 0.09 45.18
N LEU G 499 16.77 0.21 43.94
CA LEU G 499 16.05 0.99 42.94
C LEU G 499 14.88 0.23 42.36
N LYS G 500 14.95 -1.10 42.31
CA LYS G 500 13.85 -1.89 41.77
C LYS G 500 12.71 -2.02 42.78
N SER G 501 13.02 -2.02 44.07
CA SER G 501 11.98 -2.14 45.08
C SER G 501 11.23 -0.83 45.30
N ALA G 502 11.91 0.31 45.12
CA ALA G 502 11.25 1.60 45.30
C ALA G 502 10.38 1.97 44.11
N THR G 503 10.72 1.49 42.90
CA THR G 503 9.93 1.80 41.72
C THR G 503 8.65 0.98 41.65
N GLU G 504 8.65 -0.23 42.23
CA GLU G 504 7.47 -1.06 42.20
C GLU G 504 6.44 -0.60 43.22
N THR G 505 6.88 -0.11 44.38
CA THR G 505 5.97 0.36 45.41
C THR G 505 5.41 1.75 45.12
N PHE G 506 6.08 2.53 44.27
CA PHE G 506 5.61 3.87 43.94
C PHE G 506 4.59 3.87 42.80
N VAL G 507 4.36 2.72 42.15
CA VAL G 507 3.39 2.66 41.06
C VAL G 507 1.95 2.63 41.57
N ALA G 508 1.74 2.20 42.81
CA ALA G 508 0.40 2.13 43.40
C ALA G 508 0.12 3.32 44.31
N THR G 509 0.31 4.53 43.77
CA THR G 509 0.10 5.77 44.49
C THR G 509 0.89 5.83 45.80
N ALA H 3 77.69 26.83 -2.78
CA ALA H 3 76.88 25.88 -3.55
C ALA H 3 75.95 26.62 -4.50
N GLY H 4 75.50 25.92 -5.54
CA GLY H 4 74.61 26.49 -6.51
C GLY H 4 73.16 26.32 -6.14
N PRO H 5 72.71 27.08 -5.13
CA PRO H 5 71.30 26.97 -4.70
C PRO H 5 70.41 27.89 -5.54
N ALA H 6 69.36 27.30 -6.12
CA ALA H 6 68.42 28.04 -6.96
C ALA H 6 67.47 28.81 -6.05
N SER H 7 67.84 30.04 -5.72
CA SER H 7 67.03 30.90 -4.88
C SER H 7 65.92 31.54 -5.71
N GLY H 8 64.70 31.54 -5.17
CA GLY H 8 63.57 32.12 -5.87
C GLY H 8 62.85 33.18 -5.07
N LYS H 9 62.14 34.07 -5.75
CA LYS H 9 61.39 35.15 -5.13
C LYS H 9 59.90 34.90 -5.30
N ILE H 10 59.14 35.07 -4.22
CA ILE H 10 57.70 34.86 -4.25
C ILE H 10 57.04 36.08 -4.87
N ARG H 11 56.27 35.86 -5.94
CA ARG H 11 55.57 36.93 -6.64
C ARG H 11 54.07 36.92 -6.42
N ALA H 12 53.47 35.75 -6.24
CA ALA H 12 52.04 35.64 -6.02
C ALA H 12 51.75 34.60 -4.95
N VAL H 13 50.71 34.84 -4.16
CA VAL H 13 50.32 33.93 -3.10
C VAL H 13 48.82 34.02 -2.89
N ILE H 14 48.07 33.08 -3.47
CA ILE H 14 46.62 33.04 -3.38
C ILE H 14 46.24 31.63 -2.92
N GLY H 15 46.09 31.44 -1.61
CA GLY H 15 45.70 30.16 -1.07
C GLY H 15 46.83 29.15 -1.04
N ALA H 16 46.57 27.95 -1.56
CA ALA H 16 47.57 26.90 -1.56
C ALA H 16 48.61 27.06 -2.66
N VAL H 17 48.26 27.74 -3.75
CA VAL H 17 49.19 27.95 -4.86
C VAL H 17 50.03 29.18 -4.58
N VAL H 18 51.33 29.09 -4.85
CA VAL H 18 52.27 30.18 -4.64
C VAL H 18 53.23 30.21 -5.81
N ASP H 19 53.24 31.33 -6.54
CA ASP H 19 54.12 31.49 -7.70
C ASP H 19 55.47 32.00 -7.25
N VAL H 20 56.53 31.28 -7.60
CA VAL H 20 57.90 31.64 -7.26
C VAL H 20 58.62 32.04 -8.54
N GLN H 21 59.33 33.15 -8.47
CA GLN H 21 60.09 33.67 -9.61
C GLN H 21 61.57 33.49 -9.35
N PHE H 22 62.24 32.74 -10.21
CA PHE H 22 63.66 32.47 -10.10
C PHE H 22 64.41 33.16 -11.24
N GLU H 23 65.61 32.70 -11.53
CA GLU H 23 66.43 33.27 -12.60
C GLU H 23 66.22 32.51 -13.90
N GLN H 24 66.84 33.02 -14.97
CA GLN H 24 66.74 32.40 -16.28
C GLN H 24 67.71 31.23 -16.38
N GLY H 25 67.19 30.02 -16.61
CA GLY H 25 67.99 28.84 -16.74
C GLY H 25 68.13 28.03 -15.45
N GLU H 26 68.03 28.69 -14.29
CA GLU H 26 68.14 28.03 -13.01
C GLU H 26 66.78 27.71 -12.39
N LEU H 27 65.74 27.60 -13.22
CA LEU H 27 64.42 27.30 -12.71
C LEU H 27 64.27 25.81 -12.42
N PRO H 28 63.51 25.44 -11.40
CA PRO H 28 63.34 24.03 -11.07
C PRO H 28 62.32 23.35 -11.99
N ALA H 29 62.35 22.03 -11.98
CA ALA H 29 61.46 21.23 -12.79
C ALA H 29 60.14 20.99 -12.05
N ILE H 30 59.28 20.17 -12.65
CA ILE H 30 58.00 19.85 -12.05
C ILE H 30 58.19 18.81 -10.96
N LEU H 31 57.28 18.83 -9.97
CA LEU H 31 57.31 17.90 -8.85
C LEU H 31 58.64 17.99 -8.09
N ASN H 32 59.06 19.22 -7.80
CA ASN H 32 60.29 19.49 -7.08
C ASN H 32 59.98 20.20 -5.78
N ALA H 33 60.60 19.75 -4.69
CA ALA H 33 60.38 20.34 -3.38
C ALA H 33 61.15 21.64 -3.26
N LEU H 34 60.46 22.70 -2.82
CA LEU H 34 61.06 24.01 -2.64
C LEU H 34 60.99 24.39 -1.16
N THR H 35 62.17 24.62 -0.57
CA THR H 35 62.23 24.98 0.84
C THR H 35 62.04 26.48 1.02
N ILE H 36 61.50 26.85 2.18
CA ILE H 36 61.25 28.25 2.51
C ILE H 36 61.45 28.42 4.01
N ASP H 37 62.29 29.39 4.38
CA ASP H 37 62.57 29.65 5.79
C ASP H 37 61.47 30.52 6.38
N GLN H 38 60.86 30.06 7.46
CA GLN H 38 59.79 30.74 8.17
C GLN H 38 60.35 31.34 9.46
N GLY H 39 59.51 31.46 10.48
CA GLY H 39 59.93 32.01 11.75
C GLY H 39 60.19 30.96 12.81
N ASN H 40 59.65 29.76 12.60
CA ASN H 40 59.83 28.67 13.54
C ASN H 40 61.05 27.84 13.14
N ASN H 41 61.21 26.69 13.78
CA ASN H 41 62.34 25.80 13.49
C ASN H 41 62.08 24.86 12.32
N GLN H 42 60.86 24.84 11.77
CA GLN H 42 60.52 23.97 10.66
C GLN H 42 60.75 24.68 9.34
N LYS H 43 60.04 24.24 8.29
CA LYS H 43 60.16 24.84 6.98
C LYS H 43 58.82 24.74 6.26
N LEU H 44 58.74 25.41 5.12
CA LEU H 44 57.53 25.43 4.29
C LEU H 44 57.83 24.70 2.99
N VAL H 45 57.39 23.45 2.90
CA VAL H 45 57.62 22.64 1.71
C VAL H 45 56.63 23.06 0.63
N LEU H 46 57.13 23.19 -0.60
CA LEU H 46 56.30 23.58 -1.74
C LEU H 46 56.69 22.74 -2.94
N GLU H 47 55.70 22.09 -3.55
CA GLU H 47 55.92 21.24 -4.72
C GLU H 47 55.56 22.02 -5.97
N VAL H 48 56.47 22.03 -6.94
CA VAL H 48 56.25 22.73 -8.20
C VAL H 48 55.28 21.93 -9.05
N ALA H 49 54.16 22.54 -9.42
CA ALA H 49 53.15 21.88 -10.23
C ALA H 49 53.36 22.15 -11.73
N GLN H 50 53.27 23.40 -12.13
CA GLN H 50 53.47 23.79 -13.53
C GLN H 50 54.35 25.04 -13.58
N HIS H 51 54.63 25.49 -14.79
CA HIS H 51 55.46 26.66 -15.02
C HIS H 51 54.67 27.65 -15.87
N LEU H 52 54.43 28.84 -15.30
CA LEU H 52 53.68 29.88 -16.03
C LEU H 52 54.52 30.58 -17.08
N GLY H 53 55.84 30.55 -16.95
CA GLY H 53 56.73 31.19 -17.90
C GLY H 53 57.33 32.47 -17.34
N GLU H 54 58.20 33.07 -18.15
CA GLU H 54 58.90 34.31 -17.80
C GLU H 54 59.68 34.16 -16.50
N ASN H 55 60.44 33.06 -16.41
CA ASN H 55 61.27 32.75 -15.24
C ASN H 55 60.42 32.68 -13.98
N ALA H 56 59.29 31.99 -14.07
CA ALA H 56 58.38 31.84 -12.95
C ALA H 56 57.62 30.52 -13.09
N VAL H 57 57.42 29.84 -11.96
CA VAL H 57 56.72 28.56 -11.93
C VAL H 57 55.76 28.57 -10.75
N ARG H 58 54.56 28.03 -10.97
CA ARG H 58 53.55 27.96 -9.92
C ARG H 58 53.80 26.74 -9.05
N ALA H 59 53.95 26.96 -7.74
CA ALA H 59 54.19 25.90 -6.78
C ALA H 59 53.01 25.77 -5.84
N ILE H 60 52.80 24.55 -5.34
CA ILE H 60 51.71 24.23 -4.42
C ILE H 60 52.32 23.97 -3.06
N ALA H 61 51.92 24.78 -2.07
CA ALA H 61 52.43 24.64 -0.72
C ALA H 61 51.79 23.45 -0.03
N MET H 62 52.59 22.71 0.74
CA MET H 62 52.13 21.54 1.47
C MET H 62 51.74 21.86 2.92
N ASP H 63 51.62 23.14 3.27
CA ASP H 63 51.26 23.52 4.62
C ASP H 63 50.51 24.86 4.62
N GLY H 64 50.61 25.60 5.72
CA GLY H 64 49.94 26.89 5.82
C GLY H 64 50.72 27.97 5.09
N THR H 65 50.03 28.71 4.22
CA THR H 65 50.65 29.78 3.45
C THR H 65 50.53 31.14 4.13
N GLU H 66 50.12 31.17 5.40
CA GLU H 66 49.99 32.43 6.12
C GLU H 66 51.36 32.92 6.59
N GLY H 67 51.64 34.20 6.37
CA GLY H 67 52.90 34.79 6.76
C GLY H 67 53.89 35.00 5.63
N LEU H 68 53.57 34.56 4.42
CA LEU H 68 54.46 34.71 3.27
C LEU H 68 54.25 36.09 2.64
N VAL H 69 55.34 36.84 2.48
CA VAL H 69 55.28 38.16 1.89
C VAL H 69 55.81 38.08 0.46
N ARG H 70 55.61 39.17 -0.29
CA ARG H 70 56.07 39.23 -1.67
C ARG H 70 57.55 39.55 -1.70
N GLY H 71 58.35 38.61 -2.18
CA GLY H 71 59.79 38.78 -2.28
C GLY H 71 60.61 37.95 -1.32
N GLN H 72 60.04 36.90 -0.73
CA GLN H 72 60.79 36.07 0.21
C GLN H 72 61.68 35.09 -0.54
N THR H 73 62.68 34.57 0.17
CA THR H 73 63.62 33.62 -0.41
C THR H 73 62.97 32.24 -0.48
N VAL H 74 63.11 31.58 -1.63
CA VAL H 74 62.57 30.24 -1.86
C VAL H 74 63.67 29.42 -2.50
N VAL H 75 64.37 28.63 -1.68
CA VAL H 75 65.46 27.79 -2.18
C VAL H 75 64.90 26.48 -2.69
N ASP H 76 65.56 25.91 -3.70
CA ASP H 76 65.14 24.66 -4.31
C ASP H 76 66.03 23.52 -3.81
N THR H 77 65.40 22.38 -3.54
CA THR H 77 66.15 21.21 -3.06
C THR H 77 66.86 20.48 -4.18
N GLY H 78 66.43 20.64 -5.43
CA GLY H 78 67.03 20.00 -6.57
C GLY H 78 66.33 18.72 -7.00
N ALA H 79 65.67 18.03 -6.07
CA ALA H 79 64.98 16.78 -6.39
C ALA H 79 63.53 16.87 -5.93
N PRO H 80 62.84 15.74 -5.78
CA PRO H 80 61.44 15.78 -5.34
C PRO H 80 61.31 15.73 -3.83
N ILE H 81 60.12 15.37 -3.34
CA ILE H 81 59.86 15.27 -1.91
C ILE H 81 60.45 13.96 -1.42
N SER H 82 61.60 14.02 -0.76
CA SER H 82 62.25 12.83 -0.25
C SER H 82 61.59 12.37 1.04
N VAL H 83 61.46 11.06 1.20
CA VAL H 83 60.85 10.47 2.38
C VAL H 83 61.77 9.38 2.92
N PRO H 84 61.72 9.08 4.23
CA PRO H 84 62.59 8.04 4.78
C PRO H 84 62.02 6.66 4.51
N VAL H 85 62.87 5.76 3.99
CA VAL H 85 62.49 4.41 3.68
C VAL H 85 63.36 3.45 4.48
N GLY H 86 63.03 2.17 4.39
CA GLY H 86 63.77 1.14 5.10
C GLY H 86 63.04 0.65 6.34
N ARG H 87 63.81 0.05 7.24
CA ARG H 87 63.28 -0.49 8.49
C ARG H 87 63.13 0.57 9.57
N GLY H 88 63.70 1.77 9.38
CA GLY H 88 63.59 2.81 10.38
C GLY H 88 62.26 3.52 10.42
N THR H 89 61.46 3.41 9.36
CA THR H 89 60.15 4.05 9.31
C THR H 89 59.06 3.23 9.99
N LEU H 90 59.34 1.99 10.37
CA LEU H 90 58.35 1.14 11.02
C LEU H 90 58.21 1.54 12.49
N GLY H 91 56.98 1.84 12.90
CA GLY H 91 56.70 2.22 14.27
C GLY H 91 56.65 3.72 14.51
N ARG H 92 57.11 4.53 13.57
CA ARG H 92 57.10 5.99 13.71
C ARG H 92 56.00 6.58 12.85
N ILE H 93 55.52 7.76 13.27
CA ILE H 93 54.47 8.47 12.57
C ILE H 93 55.15 9.49 11.65
N ILE H 94 55.15 9.19 10.35
CA ILE H 94 55.76 10.07 9.37
C ILE H 94 54.70 11.01 8.80
N ASN H 95 55.17 12.11 8.22
CA ASN H 95 54.30 13.11 7.62
C ASN H 95 54.37 13.02 6.10
N VAL H 96 53.87 14.06 5.44
CA VAL H 96 53.88 14.07 3.97
C VAL H 96 55.26 14.44 3.45
N VAL H 97 56.06 15.18 4.24
CA VAL H 97 57.39 15.59 3.80
C VAL H 97 58.48 14.64 4.30
N GLY H 98 58.11 13.59 5.04
CA GLY H 98 59.09 12.64 5.54
C GLY H 98 59.65 12.96 6.90
N GLU H 99 58.96 13.75 7.72
CA GLU H 99 59.42 14.11 9.04
C GLU H 99 58.63 13.37 10.11
N PRO H 100 59.22 13.15 11.29
CA PRO H 100 58.49 12.44 12.35
C PRO H 100 57.54 13.35 13.08
N ILE H 101 56.38 12.81 13.44
CA ILE H 101 55.35 13.56 14.15
C ILE H 101 54.92 12.78 15.39
N ASP H 102 55.80 11.90 15.87
CA ASP H 102 55.52 11.08 17.04
C ASP H 102 56.33 11.49 18.26
N GLU H 103 57.17 12.52 18.15
CA GLU H 103 58.01 13.00 19.24
C GLU H 103 58.91 11.89 19.76
N ARG H 104 59.58 11.20 18.84
CA ARG H 104 60.48 10.10 19.18
C ARG H 104 61.83 10.27 18.50
N GLY H 105 62.25 11.51 18.29
CA GLY H 105 63.52 11.79 17.65
C GLY H 105 63.43 11.72 16.15
N PRO H 106 64.57 11.83 15.47
CA PRO H 106 64.58 11.77 14.00
C PRO H 106 64.69 10.35 13.49
N ILE H 107 64.20 10.17 12.27
CA ILE H 107 64.22 8.86 11.62
C ILE H 107 65.63 8.62 11.07
N GLU H 108 66.35 7.70 11.70
CA GLU H 108 67.72 7.36 11.28
C GLU H 108 67.64 6.44 10.06
N CYS H 109 67.55 7.06 8.89
CA CYS H 109 67.48 6.33 7.63
C CYS H 109 68.76 6.52 6.83
N LYS H 110 69.22 5.45 6.18
CA LYS H 110 70.44 5.52 5.38
C LYS H 110 70.18 6.07 3.98
N GLN H 111 68.97 5.88 3.46
CA GLN H 111 68.61 6.36 2.13
C GLN H 111 67.29 7.09 2.19
N ARG H 112 67.05 7.94 1.19
CA ARG H 112 65.82 8.72 1.10
C ARG H 112 65.37 8.73 -0.35
N ASN H 113 64.29 8.02 -0.65
CA ASN H 113 63.76 7.95 -2.00
C ASN H 113 62.72 9.04 -2.23
N PRO H 114 62.48 9.42 -3.48
CA PRO H 114 61.49 10.46 -3.76
C PRO H 114 60.08 9.90 -3.80
N ILE H 115 59.12 10.80 -3.59
CA ILE H 115 57.72 10.40 -3.61
C ILE H 115 57.20 10.26 -5.03
N HIS H 116 57.76 11.01 -5.98
CA HIS H 116 57.33 10.94 -7.37
C HIS H 116 58.20 9.93 -8.12
N ALA H 117 57.58 8.86 -8.59
CA ALA H 117 58.30 7.82 -9.33
C ALA H 117 57.37 7.22 -10.37
N ASP H 118 57.97 6.62 -11.39
CA ASP H 118 57.21 6.01 -12.46
C ASP H 118 56.68 4.64 -12.02
N PRO H 119 55.61 4.16 -12.66
CA PRO H 119 55.05 2.86 -12.28
C PRO H 119 55.74 1.74 -13.02
N PRO H 120 55.31 0.50 -12.81
CA PRO H 120 55.94 -0.63 -13.51
C PRO H 120 55.46 -0.76 -14.94
N SER H 121 56.30 -1.41 -15.75
CA SER H 121 56.00 -1.62 -17.15
C SER H 121 55.11 -2.85 -17.33
N PHE H 122 54.74 -3.13 -18.58
CA PHE H 122 53.90 -4.29 -18.86
C PHE H 122 54.67 -5.59 -18.82
N VAL H 123 55.98 -5.55 -19.05
CA VAL H 123 56.79 -6.77 -19.01
C VAL H 123 57.18 -7.17 -17.60
N GLU H 124 57.11 -6.24 -16.64
CA GLU H 124 57.47 -6.52 -15.26
C GLU H 124 56.28 -6.95 -14.42
N GLN H 125 55.09 -7.05 -15.01
CA GLN H 125 53.91 -7.45 -14.26
C GLN H 125 53.88 -8.97 -14.09
N SER H 126 53.44 -9.40 -12.91
CA SER H 126 53.36 -10.82 -12.56
C SER H 126 51.92 -11.12 -12.14
N THR H 127 51.22 -11.92 -12.93
CA THR H 127 49.85 -12.28 -12.62
C THR H 127 49.80 -13.39 -11.59
N GLU H 128 48.73 -13.40 -10.80
CA GLU H 128 48.54 -14.40 -9.76
C GLU H 128 47.05 -14.68 -9.61
N ALA H 129 46.74 -15.76 -8.89
CA ALA H 129 45.36 -16.15 -8.65
C ALA H 129 45.22 -16.82 -7.28
N GLU H 130 45.87 -16.25 -6.27
CA GLU H 130 45.83 -16.77 -4.92
C GLU H 130 44.80 -16.03 -4.09
N VAL H 131 44.09 -16.75 -3.24
CA VAL H 131 43.06 -16.18 -2.39
C VAL H 131 43.67 -15.84 -1.04
N LEU H 132 43.09 -14.84 -0.37
CA LEU H 132 43.55 -14.38 0.93
C LEU H 132 42.40 -14.45 1.91
N GLU H 133 42.56 -15.24 2.97
CA GLU H 133 41.52 -15.39 3.98
C GLU H 133 41.52 -14.19 4.92
N THR H 134 40.35 -13.57 5.10
CA THR H 134 40.20 -12.42 5.98
C THR H 134 39.59 -12.76 7.32
N GLY H 135 38.64 -13.70 7.35
CA GLY H 135 37.99 -14.11 8.58
C GLY H 135 36.49 -13.90 8.59
N ILE H 136 35.96 -13.03 7.73
CA ILE H 136 34.53 -12.77 7.68
C ILE H 136 33.85 -13.85 6.86
N LYS H 137 32.57 -14.11 7.17
CA LYS H 137 31.81 -15.12 6.45
C LYS H 137 31.30 -14.61 5.11
N VAL H 138 31.13 -13.28 4.97
CA VAL H 138 30.64 -12.71 3.72
C VAL H 138 31.78 -12.31 2.79
N VAL H 139 33.03 -12.45 3.21
CA VAL H 139 34.17 -12.11 2.37
C VAL H 139 34.82 -13.37 1.83
N ASP H 140 34.71 -14.47 2.59
CA ASP H 140 35.28 -15.75 2.19
C ASP H 140 34.33 -16.58 1.34
N LEU H 141 33.11 -16.09 1.10
CA LEU H 141 32.13 -16.82 0.31
C LEU H 141 31.67 -16.07 -0.94
N LEU H 142 31.60 -14.74 -0.88
CA LEU H 142 31.16 -13.95 -2.02
C LEU H 142 32.35 -13.46 -2.83
N ALA H 143 32.84 -12.26 -2.53
CA ALA H 143 33.98 -11.68 -3.22
C ALA H 143 35.25 -11.97 -2.43
N PRO H 144 36.07 -12.95 -2.83
CA PRO H 144 37.29 -13.24 -2.08
C PRO H 144 38.42 -12.29 -2.46
N TYR H 145 39.19 -11.89 -1.46
CA TYR H 145 40.31 -10.98 -1.68
C TYR H 145 41.49 -11.72 -2.29
N ALA H 146 42.13 -11.10 -3.27
CA ALA H 146 43.28 -11.69 -3.94
C ALA H 146 44.56 -11.25 -3.26
N ARG H 147 45.52 -12.18 -3.18
CA ARG H 147 46.80 -11.90 -2.54
C ARG H 147 47.69 -11.13 -3.51
N GLY H 148 48.14 -9.95 -3.08
CA GLY H 148 48.99 -9.12 -3.91
C GLY H 148 48.27 -8.18 -4.84
N GLY H 149 46.95 -8.08 -4.74
CA GLY H 149 46.16 -7.21 -5.59
C GLY H 149 45.59 -6.02 -4.83
N LYS H 150 44.81 -5.22 -5.56
CA LYS H 150 44.18 -4.04 -5.02
C LYS H 150 42.76 -4.37 -4.54
N ILE H 151 42.45 -3.99 -3.31
CA ILE H 151 41.15 -4.23 -2.70
C ILE H 151 40.50 -2.89 -2.42
N GLY H 152 39.22 -2.76 -2.77
CA GLY H 152 38.49 -1.53 -2.55
C GLY H 152 37.24 -1.72 -1.73
N LEU H 153 37.17 -1.03 -0.59
CA LEU H 153 36.01 -1.11 0.30
C LEU H 153 35.13 0.11 0.06
N PHE H 154 34.24 0.00 -0.93
CA PHE H 154 33.35 1.09 -1.27
C PHE H 154 32.22 1.20 -0.26
N GLY H 155 31.79 2.44 0.00
CA GLY H 155 30.73 2.69 0.95
C GLY H 155 30.50 4.16 1.21
N GLY H 156 29.35 4.49 1.80
CA GLY H 156 29.00 5.86 2.11
C GLY H 156 29.47 6.29 3.48
N ALA H 157 28.93 7.41 3.94
CA ALA H 157 29.27 7.96 5.25
C ALA H 157 28.45 7.26 6.32
N GLY H 158 29.14 6.65 7.29
CA GLY H 158 28.46 5.96 8.36
C GLY H 158 27.94 4.58 8.01
N VAL H 159 28.54 3.92 7.02
CA VAL H 159 28.10 2.60 6.60
C VAL H 159 29.00 1.54 7.24
N GLY H 160 30.29 1.87 7.36
CA GLY H 160 31.24 0.95 7.95
C GLY H 160 32.52 0.83 7.15
N LYS H 161 33.04 1.95 6.67
CA LYS H 161 34.27 1.94 5.89
C LYS H 161 35.50 1.94 6.77
N THR H 162 35.48 2.70 7.87
CA THR H 162 36.62 2.75 8.77
C THR H 162 36.70 1.53 9.68
N VAL H 163 35.55 0.92 9.99
CA VAL H 163 35.56 -0.25 10.85
C VAL H 163 35.94 -1.51 10.07
N PHE H 164 35.79 -1.49 8.74
CA PHE H 164 36.15 -2.65 7.94
C PHE H 164 37.66 -2.77 7.76
N ILE H 165 38.35 -1.64 7.68
CA ILE H 165 39.81 -1.69 7.51
C ILE H 165 40.51 -1.96 8.84
N GLN H 166 39.90 -1.56 9.96
CA GLN H 166 40.51 -1.80 11.27
C GLN H 166 40.34 -3.23 11.73
N GLU H 167 39.23 -3.88 11.37
CA GLU H 167 39.00 -5.27 11.77
C GLU H 167 39.83 -6.25 10.95
N LEU H 168 40.13 -5.91 9.70
CA LEU H 168 40.91 -6.80 8.85
C LEU H 168 42.40 -6.73 9.17
N ILE H 169 42.86 -5.59 9.70
CA ILE H 169 44.28 -5.45 10.04
C ILE H 169 44.64 -6.14 11.34
N ASN H 170 43.65 -6.43 12.20
CA ASN H 170 43.89 -7.08 13.47
C ASN H 170 43.85 -8.60 13.37
N ASN H 171 43.65 -9.15 12.18
CA ASN H 171 43.61 -10.59 12.00
C ASN H 171 44.33 -11.08 10.75
N ILE H 172 44.96 -10.20 9.98
CA ILE H 172 45.67 -10.59 8.77
C ILE H 172 47.04 -9.92 8.75
N ALA H 173 47.09 -8.65 9.14
CA ALA H 173 48.36 -7.93 9.16
C ALA H 173 49.19 -8.29 10.38
N LYS H 174 48.55 -8.77 11.45
CA LYS H 174 49.27 -9.14 12.66
C LYS H 174 49.89 -10.53 12.58
N ALA H 175 49.50 -11.34 11.60
CA ALA H 175 50.05 -12.69 11.43
C ALA H 175 50.73 -12.89 10.09
N HIS H 176 50.97 -11.82 9.35
CA HIS H 176 51.63 -11.91 8.05
C HIS H 176 53.14 -11.87 8.21
N GLY H 177 53.84 -12.37 7.19
CA GLY H 177 55.28 -12.40 7.22
C GLY H 177 55.93 -11.07 6.91
N GLY H 178 55.30 -10.25 6.07
CA GLY H 178 55.81 -8.96 5.70
C GLY H 178 55.42 -7.87 6.67
N PHE H 179 55.70 -6.63 6.29
CA PHE H 179 55.41 -5.46 7.10
C PHE H 179 54.21 -4.71 6.51
N SER H 180 53.48 -4.02 7.38
CA SER H 180 52.32 -3.26 6.97
C SER H 180 52.70 -1.81 6.69
N VAL H 181 51.77 -1.08 6.09
CA VAL H 181 51.97 0.32 5.75
C VAL H 181 50.65 1.07 5.80
N PHE H 182 50.27 1.51 7.00
CA PHE H 182 49.01 2.24 7.19
C PHE H 182 49.25 3.71 6.86
N THR H 183 48.80 4.13 5.68
CA THR H 183 48.96 5.51 5.21
C THR H 183 47.57 6.12 5.11
N GLY H 184 47.20 6.93 6.11
CA GLY H 184 45.90 7.57 6.12
C GLY H 184 45.90 8.93 5.44
N VAL H 185 45.05 9.10 4.43
CA VAL H 185 44.95 10.34 3.67
C VAL H 185 43.50 10.83 3.78
N GLY H 186 43.32 12.03 4.31
CA GLY H 186 41.98 12.59 4.45
C GLY H 186 41.14 11.95 5.53
N GLU H 187 41.77 11.53 6.63
CA GLU H 187 41.06 10.91 7.74
C GLU H 187 40.66 11.98 8.75
N ARG H 188 40.45 11.57 10.00
CA ARG H 188 40.08 12.49 11.08
C ARG H 188 41.22 12.60 12.08
N THR H 189 41.05 13.54 13.01
CA THR H 189 42.07 13.75 14.04
C THR H 189 41.97 12.69 15.13
N ARG H 190 40.76 12.24 15.45
CA ARG H 190 40.57 11.22 16.48
C ARG H 190 40.83 9.81 15.95
N GLU H 191 40.78 9.61 14.63
CA GLU H 191 41.03 8.28 14.09
C GLU H 191 42.51 7.97 14.03
N GLY H 192 43.37 8.99 14.01
CA GLY H 192 44.80 8.74 13.95
C GLY H 192 45.38 8.36 15.29
N ASN H 193 44.83 8.92 16.37
CA ASN H 193 45.32 8.61 17.70
C ASN H 193 44.81 7.26 18.21
N ASP H 194 43.62 6.84 17.77
CA ASP H 194 43.08 5.56 18.20
C ASP H 194 43.71 4.39 17.45
N LEU H 195 44.20 4.62 16.23
CA LEU H 195 44.81 3.54 15.47
C LEU H 195 46.24 3.27 15.94
N TYR H 196 46.93 4.28 16.45
CA TYR H 196 48.29 4.07 16.93
C TYR H 196 48.31 3.42 18.31
N ARG H 197 47.30 3.68 19.13
CA ARG H 197 47.26 3.08 20.47
C ARG H 197 46.79 1.63 20.42
N GLU H 198 46.01 1.25 19.39
CA GLU H 198 45.53 -0.12 19.30
C GLU H 198 46.62 -1.06 18.78
N MET H 199 47.53 -0.55 17.96
CA MET H 199 48.61 -1.38 17.42
C MET H 199 49.71 -1.64 18.43
N LYS H 200 49.86 -0.77 19.44
CA LYS H 200 50.89 -0.97 20.44
C LYS H 200 50.50 -2.01 21.48
N GLU H 201 49.20 -2.16 21.76
CA GLU H 201 48.74 -3.15 22.73
C GLU H 201 48.56 -4.53 22.13
N THR H 202 48.67 -4.67 20.81
CA THR H 202 48.50 -5.96 20.14
C THR H 202 49.80 -6.53 19.62
N GLY H 203 50.88 -5.76 19.60
CA GLY H 203 52.16 -6.23 19.11
C GLY H 203 52.51 -5.83 17.70
N VAL H 204 51.83 -4.85 17.13
CA VAL H 204 52.12 -4.42 15.76
C VAL H 204 53.14 -3.29 15.73
N ILE H 205 53.14 -2.41 16.71
CA ILE H 205 54.07 -1.29 16.79
C ILE H 205 54.70 -1.30 18.17
N ASN H 206 55.95 -1.73 18.26
CA ASN H 206 56.68 -1.80 19.52
C ASN H 206 57.67 -0.65 19.58
N LEU H 207 57.55 0.19 20.61
CA LEU H 207 58.45 1.33 20.75
C LEU H 207 59.82 0.91 21.28
N GLU H 208 59.89 -0.19 22.03
CA GLU H 208 61.14 -0.68 22.58
C GLU H 208 61.61 -1.99 21.94
N GLY H 209 60.86 -2.52 20.98
CA GLY H 209 61.24 -3.76 20.32
C GLY H 209 61.32 -3.63 18.82
N GLU H 210 60.49 -4.40 18.11
CA GLU H 210 60.46 -4.39 16.65
C GLU H 210 59.02 -4.17 16.18
N SER H 211 58.87 -3.35 15.14
CA SER H 211 57.57 -3.05 14.57
C SER H 211 57.53 -3.48 13.10
N LYS H 212 56.32 -3.70 12.61
CA LYS H 212 56.09 -4.12 11.23
C LYS H 212 54.92 -3.36 10.63
N VAL H 213 54.79 -2.08 10.98
CA VAL H 213 53.70 -1.25 10.48
C VAL H 213 54.18 0.18 10.37
N ALA H 214 54.14 0.74 9.16
CA ALA H 214 54.55 2.12 8.93
C ALA H 214 53.36 3.05 9.02
N LEU H 215 53.48 4.07 9.87
CA LEU H 215 52.42 5.05 10.07
C LEU H 215 52.74 6.32 9.32
N VAL H 216 51.81 6.76 8.47
CA VAL H 216 51.96 7.97 7.67
C VAL H 216 50.81 8.90 8.02
N PHE H 217 51.12 10.02 8.66
CA PHE H 217 50.09 10.98 9.05
C PHE H 217 49.67 11.83 7.86
N GLY H 218 48.56 12.52 8.02
CA GLY H 218 48.04 13.37 6.97
C GLY H 218 46.53 13.30 6.82
N GLN H 219 45.80 13.86 7.78
CA GLN H 219 44.35 13.85 7.76
C GLN H 219 43.84 15.10 7.04
N MET H 220 42.62 15.53 7.34
CA MET H 220 42.03 16.71 6.71
C MET H 220 42.32 18.00 7.48
N ASN H 221 43.17 17.94 8.50
CA ASN H 221 43.51 19.13 9.27
C ASN H 221 44.53 20.02 8.59
N GLU H 222 45.21 19.53 7.55
CA GLU H 222 46.20 20.32 6.83
C GLU H 222 45.55 21.02 5.64
N PRO H 223 46.34 21.47 4.67
CA PRO H 223 45.77 22.15 3.51
C PRO H 223 45.53 21.17 2.37
N PRO H 224 45.27 21.67 1.16
CA PRO H 224 45.03 20.76 0.03
C PRO H 224 46.30 20.15 -0.53
N GLY H 225 47.46 20.77 -0.30
CA GLY H 225 48.70 20.21 -0.83
C GLY H 225 49.20 19.00 -0.07
N ALA H 226 48.98 18.97 1.25
CA ALA H 226 49.43 17.83 2.05
C ALA H 226 48.52 16.63 1.90
N ARG H 227 47.24 16.84 1.58
CA ARG H 227 46.31 15.72 1.42
C ARG H 227 46.53 15.01 0.10
N ALA H 228 46.88 15.74 -0.95
CA ALA H 228 47.11 15.13 -2.26
C ALA H 228 48.45 14.40 -2.32
N ARG H 229 49.43 14.83 -1.53
CA ARG H 229 50.74 14.21 -1.51
C ARG H 229 50.88 13.16 -0.41
N VAL H 230 49.81 12.88 0.34
CA VAL H 230 49.90 11.88 1.40
C VAL H 230 49.91 10.47 0.82
N ALA H 231 49.29 10.28 -0.35
CA ALA H 231 49.26 8.96 -0.97
C ALA H 231 50.59 8.60 -1.61
N LEU H 232 51.33 9.58 -2.11
CA LEU H 232 52.62 9.31 -2.74
C LEU H 232 53.72 9.13 -1.70
N THR H 233 53.59 9.75 -0.53
CA THR H 233 54.61 9.61 0.51
C THR H 233 54.47 8.27 1.22
N GLY H 234 53.24 7.79 1.41
CA GLY H 234 53.04 6.51 2.07
C GLY H 234 53.33 5.32 1.18
N LEU H 235 53.15 5.47 -0.13
CA LEU H 235 53.42 4.38 -1.06
C LEU H 235 54.91 4.23 -1.38
N THR H 236 55.72 5.24 -1.08
CA THR H 236 57.15 5.15 -1.36
C THR H 236 57.87 4.26 -0.35
N ILE H 237 57.37 4.21 0.88
CA ILE H 237 58.01 3.37 1.89
C ILE H 237 57.62 1.91 1.71
N ALA H 238 56.42 1.64 1.20
CA ALA H 238 55.98 0.26 0.99
C ALA H 238 56.54 -0.32 -0.30
N GLU H 239 56.90 0.53 -1.26
CA GLU H 239 57.45 0.03 -2.52
C GLU H 239 58.92 -0.37 -2.37
N TYR H 240 59.62 0.19 -1.38
CA TYR H 240 61.02 -0.15 -1.17
C TYR H 240 61.17 -1.50 -0.47
N PHE H 241 60.19 -1.89 0.33
CA PHE H 241 60.25 -3.16 1.03
C PHE H 241 59.90 -4.34 0.15
N ARG H 242 59.25 -4.10 -0.99
CA ARG H 242 58.87 -5.17 -1.91
C ARG H 242 59.81 -5.29 -3.11
N ASP H 243 60.63 -4.27 -3.37
CA ASP H 243 61.56 -4.29 -4.49
C ASP H 243 63.00 -4.48 -4.04
N GLU H 244 63.45 -3.71 -3.05
CA GLU H 244 64.82 -3.85 -2.57
C GLU H 244 64.95 -4.99 -1.56
N GLU H 245 63.97 -5.12 -0.66
CA GLU H 245 64.00 -6.19 0.34
C GLU H 245 63.27 -7.44 -0.10
N GLY H 246 62.20 -7.29 -0.89
CA GLY H 246 61.45 -8.43 -1.36
C GLY H 246 60.53 -9.03 -0.30
N GLN H 247 59.56 -8.24 0.16
CA GLN H 247 58.62 -8.68 1.19
C GLN H 247 57.21 -8.33 0.75
N ASP H 248 56.25 -9.13 1.21
CA ASP H 248 54.84 -8.93 0.89
C ASP H 248 54.30 -7.80 1.76
N VAL H 249 54.38 -6.58 1.22
CA VAL H 249 53.90 -5.41 1.94
C VAL H 249 52.38 -5.32 1.83
N LEU H 250 51.79 -4.61 2.78
CA LEU H 250 50.34 -4.41 2.83
C LEU H 250 50.06 -2.94 3.06
N LEU H 251 49.63 -2.25 2.00
CA LEU H 251 49.33 -0.82 2.07
C LEU H 251 47.86 -0.64 2.43
N PHE H 252 47.61 0.11 3.50
CA PHE H 252 46.26 0.38 3.98
C PHE H 252 45.99 1.88 3.83
N VAL H 253 45.19 2.23 2.83
CA VAL H 253 44.84 3.62 2.55
C VAL H 253 43.43 3.88 3.09
N ASP H 254 43.28 4.99 3.82
CA ASP H 254 41.98 5.36 4.39
C ASP H 254 41.93 6.87 4.49
N ASN H 255 41.18 7.50 3.58
CA ASN H 255 40.44 6.78 2.56
C ASN H 255 41.04 7.02 1.17
N ILE H 256 40.66 6.17 0.22
CA ILE H 256 41.17 6.32 -1.14
C ILE H 256 40.45 7.41 -1.92
N PHE H 257 39.25 7.80 -1.50
CA PHE H 257 38.51 8.85 -2.18
C PHE H 257 39.03 10.25 -1.87
N ARG H 258 39.84 10.39 -0.82
CA ARG H 258 40.38 11.69 -0.46
C ARG H 258 41.53 12.13 -1.36
N PHE H 259 42.12 11.20 -2.12
CA PHE H 259 43.23 11.56 -3.00
C PHE H 259 42.72 12.32 -4.22
N THR H 260 41.57 11.92 -4.76
CA THR H 260 41.01 12.61 -5.92
C THR H 260 40.33 13.91 -5.55
N GLN H 261 39.79 14.01 -4.35
CA GLN H 261 39.12 15.24 -3.92
C GLN H 261 40.13 16.31 -3.52
N ALA H 262 41.35 15.93 -3.16
CA ALA H 262 42.35 16.91 -2.77
C ALA H 262 42.93 17.63 -3.98
N GLY H 263 43.04 16.93 -5.12
CA GLY H 263 43.57 17.57 -6.31
C GLY H 263 42.59 18.52 -6.98
N SER H 264 41.28 18.29 -6.79
CA SER H 264 40.27 19.16 -7.37
C SER H 264 40.09 20.45 -6.59
N GLU H 265 40.58 20.52 -5.35
CA GLU H 265 40.44 21.74 -4.56
C GLU H 265 41.40 22.83 -5.02
N VAL H 266 42.56 22.44 -5.54
CA VAL H 266 43.56 23.39 -6.03
C VAL H 266 43.63 23.44 -7.54
N SER H 267 42.78 22.70 -8.24
CA SER H 267 42.81 22.70 -9.70
C SER H 267 42.20 23.98 -10.29
N ALA H 268 41.32 24.65 -9.54
CA ALA H 268 40.72 25.87 -10.03
C ALA H 268 41.68 27.06 -9.97
N LEU H 269 42.58 27.07 -8.99
CA LEU H 269 43.54 28.15 -8.84
C LEU H 269 44.82 27.92 -9.65
N LEU H 270 44.98 26.75 -10.27
CA LEU H 270 46.16 26.44 -11.07
C LEU H 270 45.98 26.78 -12.55
N GLY H 271 44.79 27.21 -12.95
CA GLY H 271 44.55 27.55 -14.35
C GLY H 271 43.92 26.44 -15.17
N ARG H 272 43.21 25.51 -14.55
CA ARG H 272 42.57 24.40 -15.25
C ARG H 272 41.06 24.57 -15.20
N ILE H 273 40.40 24.11 -16.26
CA ILE H 273 38.94 24.19 -16.37
C ILE H 273 38.33 23.06 -15.56
N PRO H 274 37.14 23.25 -14.99
CA PRO H 274 36.52 22.18 -14.21
C PRO H 274 35.85 21.14 -15.10
N SER H 275 35.79 19.92 -14.57
CA SER H 275 35.18 18.81 -15.30
C SER H 275 33.74 18.58 -14.85
N ALA H 276 33.35 17.32 -14.69
CA ALA H 276 32.00 16.97 -14.28
C ALA H 276 31.93 16.88 -12.76
N VAL H 277 30.80 17.35 -12.21
CA VAL H 277 30.54 17.33 -10.78
C VAL H 277 31.63 18.09 -10.03
N GLY H 278 32.13 19.16 -10.65
CA GLY H 278 33.15 19.98 -10.01
C GLY H 278 34.48 19.28 -9.82
N TYR H 279 34.87 18.41 -10.74
CA TYR H 279 36.13 17.69 -10.64
C TYR H 279 37.15 18.30 -11.60
N GLN H 280 38.37 17.76 -11.56
CA GLN H 280 39.45 18.24 -12.41
C GLN H 280 39.45 17.50 -13.74
N PRO H 281 40.12 18.06 -14.76
CA PRO H 281 40.14 17.37 -16.05
C PRO H 281 41.06 16.16 -16.07
N THR H 282 42.11 16.15 -15.27
CA THR H 282 43.05 15.02 -15.21
C THR H 282 42.71 14.08 -14.06
N LEU H 283 41.46 13.62 -14.02
CA LEU H 283 41.04 12.70 -12.96
C LEU H 283 41.44 11.26 -13.28
N ALA H 284 41.38 10.87 -14.55
CA ALA H 284 41.77 9.51 -14.92
C ALA H 284 43.27 9.38 -15.11
N THR H 285 43.98 10.51 -15.23
CA THR H 285 45.43 10.46 -15.40
C THR H 285 46.15 10.49 -14.05
N ASP H 286 45.57 11.18 -13.07
CA ASP H 286 46.20 11.23 -11.75
C ASP H 286 45.87 10.00 -10.91
N MET H 287 44.71 9.37 -11.17
CA MET H 287 44.35 8.17 -10.41
C MET H 287 45.04 6.93 -10.96
N GLY H 288 45.37 6.93 -12.25
CA GLY H 288 46.04 5.78 -12.84
C GLY H 288 47.53 5.76 -12.62
N LEU H 289 48.12 6.92 -12.29
CA LEU H 289 49.56 6.98 -12.07
C LEU H 289 49.93 6.51 -10.66
N LEU H 290 48.98 6.55 -9.73
CA LEU H 290 49.23 6.11 -8.37
C LEU H 290 48.72 4.71 -8.09
N GLN H 291 47.74 4.23 -8.86
CA GLN H 291 47.21 2.89 -8.66
C GLN H 291 48.04 1.83 -9.37
N GLU H 292 48.75 2.21 -10.44
CA GLU H 292 49.57 1.26 -11.18
C GLU H 292 50.88 0.96 -10.47
N ARG H 293 51.36 1.87 -9.62
CA ARG H 293 52.62 1.65 -8.91
C ARG H 293 52.45 0.73 -7.70
N ILE H 294 51.23 0.55 -7.21
CA ILE H 294 50.98 -0.31 -6.06
C ILE H 294 50.46 -1.66 -6.54
N THR H 295 51.24 -2.34 -7.36
CA THR H 295 50.87 -3.63 -7.92
C THR H 295 51.89 -4.68 -7.46
N THR H 296 51.85 -5.85 -8.09
CA THR H 296 52.74 -6.96 -7.78
C THR H 296 53.66 -7.20 -8.97
N THR H 297 54.96 -7.10 -8.75
CA THR H 297 55.97 -7.30 -9.77
C THR H 297 56.71 -8.62 -9.51
N ARG H 298 57.87 -8.78 -10.15
CA ARG H 298 58.67 -9.98 -9.99
C ARG H 298 59.54 -9.95 -8.73
N LYS H 299 59.69 -8.78 -8.10
CA LYS H 299 60.51 -8.68 -6.89
C LYS H 299 59.71 -8.93 -5.63
N GLY H 300 58.42 -8.65 -5.63
CA GLY H 300 57.59 -8.87 -4.45
C GLY H 300 56.15 -8.50 -4.75
N SER H 301 55.29 -8.83 -3.79
CA SER H 301 53.87 -8.56 -3.90
C SER H 301 53.48 -7.38 -3.01
N VAL H 302 52.31 -6.82 -3.28
CA VAL H 302 51.79 -5.69 -2.53
C VAL H 302 50.26 -5.74 -2.51
N THR H 303 49.70 -6.18 -1.39
CA THR H 303 48.25 -6.29 -1.23
C THR H 303 47.74 -4.96 -0.70
N SER H 304 47.15 -4.15 -1.58
CA SER H 304 46.61 -2.84 -1.22
C SER H 304 45.16 -3.02 -0.77
N VAL H 305 44.87 -2.57 0.45
CA VAL H 305 43.53 -2.66 1.01
C VAL H 305 42.98 -1.26 1.25
N GLN H 306 42.79 -0.50 0.17
CA GLN H 306 42.28 0.84 0.28
C GLN H 306 40.77 0.84 0.49
N ALA H 307 40.25 1.97 0.96
CA ALA H 307 38.82 2.15 1.23
C ALA H 307 38.32 3.35 0.44
N VAL H 308 37.33 3.14 -0.42
CA VAL H 308 36.75 4.19 -1.24
C VAL H 308 35.51 4.72 -0.54
N TYR H 309 35.36 6.05 -0.54
CA TYR H 309 34.22 6.72 0.09
C TYR H 309 33.30 7.24 -1.01
N VAL H 310 32.10 6.67 -1.09
CA VAL H 310 31.11 7.08 -2.08
C VAL H 310 30.52 8.41 -1.67
N PRO H 311 30.30 9.34 -2.61
CA PRO H 311 29.73 10.65 -2.26
C PRO H 311 28.21 10.55 -2.10
N ALA H 312 27.75 10.60 -0.85
CA ALA H 312 26.33 10.52 -0.52
C ALA H 312 25.69 9.26 -1.08
N ASP H 313 26.41 8.15 -0.99
CA ASP H 313 25.95 6.85 -1.47
C ASP H 313 25.58 6.91 -2.96
N ASP H 314 26.60 7.15 -3.79
CA ASP H 314 26.42 7.24 -5.23
C ASP H 314 27.64 6.59 -5.89
N LEU H 315 27.42 5.47 -6.56
CA LEU H 315 28.48 4.75 -7.24
C LEU H 315 28.72 5.23 -8.66
N THR H 316 27.90 6.16 -9.15
CA THR H 316 28.04 6.70 -10.51
C THR H 316 28.83 8.00 -10.53
N ASP H 317 29.59 8.30 -9.49
CA ASP H 317 30.37 9.52 -9.42
C ASP H 317 31.67 9.36 -10.21
N PRO H 318 32.41 10.46 -10.41
CA PRO H 318 33.67 10.36 -11.16
C PRO H 318 34.85 9.89 -10.33
N ALA H 319 34.71 9.81 -9.01
CA ALA H 319 35.79 9.35 -8.14
C ALA H 319 35.55 7.92 -7.69
N PRO H 320 34.35 7.38 -7.91
CA PRO H 320 34.08 6.00 -7.48
C PRO H 320 34.09 5.03 -8.65
N ALA H 321 33.59 5.47 -9.81
CA ALA H 321 33.54 4.63 -11.00
C ALA H 321 34.90 4.50 -11.68
N THR H 322 35.80 5.46 -11.47
CA THR H 322 37.12 5.40 -12.09
C THR H 322 38.08 4.50 -11.34
N THR H 323 37.78 4.16 -10.09
CA THR H 323 38.64 3.30 -9.29
C THR H 323 38.18 1.85 -9.28
N PHE H 324 37.07 1.53 -9.94
CA PHE H 324 36.57 0.16 -9.97
C PHE H 324 37.28 -0.70 -11.01
N ALA H 325 37.96 -0.08 -11.97
CA ALA H 325 38.67 -0.81 -13.01
C ALA H 325 40.12 -1.13 -12.64
N HIS H 326 40.59 -0.65 -11.49
CA HIS H 326 41.96 -0.89 -11.03
C HIS H 326 41.96 -1.59 -9.68
N LEU H 327 41.03 -2.53 -9.50
CA LEU H 327 40.92 -3.29 -8.26
C LEU H 327 40.34 -4.66 -8.56
N ASP H 328 40.95 -5.69 -7.95
CA ASP H 328 40.48 -7.06 -8.17
C ASP H 328 39.20 -7.33 -7.38
N ALA H 329 39.26 -7.17 -6.07
CA ALA H 329 38.11 -7.41 -5.20
C ALA H 329 37.52 -6.08 -4.75
N THR H 330 36.23 -5.90 -4.98
CA THR H 330 35.52 -4.68 -4.60
C THR H 330 34.46 -5.03 -3.57
N THR H 331 34.59 -4.46 -2.37
CA THR H 331 33.65 -4.71 -1.27
C THR H 331 32.76 -3.48 -1.12
N VAL H 332 31.74 -3.41 -1.96
CA VAL H 332 30.81 -2.29 -1.93
C VAL H 332 29.82 -2.49 -0.79
N LEU H 333 29.55 -1.42 -0.05
CA LEU H 333 28.63 -1.45 1.08
C LEU H 333 27.41 -0.60 0.78
N SER H 334 26.26 -1.05 1.30
CA SER H 334 24.99 -0.37 1.11
C SER H 334 24.50 0.20 2.43
N ARG H 335 23.83 1.35 2.37
CA ARG H 335 23.31 1.99 3.57
C ARG H 335 22.01 1.37 4.05
N GLY H 336 21.32 0.61 3.20
CA GLY H 336 20.07 -0.01 3.60
C GLY H 336 20.25 -1.24 4.47
N ILE H 337 21.34 -1.97 4.27
CA ILE H 337 21.59 -3.18 5.06
C ILE H 337 22.16 -2.86 6.43
N SER H 338 22.74 -1.67 6.62
CA SER H 338 23.30 -1.31 7.92
C SER H 338 22.22 -0.92 8.92
N GLU H 339 21.06 -0.46 8.44
CA GLU H 339 19.97 -0.06 9.33
C GLU H 339 19.11 -1.24 9.78
N LEU H 340 19.26 -2.40 9.15
CA LEU H 340 18.47 -3.58 9.52
C LEU H 340 19.15 -4.43 10.59
N GLY H 341 20.44 -4.21 10.85
CA GLY H 341 21.17 -4.97 11.86
C GLY H 341 22.30 -5.82 11.31
N ILE H 342 22.60 -5.77 10.02
CA ILE H 342 23.68 -6.57 9.46
C ILE H 342 25.01 -5.89 9.76
N TYR H 343 25.87 -6.57 10.51
CA TYR H 343 27.17 -6.03 10.87
C TYR H 343 28.27 -6.93 10.32
N PRO H 344 28.98 -6.52 9.26
CA PRO H 344 28.77 -5.24 8.58
C PRO H 344 27.81 -5.35 7.40
N ALA H 345 27.50 -4.21 6.78
CA ALA H 345 26.59 -4.18 5.63
C ALA H 345 27.37 -4.55 4.38
N VAL H 346 27.51 -5.86 4.16
CA VAL H 346 28.22 -6.40 3.01
C VAL H 346 27.20 -6.79 1.97
N ASP H 347 27.33 -6.21 0.78
CA ASP H 347 26.40 -6.50 -0.31
C ASP H 347 26.74 -7.86 -0.92
N PRO H 348 25.81 -8.81 -0.94
CA PRO H 348 26.13 -10.13 -1.54
C PRO H 348 25.97 -10.18 -3.04
N LEU H 349 25.39 -9.14 -3.67
CA LEU H 349 25.21 -9.11 -5.11
C LEU H 349 26.03 -8.02 -5.80
N ASP H 350 26.32 -6.92 -5.12
CA ASP H 350 27.09 -5.84 -5.72
C ASP H 350 28.59 -6.06 -5.61
N SER H 351 29.04 -6.90 -4.67
CA SER H 351 30.46 -7.17 -4.51
C SER H 351 30.90 -8.25 -5.48
N LYS H 352 31.98 -7.98 -6.21
CA LYS H 352 32.53 -8.92 -7.18
C LYS H 352 34.04 -8.99 -7.04
N SER H 353 34.61 -10.11 -7.49
CA SER H 353 36.04 -10.32 -7.41
C SER H 353 36.47 -11.23 -8.55
N ARG H 354 37.77 -11.20 -8.85
CA ARG H 354 38.32 -12.02 -9.92
C ARG H 354 38.66 -13.43 -9.47
N LEU H 355 38.67 -13.69 -8.17
CA LEU H 355 38.99 -15.02 -7.64
C LEU H 355 37.75 -15.86 -7.37
N LEU H 356 36.57 -15.42 -7.83
CA LEU H 356 35.33 -16.16 -7.63
C LEU H 356 35.02 -17.03 -8.84
N ASP H 357 35.89 -18.01 -9.07
CA ASP H 357 35.76 -18.94 -10.17
C ASP H 357 35.89 -20.37 -9.66
N VAL H 358 35.66 -21.33 -10.56
CA VAL H 358 35.74 -22.74 -10.20
C VAL H 358 37.15 -23.30 -10.32
N SER H 359 38.08 -22.55 -10.93
CA SER H 359 39.45 -22.99 -11.09
C SER H 359 40.40 -22.46 -10.02
N VAL H 360 39.93 -21.57 -9.15
CA VAL H 360 40.73 -20.99 -8.09
C VAL H 360 40.27 -21.45 -6.72
N VAL H 361 38.95 -21.44 -6.49
CA VAL H 361 38.39 -21.86 -5.21
C VAL H 361 37.88 -23.30 -5.24
N GLY H 362 37.76 -23.91 -6.40
CA GLY H 362 37.29 -25.27 -6.53
C GLY H 362 35.87 -25.35 -7.04
N GLN H 363 35.45 -26.58 -7.36
CA GLN H 363 34.10 -26.80 -7.87
C GLN H 363 33.07 -26.78 -6.74
N GLU H 364 33.48 -27.11 -5.51
CA GLU H 364 32.55 -27.12 -4.40
C GLU H 364 32.27 -25.69 -3.92
N HIS H 365 33.29 -24.83 -3.91
CA HIS H 365 33.10 -23.46 -3.49
C HIS H 365 32.40 -22.61 -4.54
N TYR H 366 32.51 -23.00 -5.82
CA TYR H 366 31.85 -22.23 -6.88
C TYR H 366 30.34 -22.46 -6.88
N ASP H 367 29.90 -23.67 -6.52
CA ASP H 367 28.46 -23.95 -6.49
C ASP H 367 27.79 -23.30 -5.28
N VAL H 368 28.53 -23.11 -4.19
CA VAL H 368 27.95 -22.49 -3.01
C VAL H 368 27.81 -20.98 -3.21
N ALA H 369 28.73 -20.38 -3.95
CA ALA H 369 28.65 -18.94 -4.20
C ALA H 369 27.56 -18.62 -5.21
N THR H 370 27.34 -19.50 -6.19
CA THR H 370 26.30 -19.25 -7.18
C THR H 370 24.92 -19.55 -6.62
N GLY H 371 24.80 -20.49 -5.69
CA GLY H 371 23.51 -20.79 -5.09
C GLY H 371 23.05 -19.74 -4.11
N VAL H 372 24.00 -19.11 -3.40
CA VAL H 372 23.62 -18.07 -2.44
C VAL H 372 23.25 -16.77 -3.16
N GLN H 373 23.88 -16.50 -4.31
CA GLN H 373 23.56 -15.29 -5.05
C GLN H 373 22.23 -15.43 -5.78
N GLN H 374 21.87 -16.65 -6.20
CA GLN H 374 20.60 -16.84 -6.89
C GLN H 374 19.42 -16.77 -5.93
N THR H 375 19.60 -17.23 -4.70
CA THR H 375 18.52 -17.17 -3.72
C THR H 375 18.29 -15.75 -3.21
N LEU H 376 19.36 -14.96 -3.10
CA LEU H 376 19.21 -13.58 -2.64
C LEU H 376 18.63 -12.69 -3.73
N GLN H 377 18.94 -12.97 -5.00
CA GLN H 377 18.39 -12.16 -6.08
C GLN H 377 16.93 -12.48 -6.33
N ALA H 378 16.51 -13.73 -6.10
CA ALA H 378 15.12 -14.11 -6.29
C ALA H 378 14.23 -13.60 -5.17
N TYR H 379 14.79 -13.31 -4.00
CA TYR H 379 13.99 -12.80 -2.89
C TYR H 379 13.60 -11.34 -3.09
N LYS H 380 14.34 -10.59 -3.91
CA LYS H 380 13.98 -9.20 -4.14
C LYS H 380 12.76 -9.07 -5.03
N SER H 381 12.61 -9.98 -6.00
CA SER H 381 11.45 -9.94 -6.88
C SER H 381 10.19 -10.44 -6.17
N LEU H 382 10.33 -11.41 -5.25
CA LEU H 382 9.18 -11.93 -4.53
C LEU H 382 8.72 -11.00 -3.41
N GLN H 383 9.59 -10.12 -2.92
CA GLN H 383 9.21 -9.21 -1.86
C GLN H 383 8.31 -8.09 -2.36
N ASP H 384 8.40 -7.73 -3.64
CA ASP H 384 7.56 -6.66 -4.17
C ASP H 384 6.10 -7.13 -4.33
N ILE H 385 5.90 -8.42 -4.58
CA ILE H 385 4.54 -8.93 -4.73
C ILE H 385 3.87 -9.11 -3.37
N ILE H 386 4.66 -9.28 -2.30
CA ILE H 386 4.08 -9.44 -0.98
C ILE H 386 3.61 -8.12 -0.38
N ALA H 387 4.11 -7.00 -0.88
CA ALA H 387 3.70 -5.69 -0.37
C ALA H 387 2.38 -5.21 -0.97
N ILE H 388 1.89 -5.85 -2.02
CA ILE H 388 0.64 -5.48 -2.66
C ILE H 388 -0.39 -6.60 -2.60
N LEU H 389 0.02 -7.84 -2.80
CA LEU H 389 -0.88 -8.99 -2.76
C LEU H 389 -0.85 -9.71 -1.41
N GLY H 390 0.33 -9.86 -0.82
CA GLY H 390 0.47 -10.54 0.45
C GLY H 390 1.16 -11.88 0.31
N MET H 391 1.09 -12.67 1.37
CA MET H 391 1.69 -13.99 1.41
C MET H 391 0.77 -15.07 0.86
N ASP H 392 -0.44 -14.73 0.46
CA ASP H 392 -1.37 -15.72 -0.08
C ASP H 392 -1.02 -16.14 -1.51
N GLU H 393 -0.29 -15.29 -2.25
CA GLU H 393 0.08 -15.62 -3.62
C GLU H 393 1.29 -16.54 -3.69
N LEU H 394 2.01 -16.75 -2.59
CA LEU H 394 3.18 -17.61 -2.59
C LEU H 394 2.76 -19.07 -2.43
N SER H 395 3.46 -19.96 -3.10
CA SER H 395 3.20 -21.38 -3.06
C SER H 395 4.10 -22.05 -2.01
N GLU H 396 4.36 -23.34 -2.18
CA GLU H 396 5.22 -24.05 -1.23
C GLU H 396 6.69 -23.75 -1.48
N GLN H 397 7.07 -23.56 -2.75
CA GLN H 397 8.46 -23.25 -3.07
C GLN H 397 8.80 -21.80 -2.77
N ASP H 398 7.84 -20.90 -2.91
CA ASP H 398 8.10 -19.48 -2.64
C ASP H 398 8.12 -19.20 -1.15
N LYS H 399 7.44 -20.01 -0.34
CA LYS H 399 7.43 -19.79 1.10
C LYS H 399 8.73 -20.24 1.74
N LEU H 400 9.31 -21.33 1.24
CA LEU H 400 10.57 -21.83 1.79
C LEU H 400 11.77 -20.99 1.33
N THR H 401 11.65 -20.33 0.18
CA THR H 401 12.76 -19.50 -0.30
C THR H 401 12.83 -18.17 0.44
N VAL H 402 11.70 -17.70 0.97
CA VAL H 402 11.70 -16.44 1.71
C VAL H 402 12.30 -16.63 3.09
N GLU H 403 12.07 -17.80 3.70
CA GLU H 403 12.62 -18.06 5.02
C GLU H 403 14.11 -18.38 4.96
N ARG H 404 14.57 -19.01 3.88
CA ARG H 404 15.98 -19.34 3.75
C ARG H 404 16.82 -18.12 3.37
N ALA H 405 16.22 -17.13 2.69
CA ALA H 405 16.97 -15.95 2.32
C ALA H 405 17.18 -15.02 3.52
N ARG H 406 16.27 -15.03 4.48
CA ARG H 406 16.42 -14.17 5.65
C ARG H 406 17.46 -14.73 6.61
N LYS H 407 17.55 -16.06 6.71
CA LYS H 407 18.54 -16.68 7.60
C LYS H 407 19.94 -16.65 7.00
N ILE H 408 20.06 -16.64 5.68
CA ILE H 408 21.37 -16.60 5.05
C ILE H 408 21.97 -15.19 5.11
N GLN H 409 21.13 -14.16 5.14
CA GLN H 409 21.64 -12.80 5.21
C GLN H 409 22.16 -12.46 6.61
N ARG H 410 21.53 -13.02 7.65
CA ARG H 410 21.98 -12.76 9.01
C ARG H 410 23.14 -13.64 9.43
N PHE H 411 23.35 -14.77 8.75
CA PHE H 411 24.46 -15.65 9.11
C PHE H 411 25.80 -15.12 8.62
N LEU H 412 25.79 -14.29 7.57
CA LEU H 412 27.03 -13.72 7.05
C LEU H 412 27.54 -12.54 7.86
N SER H 413 26.72 -12.00 8.76
CA SER H 413 27.12 -10.87 9.60
C SER H 413 27.70 -11.41 10.90
N GLN H 414 29.01 -11.22 11.09
CA GLN H 414 29.69 -11.69 12.28
C GLN H 414 30.17 -10.50 13.11
N PRO H 415 30.28 -10.67 14.43
CA PRO H 415 30.74 -9.56 15.29
C PRO H 415 32.24 -9.39 15.18
N PHE H 416 32.67 -8.18 14.82
CA PHE H 416 34.08 -7.88 14.67
C PHE H 416 34.73 -7.67 16.04
N ALA H 417 36.06 -7.80 16.07
CA ALA H 417 36.80 -7.61 17.31
C ALA H 417 36.97 -6.14 17.66
N VAL H 418 37.05 -5.27 16.66
CA VAL H 418 37.22 -3.84 16.92
C VAL H 418 35.89 -3.15 17.24
N ALA H 419 34.76 -3.77 16.90
CA ALA H 419 33.44 -3.22 17.16
C ALA H 419 32.80 -3.82 18.40
N GLU H 420 33.59 -4.14 19.42
CA GLU H 420 33.05 -4.72 20.65
C GLU H 420 32.42 -3.67 21.56
N VAL H 421 32.76 -2.40 21.40
CA VAL H 421 32.18 -1.35 22.24
C VAL H 421 30.79 -0.95 21.77
N PHE H 422 30.42 -1.25 20.53
CA PHE H 422 29.11 -0.89 20.00
C PHE H 422 28.15 -2.07 19.95
N THR H 423 28.65 -3.30 19.84
CA THR H 423 27.80 -4.48 19.79
C THR H 423 27.61 -5.10 21.18
N GLY H 424 28.70 -5.23 21.95
CA GLY H 424 28.62 -5.79 23.27
C GLY H 424 29.11 -7.23 23.34
N ILE H 425 28.85 -8.00 22.28
CA ILE H 425 29.27 -9.39 22.24
C ILE H 425 30.74 -9.47 21.87
N GLU H 426 31.31 -10.67 22.04
CA GLU H 426 32.71 -10.89 21.72
C GLU H 426 32.90 -11.08 20.21
N GLY H 427 34.14 -10.92 19.78
CA GLY H 427 34.48 -11.06 18.37
C GLY H 427 34.69 -12.52 18.00
N LYS H 428 34.17 -12.89 16.82
CA LYS H 428 34.29 -14.25 16.30
C LYS H 428 34.98 -14.22 14.94
N LEU H 429 35.85 -15.20 14.72
CA LEU H 429 36.60 -15.31 13.47
C LEU H 429 36.37 -16.69 12.89
N VAL H 430 35.77 -16.75 11.70
CA VAL H 430 35.49 -18.01 11.02
C VAL H 430 36.54 -18.23 9.94
N ARG H 431 36.90 -19.49 9.73
CA ARG H 431 37.88 -19.86 8.73
C ARG H 431 37.23 -19.98 7.35
N LEU H 432 38.03 -20.27 6.34
CA LEU H 432 37.51 -20.41 4.98
C LEU H 432 36.82 -21.75 4.79
N LYS H 433 37.28 -22.79 5.48
CA LYS H 433 36.67 -24.11 5.34
C LYS H 433 35.37 -24.22 6.13
N ASP H 434 35.26 -23.50 7.25
CA ASP H 434 34.05 -23.57 8.06
C ASP H 434 32.91 -22.74 7.46
N THR H 435 33.24 -21.69 6.70
CA THR H 435 32.21 -20.85 6.10
C THR H 435 31.58 -21.51 4.88
N ILE H 436 32.34 -22.32 4.14
CA ILE H 436 31.79 -22.98 2.97
C ILE H 436 30.95 -24.19 3.36
N ALA H 437 31.28 -24.84 4.48
CA ALA H 437 30.52 -26.01 4.91
C ALA H 437 29.20 -25.61 5.58
N SER H 438 29.15 -24.46 6.23
CA SER H 438 27.92 -24.01 6.88
C SER H 438 26.91 -23.46 5.88
N PHE H 439 27.38 -22.85 4.80
CA PHE H 439 26.46 -22.30 3.80
C PHE H 439 25.88 -23.38 2.91
N LYS H 440 26.60 -24.49 2.69
CA LYS H 440 26.09 -25.56 1.84
C LYS H 440 25.07 -26.41 2.57
N ALA H 441 25.16 -26.52 3.89
CA ALA H 441 24.21 -27.32 4.65
C ALA H 441 22.88 -26.59 4.85
N VAL H 442 22.90 -25.26 4.90
CA VAL H 442 21.67 -24.51 5.09
C VAL H 442 20.87 -24.43 3.79
N LEU H 443 21.54 -24.52 2.65
CA LEU H 443 20.87 -24.45 1.35
C LEU H 443 20.26 -25.79 0.93
N GLU H 444 20.64 -26.88 1.58
CA GLU H 444 20.10 -28.19 1.23
C GLU H 444 18.84 -28.54 2.01
N GLY H 445 18.74 -28.10 3.26
CA GLY H 445 17.57 -28.40 4.07
C GLY H 445 17.90 -29.05 5.39
N LYS H 446 19.10 -28.79 5.89
CA LYS H 446 19.54 -29.37 7.15
C LYS H 446 19.31 -28.45 8.35
N TYR H 447 19.07 -27.17 8.11
CA TYR H 447 18.83 -26.19 9.17
C TYR H 447 17.55 -25.42 8.91
N ASP H 448 16.54 -26.09 8.35
CA ASP H 448 15.28 -25.44 8.05
C ASP H 448 14.38 -25.30 9.28
N HIS H 449 14.57 -26.14 10.30
CA HIS H 449 13.77 -26.08 11.51
C HIS H 449 14.29 -25.05 12.52
N LEU H 450 15.49 -24.52 12.31
CA LEU H 450 16.04 -23.53 13.23
C LEU H 450 15.44 -22.16 12.95
N PRO H 451 15.53 -21.25 13.93
CA PRO H 451 14.99 -19.90 13.75
C PRO H 451 16.00 -18.97 13.09
N GLU H 452 15.53 -17.77 12.78
CA GLU H 452 16.38 -16.76 12.13
C GLU H 452 17.25 -16.02 13.14
N ASN H 453 16.93 -16.08 14.42
CA ASN H 453 17.72 -15.38 15.43
C ASN H 453 18.94 -16.20 15.88
N ALA H 454 19.00 -17.47 15.53
CA ALA H 454 20.14 -18.29 15.94
C ALA H 454 21.36 -18.04 15.05
N PHE H 455 21.15 -17.57 13.83
CA PHE H 455 22.24 -17.28 12.91
C PHE H 455 22.68 -15.83 12.92
N TYR H 456 21.86 -14.93 13.47
CA TYR H 456 22.21 -13.52 13.52
C TYR H 456 23.29 -13.28 14.57
N MET H 457 24.38 -12.63 14.15
CA MET H 457 25.52 -12.31 15.02
C MET H 457 26.10 -13.58 15.64
N VAL H 458 26.50 -14.50 14.77
CA VAL H 458 27.09 -15.78 15.15
C VAL H 458 28.31 -16.03 14.27
N GLY H 459 28.96 -17.17 14.51
CA GLY H 459 30.14 -17.54 13.75
C GLY H 459 29.83 -18.48 12.60
N GLY H 460 30.26 -19.73 12.74
CA GLY H 460 30.05 -20.76 11.73
C GLY H 460 28.85 -21.64 12.05
N ILE H 461 28.98 -22.93 11.72
CA ILE H 461 27.91 -23.87 11.99
C ILE H 461 27.84 -24.29 13.44
N GLU H 462 28.94 -24.15 14.19
CA GLU H 462 28.94 -24.54 15.59
C GLU H 462 28.25 -23.50 16.48
N ASP H 463 28.37 -22.22 16.14
CA ASP H 463 27.73 -21.17 16.93
C ASP H 463 26.24 -21.05 16.65
N VAL H 464 25.77 -21.53 15.50
CA VAL H 464 24.35 -21.45 15.18
C VAL H 464 23.55 -22.51 15.92
N VAL H 465 24.17 -23.65 16.22
CA VAL H 465 23.46 -24.71 16.93
C VAL H 465 23.41 -24.43 18.43
N ALA H 466 24.41 -23.73 18.96
CA ALA H 466 24.42 -23.42 20.39
C ALA H 466 23.50 -22.26 20.73
N LYS H 467 23.26 -21.34 19.79
CA LYS H 467 22.40 -20.21 20.03
C LYS H 467 20.92 -20.57 19.97
N ALA H 468 20.56 -21.64 19.25
CA ALA H 468 19.17 -22.04 19.15
C ALA H 468 18.70 -22.80 20.40
N GLU H 469 19.58 -23.57 21.03
CA GLU H 469 19.20 -24.30 22.23
C GLU H 469 19.14 -23.41 23.46
N LYS H 470 19.95 -22.34 23.50
CA LYS H 470 19.94 -21.45 24.65
C LYS H 470 18.78 -20.46 24.61
N ILE H 471 18.29 -20.15 23.40
CA ILE H 471 17.18 -19.21 23.29
C ILE H 471 15.83 -19.87 23.59
N ALA H 472 15.74 -21.20 23.47
CA ALA H 472 14.50 -21.92 23.74
C ALA H 472 14.33 -22.28 25.20
N ALA H 473 15.34 -22.04 26.05
CA ALA H 473 15.25 -22.36 27.46
C ALA H 473 14.90 -21.13 28.29
N PRO I 5 42.08 37.09 -58.04
CA PRO I 5 41.51 36.29 -56.94
C PRO I 5 42.04 36.72 -55.58
N ALA I 6 41.17 36.73 -54.57
CA ALA I 6 41.56 37.12 -53.23
C ALA I 6 42.24 35.95 -52.54
N SER I 7 43.49 36.14 -52.13
CA SER I 7 44.28 35.12 -51.45
C SER I 7 44.42 35.45 -49.97
N GLY I 8 44.61 34.41 -49.17
CA GLY I 8 44.77 34.59 -47.73
C GLY I 8 45.81 33.63 -47.18
N LYS I 9 46.18 33.87 -45.93
CA LYS I 9 47.16 33.07 -45.22
C LYS I 9 46.54 32.51 -43.94
N ILE I 10 46.83 31.24 -43.66
CA ILE I 10 46.31 30.58 -42.47
C ILE I 10 47.11 31.02 -41.27
N ARG I 11 46.41 31.54 -40.25
CA ARG I 11 47.05 32.00 -39.02
C ARG I 11 46.84 31.07 -37.84
N ALA I 12 45.69 30.39 -37.76
CA ALA I 12 45.41 29.48 -36.66
C ALA I 12 44.73 28.24 -37.21
N VAL I 13 44.91 27.12 -36.50
CA VAL I 13 44.33 25.84 -36.89
C VAL I 13 44.10 24.99 -35.66
N ILE I 14 42.94 25.14 -35.04
CA ILE I 14 42.60 24.39 -33.83
C ILE I 14 41.41 23.48 -34.13
N GLY I 15 41.68 22.35 -34.77
CA GLY I 15 40.62 21.41 -35.10
C GLY I 15 39.84 21.87 -36.32
N ALA I 16 38.51 21.93 -36.19
CA ALA I 16 37.67 22.37 -37.29
C ALA I 16 37.72 23.87 -37.52
N VAL I 17 38.02 24.65 -36.49
CA VAL I 17 38.09 26.10 -36.61
C VAL I 17 39.48 26.48 -37.12
N VAL I 18 39.52 27.21 -38.23
CA VAL I 18 40.76 27.66 -38.84
C VAL I 18 40.62 29.13 -39.20
N ASP I 19 41.53 29.96 -38.70
CA ASP I 19 41.50 31.39 -38.95
C ASP I 19 42.38 31.74 -40.13
N VAL I 20 41.86 32.57 -41.03
CA VAL I 20 42.58 33.01 -42.22
C VAL I 20 42.69 34.53 -42.17
N GLN I 21 43.84 35.04 -42.61
CA GLN I 21 44.11 36.47 -42.60
C GLN I 21 44.17 36.97 -44.05
N PHE I 22 43.30 37.91 -44.39
CA PHE I 22 43.23 38.49 -45.72
C PHE I 22 43.93 39.86 -45.71
N GLU I 23 43.72 40.63 -46.79
CA GLU I 23 44.30 41.93 -46.93
C GLU I 23 43.27 43.01 -46.60
N GLN I 24 43.53 44.24 -47.04
CA GLN I 24 42.63 45.36 -46.80
C GLN I 24 41.70 45.53 -48.00
N GLY I 25 40.40 45.45 -47.75
CA GLY I 25 39.39 45.58 -48.78
C GLY I 25 38.99 44.28 -49.45
N GLU I 26 39.89 43.31 -49.51
CA GLU I 26 39.61 42.02 -50.12
C GLU I 26 39.21 40.96 -49.09
N LEU I 27 38.67 41.39 -47.95
CA LEU I 27 38.25 40.44 -46.92
C LEU I 27 36.88 39.85 -47.28
N PRO I 28 36.69 38.55 -47.06
CA PRO I 28 35.40 37.94 -47.38
C PRO I 28 34.36 38.21 -46.31
N ALA I 29 33.10 38.05 -46.71
CA ALA I 29 31.97 38.26 -45.82
C ALA I 29 31.64 36.97 -45.09
N ILE I 30 30.50 36.96 -44.40
CA ILE I 30 30.06 35.77 -43.67
C ILE I 30 29.45 34.76 -44.63
N LEU I 31 29.51 33.49 -44.25
CA LEU I 31 28.98 32.38 -45.04
C LEU I 31 29.61 32.36 -46.44
N ASN I 32 30.93 32.47 -46.48
CA ASN I 32 31.69 32.46 -47.72
C ASN I 32 32.61 31.25 -47.74
N ALA I 33 32.54 30.49 -48.83
CA ALA I 33 33.36 29.29 -48.96
C ALA I 33 34.78 29.66 -49.37
N LEU I 34 35.75 29.11 -48.68
CA LEU I 34 37.17 29.36 -48.94
C LEU I 34 37.81 28.10 -49.50
N THR I 35 38.53 28.24 -50.60
CA THR I 35 39.20 27.12 -51.25
C THR I 35 40.60 26.93 -50.67
N ILE I 36 41.02 25.67 -50.56
CA ILE I 36 42.33 25.33 -50.03
C ILE I 36 42.85 24.08 -50.72
N ASP I 37 44.03 24.17 -51.33
CA ASP I 37 44.63 23.05 -52.03
C ASP I 37 45.29 22.10 -51.05
N GLN I 38 45.03 20.81 -51.22
CA GLN I 38 45.60 19.78 -50.35
C GLN I 38 46.38 18.80 -51.23
N GLY I 39 46.59 17.60 -50.72
CA GLY I 39 47.31 16.58 -51.45
C GLY I 39 46.41 15.69 -52.28
N ASN I 40 45.85 14.65 -51.66
CA ASN I 40 44.96 13.74 -52.38
C ASN I 40 43.57 14.32 -52.59
N ASN I 41 43.16 15.28 -51.75
CA ASN I 41 41.84 15.88 -51.88
C ASN I 41 41.85 16.95 -52.97
N GLN I 42 40.65 17.28 -53.45
CA GLN I 42 40.50 18.29 -54.50
C GLN I 42 40.63 19.70 -53.92
N LYS I 43 39.69 20.09 -53.07
CA LYS I 43 39.71 21.40 -52.45
C LYS I 43 39.03 21.32 -51.09
N LEU I 44 39.67 21.88 -50.07
CA LEU I 44 39.14 21.88 -48.71
C LEU I 44 38.23 23.09 -48.54
N VAL I 45 36.93 22.84 -48.41
CA VAL I 45 35.96 23.92 -48.24
C VAL I 45 36.01 24.42 -46.80
N LEU I 46 35.90 25.74 -46.64
CA LEU I 46 35.94 26.36 -45.32
C LEU I 46 34.95 27.52 -45.32
N GLU I 47 33.80 27.33 -44.69
CA GLU I 47 32.78 28.38 -44.62
C GLU I 47 33.17 29.42 -43.58
N VAL I 48 33.05 30.69 -43.96
CA VAL I 48 33.40 31.78 -43.05
C VAL I 48 32.28 31.95 -42.04
N ALA I 49 32.65 32.04 -40.76
CA ALA I 49 31.69 32.21 -39.68
C ALA I 49 31.54 33.67 -39.27
N GLN I 50 32.61 34.27 -38.76
CA GLN I 50 32.58 35.67 -38.34
C GLN I 50 33.96 36.28 -38.54
N HIS I 51 34.07 37.56 -38.29
CA HIS I 51 35.33 38.31 -38.42
C HIS I 51 35.76 38.79 -37.05
N LEU I 52 36.97 38.40 -36.64
CA LEU I 52 37.51 38.80 -35.35
C LEU I 52 38.20 40.16 -35.38
N GLY I 53 38.40 40.74 -36.56
CA GLY I 53 39.04 42.03 -36.69
C GLY I 53 40.52 41.91 -37.01
N GLU I 54 41.12 43.07 -37.25
CA GLU I 54 42.56 43.18 -37.57
C GLU I 54 42.90 42.34 -38.81
N ASN I 55 42.06 42.46 -39.85
CA ASN I 55 42.25 41.73 -41.10
C ASN I 55 42.33 40.22 -40.86
N ALA I 56 41.37 39.71 -40.10
CA ALA I 56 41.30 38.29 -39.79
C ALA I 56 39.85 37.89 -39.58
N VAL I 57 39.49 36.70 -40.07
CA VAL I 57 38.14 36.18 -39.94
C VAL I 57 38.23 34.68 -39.68
N ARG I 58 37.48 34.21 -38.68
CA ARG I 58 37.48 32.80 -38.33
C ARG I 58 36.55 32.01 -39.26
N ALA I 59 37.03 30.87 -39.73
CA ALA I 59 36.26 30.01 -40.62
C ALA I 59 36.22 28.60 -40.06
N ILE I 60 35.23 27.83 -40.51
CA ILE I 60 35.04 26.45 -40.09
C ILE I 60 35.22 25.55 -41.30
N ALA I 61 36.18 24.63 -41.22
CA ALA I 61 36.45 23.72 -42.31
C ALA I 61 35.38 22.63 -42.38
N MET I 62 35.06 22.21 -43.60
CA MET I 62 34.06 21.18 -43.85
C MET I 62 34.68 19.81 -44.07
N ASP I 63 35.96 19.64 -43.76
CA ASP I 63 36.65 18.36 -43.94
C ASP I 63 37.73 18.25 -42.88
N GLY I 64 38.69 17.36 -43.11
CA GLY I 64 39.78 17.18 -42.16
C GLY I 64 40.84 18.24 -42.33
N THR I 65 41.23 18.87 -41.22
CA THR I 65 42.25 19.92 -41.22
C THR I 65 43.62 19.39 -40.82
N GLU I 66 43.84 18.09 -40.92
CA GLU I 66 45.12 17.50 -40.56
C GLU I 66 46.13 17.72 -41.69
N GLY I 67 47.31 18.23 -41.34
CA GLY I 67 48.35 18.49 -42.31
C GLY I 67 48.49 19.93 -42.74
N LEU I 68 47.68 20.84 -42.21
CA LEU I 68 47.74 22.25 -42.57
C LEU I 68 48.79 22.95 -41.71
N VAL I 69 49.65 23.73 -42.36
CA VAL I 69 50.69 24.46 -41.68
C VAL I 69 50.29 25.93 -41.57
N ARG I 70 51.02 26.68 -40.76
CA ARG I 70 50.75 28.10 -40.56
C ARG I 70 51.38 28.89 -41.70
N GLY I 71 50.54 29.38 -42.61
CA GLY I 71 51.01 30.14 -43.75
C GLY I 71 50.62 29.55 -45.08
N GLN I 72 49.60 28.70 -45.07
CA GLN I 72 49.13 28.06 -46.30
C GLN I 72 48.28 29.03 -47.12
N THR I 73 48.23 28.77 -48.42
CA THR I 73 47.45 29.61 -49.33
C THR I 73 45.96 29.28 -49.22
N VAL I 74 45.16 30.30 -48.98
CA VAL I 74 43.70 30.16 -48.85
C VAL I 74 43.05 31.11 -49.84
N VAL I 75 42.51 30.56 -50.92
CA VAL I 75 41.86 31.35 -51.96
C VAL I 75 40.39 31.51 -51.61
N ASP I 76 39.82 32.65 -51.96
CA ASP I 76 38.42 32.95 -51.70
C ASP I 76 37.61 32.76 -52.98
N THR I 77 36.47 32.07 -52.86
CA THR I 77 35.62 31.83 -54.02
C THR I 77 34.77 33.03 -54.38
N GLY I 78 34.55 33.96 -53.46
CA GLY I 78 33.76 35.14 -53.70
C GLY I 78 32.29 35.01 -53.37
N ALA I 79 31.80 33.79 -53.16
CA ALA I 79 30.40 33.59 -52.82
C ALA I 79 30.26 32.49 -51.76
N PRO I 80 29.08 31.88 -51.63
CA PRO I 80 28.92 30.82 -50.61
C PRO I 80 29.27 29.45 -51.17
N ILE I 81 28.85 28.41 -50.46
CA ILE I 81 29.12 27.03 -50.87
C ILE I 81 28.12 26.68 -51.97
N SER I 82 28.57 26.77 -53.22
CA SER I 82 27.71 26.46 -54.35
C SER I 82 27.60 24.95 -54.56
N VAL I 83 26.47 24.52 -55.10
CA VAL I 83 26.21 23.12 -55.36
C VAL I 83 25.55 22.97 -56.72
N PRO I 84 25.64 21.78 -57.32
CA PRO I 84 25.03 21.56 -58.63
C PRO I 84 23.54 21.29 -58.50
N VAL I 85 22.74 22.01 -59.29
CA VAL I 85 21.30 21.87 -59.28
C VAL I 85 20.83 21.53 -60.70
N GLY I 86 19.56 21.17 -60.80
CA GLY I 86 18.95 20.81 -62.06
C GLY I 86 18.65 19.33 -62.16
N ARG I 87 18.52 18.86 -63.40
CA ARG I 87 18.22 17.47 -63.67
C ARG I 87 19.47 16.60 -63.72
N GLY I 88 20.66 17.19 -63.68
CA GLY I 88 21.89 16.41 -63.72
C GLY I 88 22.27 15.76 -62.40
N THR I 89 21.67 16.21 -61.30
CA THR I 89 21.97 15.66 -59.98
C THR I 89 21.08 14.48 -59.62
N LEU I 90 20.16 14.09 -60.49
CA LEU I 90 19.27 12.97 -60.21
C LEU I 90 20.00 11.67 -60.49
N GLY I 91 20.06 10.79 -59.47
CA GLY I 91 20.71 9.51 -59.59
C GLY I 91 22.16 9.49 -59.14
N ARG I 92 22.74 10.64 -58.83
CA ARG I 92 24.12 10.74 -58.39
C ARG I 92 24.18 11.06 -56.90
N ILE I 93 25.25 10.61 -56.25
CA ILE I 93 25.46 10.84 -54.82
C ILE I 93 26.29 12.10 -54.67
N ILE I 94 25.65 13.18 -54.23
CA ILE I 94 26.33 14.45 -54.03
C ILE I 94 26.74 14.57 -52.57
N ASN I 95 27.60 15.54 -52.28
CA ASN I 95 28.09 15.79 -50.93
C ASN I 95 27.62 17.17 -50.47
N VAL I 96 28.22 17.66 -49.39
CA VAL I 96 27.85 18.97 -48.86
C VAL I 96 28.45 20.11 -49.66
N VAL I 97 29.53 19.87 -50.41
CA VAL I 97 30.17 20.90 -51.22
C VAL I 97 29.75 20.83 -52.67
N GLY I 98 28.80 19.95 -53.01
CA GLY I 98 28.34 19.83 -54.38
C GLY I 98 29.20 18.97 -55.26
N GLU I 99 29.99 18.06 -54.69
CA GLU I 99 30.86 17.19 -55.46
C GLU I 99 30.30 15.76 -55.49
N PRO I 100 30.58 15.00 -56.54
CA PRO I 100 30.07 13.64 -56.62
C PRO I 100 30.91 12.67 -55.79
N ILE I 101 30.21 11.73 -55.14
CA ILE I 101 30.87 10.74 -54.30
C ILE I 101 30.41 9.34 -54.71
N ASP I 102 29.97 9.21 -55.96
CA ASP I 102 29.49 7.94 -56.49
C ASP I 102 30.43 7.34 -57.54
N GLU I 103 31.51 8.04 -57.88
CA GLU I 103 32.48 7.56 -58.88
C GLU I 103 31.79 7.29 -60.21
N ARG I 104 30.98 8.24 -60.66
CA ARG I 104 30.25 8.13 -61.93
C ARG I 104 30.47 9.38 -62.79
N GLY I 105 31.61 10.04 -62.64
CA GLY I 105 31.90 11.23 -63.40
C GLY I 105 31.37 12.49 -62.74
N PRO I 106 31.74 13.64 -63.28
CA PRO I 106 31.27 14.91 -62.70
C PRO I 106 29.86 15.25 -63.16
N ILE I 107 29.17 16.01 -62.31
CA ILE I 107 27.80 16.43 -62.60
C ILE I 107 27.86 17.61 -63.57
N GLU I 108 27.46 17.37 -64.82
CA GLU I 108 27.47 18.41 -65.84
C GLU I 108 26.24 19.30 -65.64
N CYS I 109 26.41 20.32 -64.80
CA CYS I 109 25.33 21.26 -64.50
C CYS I 109 25.57 22.57 -65.24
N LYS I 110 24.46 23.21 -65.63
CA LYS I 110 24.55 24.49 -66.34
C LYS I 110 24.83 25.64 -65.39
N GLN I 111 24.22 25.62 -64.21
CA GLN I 111 24.40 26.67 -63.21
C GLN I 111 24.63 26.03 -61.85
N ARG I 112 25.12 26.86 -60.91
CA ARG I 112 25.39 26.42 -59.55
C ARG I 112 24.81 27.44 -58.59
N ASN I 113 23.85 26.99 -57.76
CA ASN I 113 23.22 27.87 -56.80
C ASN I 113 23.88 27.74 -55.43
N PRO I 114 23.92 28.82 -54.66
CA PRO I 114 24.55 28.76 -53.33
C PRO I 114 23.62 28.14 -52.30
N ILE I 115 24.24 27.54 -51.27
CA ILE I 115 23.47 26.91 -50.21
C ILE I 115 22.90 27.92 -49.23
N HIS I 116 23.50 29.10 -49.12
CA HIS I 116 23.05 30.13 -48.20
C HIS I 116 22.21 31.14 -49.00
N ALA I 117 20.90 31.10 -48.81
CA ALA I 117 19.99 31.99 -49.51
C ALA I 117 18.81 32.30 -48.60
N ASP I 118 18.14 33.42 -48.89
CA ASP I 118 16.99 33.84 -48.12
C ASP I 118 15.75 33.03 -48.51
N PRO I 119 14.74 33.01 -47.65
CA PRO I 119 13.52 32.25 -47.97
C PRO I 119 12.51 33.13 -48.68
N PRO I 120 11.27 32.67 -48.80
CA PRO I 120 10.25 33.47 -49.49
C PRO I 120 9.71 34.58 -48.60
N SER I 121 9.19 35.61 -49.25
CA SER I 121 8.61 36.75 -48.54
C SER I 121 7.17 36.46 -48.16
N PHE I 122 6.54 37.43 -47.49
CA PHE I 122 5.15 37.27 -47.08
C PHE I 122 4.18 37.47 -48.22
N VAL I 123 4.58 38.22 -49.25
CA VAL I 123 3.70 38.45 -50.40
C VAL I 123 3.79 37.35 -51.45
N GLU I 124 4.83 36.51 -51.40
CA GLU I 124 5.00 35.43 -52.36
C GLU I 124 4.66 34.07 -51.77
N GLN I 125 4.02 34.03 -50.61
CA GLN I 125 3.64 32.78 -49.97
C GLN I 125 2.21 32.40 -50.36
N SER I 126 1.84 31.17 -50.00
CA SER I 126 0.51 30.66 -50.30
C SER I 126 -0.49 31.19 -49.27
N THR I 127 -1.62 31.70 -49.76
CA THR I 127 -2.66 32.23 -48.88
C THR I 127 -3.62 31.16 -48.37
N GLU I 128 -3.54 29.94 -48.90
CA GLU I 128 -4.41 28.86 -48.47
C GLU I 128 -3.60 27.58 -48.36
N ALA I 129 -3.94 26.76 -47.37
CA ALA I 129 -3.25 25.50 -47.12
C ALA I 129 -3.87 24.41 -47.98
N GLU I 130 -3.10 23.86 -48.91
CA GLU I 130 -3.56 22.81 -49.79
C GLU I 130 -3.06 21.45 -49.31
N VAL I 131 -3.83 20.41 -49.63
CA VAL I 131 -3.49 19.04 -49.24
C VAL I 131 -2.67 18.41 -50.34
N LEU I 132 -1.75 17.52 -49.95
CA LEU I 132 -0.87 16.82 -50.87
C LEU I 132 -1.30 15.36 -50.94
N GLU I 133 -1.67 14.90 -52.13
CA GLU I 133 -2.09 13.51 -52.33
C GLU I 133 -0.86 12.62 -52.38
N THR I 134 -0.81 11.64 -51.47
CA THR I 134 0.31 10.70 -51.40
C THR I 134 0.02 9.38 -52.09
N GLY I 135 -1.25 8.96 -52.16
CA GLY I 135 -1.63 7.73 -52.79
C GLY I 135 -2.02 6.63 -51.83
N ILE I 136 -1.62 6.73 -50.57
CA ILE I 136 -1.95 5.71 -49.58
C ILE I 136 -3.35 5.96 -49.02
N LYS I 137 -4.02 4.88 -48.63
CA LYS I 137 -5.37 4.99 -48.09
C LYS I 137 -5.39 5.51 -46.66
N VAL I 138 -4.32 5.30 -45.89
CA VAL I 138 -4.26 5.76 -44.51
C VAL I 138 -3.58 7.10 -44.38
N VAL I 139 -3.19 7.73 -45.49
CA VAL I 139 -2.53 9.02 -45.47
C VAL I 139 -3.42 10.12 -46.04
N ASP I 140 -4.22 9.80 -47.06
CA ASP I 140 -5.11 10.79 -47.67
C ASP I 140 -6.41 10.96 -46.91
N LEU I 141 -6.70 10.09 -45.93
CA LEU I 141 -7.92 10.17 -45.14
C LEU I 141 -7.67 10.62 -43.71
N LEU I 142 -6.64 10.08 -43.07
CA LEU I 142 -6.31 10.45 -41.70
C LEU I 142 -5.46 11.72 -41.67
N ALA I 143 -4.17 11.57 -41.38
CA ALA I 143 -3.27 12.71 -41.32
C ALA I 143 -2.86 13.12 -42.74
N PRO I 144 -3.55 14.11 -43.32
CA PRO I 144 -3.19 14.54 -44.68
C PRO I 144 -1.97 15.46 -44.68
N TYR I 145 -1.11 15.27 -45.67
CA TYR I 145 0.08 16.08 -45.80
C TYR I 145 -0.23 17.41 -46.46
N ALA I 146 0.34 18.49 -45.92
CA ALA I 146 0.13 19.83 -46.44
C ALA I 146 1.10 20.11 -47.58
N ARG I 147 0.63 20.89 -48.56
CA ARG I 147 1.44 21.26 -49.71
C ARG I 147 2.39 22.38 -49.31
N GLY I 148 3.65 22.02 -49.09
CA GLY I 148 4.66 22.99 -48.69
C GLY I 148 4.94 23.06 -47.20
N GLY I 149 4.78 21.96 -46.47
CA GLY I 149 5.04 21.95 -45.05
C GLY I 149 6.03 20.89 -44.63
N LYS I 150 6.03 20.56 -43.34
CA LYS I 150 6.93 19.55 -42.79
C LYS I 150 6.12 18.41 -42.20
N ILE I 151 6.59 17.18 -42.42
CA ILE I 151 5.93 15.99 -41.92
C ILE I 151 6.95 15.15 -41.15
N GLY I 152 6.60 14.76 -39.93
CA GLY I 152 7.49 13.96 -39.11
C GLY I 152 7.24 12.47 -39.23
N LEU I 153 8.29 11.72 -39.59
CA LEU I 153 8.19 10.27 -39.75
C LEU I 153 8.86 9.63 -38.54
N PHE I 154 8.06 9.32 -37.52
CA PHE I 154 8.55 8.70 -36.30
C PHE I 154 8.31 7.20 -36.34
N GLY I 155 9.32 6.43 -36.01
CA GLY I 155 9.20 4.98 -36.03
C GLY I 155 10.52 4.33 -35.66
N GLY I 156 10.43 3.05 -35.32
CA GLY I 156 11.58 2.28 -34.94
C GLY I 156 12.25 1.60 -36.12
N ALA I 157 13.11 0.64 -35.82
CA ALA I 157 13.84 -0.11 -36.82
C ALA I 157 13.02 -1.32 -37.26
N GLY I 158 12.88 -1.49 -38.58
CA GLY I 158 12.12 -2.60 -39.10
C GLY I 158 10.63 -2.44 -39.04
N VAL I 159 10.13 -1.19 -39.06
CA VAL I 159 8.70 -0.94 -38.99
C VAL I 159 8.18 -0.60 -40.39
N GLY I 160 9.03 0.03 -41.19
CA GLY I 160 8.65 0.40 -42.54
C GLY I 160 8.97 1.85 -42.87
N LYS I 161 10.13 2.32 -42.42
CA LYS I 161 10.53 3.71 -42.68
C LYS I 161 11.16 3.84 -44.06
N THR I 162 11.99 2.87 -44.47
CA THR I 162 12.64 2.94 -45.77
C THR I 162 11.67 2.60 -46.90
N VAL I 163 10.67 1.76 -46.65
CA VAL I 163 9.72 1.40 -47.69
C VAL I 163 8.71 2.52 -47.91
N PHE I 164 8.42 3.31 -46.88
CA PHE I 164 7.46 4.40 -47.02
C PHE I 164 8.04 5.58 -47.79
N ILE I 165 9.36 5.79 -47.72
CA ILE I 165 9.97 6.89 -48.45
C ILE I 165 10.11 6.56 -49.92
N GLN I 166 10.34 5.29 -50.26
CA GLN I 166 10.47 4.90 -51.67
C GLN I 166 9.12 4.84 -52.38
N GLU I 167 8.06 4.47 -51.68
CA GLU I 167 6.73 4.41 -52.29
C GLU I 167 6.12 5.78 -52.47
N LEU I 168 6.45 6.74 -51.59
CA LEU I 168 5.90 8.07 -51.71
C LEU I 168 6.58 8.88 -52.82
N ILE I 169 7.84 8.59 -53.11
CA ILE I 169 8.54 9.31 -54.17
C ILE I 169 8.10 8.82 -55.55
N ASN I 170 7.78 7.53 -55.67
CA ASN I 170 7.34 7.00 -56.96
C ASN I 170 5.89 7.36 -57.27
N ASN I 171 5.06 7.51 -56.25
CA ASN I 171 3.66 7.88 -56.48
C ASN I 171 3.49 9.36 -56.80
N ILE I 172 4.38 10.21 -56.27
CA ILE I 172 4.28 11.63 -56.54
C ILE I 172 4.83 11.96 -57.92
N ALA I 173 5.79 11.18 -58.42
CA ALA I 173 6.37 11.43 -59.73
C ALA I 173 5.49 10.94 -60.86
N LYS I 174 4.55 10.03 -60.58
CA LYS I 174 3.66 9.50 -61.61
C LYS I 174 2.29 10.17 -61.62
N ALA I 175 1.80 10.63 -60.47
CA ALA I 175 0.51 11.29 -60.40
C ALA I 175 0.62 12.81 -60.47
N HIS I 176 1.72 13.38 -59.98
CA HIS I 176 1.92 14.82 -60.00
C HIS I 176 3.14 15.26 -60.78
N GLY I 177 4.12 14.38 -61.00
CA GLY I 177 5.31 14.75 -61.75
C GLY I 177 6.32 15.55 -60.96
N GLY I 178 6.61 15.14 -59.73
CA GLY I 178 7.57 15.83 -58.89
C GLY I 178 8.70 14.91 -58.49
N PHE I 179 9.91 15.46 -58.45
CA PHE I 179 11.10 14.70 -58.09
C PHE I 179 11.26 14.69 -56.57
N SER I 180 12.28 13.97 -56.10
CA SER I 180 12.57 13.85 -54.68
C SER I 180 14.03 14.21 -54.43
N VAL I 181 14.37 14.38 -53.16
CA VAL I 181 15.73 14.74 -52.75
C VAL I 181 16.02 14.17 -51.38
N PHE I 182 16.69 13.02 -51.33
CA PHE I 182 17.04 12.36 -50.08
C PHE I 182 18.36 12.93 -49.56
N THR I 183 18.29 13.66 -48.45
CA THR I 183 19.46 14.28 -47.82
C THR I 183 19.67 13.60 -46.47
N GLY I 184 20.43 12.50 -46.47
CA GLY I 184 20.71 11.77 -45.26
C GLY I 184 21.79 12.42 -44.41
N VAL I 185 21.42 13.44 -43.64
CA VAL I 185 22.37 14.14 -42.78
C VAL I 185 22.51 13.38 -41.47
N GLY I 186 23.76 13.13 -41.07
CA GLY I 186 24.00 12.41 -39.84
C GLY I 186 23.75 10.93 -39.91
N GLU I 187 23.77 10.34 -41.11
CA GLU I 187 23.53 8.92 -41.26
C GLU I 187 24.81 8.14 -40.99
N ARG I 188 24.72 6.81 -41.06
CA ARG I 188 25.85 5.94 -40.82
C ARG I 188 26.52 5.57 -42.15
N THR I 189 27.66 4.88 -42.04
CA THR I 189 28.40 4.47 -43.23
C THR I 189 27.74 3.28 -43.91
N ARG I 190 27.17 2.36 -43.13
CA ARG I 190 26.52 1.19 -43.71
C ARG I 190 25.11 1.50 -44.19
N GLU I 191 24.49 2.54 -43.65
CA GLU I 191 23.14 2.90 -44.07
C GLU I 191 23.13 3.65 -45.39
N GLY I 192 24.24 4.28 -45.76
CA GLY I 192 24.29 5.01 -47.02
C GLY I 192 24.49 4.09 -48.21
N ASN I 193 25.24 3.01 -48.03
CA ASN I 193 25.48 2.08 -49.12
C ASN I 193 24.29 1.15 -49.36
N ASP I 194 23.52 0.86 -48.31
CA ASP I 194 22.36 -0.02 -48.47
C ASP I 194 21.17 0.71 -49.08
N LEU I 195 21.10 2.03 -48.90
CA LEU I 195 19.99 2.79 -49.46
C LEU I 195 20.15 3.03 -50.95
N TYR I 196 21.39 3.11 -51.44
CA TYR I 196 21.62 3.34 -52.86
C TYR I 196 21.42 2.08 -53.69
N ARG I 197 21.72 0.91 -53.11
CA ARG I 197 21.55 -0.34 -53.84
C ARG I 197 20.10 -0.80 -53.85
N GLU I 198 19.32 -0.44 -52.83
CA GLU I 198 17.92 -0.84 -52.77
C GLU I 198 17.05 0.01 -53.70
N MET I 199 17.45 1.24 -53.96
CA MET I 199 16.67 2.11 -54.84
C MET I 199 16.87 1.77 -56.31
N LYS I 200 18.00 1.14 -56.66
CA LYS I 200 18.25 0.78 -58.05
C LYS I 200 17.49 -0.47 -58.46
N GLU I 201 17.22 -1.37 -57.53
CA GLU I 201 16.49 -2.60 -57.83
C GLU I 201 14.99 -2.40 -57.86
N THR I 202 14.48 -1.27 -57.37
CA THR I 202 13.04 -1.00 -57.37
C THR I 202 12.59 -0.10 -58.50
N GLY I 203 13.49 0.69 -59.08
CA GLY I 203 13.16 1.59 -60.16
C GLY I 203 13.14 3.06 -59.82
N VAL I 204 13.73 3.47 -58.70
CA VAL I 204 13.74 4.88 -58.32
C VAL I 204 14.98 5.60 -58.86
N ILE I 205 16.13 4.92 -58.85
CA ILE I 205 17.38 5.49 -59.34
C ILE I 205 17.89 4.59 -60.45
N ASN I 206 17.87 5.08 -61.68
CA ASN I 206 18.32 4.34 -62.84
C ASN I 206 19.62 4.95 -63.37
N LEU I 207 20.64 4.12 -63.54
CA LEU I 207 21.91 4.61 -64.05
C LEU I 207 21.87 4.83 -65.55
N GLU I 208 21.17 3.97 -66.28
CA GLU I 208 21.06 4.09 -67.74
C GLU I 208 19.76 4.71 -68.20
N GLY I 209 18.71 4.65 -67.38
CA GLY I 209 17.42 5.20 -67.75
C GLY I 209 17.24 6.63 -67.26
N GLU I 210 16.16 6.87 -66.53
CA GLU I 210 15.85 8.19 -65.99
C GLU I 210 15.59 8.07 -64.50
N SER I 211 16.31 8.87 -63.71
CA SER I 211 16.16 8.87 -62.26
C SER I 211 15.06 9.84 -61.83
N LYS I 212 14.70 9.76 -60.56
CA LYS I 212 13.65 10.64 -60.03
C LYS I 212 13.90 11.08 -58.59
N VAL I 213 15.07 10.80 -58.02
CA VAL I 213 15.37 11.20 -56.65
C VAL I 213 16.86 11.51 -56.55
N ALA I 214 17.19 12.57 -55.82
CA ALA I 214 18.56 12.99 -55.62
C ALA I 214 19.14 12.37 -54.36
N LEU I 215 20.43 12.06 -54.40
CA LEU I 215 21.14 11.46 -53.29
C LEU I 215 22.18 12.45 -52.77
N VAL I 216 22.09 12.79 -51.49
CA VAL I 216 23.01 13.72 -50.84
C VAL I 216 23.69 12.97 -49.70
N PHE I 217 24.98 12.72 -49.85
CA PHE I 217 25.74 12.02 -48.83
C PHE I 217 26.09 12.94 -47.67
N GLY I 218 25.92 12.44 -46.45
CA GLY I 218 26.21 13.21 -45.27
C GLY I 218 26.37 12.36 -44.02
N GLN I 219 27.43 11.57 -43.98
CA GLN I 219 27.69 10.71 -42.84
C GLN I 219 28.27 11.51 -41.68
N MET I 220 28.33 10.87 -40.51
CA MET I 220 28.85 11.49 -39.30
C MET I 220 30.35 11.29 -39.13
N ASN I 221 31.03 10.76 -40.15
CA ASN I 221 32.47 10.54 -40.06
C ASN I 221 33.28 11.78 -40.40
N GLU I 222 32.64 12.86 -40.85
CA GLU I 222 33.34 14.08 -41.20
C GLU I 222 33.40 15.00 -39.98
N PRO I 223 33.69 16.30 -40.18
CA PRO I 223 33.76 17.22 -39.05
C PRO I 223 32.40 17.83 -38.77
N PRO I 224 32.34 18.85 -37.90
CA PRO I 224 31.04 19.48 -37.60
C PRO I 224 30.53 20.39 -38.69
N GLY I 225 31.40 20.89 -39.57
CA GLY I 225 30.96 21.78 -40.63
C GLY I 225 30.25 21.07 -41.76
N ALA I 226 30.63 19.83 -42.06
CA ALA I 226 29.99 19.08 -43.13
C ALA I 226 28.63 18.54 -42.73
N ARG I 227 28.46 18.18 -41.46
CA ARG I 227 27.18 17.66 -40.99
C ARG I 227 26.13 18.76 -40.85
N ALA I 228 26.55 19.96 -40.46
CA ALA I 228 25.60 21.07 -40.30
C ALA I 228 25.18 21.66 -41.64
N ARG I 229 26.06 21.62 -42.64
CA ARG I 229 25.76 22.15 -43.96
C ARG I 229 25.15 21.10 -44.90
N VAL I 230 24.86 19.90 -44.40
CA VAL I 230 24.27 18.88 -45.24
C VAL I 230 22.80 19.18 -45.50
N ALA I 231 22.13 19.87 -44.58
CA ALA I 231 20.73 20.20 -44.79
C ALA I 231 20.55 21.33 -45.80
N LEU I 232 21.52 22.24 -45.89
CA LEU I 232 21.42 23.34 -46.84
C LEU I 232 21.76 22.91 -48.25
N THR I 233 22.58 21.86 -48.40
CA THR I 233 22.94 21.39 -49.74
C THR I 233 21.79 20.60 -50.37
N GLY I 234 21.07 19.81 -49.57
CA GLY I 234 19.96 19.05 -50.09
C GLY I 234 18.73 19.90 -50.36
N LEU I 235 18.53 20.95 -49.58
CA LEU I 235 17.38 21.83 -49.77
C LEU I 235 17.55 22.78 -50.95
N THR I 236 18.79 23.05 -51.37
CA THR I 236 19.00 23.94 -52.50
C THR I 236 18.68 23.26 -53.83
N ILE I 237 18.89 21.94 -53.91
CA ILE I 237 18.58 21.23 -55.15
C ILE I 237 17.08 21.01 -55.31
N ALA I 238 16.36 20.84 -54.20
CA ALA I 238 14.91 20.64 -54.28
C ALA I 238 14.17 21.95 -54.52
N GLU I 239 14.71 23.08 -54.08
CA GLU I 239 14.06 24.37 -54.28
C GLU I 239 14.21 24.88 -55.70
N TYR I 240 15.22 24.41 -56.43
CA TYR I 240 15.41 24.87 -57.81
C TYR I 240 14.39 24.27 -58.76
N PHE I 241 13.86 23.08 -58.44
CA PHE I 241 12.87 22.45 -59.29
C PHE I 241 11.48 23.06 -59.14
N ARG I 242 11.22 23.78 -58.04
CA ARG I 242 9.93 24.42 -57.82
C ARG I 242 9.89 25.88 -58.24
N ASP I 243 11.05 26.53 -58.37
CA ASP I 243 11.10 27.93 -58.77
C ASP I 243 11.38 28.10 -60.26
N GLU I 244 12.19 27.22 -60.83
CA GLU I 244 12.52 27.29 -62.26
C GLU I 244 11.62 26.40 -63.11
N GLU I 245 11.37 25.17 -62.68
CA GLU I 245 10.52 24.24 -63.42
C GLU I 245 9.09 24.19 -62.91
N GLY I 246 8.88 24.45 -61.63
CA GLY I 246 7.54 24.42 -61.07
C GLY I 246 7.02 23.01 -60.82
N GLN I 247 7.49 22.38 -59.75
CA GLN I 247 7.08 21.02 -59.41
C GLN I 247 7.07 20.86 -57.90
N ASP I 248 6.15 20.05 -57.41
CA ASP I 248 6.02 19.78 -55.97
C ASP I 248 7.09 18.77 -55.57
N VAL I 249 8.25 19.27 -55.19
CA VAL I 249 9.35 18.41 -54.78
C VAL I 249 9.15 17.98 -53.33
N LEU I 250 9.75 16.83 -52.97
CA LEU I 250 9.68 16.27 -51.64
C LEU I 250 11.09 16.09 -51.10
N LEU I 251 11.40 16.77 -50.00
CA LEU I 251 12.70 16.70 -49.36
C LEU I 251 12.65 15.76 -48.17
N PHE I 252 13.69 14.93 -48.04
CA PHE I 252 13.80 13.96 -46.96
C PHE I 252 15.10 14.22 -46.20
N VAL I 253 14.97 14.40 -44.88
CA VAL I 253 16.12 14.66 -44.01
C VAL I 253 16.12 13.57 -42.95
N ASP I 254 16.97 12.57 -43.13
CA ASP I 254 17.09 11.44 -42.20
C ASP I 254 18.44 11.52 -41.52
N ASN I 255 18.45 11.88 -40.25
CA ASN I 255 17.22 12.19 -39.52
C ASN I 255 17.13 13.68 -39.20
N ILE I 256 16.00 14.09 -38.62
CA ILE I 256 15.81 15.50 -38.29
C ILE I 256 16.57 15.87 -37.02
N PHE I 257 16.84 14.89 -36.15
CA PHE I 257 17.57 15.17 -34.92
C PHE I 257 19.06 15.37 -35.16
N ARG I 258 19.58 14.91 -36.30
CA ARG I 258 20.99 15.10 -36.58
C ARG I 258 21.30 16.51 -37.05
N PHE I 259 20.30 17.23 -37.56
CA PHE I 259 20.53 18.60 -38.01
C PHE I 259 20.65 19.56 -36.83
N THR I 260 19.91 19.30 -35.75
CA THR I 260 19.97 20.17 -34.58
C THR I 260 21.23 19.91 -33.76
N GLN I 261 21.72 18.67 -33.75
CA GLN I 261 22.92 18.35 -32.99
C GLN I 261 24.18 18.82 -33.70
N ALA I 262 24.14 18.89 -35.04
CA ALA I 262 25.32 19.33 -35.78
C ALA I 262 25.48 20.84 -35.71
N GLY I 263 24.39 21.58 -35.54
CA GLY I 263 24.50 23.03 -35.45
C GLY I 263 25.08 23.52 -34.14
N SER I 264 24.82 22.78 -33.05
CA SER I 264 25.36 23.16 -31.75
C SER I 264 26.81 22.76 -31.56
N GLU I 265 27.32 21.85 -32.40
CA GLU I 265 28.71 21.43 -32.27
C GLU I 265 29.66 22.48 -32.83
N VAL I 266 29.29 23.12 -33.94
CA VAL I 266 30.14 24.14 -34.53
C VAL I 266 30.02 25.46 -33.77
N SER I 267 28.88 25.69 -33.10
CA SER I 267 28.70 26.92 -32.35
C SER I 267 29.42 26.88 -31.00
N ALA I 268 29.50 25.70 -30.37
CA ALA I 268 30.17 25.58 -29.09
C ALA I 268 31.69 25.64 -29.23
N LEU I 269 32.22 25.24 -30.38
CA LEU I 269 33.66 25.26 -30.61
C LEU I 269 34.17 26.62 -31.09
N LEU I 270 33.28 27.56 -31.38
CA LEU I 270 33.68 28.89 -31.84
C LEU I 270 33.86 29.88 -30.69
N GLY I 271 33.11 29.72 -29.60
CA GLY I 271 33.21 30.63 -28.48
C GLY I 271 31.87 31.02 -27.90
N ARG I 272 30.79 30.50 -28.49
CA ARG I 272 29.45 30.81 -28.03
C ARG I 272 29.11 29.99 -26.78
N ILE I 273 28.31 30.59 -25.91
CA ILE I 273 27.90 29.94 -24.67
C ILE I 273 26.76 28.98 -24.97
N PRO I 274 26.61 27.90 -24.21
CA PRO I 274 25.53 26.95 -24.46
C PRO I 274 24.21 27.44 -23.88
N SER I 275 23.13 26.73 -24.25
CA SER I 275 21.80 27.07 -23.77
C SER I 275 21.27 25.97 -22.84
N ALA I 276 20.01 25.60 -23.02
CA ALA I 276 19.40 24.57 -22.19
C ALA I 276 19.70 23.18 -22.73
N VAL I 277 19.98 22.26 -21.82
CA VAL I 277 20.29 20.86 -22.14
C VAL I 277 21.48 20.79 -23.08
N GLY I 278 22.45 21.69 -22.89
CA GLY I 278 23.64 21.69 -23.70
C GLY I 278 23.43 22.04 -25.16
N TYR I 279 22.38 22.80 -25.47
CA TYR I 279 22.09 23.20 -26.84
C TYR I 279 22.72 24.56 -27.14
N GLN I 280 22.68 24.92 -28.42
CA GLN I 280 23.23 26.19 -28.85
C GLN I 280 22.29 27.34 -28.51
N PRO I 281 22.80 28.57 -28.48
CA PRO I 281 21.92 29.71 -28.15
C PRO I 281 20.96 30.07 -29.27
N THR I 282 21.35 29.91 -30.52
CA THR I 282 20.49 30.22 -31.65
C THR I 282 19.79 28.96 -32.17
N LEU I 283 18.99 28.37 -31.29
CA LEU I 283 18.26 27.16 -31.65
C LEU I 283 17.05 27.49 -32.53
N ALA I 284 16.35 28.57 -32.20
CA ALA I 284 15.18 28.97 -32.99
C ALA I 284 15.54 29.71 -34.27
N THR I 285 16.79 30.18 -34.39
CA THR I 285 17.20 30.88 -35.59
C THR I 285 17.82 29.94 -36.61
N ASP I 286 18.49 28.88 -36.16
CA ASP I 286 19.10 27.93 -37.08
C ASP I 286 18.05 26.97 -37.64
N MET I 287 17.07 26.58 -36.82
CA MET I 287 16.03 25.67 -37.28
C MET I 287 15.00 26.38 -38.16
N GLY I 288 14.78 27.67 -37.94
CA GLY I 288 13.81 28.41 -38.73
C GLY I 288 14.34 28.92 -40.06
N LEU I 289 15.67 28.92 -40.24
CA LEU I 289 16.23 29.39 -41.50
C LEU I 289 16.15 28.32 -42.59
N LEU I 290 16.09 27.05 -42.20
CA LEU I 290 16.00 25.96 -43.15
C LEU I 290 14.60 25.42 -43.33
N GLN I 291 13.70 25.66 -42.37
CA GLN I 291 12.33 25.18 -42.49
C GLN I 291 11.44 26.16 -43.24
N GLU I 292 11.80 27.44 -43.25
CA GLU I 292 11.01 28.44 -43.96
C GLU I 292 11.23 28.42 -45.46
N ARG I 293 12.35 27.86 -45.92
CA ARG I 293 12.64 27.80 -47.35
C ARG I 293 11.84 26.72 -48.07
N ILE I 294 11.37 25.70 -47.33
CA ILE I 294 10.58 24.62 -47.93
C ILE I 294 9.10 24.94 -47.79
N THR I 295 8.65 25.99 -48.47
CA THR I 295 7.25 26.38 -48.42
C THR I 295 6.62 26.33 -49.80
N THR I 296 5.47 26.98 -49.97
CA THR I 296 4.76 27.01 -51.24
C THR I 296 4.83 28.41 -51.83
N THR I 297 5.28 28.50 -53.08
CA THR I 297 5.42 29.76 -53.79
C THR I 297 4.38 29.84 -54.90
N ARG I 298 4.56 30.82 -55.79
CA ARG I 298 3.62 31.00 -56.89
C ARG I 298 3.88 30.04 -58.04
N LYS I 299 5.06 29.44 -58.11
CA LYS I 299 5.39 28.50 -59.17
C LYS I 299 5.35 27.04 -58.71
N GLY I 300 5.64 26.77 -57.46
CA GLY I 300 5.60 25.41 -56.97
C GLY I 300 5.70 25.36 -55.46
N SER I 301 5.79 24.14 -54.94
CA SER I 301 5.88 23.90 -53.51
C SER I 301 7.06 22.97 -53.24
N VAL I 302 7.36 22.78 -51.95
CA VAL I 302 8.45 21.92 -51.53
C VAL I 302 8.08 21.25 -50.20
N THR I 303 7.64 20.00 -50.27
CA THR I 303 7.25 19.27 -49.08
C THR I 303 8.49 18.74 -48.35
N SER I 304 8.35 18.55 -47.05
CA SER I 304 9.43 18.04 -46.20
C SER I 304 8.93 16.84 -45.43
N VAL I 305 9.68 15.72 -45.52
CA VAL I 305 9.31 14.50 -44.83
C VAL I 305 10.50 14.01 -44.01
N GLN I 306 10.91 14.81 -43.04
CA GLN I 306 12.04 14.43 -42.19
C GLN I 306 11.60 13.47 -41.10
N ALA I 307 12.58 12.76 -40.53
CA ALA I 307 12.34 11.78 -39.48
C ALA I 307 12.80 12.40 -38.16
N VAL I 308 11.84 12.85 -37.36
CA VAL I 308 12.14 13.46 -36.07
C VAL I 308 12.38 12.36 -35.03
N TYR I 309 13.48 12.49 -34.29
CA TYR I 309 13.85 11.53 -33.26
C TYR I 309 13.80 12.22 -31.90
N VAL I 310 13.05 11.65 -30.97
CA VAL I 310 12.91 12.22 -29.64
C VAL I 310 14.16 11.88 -28.82
N PRO I 311 14.65 12.79 -27.98
CA PRO I 311 15.85 12.51 -27.19
C PRO I 311 15.49 11.80 -25.89
N ALA I 312 15.85 10.50 -25.81
CA ALA I 312 15.57 9.67 -24.64
C ALA I 312 14.08 9.63 -24.32
N ASP I 313 13.26 9.58 -25.36
CA ASP I 313 11.81 9.53 -25.25
C ASP I 313 11.27 10.72 -24.44
N ASP I 314 11.60 11.92 -24.93
CA ASP I 314 11.17 13.16 -24.29
C ASP I 314 10.77 14.14 -25.38
N LEU I 315 9.47 14.48 -25.43
CA LEU I 315 8.95 15.41 -26.42
C LEU I 315 9.06 16.86 -25.99
N THR I 316 9.42 17.13 -24.73
CA THR I 316 9.55 18.48 -24.22
C THR I 316 11.00 18.94 -24.15
N ASP I 317 11.87 18.34 -24.94
CA ASP I 317 13.28 18.71 -24.95
C ASP I 317 13.50 19.89 -25.89
N PRO I 318 14.73 20.41 -25.98
CA PRO I 318 14.98 21.55 -26.87
C PRO I 318 15.11 21.17 -28.33
N ALA I 319 15.37 19.89 -28.64
CA ALA I 319 15.50 19.46 -30.02
C ALA I 319 14.19 18.86 -30.51
N PRO I 320 13.24 18.60 -29.63
CA PRO I 320 11.97 18.02 -30.06
C PRO I 320 10.86 19.05 -30.16
N ALA I 321 10.83 20.00 -29.22
CA ALA I 321 9.82 21.04 -29.23
C ALA I 321 10.08 22.12 -30.27
N THR I 322 11.33 22.32 -30.67
CA THR I 322 11.65 23.33 -31.67
C THR I 322 11.29 22.88 -33.08
N THR I 323 11.38 21.58 -33.36
CA THR I 323 11.06 21.05 -34.69
C THR I 323 9.58 20.72 -34.85
N PHE I 324 8.85 20.57 -33.74
CA PHE I 324 7.43 20.25 -33.82
C PHE I 324 6.55 21.47 -34.08
N ALA I 325 7.08 22.67 -33.92
CA ALA I 325 6.30 23.88 -34.15
C ALA I 325 6.10 24.17 -35.63
N HIS I 326 6.98 23.69 -36.50
CA HIS I 326 6.87 23.91 -37.93
C HIS I 326 6.37 22.68 -38.69
N LEU I 327 6.09 21.59 -38.00
CA LEU I 327 5.60 20.37 -38.64
C LEU I 327 4.08 20.44 -38.78
N ASP I 328 3.60 20.37 -40.02
CA ASP I 328 2.16 20.43 -40.26
C ASP I 328 1.50 19.06 -40.15
N ALA I 329 2.21 18.01 -40.57
CA ALA I 329 1.71 16.64 -40.52
C ALA I 329 2.67 15.78 -39.71
N THR I 330 2.24 14.54 -39.47
CA THR I 330 3.04 13.59 -38.71
C THR I 330 2.69 12.18 -39.17
N THR I 331 3.71 11.37 -39.46
CA THR I 331 3.55 9.99 -39.90
C THR I 331 4.17 9.08 -38.84
N VAL I 332 3.40 8.82 -37.80
CA VAL I 332 3.86 7.97 -36.71
C VAL I 332 3.73 6.51 -37.13
N LEU I 333 4.81 5.76 -37.01
CA LEU I 333 4.86 4.34 -37.35
C LEU I 333 5.14 3.54 -36.08
N SER I 334 4.08 3.18 -35.38
CA SER I 334 4.22 2.42 -34.14
C SER I 334 4.53 0.96 -34.44
N ARG I 335 4.97 0.25 -33.41
CA ARG I 335 5.32 -1.16 -33.51
C ARG I 335 4.17 -2.08 -33.15
N GLY I 336 2.94 -1.55 -33.06
CA GLY I 336 1.81 -2.38 -32.73
C GLY I 336 1.32 -3.23 -33.88
N ILE I 337 1.42 -2.71 -35.10
CA ILE I 337 0.99 -3.44 -36.30
C ILE I 337 2.15 -4.27 -36.83
N SER I 338 2.63 -3.92 -38.02
CA SER I 338 3.74 -4.61 -38.67
C SER I 338 3.46 -6.09 -38.82
N GLU I 339 3.74 -6.87 -37.78
CA GLU I 339 3.51 -8.31 -37.82
C GLU I 339 2.05 -8.68 -37.59
N LEU I 340 1.19 -7.72 -37.25
CA LEU I 340 -0.21 -8.02 -37.03
C LEU I 340 -0.97 -8.26 -38.33
N GLY I 341 -0.48 -7.75 -39.45
CA GLY I 341 -1.13 -7.94 -40.72
C GLY I 341 -1.51 -6.64 -41.40
N ILE I 342 -0.72 -5.60 -41.18
CA ILE I 342 -0.95 -4.28 -41.76
C ILE I 342 0.30 -3.88 -42.55
N TYR I 343 0.10 -3.49 -43.79
CA TYR I 343 1.19 -3.07 -44.67
C TYR I 343 0.88 -1.69 -45.24
N PRO I 344 1.54 -0.63 -44.75
CA PRO I 344 2.54 -0.71 -43.69
C PRO I 344 1.97 -0.43 -42.30
N ALA I 345 2.83 -0.35 -41.30
CA ALA I 345 2.40 -0.09 -39.91
C ALA I 345 2.15 1.41 -39.76
N VAL I 346 0.94 1.82 -40.13
CA VAL I 346 0.51 3.21 -40.05
C VAL I 346 -0.55 3.31 -38.96
N ASP I 347 -0.26 4.08 -37.92
CA ASP I 347 -1.20 4.25 -36.82
C ASP I 347 -2.30 5.23 -37.21
N PRO I 348 -3.57 4.82 -37.16
CA PRO I 348 -4.65 5.74 -37.55
C PRO I 348 -5.06 6.72 -36.45
N LEU I 349 -4.58 6.52 -35.22
CA LEU I 349 -4.91 7.41 -34.11
C LEU I 349 -3.73 8.24 -33.62
N ASP I 350 -2.50 7.76 -33.80
CA ASP I 350 -1.34 8.52 -33.35
C ASP I 350 -0.87 9.52 -34.39
N SER I 351 -1.08 9.23 -35.68
CA SER I 351 -0.68 10.13 -36.75
C SER I 351 -1.72 11.23 -36.89
N LYS I 352 -1.34 12.46 -36.56
CA LYS I 352 -2.22 13.62 -36.65
C LYS I 352 -1.61 14.66 -37.57
N SER I 353 -2.47 15.57 -38.03
CA SER I 353 -2.04 16.64 -38.94
C SER I 353 -2.94 17.85 -38.73
N ARG I 354 -2.41 19.02 -39.05
CA ARG I 354 -3.15 20.27 -38.92
C ARG I 354 -4.02 20.59 -40.13
N LEU I 355 -3.87 19.85 -41.22
CA LEU I 355 -4.65 20.07 -42.43
C LEU I 355 -5.90 19.20 -42.50
N LEU I 356 -6.24 18.51 -41.42
CA LEU I 356 -7.42 17.64 -41.39
C LEU I 356 -8.60 18.39 -40.77
N ASP I 357 -9.01 19.46 -41.44
CA ASP I 357 -10.12 20.29 -41.01
C ASP I 357 -11.19 20.34 -42.10
N VAL I 358 -12.31 20.96 -41.77
CA VAL I 358 -13.41 21.07 -42.73
C VAL I 358 -13.25 22.26 -43.66
N SER I 359 -12.36 23.20 -43.34
CA SER I 359 -12.13 24.37 -44.17
C SER I 359 -10.97 24.20 -45.13
N VAL I 360 -10.31 23.04 -45.14
CA VAL I 360 -9.18 22.77 -46.02
C VAL I 360 -9.45 21.56 -46.92
N VAL I 361 -10.13 20.54 -46.39
CA VAL I 361 -10.43 19.35 -47.18
C VAL I 361 -11.90 19.26 -47.57
N GLY I 362 -12.76 20.11 -47.03
CA GLY I 362 -14.16 20.11 -47.34
C GLY I 362 -14.99 19.44 -46.26
N GLN I 363 -16.32 19.59 -46.39
CA GLN I 363 -17.23 18.99 -45.43
C GLN I 363 -17.41 17.50 -45.65
N GLU I 364 -17.17 17.03 -46.88
CA GLU I 364 -17.32 15.60 -47.16
C GLU I 364 -16.12 14.81 -46.65
N HIS I 365 -14.92 15.38 -46.75
CA HIS I 365 -13.73 14.68 -46.28
C HIS I 365 -13.59 14.75 -44.76
N TYR I 366 -14.15 15.80 -44.13
CA TYR I 366 -14.06 15.92 -42.68
C TYR I 366 -15.01 14.96 -41.98
N ASP I 367 -16.16 14.65 -42.59
CA ASP I 367 -17.10 13.73 -41.97
C ASP I 367 -16.63 12.29 -42.08
N VAL I 368 -15.92 11.94 -43.15
CA VAL I 368 -15.43 10.57 -43.30
C VAL I 368 -14.21 10.34 -42.42
N ALA I 369 -13.42 11.39 -42.17
CA ALA I 369 -12.24 11.22 -41.31
C ALA I 369 -12.63 11.16 -39.84
N THR I 370 -13.68 11.86 -39.44
CA THR I 370 -14.12 11.82 -38.04
C THR I 370 -14.84 10.53 -37.72
N GLY I 371 -15.52 9.93 -38.69
CA GLY I 371 -16.22 8.69 -38.45
C GLY I 371 -15.28 7.50 -38.37
N VAL I 372 -14.20 7.52 -39.14
CA VAL I 372 -13.24 6.43 -39.10
C VAL I 372 -12.37 6.52 -37.85
N GLN I 373 -12.10 7.73 -37.37
CA GLN I 373 -11.28 7.88 -36.17
C GLN I 373 -12.07 7.55 -34.91
N GLN I 374 -13.39 7.75 -34.93
CA GLN I 374 -14.20 7.44 -33.75
C GLN I 374 -14.41 5.94 -33.60
N THR I 375 -14.51 5.22 -34.72
CA THR I 375 -14.70 3.76 -34.64
C THR I 375 -13.41 3.05 -34.26
N LEU I 376 -12.26 3.59 -34.68
CA LEU I 376 -10.98 2.96 -34.33
C LEU I 376 -10.60 3.24 -32.88
N GLN I 377 -11.00 4.39 -32.34
CA GLN I 377 -10.68 4.71 -30.95
C GLN I 377 -11.54 3.91 -29.98
N ALA I 378 -12.79 3.61 -30.35
CA ALA I 378 -13.66 2.85 -29.47
C ALA I 378 -13.29 1.37 -29.46
N TYR I 379 -12.78 0.85 -30.58
CA TYR I 379 -12.39 -0.55 -30.64
C TYR I 379 -11.07 -0.81 -29.93
N LYS I 380 -10.19 0.19 -29.88
CA LYS I 380 -8.91 0.00 -29.20
C LYS I 380 -9.07 0.04 -27.68
N SER I 381 -9.98 0.88 -27.19
CA SER I 381 -10.22 0.96 -25.75
C SER I 381 -11.03 -0.21 -25.22
N LEU I 382 -11.80 -0.88 -26.08
CA LEU I 382 -12.60 -2.02 -25.69
C LEU I 382 -11.87 -3.35 -25.84
N GLN I 383 -10.57 -3.31 -26.15
CA GLN I 383 -9.82 -4.56 -26.30
C GLN I 383 -9.53 -5.21 -24.96
N ASP I 384 -9.46 -4.42 -23.88
CA ASP I 384 -9.20 -4.99 -22.57
C ASP I 384 -10.42 -5.70 -22.00
N ILE I 385 -11.62 -5.30 -22.42
CA ILE I 385 -12.84 -5.94 -21.94
C ILE I 385 -13.28 -7.12 -22.80
N ILE I 386 -12.80 -7.20 -24.05
CA ILE I 386 -13.18 -8.31 -24.91
C ILE I 386 -12.39 -9.56 -24.56
N ALA I 387 -11.19 -9.40 -24.02
CA ALA I 387 -10.36 -10.54 -23.64
C ALA I 387 -10.75 -11.13 -22.29
N ILE I 388 -11.54 -10.41 -21.49
CA ILE I 388 -11.96 -10.88 -20.18
C ILE I 388 -13.44 -11.25 -20.14
N LEU I 389 -14.25 -10.76 -21.08
CA LEU I 389 -15.68 -11.06 -21.11
C LEU I 389 -16.12 -11.73 -22.41
N GLY I 390 -15.20 -12.05 -23.31
CA GLY I 390 -15.56 -12.70 -24.56
C GLY I 390 -16.02 -11.71 -25.60
N MET I 391 -16.61 -12.26 -26.67
CA MET I 391 -17.12 -11.46 -27.77
C MET I 391 -18.63 -11.51 -27.91
N ASP I 392 -19.30 -12.44 -27.23
CA ASP I 392 -20.75 -12.56 -27.30
C ASP I 392 -21.47 -11.87 -26.16
N GLU I 393 -20.73 -11.38 -25.16
CA GLU I 393 -21.33 -10.69 -24.02
C GLU I 393 -21.31 -9.18 -24.23
N LEU I 394 -22.01 -8.75 -25.27
CA LEU I 394 -22.11 -7.34 -25.62
C LEU I 394 -23.53 -7.04 -26.10
N SER I 395 -23.78 -5.78 -26.40
CA SER I 395 -25.09 -5.34 -26.86
C SER I 395 -25.19 -5.48 -28.38
N GLU I 396 -26.31 -5.02 -28.94
CA GLU I 396 -26.50 -5.11 -30.38
C GLU I 396 -25.69 -4.03 -31.11
N GLN I 397 -25.57 -2.85 -30.51
CA GLN I 397 -24.81 -1.78 -31.15
C GLN I 397 -23.30 -2.00 -31.02
N ASP I 398 -22.86 -2.65 -29.94
CA ASP I 398 -21.43 -2.90 -29.75
C ASP I 398 -20.95 -4.06 -30.61
N LYS I 399 -21.83 -5.00 -30.96
CA LYS I 399 -21.43 -6.13 -31.78
C LYS I 399 -21.29 -5.73 -33.24
N LEU I 400 -22.11 -4.78 -33.70
CA LEU I 400 -22.03 -4.35 -35.09
C LEU I 400 -20.85 -3.41 -35.32
N THR I 401 -20.50 -2.61 -34.31
CA THR I 401 -19.37 -1.70 -34.45
C THR I 401 -18.03 -2.41 -34.34
N VAL I 402 -17.98 -3.53 -33.62
CA VAL I 402 -16.73 -4.26 -33.49
C VAL I 402 -16.41 -5.06 -34.75
N GLU I 403 -17.44 -5.47 -35.49
CA GLU I 403 -17.20 -6.23 -36.72
C GLU I 403 -16.73 -5.32 -37.84
N ARG I 404 -17.27 -4.10 -37.91
CA ARG I 404 -16.88 -3.15 -38.95
C ARG I 404 -15.54 -2.51 -38.67
N ALA I 405 -15.08 -2.49 -37.41
CA ALA I 405 -13.80 -1.90 -37.09
C ALA I 405 -12.64 -2.80 -37.49
N ARG I 406 -12.88 -4.12 -37.56
CA ARG I 406 -11.82 -5.04 -37.95
C ARG I 406 -11.52 -4.96 -39.44
N LYS I 407 -12.56 -4.76 -40.26
CA LYS I 407 -12.36 -4.64 -41.70
C LYS I 407 -11.87 -3.26 -42.11
N ILE I 408 -12.14 -2.24 -41.28
CA ILE I 408 -11.70 -0.89 -41.62
C ILE I 408 -10.21 -0.72 -41.32
N GLN I 409 -9.66 -1.50 -40.38
CA GLN I 409 -8.24 -1.38 -40.06
C GLN I 409 -7.37 -2.01 -41.14
N ARG I 410 -7.88 -3.02 -41.85
CA ARG I 410 -7.13 -3.67 -42.90
C ARG I 410 -7.37 -3.07 -44.28
N PHE I 411 -8.42 -2.27 -44.43
CA PHE I 411 -8.71 -1.66 -45.73
C PHE I 411 -7.77 -0.49 -46.03
N LEU I 412 -7.28 0.19 -45.00
CA LEU I 412 -6.37 1.32 -45.19
C LEU I 412 -4.94 0.89 -45.48
N SER I 413 -4.62 -0.39 -45.30
CA SER I 413 -3.27 -0.90 -45.54
C SER I 413 -3.23 -1.51 -46.94
N GLN I 414 -2.83 -0.70 -47.91
CA GLN I 414 -2.75 -1.15 -49.30
C GLN I 414 -1.33 -1.54 -49.66
N PRO I 415 -1.16 -2.44 -50.63
CA PRO I 415 0.21 -2.85 -51.01
C PRO I 415 0.84 -1.82 -51.94
N PHE I 416 2.07 -1.44 -51.63
CA PHE I 416 2.79 -0.47 -52.44
C PHE I 416 3.37 -1.12 -53.68
N ALA I 417 3.83 -0.28 -54.61
CA ALA I 417 4.41 -0.79 -55.85
C ALA I 417 5.82 -1.31 -55.65
N VAL I 418 6.58 -0.75 -54.70
CA VAL I 418 7.94 -1.19 -54.44
C VAL I 418 8.01 -2.35 -53.46
N ALA I 419 6.89 -2.74 -52.85
CA ALA I 419 6.85 -3.84 -51.89
C ALA I 419 6.16 -5.08 -52.48
N GLU I 420 6.23 -5.24 -53.80
CA GLU I 420 5.60 -6.38 -54.44
C GLU I 420 6.41 -7.66 -54.29
N VAL I 421 7.72 -7.56 -53.99
CA VAL I 421 8.55 -8.74 -53.82
C VAL I 421 8.50 -9.31 -52.41
N PHE I 422 7.83 -8.64 -51.48
CA PHE I 422 7.72 -9.11 -50.10
C PHE I 422 6.36 -9.66 -49.74
N THR I 423 5.29 -9.16 -50.37
CA THR I 423 3.94 -9.62 -50.10
C THR I 423 3.33 -10.44 -51.23
N GLY I 424 3.74 -10.21 -52.48
CA GLY I 424 3.22 -10.94 -53.61
C GLY I 424 2.03 -10.30 -54.30
N ILE I 425 1.43 -9.28 -53.70
CA ILE I 425 0.29 -8.61 -54.30
C ILE I 425 0.77 -7.45 -55.17
N GLU I 426 -0.11 -6.99 -56.05
CA GLU I 426 0.23 -5.88 -56.94
C GLU I 426 0.13 -4.55 -56.20
N GLY I 427 0.77 -3.53 -56.78
CA GLY I 427 0.75 -2.21 -56.18
C GLY I 427 -0.52 -1.46 -56.54
N LYS I 428 -1.20 -0.93 -55.53
CA LYS I 428 -2.43 -0.20 -55.70
C LYS I 428 -2.21 1.27 -55.32
N LEU I 429 -2.57 2.17 -56.23
CA LEU I 429 -2.42 3.61 -56.03
C LEU I 429 -3.81 4.24 -56.01
N VAL I 430 -4.40 4.34 -54.84
CA VAL I 430 -5.73 4.91 -54.68
C VAL I 430 -5.63 6.43 -54.64
N ARG I 431 -6.56 7.10 -55.30
CA ARG I 431 -6.58 8.55 -55.34
C ARG I 431 -7.31 9.10 -54.12
N LEU I 432 -7.46 10.44 -54.08
CA LEU I 432 -8.14 11.08 -52.96
C LEU I 432 -9.66 10.92 -53.05
N LYS I 433 -10.21 10.89 -54.26
CA LYS I 433 -11.66 10.74 -54.41
C LYS I 433 -12.10 9.30 -54.24
N ASP I 434 -11.24 8.34 -54.59
CA ASP I 434 -11.61 6.93 -54.44
C ASP I 434 -11.50 6.45 -52.99
N THR I 435 -10.60 7.04 -52.21
CA THR I 435 -10.45 6.65 -50.82
C THR I 435 -11.56 7.19 -49.93
N ILE I 436 -12.11 8.35 -50.28
CA ILE I 436 -13.19 8.93 -49.46
C ILE I 436 -14.52 8.24 -49.76
N ALA I 437 -14.71 7.75 -50.99
CA ALA I 437 -15.96 7.09 -51.33
C ALA I 437 -16.03 5.67 -50.81
N SER I 438 -14.88 5.01 -50.65
CA SER I 438 -14.86 3.65 -50.14
C SER I 438 -15.05 3.59 -48.64
N PHE I 439 -14.55 4.59 -47.91
CA PHE I 439 -14.70 4.60 -46.45
C PHE I 439 -16.10 5.01 -46.02
N LYS I 440 -16.79 5.81 -46.84
CA LYS I 440 -18.13 6.25 -46.49
C LYS I 440 -19.17 5.16 -46.73
N ALA I 441 -18.92 4.26 -47.68
CA ALA I 441 -19.88 3.19 -47.95
C ALA I 441 -19.78 2.07 -46.93
N VAL I 442 -18.61 1.86 -46.33
CA VAL I 442 -18.45 0.80 -45.35
C VAL I 442 -19.04 1.20 -44.01
N LEU I 443 -19.07 2.50 -43.70
CA LEU I 443 -19.61 2.98 -42.44
C LEU I 443 -21.12 3.14 -42.47
N GLU I 444 -21.74 3.11 -43.65
CA GLU I 444 -23.19 3.26 -43.77
C GLU I 444 -23.93 1.93 -43.78
N GLY I 445 -23.22 0.81 -43.96
CA GLY I 445 -23.83 -0.49 -43.98
C GLY I 445 -23.96 -1.14 -45.35
N LYS I 446 -23.26 -0.62 -46.37
CA LYS I 446 -23.34 -1.20 -47.70
C LYS I 446 -22.41 -2.40 -47.87
N TYR I 447 -21.39 -2.53 -47.03
CA TYR I 447 -20.43 -3.64 -47.11
C TYR I 447 -20.38 -4.38 -45.78
N ASP I 448 -21.52 -4.51 -45.11
CA ASP I 448 -21.59 -5.21 -43.84
C ASP I 448 -21.61 -6.72 -43.99
N HIS I 449 -22.04 -7.23 -45.14
CA HIS I 449 -22.09 -8.66 -45.39
C HIS I 449 -20.80 -9.22 -45.96
N LEU I 450 -19.80 -8.37 -46.22
CA LEU I 450 -18.54 -8.83 -46.76
C LEU I 450 -17.66 -9.40 -45.65
N PRO I 451 -16.65 -10.19 -46.02
CA PRO I 451 -15.76 -10.77 -45.01
C PRO I 451 -14.70 -9.78 -44.55
N GLU I 452 -14.02 -10.15 -43.47
CA GLU I 452 -12.97 -9.30 -42.92
C GLU I 452 -11.67 -9.40 -43.70
N ASN I 453 -11.45 -10.53 -44.38
CA ASN I 453 -10.24 -10.73 -45.17
C ASN I 453 -10.35 -10.19 -46.59
N ALA I 454 -11.53 -9.73 -47.01
CA ALA I 454 -11.70 -9.20 -48.35
C ALA I 454 -11.16 -7.79 -48.51
N PHE I 455 -10.98 -7.06 -47.40
CA PHE I 455 -10.45 -5.70 -47.45
C PHE I 455 -8.96 -5.63 -47.19
N TYR I 456 -8.35 -6.72 -46.73
CA TYR I 456 -6.91 -6.71 -46.45
C TYR I 456 -6.12 -6.76 -47.75
N MET I 457 -5.06 -5.94 -47.81
CA MET I 457 -4.18 -5.85 -48.97
C MET I 457 -4.98 -5.48 -50.23
N VAL I 458 -5.79 -4.42 -50.11
CA VAL I 458 -6.60 -3.93 -51.20
C VAL I 458 -6.71 -2.41 -51.09
N GLY I 459 -7.06 -1.78 -52.20
CA GLY I 459 -7.20 -0.34 -52.24
C GLY I 459 -8.30 0.13 -53.16
N GLY I 460 -9.25 0.89 -52.62
CA GLY I 460 -10.36 1.41 -53.40
C GLY I 460 -11.63 0.59 -53.21
N ILE I 461 -12.74 1.16 -53.69
CA ILE I 461 -14.03 0.50 -53.59
C ILE I 461 -14.20 -0.61 -54.63
N GLU I 462 -13.47 -0.53 -55.75
CA GLU I 462 -13.58 -1.55 -56.78
C GLU I 462 -12.78 -2.80 -56.45
N ASP I 463 -11.72 -2.67 -55.65
CA ASP I 463 -10.90 -3.82 -55.29
C ASP I 463 -11.54 -4.68 -54.20
N VAL I 464 -12.44 -4.10 -53.39
CA VAL I 464 -13.08 -4.88 -52.34
C VAL I 464 -14.21 -5.74 -52.91
N VAL I 465 -14.84 -5.32 -54.00
CA VAL I 465 -15.92 -6.10 -54.58
C VAL I 465 -15.37 -7.26 -55.41
N ALA I 466 -14.19 -7.08 -56.02
CA ALA I 466 -13.62 -8.14 -56.84
C ALA I 466 -12.92 -9.21 -56.00
N LYS I 467 -12.43 -8.83 -54.81
CA LYS I 467 -11.75 -9.80 -53.96
C LYS I 467 -12.73 -10.61 -53.11
N ALA I 468 -13.92 -10.06 -52.83
CA ALA I 468 -14.89 -10.78 -52.03
C ALA I 468 -15.63 -11.83 -52.85
N GLU I 469 -15.90 -11.53 -54.13
CA GLU I 469 -16.61 -12.48 -54.98
C GLU I 469 -15.72 -13.60 -55.48
N LYS I 470 -14.39 -13.40 -55.49
CA LYS I 470 -13.46 -14.41 -55.95
C LYS I 470 -12.86 -15.24 -54.82
N ILE I 471 -13.17 -14.90 -53.56
CA ILE I 471 -12.62 -15.67 -52.44
C ILE I 471 -13.42 -16.94 -52.22
N ALA I 472 -14.75 -16.86 -52.30
CA ALA I 472 -15.58 -18.04 -52.10
C ALA I 472 -15.70 -18.85 -53.38
N ALA I 473 -16.10 -18.21 -54.48
CA ALA I 473 -16.25 -18.90 -55.76
C ALA I 473 -15.32 -18.29 -56.81
N GLY J 4 30.82 75.44 -6.07
CA GLY J 4 30.78 74.43 -7.11
C GLY J 4 30.91 73.02 -6.59
N PRO J 5 29.99 72.15 -6.99
CA PRO J 5 30.02 70.75 -6.54
C PRO J 5 30.94 69.92 -7.43
N ALA J 6 31.05 68.63 -7.08
CA ALA J 6 31.89 67.71 -7.83
C ALA J 6 31.18 67.28 -9.10
N SER J 7 31.74 67.64 -10.25
CA SER J 7 31.17 67.30 -11.54
C SER J 7 31.97 66.18 -12.19
N GLY J 8 31.27 65.26 -12.86
CA GLY J 8 31.90 64.14 -13.52
C GLY J 8 31.44 64.02 -14.96
N LYS J 9 32.12 63.15 -15.70
CA LYS J 9 31.84 62.90 -17.10
C LYS J 9 31.50 61.44 -17.30
N ILE J 10 30.49 61.18 -18.13
CA ILE J 10 30.05 59.82 -18.40
C ILE J 10 31.02 59.19 -19.40
N ARG J 11 31.65 58.08 -19.01
CA ARG J 11 32.60 57.37 -19.85
C ARG J 11 32.03 56.09 -20.44
N ALA J 12 31.22 55.36 -19.69
CA ALA J 12 30.63 54.12 -20.15
C ALA J 12 29.16 54.08 -19.75
N VAL J 13 28.36 53.39 -20.57
CA VAL J 13 26.93 53.26 -20.32
C VAL J 13 26.43 51.94 -20.90
N ILE J 14 26.09 50.99 -20.03
CA ILE J 14 25.60 49.69 -20.45
C ILE J 14 24.38 49.31 -19.62
N GLY J 15 23.20 49.73 -20.08
CA GLY J 15 21.97 49.43 -19.38
C GLY J 15 21.77 50.27 -18.14
N ALA J 16 21.70 49.62 -16.98
CA ALA J 16 21.52 50.32 -15.71
C ALA J 16 22.81 50.83 -15.11
N VAL J 17 23.96 50.32 -15.55
CA VAL J 17 25.25 50.73 -15.03
C VAL J 17 25.79 51.86 -15.90
N VAL J 18 26.25 52.93 -15.27
CA VAL J 18 26.81 54.09 -15.97
C VAL J 18 28.08 54.50 -15.23
N ASP J 19 29.23 54.30 -15.87
CA ASP J 19 30.51 54.66 -15.26
C ASP J 19 30.76 56.15 -15.44
N VAL J 20 30.98 56.85 -14.33
CA VAL J 20 31.25 58.28 -14.33
C VAL J 20 32.73 58.50 -14.06
N GLN J 21 33.37 59.29 -14.92
CA GLN J 21 34.79 59.59 -14.80
C GLN J 21 34.95 61.02 -14.30
N PHE J 22 35.41 61.16 -13.07
CA PHE J 22 35.62 62.48 -12.47
C PHE J 22 36.96 63.04 -12.90
N GLU J 23 36.97 64.31 -13.29
CA GLU J 23 38.21 64.95 -13.73
C GLU J 23 39.08 65.39 -12.56
N GLN J 24 38.48 65.72 -11.43
CA GLN J 24 39.23 66.14 -10.26
C GLN J 24 39.59 64.93 -9.39
N GLY J 25 40.44 65.18 -8.39
CA GLY J 25 40.87 64.11 -7.50
C GLY J 25 39.86 63.75 -6.42
N GLU J 26 38.89 64.63 -6.16
CA GLU J 26 37.87 64.39 -5.15
C GLU J 26 36.74 63.58 -5.79
N LEU J 27 36.89 62.25 -5.77
CA LEU J 27 35.89 61.38 -6.34
C LEU J 27 34.77 61.10 -5.35
N PRO J 28 33.63 60.63 -5.82
CA PRO J 28 32.51 60.34 -4.92
C PRO J 28 32.68 59.00 -4.23
N ALA J 29 32.02 58.88 -3.07
CA ALA J 29 32.07 57.66 -2.28
C ALA J 29 30.99 56.68 -2.75
N ILE J 30 30.85 55.58 -2.02
CA ILE J 30 29.87 54.56 -2.36
C ILE J 30 28.49 55.03 -1.89
N LEU J 31 27.46 54.56 -2.61
CA LEU J 31 26.07 54.89 -2.32
C LEU J 31 25.85 56.41 -2.33
N ASN J 32 26.39 57.08 -3.34
CA ASN J 32 26.27 58.52 -3.49
C ASN J 32 25.28 58.84 -4.60
N ALA J 33 24.35 59.75 -4.33
CA ALA J 33 23.34 60.14 -5.30
C ALA J 33 23.95 61.11 -6.30
N LEU J 34 23.91 60.75 -7.57
CA LEU J 34 24.44 61.58 -8.66
C LEU J 34 23.31 62.24 -9.42
N THR J 35 23.55 63.46 -9.89
CA THR J 35 22.58 64.24 -10.65
C THR J 35 23.08 64.41 -12.07
N ILE J 36 22.20 64.12 -13.03
CA ILE J 36 22.52 64.24 -14.46
C ILE J 36 21.43 65.07 -15.12
N ASP J 37 21.81 66.22 -15.67
CA ASP J 37 20.84 67.09 -16.33
C ASP J 37 20.44 66.53 -17.68
N GLN J 38 19.16 66.66 -18.01
CA GLN J 38 18.64 66.16 -19.28
C GLN J 38 17.77 67.22 -19.96
N GLY J 39 16.47 67.19 -19.70
CA GLY J 39 15.56 68.14 -20.29
C GLY J 39 14.11 67.83 -20.02
N ASN J 40 13.77 67.58 -18.75
CA ASN J 40 12.39 67.27 -18.40
C ASN J 40 12.02 67.73 -16.99
N ASN J 41 12.80 68.64 -16.39
CA ASN J 41 12.53 69.15 -15.04
C ASN J 41 12.46 68.01 -14.02
N GLN J 42 13.37 67.05 -14.15
CA GLN J 42 13.43 65.92 -13.23
C GLN J 42 14.84 65.36 -13.13
N LYS J 43 15.69 65.70 -14.10
CA LYS J 43 17.08 65.25 -14.15
C LYS J 43 17.10 63.72 -14.18
N LEU J 44 18.11 63.12 -13.55
CA LEU J 44 18.22 61.66 -13.51
C LEU J 44 19.03 61.27 -12.29
N VAL J 45 18.46 60.41 -11.45
CA VAL J 45 19.14 59.97 -10.24
C VAL J 45 20.05 58.79 -10.57
N LEU J 46 21.19 58.73 -9.88
CA LEU J 46 22.16 57.67 -10.08
C LEU J 46 22.88 57.39 -8.77
N GLU J 47 22.89 56.14 -8.35
CA GLU J 47 23.54 55.73 -7.12
C GLU J 47 24.88 55.08 -7.44
N VAL J 48 25.93 55.48 -6.71
CA VAL J 48 27.26 54.94 -6.93
C VAL J 48 27.34 53.54 -6.34
N ALA J 49 27.98 52.63 -7.07
CA ALA J 49 28.13 51.25 -6.61
C ALA J 49 29.56 50.99 -6.13
N GLN J 50 30.50 50.95 -7.06
CA GLN J 50 31.90 50.70 -6.75
C GLN J 50 32.76 51.66 -7.56
N HIS J 51 34.08 51.54 -7.39
CA HIS J 51 35.04 52.38 -8.08
C HIS J 51 35.99 51.48 -8.86
N LEU J 52 36.10 51.73 -10.17
CA LEU J 52 36.97 50.95 -11.04
C LEU J 52 38.39 51.49 -11.08
N GLY J 53 38.66 52.62 -10.45
CA GLY J 53 40.00 53.19 -10.45
C GLY J 53 40.22 54.15 -11.60
N GLU J 54 41.41 54.76 -11.58
CA GLU J 54 41.83 55.73 -12.60
C GLU J 54 40.84 56.88 -12.71
N ASN J 55 40.43 57.40 -11.55
CA ASN J 55 39.47 58.52 -11.46
C ASN J 55 38.17 58.18 -12.18
N ALA J 56 37.64 56.99 -11.89
CA ALA J 56 36.40 56.54 -12.51
C ALA J 56 35.69 55.61 -11.54
N VAL J 57 34.39 55.82 -11.36
CA VAL J 57 33.56 55.02 -10.47
C VAL J 57 32.31 54.58 -11.22
N ARG J 58 31.94 53.31 -11.05
CA ARG J 58 30.76 52.75 -11.70
C ARG J 58 29.53 53.05 -10.87
N ALA J 59 28.56 53.73 -11.46
CA ALA J 59 27.32 54.11 -10.80
C ALA J 59 26.14 53.38 -11.44
N ILE J 60 25.07 53.25 -10.66
CA ILE J 60 23.85 52.58 -11.11
C ILE J 60 22.74 53.63 -11.16
N ALA J 61 22.15 53.82 -12.34
CA ALA J 61 21.08 54.78 -12.52
C ALA J 61 19.78 54.25 -11.94
N MET J 62 18.96 55.16 -11.42
CA MET J 62 17.68 54.84 -10.84
C MET J 62 16.52 55.00 -11.82
N ASP J 63 16.82 55.24 -13.09
CA ASP J 63 15.78 55.42 -14.10
C ASP J 63 16.32 54.89 -15.42
N GLY J 64 15.67 55.27 -16.52
CA GLY J 64 16.10 54.82 -17.84
C GLY J 64 17.30 55.63 -18.32
N THR J 65 18.32 54.93 -18.82
CA THR J 65 19.53 55.56 -19.32
C THR J 65 19.50 55.77 -20.83
N GLU J 66 18.32 55.71 -21.44
CA GLU J 66 18.19 55.91 -22.88
C GLU J 66 18.28 57.39 -23.21
N GLY J 67 19.25 57.77 -24.04
CA GLY J 67 19.45 59.15 -24.44
C GLY J 67 20.72 59.77 -23.94
N LEU J 68 21.49 59.08 -23.08
CA LEU J 68 22.73 59.61 -22.55
C LEU J 68 23.88 59.30 -23.52
N VAL J 69 24.67 60.33 -23.82
CA VAL J 69 25.80 60.18 -24.72
C VAL J 69 27.08 60.09 -23.90
N ARG J 70 28.19 59.83 -24.59
CA ARG J 70 29.49 59.72 -23.93
C ARG J 70 30.05 61.12 -23.69
N GLY J 71 30.14 61.51 -22.43
CA GLY J 71 30.66 62.81 -22.06
C GLY J 71 29.64 63.76 -21.44
N GLN J 72 28.54 63.26 -20.88
CA GLN J 72 27.55 64.12 -20.28
C GLN J 72 27.99 64.56 -18.88
N THR J 73 27.46 65.71 -18.46
CA THR J 73 27.81 66.26 -17.14
C THR J 73 27.04 65.52 -16.06
N VAL J 74 27.77 65.02 -15.06
CA VAL J 74 27.20 64.29 -13.94
C VAL J 74 27.65 64.97 -12.66
N VAL J 75 26.74 65.69 -12.02
CA VAL J 75 27.04 66.40 -10.77
C VAL J 75 26.73 65.48 -9.60
N ASP J 76 27.49 65.66 -8.52
CA ASP J 76 27.34 64.87 -7.31
C ASP J 76 26.64 65.68 -6.24
N THR J 77 25.66 65.06 -5.57
CA THR J 77 24.92 65.75 -4.52
C THR J 77 25.67 65.78 -3.20
N GLY J 78 26.68 64.93 -3.03
CA GLY J 78 27.45 64.89 -1.81
C GLY J 78 26.94 63.94 -0.75
N ALA J 79 25.78 63.34 -0.95
CA ALA J 79 25.21 62.41 0.02
C ALA J 79 24.43 61.30 -0.69
N PRO J 80 23.64 60.52 0.04
CA PRO J 80 22.88 59.44 -0.62
C PRO J 80 21.52 59.92 -1.10
N ILE J 81 20.66 58.98 -1.50
CA ILE J 81 19.31 59.31 -1.98
C ILE J 81 18.44 59.55 -0.76
N SER J 82 18.15 60.82 -0.48
CA SER J 82 17.32 61.18 0.66
C SER J 82 15.85 61.12 0.29
N VAL J 83 15.01 60.93 1.30
CA VAL J 83 13.56 60.83 1.11
C VAL J 83 12.87 61.57 2.25
N PRO J 84 11.59 61.90 2.06
CA PRO J 84 10.86 62.61 3.11
C PRO J 84 10.39 61.67 4.21
N VAL J 85 10.54 62.11 5.45
CA VAL J 85 10.14 61.34 6.62
C VAL J 85 9.27 62.23 7.51
N GLY J 86 8.62 61.59 8.47
CA GLY J 86 7.76 62.27 9.41
C GLY J 86 6.29 62.01 9.13
N ARG J 87 5.46 62.95 9.56
CA ARG J 87 4.01 62.87 9.38
C ARG J 87 3.56 63.41 8.03
N GLY J 88 4.46 64.04 7.26
CA GLY J 88 4.07 64.58 5.96
C GLY J 88 3.98 63.54 4.87
N THR J 89 4.57 62.37 5.06
CA THR J 89 4.55 61.31 4.07
C THR J 89 3.33 60.40 4.19
N LEU J 90 2.48 60.62 5.21
CA LEU J 90 1.30 59.80 5.39
C LEU J 90 0.20 60.25 4.44
N GLY J 91 -0.30 59.32 3.64
CA GLY J 91 -1.34 59.61 2.68
C GLY J 91 -0.86 59.97 1.29
N ARG J 92 0.43 60.19 1.11
CA ARG J 92 0.99 60.55 -0.19
C ARG J 92 1.68 59.33 -0.82
N ILE J 93 1.81 59.39 -2.14
CA ILE J 93 2.44 58.32 -2.92
C ILE J 93 3.83 58.82 -3.30
N ILE J 94 4.85 58.33 -2.57
CA ILE J 94 6.23 58.71 -2.83
C ILE J 94 6.87 57.70 -3.75
N ASN J 95 8.04 58.03 -4.30
CA ASN J 95 8.77 57.17 -5.20
C ASN J 95 10.06 56.68 -4.52
N VAL J 96 11.01 56.21 -5.32
CA VAL J 96 12.27 55.73 -4.76
C VAL J 96 13.22 56.86 -4.41
N VAL J 97 13.08 58.03 -5.02
CA VAL J 97 13.94 59.18 -4.75
C VAL J 97 13.29 60.16 -3.78
N GLY J 98 12.13 59.80 -3.22
CA GLY J 98 11.44 60.67 -2.29
C GLY J 98 10.51 61.70 -2.92
N GLU J 99 10.36 61.67 -4.25
CA GLU J 99 9.49 62.63 -4.91
C GLU J 99 8.04 62.13 -4.89
N PRO J 100 7.08 63.05 -4.83
CA PRO J 100 5.67 62.64 -4.79
C PRO J 100 5.16 62.31 -6.19
N ILE J 101 4.38 61.22 -6.26
CA ILE J 101 3.80 60.76 -7.52
C ILE J 101 2.28 60.74 -7.47
N ASP J 102 1.67 61.38 -6.46
CA ASP J 102 0.23 61.43 -6.32
C ASP J 102 -0.38 62.70 -6.90
N GLU J 103 0.44 63.58 -7.48
CA GLU J 103 -0.02 64.84 -8.07
C GLU J 103 -0.77 65.69 -7.04
N ARG J 104 -0.16 65.84 -5.87
CA ARG J 104 -0.75 66.61 -4.78
C ARG J 104 0.26 67.60 -4.21
N GLY J 105 1.18 68.09 -5.04
CA GLY J 105 2.19 69.02 -4.61
C GLY J 105 3.36 68.34 -3.95
N PRO J 106 4.30 69.14 -3.42
CA PRO J 106 5.47 68.56 -2.76
C PRO J 106 5.22 68.23 -1.31
N ILE J 107 5.99 67.27 -0.81
CA ILE J 107 5.89 66.83 0.58
C ILE J 107 6.61 67.83 1.46
N GLU J 108 5.84 68.56 2.28
CA GLU J 108 6.41 69.57 3.18
C GLU J 108 6.90 68.87 4.44
N CYS J 109 8.13 68.35 4.35
CA CYS J 109 8.76 67.65 5.46
C CYS J 109 9.81 68.53 6.11
N LYS J 110 10.00 68.33 7.42
CA LYS J 110 10.99 69.11 8.16
C LYS J 110 12.40 68.59 7.92
N GLN J 111 12.59 67.27 8.00
CA GLN J 111 13.88 66.66 7.79
C GLN J 111 13.80 65.64 6.66
N ARG J 112 14.95 65.34 6.06
CA ARG J 112 15.05 64.39 4.97
C ARG J 112 16.18 63.41 5.29
N ASN J 113 15.83 62.20 5.71
CA ASN J 113 16.83 61.19 6.04
C ASN J 113 17.22 60.39 4.81
N PRO J 114 18.43 59.83 4.82
CA PRO J 114 18.87 59.05 3.65
C PRO J 114 18.29 57.64 3.67
N ILE J 115 18.32 57.02 2.48
CA ILE J 115 17.80 55.67 2.35
C ILE J 115 18.81 54.63 2.83
N HIS J 116 20.10 54.97 2.78
CA HIS J 116 21.16 54.06 3.21
C HIS J 116 21.55 54.42 4.64
N ALA J 117 21.27 53.50 5.57
CA ALA J 117 21.60 53.72 6.98
C ALA J 117 21.90 52.38 7.63
N ASP J 118 22.62 52.45 8.74
CA ASP J 118 22.99 51.25 9.47
C ASP J 118 21.81 50.73 10.28
N PRO J 119 21.82 49.44 10.62
CA PRO J 119 20.71 48.87 11.40
C PRO J 119 20.98 48.99 12.89
N PRO J 120 20.15 48.36 13.72
CA PRO J 120 20.37 48.45 15.17
C PRO J 120 21.47 47.50 15.64
N SER J 121 22.10 47.87 16.74
CA SER J 121 23.17 47.07 17.33
C SER J 121 22.59 46.00 18.26
N PHE J 122 23.49 45.27 18.91
CA PHE J 122 23.06 44.22 19.83
C PHE J 122 22.56 44.76 21.15
N VAL J 123 23.00 45.95 21.55
CA VAL J 123 22.56 46.53 22.82
C VAL J 123 21.27 47.33 22.68
N GLU J 124 20.86 47.68 21.46
CA GLU J 124 19.64 48.44 21.23
C GLU J 124 18.47 47.57 20.80
N GLN J 125 18.65 46.24 20.82
CA GLN J 125 17.58 45.34 20.43
C GLN J 125 16.62 45.09 21.59
N SER J 126 15.40 44.68 21.25
CA SER J 126 14.38 44.41 22.26
C SER J 126 13.51 43.27 21.75
N THR J 127 13.56 42.13 22.42
CA THR J 127 12.77 40.97 22.04
C THR J 127 11.54 40.85 22.92
N GLU J 128 10.48 40.26 22.35
CA GLU J 128 9.22 40.09 23.06
C GLU J 128 8.56 38.80 22.56
N ALA J 129 7.37 38.53 23.09
CA ALA J 129 6.62 37.34 22.71
C ALA J 129 5.12 37.60 22.68
N GLU J 130 4.72 38.81 22.29
CA GLU J 130 3.31 39.16 22.22
C GLU J 130 2.69 38.61 20.95
N VAL J 131 1.60 37.87 21.11
CA VAL J 131 0.91 37.28 19.97
C VAL J 131 0.05 38.34 19.29
N LEU J 132 -0.07 38.23 17.97
CA LEU J 132 -0.86 39.16 17.16
C LEU J 132 -2.01 38.40 16.53
N GLU J 133 -3.24 38.72 16.91
CA GLU J 133 -4.41 38.06 16.38
C GLU J 133 -4.74 38.62 15.00
N THR J 134 -4.77 37.76 14.00
CA THR J 134 -5.06 38.15 12.62
C THR J 134 -6.52 37.92 12.23
N GLY J 135 -7.12 36.84 12.71
CA GLY J 135 -8.49 36.51 12.41
C GLY J 135 -8.69 35.23 11.62
N ILE J 136 -7.63 34.70 11.02
CA ILE J 136 -7.74 33.47 10.24
C ILE J 136 -7.66 32.27 11.16
N LYS J 137 -8.34 31.19 10.78
CA LYS J 137 -8.35 29.98 11.59
C LYS J 137 -7.07 29.18 11.42
N VAL J 138 -6.40 29.29 10.26
CA VAL J 138 -5.16 28.57 10.02
C VAL J 138 -3.92 29.32 10.49
N VAL J 139 -4.07 30.58 10.89
CA VAL J 139 -2.93 31.37 11.36
C VAL J 139 -2.97 31.58 12.87
N ASP J 140 -4.13 31.51 13.52
CA ASP J 140 -4.24 31.69 14.95
C ASP J 140 -4.01 30.41 15.74
N LEU J 141 -3.86 29.28 15.07
CA LEU J 141 -3.63 28.00 15.74
C LEU J 141 -2.34 27.33 15.32
N LEU J 142 -1.98 27.37 14.04
CA LEU J 142 -0.75 26.75 13.57
C LEU J 142 0.45 27.64 13.86
N ALA J 143 0.79 28.52 12.93
CA ALA J 143 1.91 29.43 13.09
C ALA J 143 1.40 30.81 13.52
N PRO J 144 1.42 31.14 14.81
CA PRO J 144 0.93 32.45 15.23
C PRO J 144 1.98 33.53 15.03
N TYR J 145 1.52 34.68 14.54
CA TYR J 145 2.42 35.80 14.30
C TYR J 145 2.79 36.50 15.61
N ALA J 146 3.92 37.20 15.58
CA ALA J 146 4.42 37.93 16.73
C ALA J 146 4.32 39.43 16.49
N ARG J 147 4.03 40.17 17.55
CA ARG J 147 3.89 41.62 17.45
C ARG J 147 5.28 42.26 17.42
N GLY J 148 5.55 43.04 16.38
CA GLY J 148 6.83 43.71 16.23
C GLY J 148 7.91 42.91 15.54
N GLY J 149 7.57 41.73 15.00
CA GLY J 149 8.53 40.89 14.32
C GLY J 149 8.39 40.97 12.80
N LYS J 150 9.03 40.01 12.13
CA LYS J 150 9.02 39.92 10.68
C LYS J 150 8.17 38.72 10.28
N ILE J 151 7.15 38.96 9.45
CA ILE J 151 6.24 37.93 8.98
C ILE J 151 6.52 37.70 7.50
N GLY J 152 6.66 36.43 7.12
CA GLY J 152 6.92 36.09 5.73
C GLY J 152 5.78 35.31 5.08
N LEU J 153 5.31 35.78 3.94
CA LEU J 153 4.22 35.15 3.20
C LEU J 153 4.79 34.58 1.91
N PHE J 154 5.40 33.40 2.01
CA PHE J 154 5.98 32.75 0.86
C PHE J 154 4.90 32.03 0.04
N GLY J 155 5.12 31.98 -1.27
CA GLY J 155 4.17 31.33 -2.15
C GLY J 155 4.60 31.51 -3.59
N GLY J 156 3.96 30.74 -4.46
CA GLY J 156 4.24 30.77 -5.89
C GLY J 156 3.36 31.77 -6.61
N ALA J 157 3.32 31.62 -7.93
CA ALA J 157 2.53 32.50 -8.79
C ALA J 157 1.11 31.99 -8.86
N GLY J 158 0.16 32.82 -8.43
CA GLY J 158 -1.24 32.44 -8.45
C GLY J 158 -1.69 31.61 -7.27
N VAL J 159 -0.93 31.60 -6.18
CA VAL J 159 -1.30 30.83 -4.99
C VAL J 159 -2.15 31.64 -4.04
N GLY J 160 -1.69 32.84 -3.68
CA GLY J 160 -2.43 33.70 -2.79
C GLY J 160 -1.54 34.57 -1.92
N LYS J 161 -0.53 35.18 -2.53
CA LYS J 161 0.38 36.04 -1.78
C LYS J 161 -0.15 37.46 -1.68
N THR J 162 -0.76 37.97 -2.75
CA THR J 162 -1.29 39.33 -2.73
C THR J 162 -2.61 39.41 -1.97
N VAL J 163 -3.39 38.34 -1.95
CA VAL J 163 -4.66 38.36 -1.25
C VAL J 163 -4.46 38.17 0.26
N PHE J 164 -3.35 37.55 0.66
CA PHE J 164 -3.10 37.35 2.08
C PHE J 164 -2.64 38.63 2.76
N ILE J 165 -1.93 39.49 2.05
CA ILE J 165 -1.47 40.75 2.64
C ILE J 165 -2.59 41.78 2.67
N GLN J 166 -3.55 41.68 1.74
CA GLN J 166 -4.65 42.64 1.72
C GLN J 166 -5.69 42.34 2.78
N GLU J 167 -5.91 41.07 3.11
CA GLU J 167 -6.89 40.72 4.13
C GLU J 167 -6.38 41.00 5.54
N LEU J 168 -5.06 40.90 5.76
CA LEU J 168 -4.51 41.17 7.08
C LEU J 168 -4.41 42.66 7.37
N ILE J 169 -4.27 43.49 6.34
CA ILE J 169 -4.17 44.92 6.55
C ILE J 169 -5.53 45.57 6.78
N ASN J 170 -6.63 44.88 6.45
CA ASN J 170 -7.97 45.41 6.64
C ASN J 170 -8.61 44.96 7.95
N ASN J 171 -7.87 44.22 8.78
CA ASN J 171 -8.42 43.76 10.05
C ASN J 171 -7.42 43.85 11.20
N ILE J 172 -6.26 44.47 10.98
CA ILE J 172 -5.25 44.61 12.03
C ILE J 172 -4.65 46.00 11.97
N ALA J 173 -4.36 46.48 10.76
CA ALA J 173 -3.79 47.82 10.60
C ALA J 173 -4.82 48.93 10.75
N LYS J 174 -6.11 48.61 10.63
CA LYS J 174 -7.15 49.62 10.77
C LYS J 174 -7.41 50.00 12.22
N ALA J 175 -7.00 49.17 13.18
CA ALA J 175 -7.21 49.45 14.60
C ALA J 175 -5.92 49.22 15.39
N HIS J 176 -4.77 49.47 14.77
CA HIS J 176 -3.49 49.29 15.44
C HIS J 176 -3.08 50.50 16.26
N GLY J 177 -3.46 51.71 15.84
CA GLY J 177 -3.12 52.91 16.56
C GLY J 177 -1.95 53.66 15.95
N GLY J 178 -0.94 52.92 15.49
CA GLY J 178 0.23 53.52 14.89
C GLY J 178 0.07 53.74 13.41
N PHE J 179 1.14 54.23 12.79
CA PHE J 179 1.16 54.51 11.36
C PHE J 179 1.59 53.27 10.58
N SER J 180 1.15 53.19 9.34
CA SER J 180 1.46 52.08 8.45
C SER J 180 2.48 52.52 7.41
N VAL J 181 3.03 51.52 6.71
CA VAL J 181 4.03 51.77 5.67
C VAL J 181 3.92 50.70 4.59
N PHE J 182 3.10 50.97 3.57
CA PHE J 182 2.90 50.03 2.46
C PHE J 182 3.84 50.41 1.34
N THR J 183 4.99 49.76 1.29
CA THR J 183 6.01 50.00 0.27
C THR J 183 6.03 48.81 -0.68
N GLY J 184 5.42 48.99 -1.85
CA GLY J 184 5.37 47.93 -2.85
C GLY J 184 6.54 47.95 -3.80
N VAL J 185 7.27 46.84 -3.88
CA VAL J 185 8.43 46.71 -4.75
C VAL J 185 8.18 45.54 -5.70
N GLY J 186 8.22 45.82 -7.00
CA GLY J 186 8.01 44.77 -7.99
C GLY J 186 6.56 44.34 -8.12
N GLU J 187 5.61 45.22 -7.82
CA GLU J 187 4.20 44.89 -7.91
C GLU J 187 3.70 45.19 -9.33
N ARG J 188 2.39 45.09 -9.53
CA ARG J 188 1.79 45.34 -10.83
C ARG J 188 1.32 46.79 -10.94
N THR J 189 0.97 47.19 -12.16
CA THR J 189 0.50 48.55 -12.38
C THR J 189 -0.93 48.74 -11.88
N ARG J 190 -1.77 47.71 -11.99
CA ARG J 190 -3.15 47.82 -11.52
C ARG J 190 -3.28 47.60 -10.02
N GLU J 191 -2.29 47.00 -9.38
CA GLU J 191 -2.36 46.77 -7.94
C GLU J 191 -2.08 48.04 -7.15
N GLY J 192 -1.33 48.97 -7.72
CA GLY J 192 -1.03 50.21 -7.01
C GLY J 192 -2.20 51.18 -7.00
N ASN J 193 -2.96 51.22 -8.10
CA ASN J 193 -4.10 52.12 -8.18
C ASN J 193 -5.31 51.59 -7.42
N ASP J 194 -5.45 50.26 -7.32
CA ASP J 194 -6.57 49.68 -6.59
C ASP J 194 -6.38 49.74 -5.09
N LEU J 195 -5.12 49.73 -4.63
CA LEU J 195 -4.87 49.79 -3.19
C LEU J 195 -5.06 51.20 -2.63
N TYR J 196 -4.80 52.24 -3.44
CA TYR J 196 -4.97 53.60 -2.97
C TYR J 196 -6.44 54.01 -2.94
N ARG J 197 -7.26 53.47 -3.86
CA ARG J 197 -8.67 53.82 -3.88
C ARG J 197 -9.46 53.08 -2.80
N GLU J 198 -9.02 51.88 -2.42
CA GLU J 198 -9.73 51.13 -1.39
C GLU J 198 -9.44 51.66 0.00
N MET J 199 -8.22 52.18 0.23
CA MET J 199 -7.86 52.71 1.54
C MET J 199 -8.46 54.08 1.80
N LYS J 200 -8.80 54.83 0.75
CA LYS J 200 -9.39 56.15 0.94
C LYS J 200 -10.86 56.08 1.32
N GLU J 201 -11.57 55.05 0.86
CA GLU J 201 -12.98 54.91 1.18
C GLU J 201 -13.23 54.22 2.52
N THR J 202 -12.19 53.70 3.16
CA THR J 202 -12.33 53.04 4.44
C THR J 202 -11.81 53.86 5.62
N GLY J 203 -11.08 54.94 5.36
CA GLY J 203 -10.56 55.77 6.41
C GLY J 203 -9.09 55.58 6.74
N VAL J 204 -8.31 55.00 5.83
CA VAL J 204 -6.89 54.77 6.08
C VAL J 204 -6.05 55.93 5.55
N ILE J 205 -6.35 56.41 4.35
CA ILE J 205 -5.63 57.51 3.73
C ILE J 205 -6.62 58.61 3.42
N ASN J 206 -6.57 59.70 4.19
CA ASN J 206 -7.47 60.83 4.03
C ASN J 206 -6.71 61.97 3.36
N LEU J 207 -7.17 62.38 2.17
CA LEU J 207 -6.51 63.47 1.45
C LEU J 207 -6.85 64.83 2.04
N GLU J 208 -8.02 64.96 2.66
CA GLU J 208 -8.45 66.22 3.26
C GLU J 208 -8.47 66.17 4.79
N GLY J 209 -7.91 65.11 5.38
CA GLY J 209 -7.89 64.98 6.82
C GLY J 209 -6.58 64.41 7.34
N GLU J 210 -6.68 63.50 8.32
CA GLU J 210 -5.51 62.87 8.92
C GLU J 210 -5.35 61.46 8.36
N SER J 211 -4.12 61.11 8.00
CA SER J 211 -3.80 59.81 7.44
C SER J 211 -2.85 59.06 8.39
N LYS J 212 -2.71 57.76 8.14
CA LYS J 212 -1.82 56.93 8.96
C LYS J 212 -1.24 55.77 8.16
N VAL J 213 -0.99 55.97 6.87
CA VAL J 213 -0.42 54.93 6.02
C VAL J 213 0.43 55.57 4.93
N ALA J 214 1.72 55.23 4.90
CA ALA J 214 2.64 55.77 3.91
C ALA J 214 2.71 54.84 2.71
N LEU J 215 2.49 55.41 1.53
CA LEU J 215 2.52 54.66 0.27
C LEU J 215 3.80 54.98 -0.48
N VAL J 216 4.46 53.95 -0.99
CA VAL J 216 5.71 54.09 -1.74
C VAL J 216 5.53 53.39 -3.07
N PHE J 217 5.68 54.12 -4.17
CA PHE J 217 5.54 53.55 -5.49
C PHE J 217 6.79 52.77 -5.88
N GLY J 218 6.67 51.97 -6.94
CA GLY J 218 7.78 51.17 -7.42
C GLY J 218 7.35 49.82 -7.95
N GLN J 219 6.70 49.80 -9.11
CA GLN J 219 6.24 48.56 -9.72
C GLN J 219 7.35 47.97 -10.58
N MET J 220 6.99 46.96 -11.38
CA MET J 220 7.96 46.30 -12.26
C MET J 220 8.12 46.99 -13.60
N ASN J 221 7.43 48.12 -13.81
CA ASN J 221 7.53 48.84 -15.08
C ASN J 221 8.73 49.78 -15.12
N GLU J 222 9.45 49.95 -14.02
CA GLU J 222 10.62 50.83 -13.98
C GLU J 222 11.87 50.04 -14.33
N PRO J 223 13.05 50.62 -14.13
CA PRO J 223 14.30 49.91 -14.46
C PRO J 223 14.77 49.09 -13.27
N PRO J 224 15.98 48.52 -13.36
CA PRO J 224 16.48 47.71 -12.23
C PRO J 224 16.99 48.55 -11.06
N GLY J 225 17.37 49.80 -11.29
CA GLY J 225 17.86 50.63 -10.19
C GLY J 225 16.76 51.15 -9.28
N ALA J 226 15.55 51.33 -9.81
CA ALA J 226 14.46 51.82 -9.00
C ALA J 226 13.78 50.72 -8.20
N ARG J 227 13.83 49.48 -8.70
CA ARG J 227 13.22 48.38 -7.98
C ARG J 227 14.07 47.93 -6.80
N ALA J 228 15.40 48.01 -6.92
CA ALA J 228 16.26 47.61 -5.83
C ALA J 228 16.32 48.66 -4.73
N ARG J 229 16.08 49.92 -5.08
CA ARG J 229 16.09 51.02 -4.12
C ARG J 229 14.71 51.34 -3.56
N VAL J 230 13.69 50.58 -3.93
CA VAL J 230 12.35 50.85 -3.43
C VAL J 230 12.19 50.36 -2.00
N ALA J 231 12.96 49.34 -1.60
CA ALA J 231 12.86 48.84 -0.23
C ALA J 231 13.56 49.75 0.76
N LEU J 232 14.60 50.46 0.33
CA LEU J 232 15.31 51.37 1.22
C LEU J 232 14.57 52.67 1.44
N THR J 233 13.75 53.10 0.47
CA THR J 233 13.00 54.34 0.62
C THR J 233 11.80 54.15 1.53
N GLY J 234 11.15 52.98 1.47
CA GLY J 234 10.01 52.72 2.32
C GLY J 234 10.38 52.41 3.76
N LEU J 235 11.56 51.82 3.97
CA LEU J 235 11.99 51.50 5.31
C LEU J 235 12.53 52.70 6.08
N THR J 236 12.89 53.77 5.37
CA THR J 236 13.41 54.96 6.04
C THR J 236 12.30 55.76 6.71
N ILE J 237 11.09 55.72 6.15
CA ILE J 237 9.99 56.46 6.74
C ILE J 237 9.42 55.73 7.96
N ALA J 238 9.46 54.40 7.96
CA ALA J 238 8.95 53.64 9.09
C ALA J 238 9.93 53.61 10.25
N GLU J 239 11.22 53.78 9.97
CA GLU J 239 12.22 53.77 11.04
C GLU J 239 12.23 55.08 11.83
N TYR J 240 11.81 56.18 11.20
CA TYR J 240 11.79 57.47 11.90
C TYR J 240 10.61 57.58 12.84
N PHE J 241 9.51 56.87 12.57
CA PHE J 241 8.33 56.93 13.43
C PHE J 241 8.48 56.05 14.66
N ARG J 242 9.44 55.12 14.67
CA ARG J 242 9.65 54.23 15.81
C ARG J 242 10.83 54.64 16.67
N ASP J 243 11.77 55.44 16.14
CA ASP J 243 12.94 55.88 16.88
C ASP J 243 12.82 57.31 17.36
N GLU J 244 12.44 58.24 16.46
CA GLU J 244 12.30 59.63 16.85
C GLU J 244 10.96 59.92 17.51
N GLU J 245 9.93 59.14 17.20
CA GLU J 245 8.61 59.31 17.77
C GLU J 245 8.20 58.20 18.71
N GLY J 246 8.65 56.98 18.48
CA GLY J 246 8.31 55.86 19.35
C GLY J 246 6.90 55.34 19.11
N GLN J 247 6.63 54.85 17.90
CA GLN J 247 5.33 54.32 17.54
C GLN J 247 5.50 52.96 16.89
N ASP J 248 4.51 52.09 17.09
CA ASP J 248 4.51 50.75 16.53
C ASP J 248 4.15 50.83 15.06
N VAL J 249 5.16 50.92 14.21
CA VAL J 249 4.94 51.01 12.77
C VAL J 249 4.67 49.63 12.21
N LEU J 250 4.04 49.60 11.03
CA LEU J 250 3.70 48.36 10.34
C LEU J 250 4.22 48.45 8.91
N LEU J 251 5.29 47.72 8.61
CA LEU J 251 5.89 47.71 7.29
C LEU J 251 5.28 46.58 6.48
N PHE J 252 4.69 46.92 5.33
CA PHE J 252 4.06 45.94 4.44
C PHE J 252 4.76 46.02 3.09
N VAL J 253 5.55 45.00 2.77
CA VAL J 253 6.28 44.91 1.51
C VAL J 253 5.60 43.89 0.62
N ASP J 254 5.41 44.25 -0.66
CA ASP J 254 4.76 43.36 -1.62
C ASP J 254 5.33 43.68 -2.99
N ASN J 255 6.28 42.86 -3.44
CA ASN J 255 6.75 41.71 -2.67
C ASN J 255 8.20 41.90 -2.24
N ILE J 256 8.63 41.11 -1.26
CA ILE J 256 9.99 41.20 -0.76
C ILE J 256 11.00 40.47 -1.64
N PHE J 257 10.53 39.60 -2.53
CA PHE J 257 11.43 38.86 -3.41
C PHE J 257 11.91 39.69 -4.59
N ARG J 258 11.32 40.85 -4.83
CA ARG J 258 11.74 41.71 -5.94
C ARG J 258 12.99 42.50 -5.63
N PHE J 259 13.40 42.58 -4.36
CA PHE J 259 14.61 43.33 -4.02
C PHE J 259 15.86 42.54 -4.39
N THR J 260 15.82 41.21 -4.25
CA THR J 260 16.97 40.40 -4.59
C THR J 260 17.03 40.08 -6.09
N GLN J 261 15.88 40.08 -6.77
CA GLN J 261 15.85 39.79 -8.19
C GLN J 261 16.26 41.00 -9.02
N ALA J 262 16.10 42.22 -8.49
CA ALA J 262 16.47 43.40 -9.24
C ALA J 262 17.99 43.61 -9.24
N GLY J 263 18.66 43.24 -8.15
CA GLY J 263 20.09 43.40 -8.07
C GLY J 263 20.88 42.34 -8.82
N SER J 264 20.25 41.21 -9.14
CA SER J 264 20.96 40.16 -9.86
C SER J 264 21.09 40.48 -11.35
N GLU J 265 20.19 41.30 -11.88
CA GLU J 265 20.26 41.65 -13.30
C GLU J 265 21.33 42.70 -13.56
N VAL J 266 21.67 43.50 -12.55
CA VAL J 266 22.69 44.53 -12.69
C VAL J 266 24.03 44.11 -12.12
N SER J 267 24.12 42.92 -11.52
CA SER J 267 25.38 42.45 -10.94
C SER J 267 26.35 41.95 -12.00
N ALA J 268 25.86 41.53 -13.16
CA ALA J 268 26.73 41.04 -14.23
C ALA J 268 27.46 42.17 -14.95
N LEU J 269 26.91 43.39 -14.93
CA LEU J 269 27.54 44.52 -15.60
C LEU J 269 28.47 45.30 -14.68
N LEU J 270 28.50 44.99 -13.39
CA LEU J 270 29.37 45.69 -12.44
C LEU J 270 30.70 44.98 -12.22
N GLY J 271 30.90 43.80 -12.81
CA GLY J 271 32.12 43.06 -12.66
C GLY J 271 32.06 41.87 -11.73
N ARG J 272 30.93 41.66 -11.04
CA ARG J 272 30.80 40.54 -10.13
C ARG J 272 30.48 39.26 -10.89
N ILE J 273 30.99 38.15 -10.36
CA ILE J 273 30.78 36.84 -10.96
C ILE J 273 29.41 36.31 -10.54
N PRO J 274 28.80 35.42 -11.33
CA PRO J 274 27.48 34.89 -10.95
C PRO J 274 27.59 33.82 -9.88
N SER J 275 26.52 33.70 -9.09
CA SER J 275 26.46 32.72 -8.01
C SER J 275 25.55 31.55 -8.40
N ALA J 276 24.76 31.08 -7.45
CA ALA J 276 23.86 29.96 -7.70
C ALA J 276 22.64 30.44 -8.46
N VAL J 277 22.27 29.68 -9.50
CA VAL J 277 21.12 29.97 -10.35
C VAL J 277 21.25 31.35 -10.96
N GLY J 278 22.48 31.75 -11.30
CA GLY J 278 22.71 33.03 -11.92
C GLY J 278 22.40 34.23 -11.04
N TYR J 279 22.66 34.12 -9.74
CA TYR J 279 22.41 35.20 -8.81
C TYR J 279 23.71 35.92 -8.49
N GLN J 280 23.60 36.97 -7.68
CA GLN J 280 24.77 37.75 -7.29
C GLN J 280 25.52 37.07 -6.16
N PRO J 281 26.81 37.38 -6.00
CA PRO J 281 27.59 36.74 -4.93
C PRO J 281 27.25 37.27 -3.56
N THR J 282 26.82 38.52 -3.45
CA THR J 282 26.47 39.13 -2.16
C THR J 282 24.96 39.03 -1.89
N LEU J 283 24.44 37.81 -1.92
CA LEU J 283 23.01 37.61 -1.68
C LEU J 283 22.69 37.67 -0.19
N ALA J 284 23.52 37.06 0.65
CA ALA J 284 23.30 37.08 2.09
C ALA J 284 23.74 38.38 2.74
N THR J 285 24.57 39.17 2.06
CA THR J 285 25.04 40.43 2.64
C THR J 285 24.08 41.57 2.31
N ASP J 286 23.45 41.53 1.14
CA ASP J 286 22.52 42.59 0.76
C ASP J 286 21.16 42.39 1.41
N MET J 287 20.74 41.13 1.60
CA MET J 287 19.45 40.86 2.24
C MET J 287 19.52 41.02 3.75
N GLY J 288 20.70 40.81 4.35
CA GLY J 288 20.82 40.94 5.80
C GLY J 288 20.94 42.37 6.26
N LEU J 289 21.39 43.28 5.39
CA LEU J 289 21.53 44.68 5.75
C LEU J 289 20.20 45.42 5.77
N LEU J 290 19.21 44.94 5.02
CA LEU J 290 17.90 45.58 4.98
C LEU J 290 16.88 44.94 5.91
N GLN J 291 17.02 43.64 6.20
CA GLN J 291 16.08 42.97 7.10
C GLN J 291 16.41 43.21 8.56
N GLU J 292 17.65 43.57 8.89
CA GLU J 292 18.01 43.81 10.28
C GLU J 292 17.54 45.18 10.77
N ARG J 293 17.35 46.13 9.85
CA ARG J 293 16.89 47.46 10.23
C ARG J 293 15.38 47.53 10.45
N ILE J 294 14.63 46.53 9.99
CA ILE J 294 13.18 46.51 10.17
C ILE J 294 12.83 45.59 11.32
N THR J 295 13.40 45.85 12.48
CA THR J 295 13.17 45.07 13.69
C THR J 295 12.68 45.98 14.81
N THR J 296 12.37 45.37 15.95
CA THR J 296 11.89 46.11 17.12
C THR J 296 13.07 46.50 18.00
N THR J 297 13.14 47.78 18.35
CA THR J 297 14.20 48.32 19.19
C THR J 297 13.62 48.74 20.54
N ARG J 298 14.44 49.44 21.32
CA ARG J 298 14.01 49.91 22.63
C ARG J 298 13.11 51.13 22.56
N LYS J 299 13.16 51.88 21.46
CA LYS J 299 12.32 53.06 21.33
C LYS J 299 10.96 52.76 20.71
N GLY J 300 10.88 51.76 19.83
CA GLY J 300 9.62 51.41 19.21
C GLY J 300 9.72 50.10 18.48
N SER J 301 8.56 49.53 18.18
CA SER J 301 8.47 48.26 17.48
C SER J 301 8.17 48.48 16.00
N VAL J 302 8.34 47.42 15.23
CA VAL J 302 8.09 47.46 13.78
C VAL J 302 7.64 46.10 13.31
N THR J 303 6.33 45.95 13.10
CA THR J 303 5.75 44.69 12.64
C THR J 303 5.90 44.61 11.13
N SER J 304 6.85 43.80 10.67
CA SER J 304 7.11 43.63 9.24
C SER J 304 6.24 42.51 8.71
N VAL J 305 5.43 42.83 7.70
CA VAL J 305 4.53 41.84 7.09
C VAL J 305 4.82 41.78 5.58
N GLN J 306 6.00 41.27 5.23
CA GLN J 306 6.40 41.16 3.83
C GLN J 306 5.91 39.83 3.25
N ALA J 307 6.01 39.72 1.93
CA ALA J 307 5.59 38.53 1.21
C ALA J 307 6.70 38.11 0.25
N VAL J 308 7.05 36.83 0.27
CA VAL J 308 8.09 36.28 -0.59
C VAL J 308 7.45 35.56 -1.76
N TYR J 309 8.15 35.53 -2.89
CA TYR J 309 7.69 34.88 -4.10
C TYR J 309 8.60 33.70 -4.41
N VAL J 310 8.01 32.52 -4.52
CA VAL J 310 8.78 31.32 -4.82
C VAL J 310 9.13 31.30 -6.31
N PRO J 311 10.38 31.03 -6.68
CA PRO J 311 10.76 31.01 -8.09
C PRO J 311 10.35 29.70 -8.75
N ALA J 312 9.31 29.76 -9.59
CA ALA J 312 8.80 28.59 -10.31
C ALA J 312 8.40 27.48 -9.34
N ASP J 313 7.79 27.86 -8.21
CA ASP J 313 7.34 26.92 -7.18
C ASP J 313 8.51 26.06 -6.69
N ASP J 314 9.51 26.73 -6.13
CA ASP J 314 10.69 26.06 -5.59
C ASP J 314 11.15 26.80 -4.35
N LEU J 315 11.12 26.13 -3.21
CA LEU J 315 11.54 26.72 -1.94
C LEU J 315 13.03 26.60 -1.68
N THR J 316 13.76 25.88 -2.54
CA THR J 316 15.20 25.69 -2.39
C THR J 316 16.01 26.66 -3.24
N ASP J 317 15.42 27.78 -3.63
CA ASP J 317 16.11 28.77 -4.44
C ASP J 317 16.99 29.65 -3.57
N PRO J 318 17.83 30.48 -4.20
CA PRO J 318 18.71 31.36 -3.41
C PRO J 318 18.03 32.62 -2.89
N ALA J 319 16.83 32.94 -3.37
CA ALA J 319 16.11 34.12 -2.92
C ALA J 319 14.99 33.73 -1.97
N PRO J 320 14.69 32.44 -1.82
CA PRO J 320 13.61 32.03 -0.92
C PRO J 320 14.15 31.40 0.36
N ALA J 321 15.22 30.63 0.25
CA ALA J 321 15.82 29.98 1.41
C ALA J 321 16.65 30.93 2.25
N THR J 322 17.15 32.01 1.66
CA THR J 322 17.97 32.97 2.41
C THR J 322 17.12 33.94 3.23
N THR J 323 15.84 34.09 2.91
CA THR J 323 14.95 34.99 3.62
C THR J 323 14.18 34.30 4.74
N PHE J 324 14.35 32.99 4.90
CA PHE J 324 13.64 32.25 5.95
C PHE J 324 14.35 32.32 7.30
N ALA J 325 15.60 32.79 7.34
CA ALA J 325 16.35 32.91 8.58
C ALA J 325 16.27 34.30 9.19
N HIS J 326 15.41 35.17 8.66
CA HIS J 326 15.26 36.53 9.16
C HIS J 326 13.79 36.86 9.40
N LEU J 327 12.97 35.85 9.67
CA LEU J 327 11.56 36.05 9.92
C LEU J 327 11.12 35.19 11.10
N ASP J 328 10.33 35.77 11.99
CA ASP J 328 9.85 35.03 13.16
C ASP J 328 8.73 34.07 12.81
N ALA J 329 7.84 34.48 11.91
CA ALA J 329 6.72 33.64 11.48
C ALA J 329 6.71 33.55 9.96
N THR J 330 6.54 32.35 9.44
CA THR J 330 6.50 32.09 8.00
C THR J 330 5.16 31.52 7.62
N THR J 331 4.67 31.92 6.44
CA THR J 331 3.38 31.46 5.91
C THR J 331 3.61 30.99 4.48
N VAL J 332 3.99 29.73 4.33
CA VAL J 332 4.23 29.16 3.01
C VAL J 332 2.90 28.80 2.36
N LEU J 333 2.75 29.15 1.09
CA LEU J 333 1.53 28.88 0.33
C LEU J 333 1.87 27.90 -0.78
N SER J 334 1.43 26.65 -0.63
CA SER J 334 1.70 25.63 -1.62
C SER J 334 0.72 25.75 -2.79
N ARG J 335 1.20 25.38 -3.97
CA ARG J 335 0.37 25.44 -5.18
C ARG J 335 -0.56 24.25 -5.32
N GLY J 336 -0.29 23.15 -4.61
CA GLY J 336 -1.16 21.99 -4.71
C GLY J 336 -2.45 22.11 -3.94
N ILE J 337 -2.44 22.85 -2.83
CA ILE J 337 -3.65 23.02 -2.04
C ILE J 337 -4.56 24.11 -2.58
N SER J 338 -4.04 24.98 -3.47
CA SER J 338 -4.87 26.04 -4.03
C SER J 338 -5.81 25.52 -5.10
N GLU J 339 -5.46 24.41 -5.75
CA GLU J 339 -6.30 23.84 -6.79
C GLU J 339 -7.41 22.94 -6.24
N LEU J 340 -7.34 22.59 -4.95
CA LEU J 340 -8.36 21.74 -4.35
C LEU J 340 -9.58 22.51 -3.86
N GLY J 341 -9.39 23.77 -3.46
CA GLY J 341 -10.49 24.58 -2.97
C GLY J 341 -10.21 25.23 -1.63
N ILE J 342 -8.97 25.15 -1.18
CA ILE J 342 -8.58 25.74 0.10
C ILE J 342 -8.38 27.24 -0.10
N TYR J 343 -9.09 28.04 0.69
CA TYR J 343 -9.01 29.50 0.61
C TYR J 343 -8.61 30.05 1.98
N PRO J 344 -7.32 30.35 2.20
CA PRO J 344 -6.25 30.18 1.21
C PRO J 344 -5.56 28.83 1.31
N ALA J 345 -4.45 28.67 0.59
CA ALA J 345 -3.68 27.42 0.60
C ALA J 345 -2.60 27.50 1.68
N VAL J 346 -3.05 27.51 2.93
CA VAL J 346 -2.16 27.59 4.07
C VAL J 346 -1.65 26.18 4.36
N ASP J 347 -0.37 25.94 4.07
CA ASP J 347 0.22 24.63 4.30
C ASP J 347 0.52 24.45 5.79
N PRO J 348 -0.11 23.50 6.47
CA PRO J 348 0.17 23.32 7.90
C PRO J 348 1.46 22.57 8.18
N LEU J 349 1.98 21.82 7.21
CA LEU J 349 3.22 21.07 7.39
C LEU J 349 4.46 21.87 7.04
N ASP J 350 4.29 23.10 6.54
CA ASP J 350 5.42 23.95 6.19
C ASP J 350 5.46 25.28 6.94
N SER J 351 4.31 25.78 7.39
CA SER J 351 4.27 27.04 8.12
C SER J 351 4.69 26.82 9.57
N LYS J 352 5.67 27.61 10.01
CA LYS J 352 6.17 27.52 11.38
C LYS J 352 6.39 28.92 11.92
N SER J 353 6.44 29.01 13.26
CA SER J 353 6.65 30.28 13.94
C SER J 353 7.34 30.02 15.26
N ARG J 354 7.87 31.10 15.84
CA ARG J 354 8.56 31.02 17.12
C ARG J 354 7.63 31.19 18.32
N LEU J 355 6.40 31.63 18.11
CA LEU J 355 5.44 31.83 19.19
C LEU J 355 4.57 30.61 19.43
N LEU J 356 4.82 29.49 18.75
CA LEU J 356 4.04 28.27 18.91
C LEU J 356 4.64 27.47 20.06
N ASP J 357 4.27 27.88 21.28
CA ASP J 357 4.75 27.22 22.49
C ASP J 357 3.66 27.26 23.54
N VAL J 358 3.89 26.54 24.63
CA VAL J 358 2.93 26.49 25.73
C VAL J 358 3.10 27.63 26.73
N SER J 359 4.20 28.39 26.64
CA SER J 359 4.44 29.50 27.55
C SER J 359 3.93 30.83 27.03
N VAL J 360 3.44 30.88 25.77
CA VAL J 360 2.93 32.10 25.18
C VAL J 360 1.46 31.97 24.80
N VAL J 361 1.05 30.81 24.31
CA VAL J 361 -0.34 30.58 23.92
C VAL J 361 -1.12 29.77 24.94
N GLY J 362 -0.45 29.19 25.93
CA GLY J 362 -1.11 28.40 26.95
C GLY J 362 -1.01 26.90 26.68
N GLN J 363 -1.41 26.13 27.70
CA GLN J 363 -1.37 24.68 27.57
C GLN J 363 -2.54 24.15 26.74
N GLU J 364 -3.64 24.90 26.67
CA GLU J 364 -4.78 24.45 25.89
C GLU J 364 -4.55 24.66 24.39
N HIS J 365 -3.92 25.77 24.03
CA HIS J 365 -3.65 26.05 22.62
C HIS J 365 -2.48 25.24 22.09
N TYR J 366 -1.56 24.83 22.96
CA TYR J 366 -0.41 24.05 22.52
C TYR J 366 -0.80 22.60 22.24
N ASP J 367 -1.78 22.06 22.98
CA ASP J 367 -2.21 20.68 22.75
C ASP J 367 -3.08 20.56 21.51
N VAL J 368 -3.82 21.62 21.16
CA VAL J 368 -4.66 21.57 19.97
C VAL J 368 -3.83 21.72 18.70
N ALA J 369 -2.71 22.44 18.78
CA ALA J 369 -1.87 22.62 17.60
C ALA J 369 -1.07 21.35 17.30
N THR J 370 -0.67 20.62 18.33
CA THR J 370 0.08 19.39 18.12
C THR J 370 -0.81 18.25 17.67
N GLY J 371 -2.08 18.24 18.12
CA GLY J 371 -2.99 17.19 17.70
C GLY J 371 -3.49 17.36 16.28
N VAL J 372 -3.64 18.60 15.83
CA VAL J 372 -4.11 18.84 14.47
C VAL J 372 -2.99 18.59 13.46
N GLN J 373 -1.74 18.88 13.84
CA GLN J 373 -0.62 18.65 12.94
C GLN J 373 -0.26 17.17 12.84
N GLN J 374 -0.53 16.40 13.89
CA GLN J 374 -0.22 14.98 13.86
C GLN J 374 -1.20 14.20 12.99
N THR J 375 -2.46 14.65 12.91
CA THR J 375 -3.44 13.97 12.08
C THR J 375 -3.22 14.25 10.60
N LEU J 376 -2.74 15.44 10.25
CA LEU J 376 -2.49 15.76 8.85
C LEU J 376 -1.22 15.11 8.34
N GLN J 377 -0.24 14.86 9.22
CA GLN J 377 1.00 14.22 8.79
C GLN J 377 0.80 12.73 8.53
N ALA J 378 -0.13 12.08 9.24
CA ALA J 378 -0.36 10.66 9.02
C ALA J 378 -1.11 10.40 7.72
N TYR J 379 -2.02 11.30 7.34
CA TYR J 379 -2.76 11.13 6.10
C TYR J 379 -1.92 11.47 4.87
N LYS J 380 -0.96 12.38 5.02
CA LYS J 380 -0.11 12.75 3.89
C LYS J 380 0.94 11.68 3.59
N SER J 381 1.44 10.99 4.62
CA SER J 381 2.43 9.94 4.40
C SER J 381 1.81 8.69 3.79
N LEU J 382 0.52 8.45 4.03
CA LEU J 382 -0.18 7.30 3.49
C LEU J 382 -0.93 7.62 2.20
N GLN J 383 -0.52 8.68 1.49
CA GLN J 383 -1.18 9.04 0.25
C GLN J 383 -0.83 8.12 -0.90
N ASP J 384 0.29 7.39 -0.80
CA ASP J 384 0.69 6.48 -1.86
C ASP J 384 -0.19 5.23 -1.92
N ILE J 385 -0.79 4.84 -0.80
CA ILE J 385 -1.65 3.67 -0.78
C ILE J 385 -3.11 4.02 -1.03
N ILE J 386 -3.52 5.25 -0.71
CA ILE J 386 -4.90 5.64 -0.93
C ILE J 386 -5.14 6.03 -2.39
N ALA J 387 -4.11 6.50 -3.09
CA ALA J 387 -4.24 6.89 -4.48
C ALA J 387 -4.01 5.73 -5.44
N ILE J 388 -3.42 4.63 -4.98
CA ILE J 388 -3.16 3.46 -5.81
C ILE J 388 -4.09 2.31 -5.46
N LEU J 389 -4.04 1.84 -4.22
CA LEU J 389 -4.91 0.74 -3.80
C LEU J 389 -6.31 1.22 -3.47
N GLY J 390 -6.42 2.34 -2.78
CA GLY J 390 -7.70 2.90 -2.40
C GLY J 390 -7.83 3.09 -0.91
N MET J 391 -8.96 3.64 -0.50
CA MET J 391 -9.23 3.89 0.90
C MET J 391 -9.71 2.66 1.66
N ASP J 392 -10.03 1.57 0.94
CA ASP J 392 -10.49 0.35 1.60
C ASP J 392 -9.35 -0.53 2.07
N GLU J 393 -8.10 -0.21 1.71
CA GLU J 393 -6.95 -1.00 2.12
C GLU J 393 -6.45 -0.63 3.51
N LEU J 394 -7.02 0.39 4.14
CA LEU J 394 -6.59 0.79 5.48
C LEU J 394 -7.25 -0.08 6.54
N SER J 395 -6.82 0.12 7.78
CA SER J 395 -7.34 -0.62 8.92
C SER J 395 -8.47 0.18 9.58
N GLU J 396 -8.80 -0.16 10.83
CA GLU J 396 -9.86 0.54 11.53
C GLU J 396 -9.37 1.86 12.11
N GLN J 397 -8.12 1.91 12.56
CA GLN J 397 -7.58 3.15 13.12
C GLN J 397 -7.20 4.13 12.03
N ASP J 398 -6.76 3.62 10.88
CA ASP J 398 -6.37 4.50 9.78
C ASP J 398 -7.57 5.05 9.03
N LYS J 399 -8.73 4.41 9.12
CA LYS J 399 -9.92 4.90 8.43
C LYS J 399 -10.52 6.10 9.15
N LEU J 400 -10.46 6.10 10.49
CA LEU J 400 -11.01 7.22 11.25
C LEU J 400 -10.09 8.43 11.20
N THR J 401 -8.79 8.22 11.05
CA THR J 401 -7.86 9.34 10.98
C THR J 401 -7.88 10.01 9.61
N VAL J 402 -8.26 9.26 8.56
CA VAL J 402 -8.32 9.85 7.23
C VAL J 402 -9.56 10.72 7.08
N GLU J 403 -10.65 10.37 7.75
CA GLU J 403 -11.86 11.18 7.65
C GLU J 403 -11.76 12.46 8.48
N ARG J 404 -11.06 12.41 9.62
CA ARG J 404 -10.90 13.59 10.45
C ARG J 404 -9.89 14.57 9.87
N ALA J 405 -8.93 14.07 9.08
CA ALA J 405 -7.94 14.97 8.49
C ALA J 405 -8.52 15.76 7.32
N ARG J 406 -9.53 15.22 6.64
CA ARG J 406 -10.13 15.95 5.52
C ARG J 406 -11.03 17.08 6.02
N LYS J 407 -11.72 16.87 7.13
CA LYS J 407 -12.59 17.91 7.67
C LYS J 407 -11.80 18.99 8.40
N ILE J 408 -10.63 18.65 8.95
CA ILE J 408 -9.83 19.65 9.64
C ILE J 408 -9.09 20.55 8.65
N GLN J 409 -8.81 20.05 7.45
CA GLN J 409 -8.12 20.86 6.46
C GLN J 409 -9.05 21.88 5.82
N ARG J 410 -10.33 21.54 5.65
CA ARG J 410 -11.28 22.46 5.06
C ARG J 410 -11.84 23.46 6.06
N PHE J 411 -11.79 23.14 7.36
CA PHE J 411 -12.30 24.06 8.38
C PHE J 411 -11.36 25.24 8.63
N LEU J 412 -10.06 25.06 8.40
CA LEU J 412 -9.10 26.13 8.62
C LEU J 412 -9.10 27.18 7.50
N SER J 413 -9.74 26.88 6.36
CA SER J 413 -9.78 27.81 5.24
C SER J 413 -11.05 28.66 5.38
N GLN J 414 -10.87 29.89 5.87
CA GLN J 414 -11.99 30.80 6.05
C GLN J 414 -12.03 31.83 4.92
N PRO J 415 -13.23 32.27 4.52
CA PRO J 415 -13.34 33.26 3.44
C PRO J 415 -12.99 34.65 3.95
N PHE J 416 -12.05 35.30 3.28
CA PHE J 416 -11.62 36.63 3.67
C PHE J 416 -12.63 37.67 3.19
N ALA J 417 -12.51 38.88 3.74
CA ALA J 417 -13.41 39.96 3.38
C ALA J 417 -13.04 40.59 2.04
N VAL J 418 -11.76 40.53 1.66
CA VAL J 418 -11.33 41.11 0.39
C VAL J 418 -11.61 40.18 -0.78
N ALA J 419 -11.83 38.88 -0.54
CA ALA J 419 -12.10 37.91 -1.59
C ALA J 419 -13.59 37.57 -1.69
N GLU J 420 -14.46 38.55 -1.45
CA GLU J 420 -15.90 38.31 -1.52
C GLU J 420 -16.41 38.29 -2.95
N VAL J 421 -15.71 38.93 -3.89
CA VAL J 421 -16.17 38.94 -5.28
C VAL J 421 -15.73 37.70 -6.04
N PHE J 422 -14.72 36.98 -5.55
CA PHE J 422 -14.25 35.77 -6.21
C PHE J 422 -14.84 34.50 -5.63
N THR J 423 -15.30 34.54 -4.38
CA THR J 423 -15.89 33.38 -3.73
C THR J 423 -17.41 33.45 -3.61
N GLY J 424 -17.97 34.64 -3.40
CA GLY J 424 -19.40 34.82 -3.28
C GLY J 424 -19.94 34.75 -1.87
N ILE J 425 -19.14 34.31 -0.90
CA ILE J 425 -19.57 34.21 0.47
C ILE J 425 -19.09 35.44 1.24
N GLU J 426 -19.62 35.63 2.44
CA GLU J 426 -19.24 36.77 3.27
C GLU J 426 -17.92 36.50 3.97
N GLY J 427 -17.35 37.57 4.53
CA GLY J 427 -16.07 37.45 5.23
C GLY J 427 -16.27 36.98 6.65
N LYS J 428 -15.48 36.00 7.06
CA LYS J 428 -15.53 35.44 8.41
C LYS J 428 -14.23 35.73 9.13
N LEU J 429 -14.35 36.30 10.33
CA LEU J 429 -13.19 36.66 11.16
C LEU J 429 -13.35 35.95 12.50
N VAL J 430 -12.75 34.77 12.62
CA VAL J 430 -12.81 33.99 13.85
C VAL J 430 -11.78 34.52 14.84
N ARG J 431 -12.12 34.50 16.11
CA ARG J 431 -11.22 34.97 17.16
C ARG J 431 -10.24 33.86 17.55
N LEU J 432 -9.33 34.20 18.46
CA LEU J 432 -8.34 33.22 18.90
C LEU J 432 -8.95 32.21 19.86
N LYS J 433 -9.91 32.63 20.69
CA LYS J 433 -10.53 31.71 21.63
C LYS J 433 -11.57 30.81 20.95
N ASP J 434 -12.20 31.29 19.88
CA ASP J 434 -13.19 30.48 19.18
C ASP J 434 -12.56 29.45 18.26
N THR J 435 -11.36 29.72 17.76
CA THR J 435 -10.69 28.77 16.87
C THR J 435 -10.08 27.61 17.64
N ILE J 436 -9.70 27.82 18.90
CA ILE J 436 -9.11 26.74 19.68
C ILE J 436 -10.18 25.80 20.20
N ALA J 437 -11.38 26.31 20.49
CA ALA J 437 -12.45 25.46 20.99
C ALA J 437 -13.12 24.65 19.89
N SER J 438 -13.09 25.16 18.65
CA SER J 438 -13.71 24.44 17.55
C SER J 438 -12.84 23.29 17.05
N PHE J 439 -11.51 23.44 17.12
CA PHE J 439 -10.62 22.38 16.66
C PHE J 439 -10.51 21.26 17.68
N LYS J 440 -10.68 21.56 18.97
CA LYS J 440 -10.59 20.53 20.00
C LYS J 440 -11.85 19.67 20.06
N ALA J 441 -13.00 20.23 19.69
CA ALA J 441 -14.24 19.45 19.72
C ALA J 441 -14.37 18.53 18.52
N VAL J 442 -13.79 18.90 17.38
CA VAL J 442 -13.88 18.05 16.19
C VAL J 442 -12.91 16.89 16.28
N LEU J 443 -11.81 17.04 17.02
CA LEU J 443 -10.81 15.98 17.15
C LEU J 443 -11.16 14.98 18.25
N GLU J 444 -12.15 15.28 19.09
CA GLU J 444 -12.55 14.38 20.16
C GLU J 444 -13.69 13.45 19.78
N GLY J 445 -14.36 13.70 18.66
CA GLY J 445 -15.45 12.88 18.21
C GLY J 445 -16.84 13.48 18.35
N LYS J 446 -16.95 14.79 18.52
CA LYS J 446 -18.25 15.45 18.67
C LYS J 446 -18.84 15.91 17.35
N TYR J 447 -18.05 15.94 16.27
CA TYR J 447 -18.52 16.37 14.96
C TYR J 447 -18.19 15.33 13.90
N ASP J 448 -18.16 14.05 14.27
CA ASP J 448 -17.86 12.99 13.32
C ASP J 448 -19.05 12.62 12.45
N HIS J 449 -20.27 12.92 12.90
CA HIS J 449 -21.47 12.61 12.13
C HIS J 449 -21.78 13.64 11.06
N LEU J 450 -21.13 14.80 11.09
CA LEU J 450 -21.38 15.84 10.11
C LEU J 450 -20.64 15.53 8.80
N PRO J 451 -20.99 16.21 7.72
CA PRO J 451 -20.33 15.98 6.43
C PRO J 451 -19.06 16.82 6.30
N GLU J 452 -18.29 16.49 5.26
CA GLU J 452 -17.04 17.20 5.00
C GLU J 452 -17.26 18.55 4.34
N ASN J 453 -18.40 18.75 3.68
CA ASN J 453 -18.70 20.02 3.03
C ASN J 453 -19.29 21.06 3.96
N ALA J 454 -19.66 20.67 5.18
CA ALA J 454 -20.25 21.62 6.14
C ALA J 454 -19.21 22.50 6.80
N PHE J 455 -17.92 22.10 6.77
CA PHE J 455 -16.85 22.88 7.38
C PHE J 455 -16.02 23.65 6.36
N TYR J 456 -16.19 23.38 5.07
CA TYR J 456 -15.43 24.08 4.05
C TYR J 456 -15.97 25.50 3.88
N MET J 457 -15.06 26.48 3.95
CA MET J 457 -15.39 27.89 3.81
C MET J 457 -16.44 28.32 4.85
N VAL J 458 -16.02 28.26 6.11
CA VAL J 458 -16.88 28.62 7.23
C VAL J 458 -16.06 29.36 8.28
N GLY J 459 -16.60 29.48 9.49
CA GLY J 459 -15.91 30.16 10.57
C GLY J 459 -15.46 29.22 11.66
N GLY J 460 -16.12 29.28 12.81
CA GLY J 460 -15.79 28.44 13.96
C GLY J 460 -16.76 27.29 14.11
N ILE J 461 -17.09 26.96 15.35
CA ILE J 461 -18.01 25.87 15.62
C ILE J 461 -19.47 26.27 15.42
N GLU J 462 -19.77 27.56 15.42
CA GLU J 462 -21.14 28.02 15.24
C GLU J 462 -21.55 27.95 13.77
N ASP J 463 -20.64 28.25 12.86
CA ASP J 463 -20.95 28.21 11.44
C ASP J 463 -20.94 26.79 10.87
N VAL J 464 -20.29 25.85 11.55
CA VAL J 464 -20.26 24.47 11.05
C VAL J 464 -21.57 23.75 11.36
N VAL J 465 -22.23 24.10 12.46
CA VAL J 465 -23.48 23.43 12.80
C VAL J 465 -24.64 24.01 12.00
N ALA J 466 -24.55 25.28 11.59
CA ALA J 466 -25.62 25.89 10.82
C ALA J 466 -25.57 25.49 9.35
N LYS J 467 -24.38 25.17 8.83
CA LYS J 467 -24.27 24.78 7.43
C LYS J 467 -24.70 23.33 7.21
N ALA J 468 -24.59 22.48 8.23
CA ALA J 468 -24.98 21.08 8.09
C ALA J 468 -26.50 20.91 8.17
N GLU J 469 -27.18 21.79 8.89
CA GLU J 469 -28.64 21.69 9.01
C GLU J 469 -29.35 22.21 7.77
N LYS J 470 -28.77 23.19 7.08
CA LYS J 470 -29.40 23.73 5.88
C LYS J 470 -29.20 22.83 4.67
N ILE J 471 -28.10 22.08 4.63
CA ILE J 471 -27.85 21.19 3.49
C ILE J 471 -28.66 19.90 3.58
N ALA J 472 -29.10 19.52 4.78
CA ALA J 472 -29.88 18.30 4.96
C ALA J 472 -31.38 18.54 4.89
N ALA J 473 -31.82 19.78 4.64
CA ALA J 473 -33.24 20.07 4.56
C ALA J 473 -33.70 20.12 3.10
N ALA K 1 13.41 15.47 -4.68
CA ALA K 1 13.05 15.86 -6.04
C ALA K 1 14.28 15.94 -6.93
N THR K 2 15.29 15.12 -6.63
CA THR K 2 16.52 15.10 -7.39
C THR K 2 16.45 14.02 -8.46
N LEU K 3 17.59 13.70 -9.08
CA LEU K 3 17.61 12.68 -10.12
C LEU K 3 17.57 11.27 -9.51
N ARG K 4 18.17 11.08 -8.34
CA ARG K 4 18.15 9.77 -7.71
C ARG K 4 16.80 9.47 -7.06
N GLU K 5 16.12 10.50 -6.55
CA GLU K 5 14.82 10.28 -5.93
C GLU K 5 13.73 10.05 -6.97
N ILE K 6 13.85 10.67 -8.14
CA ILE K 6 12.84 10.48 -9.17
C ILE K 6 12.99 9.13 -9.86
N GLU K 7 14.21 8.60 -9.91
CA GLU K 7 14.43 7.30 -10.54
C GLU K 7 13.95 6.16 -9.65
N THR K 8 14.05 6.31 -8.33
CA THR K 8 13.60 5.27 -7.42
C THR K 8 12.07 5.24 -7.33
N ARG K 9 11.42 6.40 -7.45
CA ARG K 9 9.97 6.44 -7.39
C ARG K 9 9.35 5.96 -8.70
N LEU K 10 10.02 6.20 -9.82
CA LEU K 10 9.49 5.75 -11.10
C LEU K 10 9.68 4.24 -11.28
N LYS K 11 10.78 3.69 -10.77
CA LYS K 11 11.00 2.26 -10.89
C LYS K 11 10.10 1.46 -9.96
N SER K 12 9.79 2.00 -8.78
CA SER K 12 8.91 1.29 -7.86
C SER K 12 7.46 1.34 -8.31
N ILE K 13 7.06 2.42 -9.00
CA ILE K 13 5.69 2.51 -9.48
C ILE K 13 5.49 1.62 -10.70
N LYS K 14 6.56 1.36 -11.46
CA LYS K 14 6.43 0.49 -12.63
C LYS K 14 6.27 -0.98 -12.22
N ASN K 15 6.89 -1.38 -11.11
CA ASN K 15 6.76 -2.76 -10.66
C ASN K 15 5.38 -3.02 -10.07
N ILE K 16 4.75 -1.99 -9.48
CA ILE K 16 3.42 -2.16 -8.92
C ILE K 16 2.37 -2.25 -10.02
N GLU K 17 2.62 -1.59 -11.16
CA GLU K 17 1.69 -1.66 -12.27
C GLU K 17 1.71 -3.02 -12.95
N LYS K 18 2.89 -3.66 -13.02
CA LYS K 18 2.97 -4.99 -13.62
C LYS K 18 2.36 -6.06 -12.72
N ILE K 19 2.46 -5.89 -11.40
CA ILE K 19 1.86 -6.85 -10.48
C ILE K 19 0.35 -6.69 -10.45
N THR K 20 -0.15 -5.45 -10.61
CA THR K 20 -1.59 -5.24 -10.61
C THR K 20 -2.23 -5.72 -11.92
N ASN K 21 -1.51 -5.60 -13.03
CA ASN K 21 -2.04 -6.07 -14.31
C ASN K 21 -2.02 -7.58 -14.38
N THR K 22 -1.01 -8.23 -13.80
CA THR K 22 -0.97 -9.69 -13.81
C THR K 22 -2.00 -10.29 -12.86
N MET K 23 -2.33 -9.59 -11.76
CA MET K 23 -3.34 -10.08 -10.84
C MET K 23 -4.74 -9.95 -11.43
N LYS K 24 -4.97 -8.95 -12.27
CA LYS K 24 -6.28 -8.80 -12.89
C LYS K 24 -6.52 -9.86 -13.95
N VAL K 25 -5.47 -10.26 -14.68
CA VAL K 25 -5.62 -11.31 -15.68
C VAL K 25 -5.79 -12.67 -15.01
N VAL K 26 -5.17 -12.88 -13.86
CA VAL K 26 -5.33 -14.15 -13.14
C VAL K 26 -6.69 -14.22 -12.49
N ALA K 27 -7.28 -13.07 -12.14
CA ALA K 27 -8.60 -13.08 -11.53
C ALA K 27 -9.69 -13.39 -12.54
N SER K 28 -9.46 -13.06 -13.81
CA SER K 28 -10.43 -13.37 -14.85
C SER K 28 -10.50 -14.86 -15.14
N THR K 29 -9.35 -15.54 -15.09
CA THR K 29 -9.35 -17.00 -15.31
C THR K 29 -9.96 -17.72 -14.12
N ARG K 30 -9.78 -17.19 -12.91
CA ARG K 30 -10.39 -17.81 -11.74
C ARG K 30 -11.88 -17.53 -11.67
N MET K 31 -12.34 -16.46 -12.29
CA MET K 31 -13.77 -16.15 -12.29
C MET K 31 -14.55 -17.10 -13.20
N GLY K 32 -13.88 -17.63 -14.24
CA GLY K 32 -14.56 -18.57 -15.12
C GLY K 32 -14.80 -19.92 -14.46
N ARG K 33 -13.82 -20.39 -13.69
CA ARG K 33 -14.00 -21.66 -12.97
C ARG K 33 -14.95 -21.51 -11.80
N ALA K 34 -14.98 -20.33 -11.17
CA ALA K 34 -15.89 -20.11 -10.06
C ALA K 34 -17.33 -19.88 -10.51
N GLN K 35 -17.54 -19.55 -11.79
CA GLN K 35 -18.90 -19.36 -12.28
C GLN K 35 -19.64 -20.69 -12.39
N ARG K 36 -18.93 -21.79 -12.64
CA ARG K 36 -19.58 -23.08 -12.72
C ARG K 36 -20.02 -23.58 -11.34
N ALA K 37 -19.24 -23.27 -10.30
CA ALA K 37 -19.63 -23.68 -8.95
C ALA K 37 -20.77 -22.83 -8.41
N MET K 38 -20.82 -21.55 -8.79
CA MET K 38 -21.90 -20.69 -8.33
C MET K 38 -23.21 -21.02 -9.04
N ALA K 39 -23.15 -21.37 -10.33
CA ALA K 39 -24.36 -21.74 -11.05
C ALA K 39 -24.90 -23.09 -10.61
N SER K 40 -24.01 -24.01 -10.22
CA SER K 40 -24.46 -25.32 -9.75
C SER K 40 -25.05 -25.24 -8.35
N SER K 41 -24.57 -24.31 -7.53
CA SER K 41 -25.11 -24.16 -6.19
C SER K 41 -26.48 -23.50 -6.20
N ARG K 42 -26.77 -22.69 -7.23
CA ARG K 42 -28.08 -22.05 -7.32
C ARG K 42 -29.17 -23.06 -7.70
N ALA K 43 -28.84 -24.05 -8.53
CA ALA K 43 -29.81 -25.06 -8.90
C ALA K 43 -30.10 -26.02 -7.74
N PHE K 44 -29.11 -26.26 -6.88
CA PHE K 44 -29.32 -27.13 -5.74
C PHE K 44 -30.11 -26.45 -4.64
N ARG K 45 -30.03 -25.12 -4.56
CA ARG K 45 -30.78 -24.38 -3.55
C ARG K 45 -32.27 -24.28 -3.89
N GLU K 46 -32.63 -24.44 -5.16
CA GLU K 46 -34.03 -24.37 -5.57
C GLU K 46 -34.69 -25.74 -5.63
N GLY K 47 -33.92 -26.83 -5.57
CA GLY K 47 -34.49 -28.15 -5.61
C GLY K 47 -34.53 -28.83 -4.25
N ASP K 48 -33.44 -28.68 -3.49
CA ASP K 48 -33.38 -29.28 -2.16
C ASP K 48 -34.24 -28.52 -1.17
N SER K 49 -34.28 -27.19 -1.27
CA SER K 49 -35.08 -26.35 -0.38
C SER K 49 -36.45 -26.03 -0.97
N ASP K 50 -36.92 -26.82 -1.94
CA ASP K 50 -38.22 -26.57 -2.55
C ASP K 50 -39.36 -27.00 -1.64
N PHE K 51 -39.10 -27.88 -0.67
CA PHE K 51 -40.15 -28.33 0.25
C PHE K 51 -40.55 -27.26 1.25
N PHE K 52 -39.64 -26.32 1.56
CA PHE K 52 -39.95 -25.27 2.52
C PHE K 52 -40.87 -24.20 1.91
N ALA K 53 -40.80 -24.00 0.60
CA ALA K 53 -41.63 -23.00 -0.04
C ALA K 53 -43.07 -23.47 -0.17
N THR K 54 -43.28 -24.76 -0.43
CA THR K 54 -44.61 -25.31 -0.56
C THR K 54 -45.30 -25.55 0.78
N ALA K 55 -44.53 -25.62 1.86
CA ALA K 55 -45.07 -25.84 3.19
C ALA K 55 -45.21 -24.55 4.02
N GLU K 56 -44.67 -23.44 3.52
CA GLU K 56 -44.72 -22.14 4.20
C GLU K 56 -44.11 -22.24 5.60
N THR K 57 -42.78 -22.31 5.62
CA THR K 57 -42.01 -22.41 6.85
C THR K 57 -41.52 -21.02 7.24
N SER K 58 -41.92 -20.56 8.42
CA SER K 58 -41.54 -19.24 8.92
C SER K 58 -41.34 -19.32 10.43
N THR K 59 -40.63 -18.34 10.96
CA THR K 59 -40.36 -18.27 12.39
C THR K 59 -41.41 -17.42 13.08
N PRO K 60 -41.33 -17.25 14.40
CA PRO K 60 -42.34 -16.44 15.10
C PRO K 60 -41.73 -15.60 16.22
N GLU K 61 -41.77 -16.12 17.44
CA GLU K 61 -41.22 -15.43 18.59
C GLU K 61 -39.76 -15.80 18.81
N THR K 62 -39.04 -14.89 19.46
CA THR K 62 -37.63 -15.11 19.74
C THR K 62 -37.45 -16.05 20.93
N ALA K 63 -36.52 -16.98 20.80
CA ALA K 63 -36.22 -17.96 21.84
C ALA K 63 -34.75 -17.82 22.23
N GLU K 64 -34.49 -17.09 23.32
CA GLU K 64 -33.15 -16.85 23.83
C GLU K 64 -32.28 -16.19 22.76
N LYS K 65 -32.64 -14.96 22.43
CA LYS K 65 -31.96 -14.13 21.43
C LYS K 65 -32.02 -14.88 20.10
N THR K 66 -30.96 -14.88 19.31
CA THR K 66 -30.94 -15.57 18.03
C THR K 66 -29.50 -16.01 17.75
N LEU K 67 -29.17 -16.20 16.47
CA LEU K 67 -27.84 -16.61 16.07
C LEU K 67 -27.54 -16.04 14.70
N ILE K 68 -26.37 -15.42 14.56
CA ILE K 68 -25.94 -14.83 13.29
C ILE K 68 -24.67 -15.52 12.83
N ILE K 69 -24.50 -15.58 11.51
CA ILE K 69 -23.33 -16.22 10.90
C ILE K 69 -22.90 -15.34 9.74
N ALA K 70 -21.77 -14.66 9.88
CA ALA K 70 -21.22 -13.79 8.84
C ALA K 70 -20.19 -14.57 8.03
N VAL K 71 -20.51 -14.85 6.78
CA VAL K 71 -19.64 -15.60 5.89
C VAL K 71 -18.84 -14.62 5.04
N SER K 72 -17.52 -14.71 5.13
CA SER K 72 -16.64 -13.83 4.36
C SER K 72 -15.34 -14.53 4.00
N SER K 73 -14.23 -13.79 3.99
CA SER K 73 -12.92 -14.33 3.67
C SER K 73 -11.92 -13.86 4.71
N ASP K 74 -10.66 -14.26 4.53
CA ASP K 74 -9.60 -13.89 5.44
C ASP K 74 -8.55 -12.97 4.81
N LYS K 75 -8.58 -12.79 3.49
CA LYS K 75 -7.63 -11.93 2.80
C LYS K 75 -8.31 -10.63 2.38
N GLY K 76 -7.48 -9.64 2.04
CA GLY K 76 -7.98 -8.34 1.63
C GLY K 76 -7.78 -8.08 0.15
N LEU K 77 -7.57 -6.81 -0.20
CA LEU K 77 -7.36 -6.39 -1.59
C LEU K 77 -8.53 -6.81 -2.47
N CYS K 78 -9.75 -6.55 -1.99
CA CYS K 78 -10.97 -6.90 -2.72
C CYS K 78 -11.95 -5.74 -2.76
N GLY K 79 -11.49 -4.51 -2.53
CA GLY K 79 -12.40 -3.38 -2.56
C GLY K 79 -13.20 -3.29 -1.27
N SER K 80 -14.50 -3.04 -1.41
CA SER K 80 -15.40 -2.93 -0.27
C SER K 80 -16.09 -4.26 0.03
N ILE K 81 -15.30 -5.33 0.14
CA ILE K 81 -15.86 -6.64 0.42
C ILE K 81 -16.14 -6.79 1.91
N HIS K 82 -15.15 -6.48 2.75
CA HIS K 82 -15.34 -6.58 4.20
C HIS K 82 -16.14 -5.42 4.77
N SER K 83 -16.17 -4.27 4.07
CA SER K 83 -16.92 -3.13 4.58
C SER K 83 -18.41 -3.29 4.35
N GLN K 84 -18.80 -3.92 3.24
CA GLN K 84 -20.22 -4.13 2.96
C GLN K 84 -20.82 -5.25 3.78
N ILE K 85 -20.00 -6.23 4.18
CA ILE K 85 -20.50 -7.34 4.98
C ILE K 85 -20.66 -6.93 6.44
N ALA K 86 -19.78 -6.04 6.92
CA ALA K 86 -19.88 -5.58 8.30
C ALA K 86 -20.96 -4.53 8.48
N LYS K 87 -21.28 -3.78 7.43
CA LYS K 87 -22.31 -2.75 7.55
C LYS K 87 -23.71 -3.37 7.51
N ALA K 88 -23.87 -4.50 6.83
CA ALA K 88 -25.17 -5.15 6.77
C ALA K 88 -25.51 -5.88 8.07
N THR K 89 -24.50 -6.44 8.73
CA THR K 89 -24.73 -7.15 9.98
C THR K 89 -24.91 -6.19 11.16
N ARG K 90 -24.34 -4.99 11.07
CA ARG K 90 -24.48 -4.02 12.15
C ARG K 90 -25.83 -3.34 12.13
N ALA K 91 -26.48 -3.26 10.96
CA ALA K 91 -27.79 -2.62 10.89
C ALA K 91 -28.88 -3.53 11.42
N LYS K 92 -28.76 -4.83 11.21
CA LYS K 92 -29.75 -5.79 11.70
C LYS K 92 -29.58 -6.12 13.17
N LEU K 93 -28.43 -5.79 13.76
CA LEU K 93 -28.16 -6.06 15.16
C LEU K 93 -28.60 -4.94 16.08
N GLN K 94 -29.24 -3.90 15.54
CA GLN K 94 -29.69 -2.79 16.38
C GLN K 94 -30.93 -3.17 17.17
N GLU K 95 -31.84 -3.94 16.57
CA GLU K 95 -33.06 -4.36 17.24
C GLU K 95 -32.85 -5.59 18.12
N THR K 96 -31.72 -6.27 18.00
CA THR K 96 -31.44 -7.47 18.81
C THR K 96 -29.94 -7.57 19.01
N PRO K 97 -29.38 -6.80 19.94
CA PRO K 97 -27.94 -6.85 20.20
C PRO K 97 -27.51 -7.99 21.10
N ASN K 98 -28.44 -8.77 21.64
CA ASN K 98 -28.11 -9.89 22.52
C ASN K 98 -27.85 -11.18 21.75
N ALA K 99 -27.94 -11.17 20.44
CA ALA K 99 -27.71 -12.36 19.64
C ALA K 99 -26.22 -12.59 19.43
N ASP K 100 -25.84 -13.85 19.25
CA ASP K 100 -24.44 -14.20 19.03
C ASP K 100 -24.08 -14.06 17.56
N VAL K 101 -22.78 -13.91 17.32
CA VAL K 101 -22.25 -13.76 15.96
C VAL K 101 -21.17 -14.82 15.76
N VAL K 102 -21.20 -15.46 14.59
CA VAL K 102 -20.25 -16.50 14.23
C VAL K 102 -19.54 -16.03 12.97
N THR K 103 -18.37 -15.42 13.14
CA THR K 103 -17.59 -14.93 12.00
C THR K 103 -16.87 -16.09 11.32
N ILE K 104 -16.94 -16.12 9.99
CA ILE K 104 -16.29 -17.17 9.22
C ILE K 104 -15.18 -16.57 8.36
N GLY K 105 -14.30 -15.80 9.00
CA GLY K 105 -13.20 -15.16 8.28
C GLY K 105 -12.45 -14.15 9.11
N ASP K 106 -11.22 -13.85 8.71
CA ASP K 106 -10.42 -12.88 9.46
C ASP K 106 -10.82 -11.44 9.12
N LYS K 107 -11.39 -11.21 7.94
CA LYS K 107 -11.80 -9.87 7.57
C LYS K 107 -13.12 -9.46 8.22
N ILE K 108 -14.01 -10.42 8.47
CA ILE K 108 -15.28 -10.10 9.11
C ILE K 108 -15.14 -10.01 10.62
N LYS K 109 -14.18 -10.74 11.20
CA LYS K 109 -13.98 -10.71 12.64
C LYS K 109 -13.21 -9.49 13.11
N ALA K 110 -12.46 -8.84 12.21
CA ALA K 110 -11.69 -7.67 12.60
C ALA K 110 -12.58 -6.42 12.67
N GLN K 111 -13.56 -6.31 11.77
CA GLN K 111 -14.45 -5.16 11.77
C GLN K 111 -15.57 -5.30 12.81
N MET K 112 -15.97 -6.53 13.13
CA MET K 112 -17.02 -6.74 14.11
C MET K 112 -16.52 -6.61 15.54
N LEU K 113 -15.22 -6.74 15.77
CA LEU K 113 -14.66 -6.62 17.11
C LEU K 113 -14.54 -5.18 17.58
N ARG K 114 -14.54 -4.22 16.65
CA ARG K 114 -14.43 -2.81 17.01
C ARG K 114 -15.76 -2.19 17.39
N THR K 115 -16.87 -2.88 17.13
CA THR K 115 -18.20 -2.37 17.46
C THR K 115 -18.94 -3.25 18.45
N HIS K 116 -18.93 -4.58 18.25
CA HIS K 116 -19.61 -5.53 19.14
C HIS K 116 -18.65 -6.71 19.36
N SER K 117 -17.72 -6.54 20.30
CA SER K 117 -16.76 -7.59 20.59
C SER K 117 -17.36 -8.68 21.47
N SER K 118 -18.36 -8.35 22.29
CA SER K 118 -18.98 -9.33 23.16
C SER K 118 -19.98 -10.22 22.42
N ASN K 119 -20.43 -9.81 21.25
CA ASN K 119 -21.39 -10.59 20.48
C ASN K 119 -20.74 -11.70 19.66
N VAL K 120 -19.41 -11.69 19.54
CA VAL K 120 -18.70 -12.72 18.78
C VAL K 120 -18.58 -13.97 19.63
N VAL K 121 -19.21 -15.05 19.19
CA VAL K 121 -19.16 -16.32 19.93
C VAL K 121 -18.36 -17.39 19.20
N LEU K 122 -18.11 -17.24 17.91
CA LEU K 122 -17.35 -18.23 17.15
C LEU K 122 -16.53 -17.52 16.09
N SER K 123 -15.32 -18.02 15.85
CA SER K 123 -14.42 -17.45 14.86
C SER K 123 -13.79 -18.58 14.06
N PHE K 124 -13.90 -18.51 12.74
CA PHE K 124 -13.36 -19.52 11.84
C PHE K 124 -12.40 -18.86 10.87
N ASN K 125 -11.17 -19.35 10.82
CA ASN K 125 -10.13 -18.82 9.95
C ASN K 125 -9.73 -19.89 8.93
N GLY K 126 -9.26 -19.43 7.77
CA GLY K 126 -8.84 -20.33 6.72
C GLY K 126 -10.00 -20.90 5.93
N VAL K 127 -10.65 -20.05 5.13
CA VAL K 127 -11.79 -20.48 4.31
C VAL K 127 -11.83 -19.65 3.05
N GLY K 128 -11.09 -18.54 3.03
CA GLY K 128 -11.03 -17.65 1.89
C GLY K 128 -9.93 -17.93 0.90
N LYS K 129 -9.11 -18.95 1.14
CA LYS K 129 -8.02 -19.27 0.22
C LYS K 129 -8.53 -20.04 -0.99
N GLU K 130 -8.90 -21.30 -0.78
CA GLU K 130 -9.40 -22.15 -1.85
C GLU K 130 -10.90 -21.96 -2.01
N ALA K 131 -11.49 -22.68 -2.95
CA ALA K 131 -12.92 -22.59 -3.21
C ALA K 131 -13.70 -23.39 -2.18
N PRO K 132 -14.97 -23.07 -1.99
CA PRO K 132 -15.78 -23.80 -1.01
C PRO K 132 -16.28 -25.13 -1.57
N THR K 133 -16.46 -26.08 -0.66
CA THR K 133 -16.93 -27.42 -1.01
C THR K 133 -17.93 -27.88 0.04
N PHE K 134 -18.39 -29.12 -0.11
CA PHE K 134 -19.36 -29.68 0.83
C PHE K 134 -18.72 -30.14 2.13
N TRP K 135 -17.40 -30.35 2.14
CA TRP K 135 -16.73 -30.79 3.36
C TRP K 135 -16.52 -29.65 4.35
N GLU K 136 -16.32 -28.43 3.84
CA GLU K 136 -16.11 -27.28 4.73
C GLU K 136 -17.42 -26.77 5.32
N ALA K 137 -18.52 -26.91 4.58
CA ALA K 137 -19.81 -26.44 5.09
C ALA K 137 -20.43 -27.42 6.08
N SER K 138 -20.14 -28.71 5.93
CA SER K 138 -20.70 -29.71 6.84
C SER K 138 -19.96 -29.76 8.17
N LEU K 139 -18.69 -29.38 8.18
CA LEU K 139 -17.92 -29.38 9.42
C LEU K 139 -18.24 -28.18 10.30
N ILE K 140 -18.56 -27.04 9.70
CA ILE K 140 -18.88 -25.84 10.47
C ILE K 140 -20.30 -25.88 11.02
N ALA K 141 -21.20 -26.64 10.39
CA ALA K 141 -22.58 -26.71 10.86
C ALA K 141 -22.73 -27.63 12.06
N ASP K 142 -21.89 -28.66 12.16
CA ASP K 142 -21.96 -29.59 13.28
C ASP K 142 -21.25 -29.08 14.51
N GLU K 143 -20.34 -28.12 14.36
CA GLU K 143 -19.61 -27.57 15.50
C GLU K 143 -19.88 -26.09 15.66
N ILE K 144 -21.16 -25.71 15.69
CA ILE K 144 -21.56 -24.32 15.83
C ILE K 144 -21.99 -24.00 17.26
N ARG K 145 -21.67 -24.87 18.22
CA ARG K 145 -22.00 -24.69 19.64
C ARG K 145 -23.51 -24.51 19.82
N LYS K 146 -24.20 -25.64 19.66
CA LYS K 146 -25.66 -25.70 19.80
C LYS K 146 -26.35 -24.71 18.87
N LEU K 147 -26.45 -25.06 17.58
CA LEU K 147 -27.09 -24.21 16.60
C LEU K 147 -28.58 -24.45 16.46
N GLY K 148 -29.10 -25.53 17.05
CA GLY K 148 -30.51 -25.86 16.98
C GLY K 148 -31.36 -25.33 18.11
N ASP K 149 -30.76 -24.61 19.07
CA ASP K 149 -31.48 -24.05 20.20
C ASP K 149 -31.81 -22.58 20.00
N TYR K 150 -31.95 -22.14 18.76
CA TYR K 150 -32.25 -20.75 18.44
C TYR K 150 -33.51 -20.69 17.57
N ASP K 151 -34.23 -19.58 17.68
CA ASP K 151 -35.45 -19.39 16.89
C ASP K 151 -35.14 -18.95 15.47
N LYS K 152 -34.29 -17.93 15.32
CA LYS K 152 -33.90 -17.42 14.02
C LYS K 152 -32.40 -17.59 13.82
N ILE K 153 -32.02 -18.05 12.63
CA ILE K 153 -30.62 -18.27 12.27
C ILE K 153 -30.39 -17.65 10.91
N GLU K 154 -29.71 -16.51 10.89
CA GLU K 154 -29.41 -15.80 9.66
C GLU K 154 -28.00 -16.11 9.18
N VAL K 155 -27.80 -16.03 7.87
CA VAL K 155 -26.52 -16.30 7.23
C VAL K 155 -26.17 -15.07 6.40
N MET K 156 -25.33 -14.20 6.95
CA MET K 156 -24.93 -12.98 6.25
C MET K 156 -23.82 -13.30 5.26
N TYR K 157 -24.05 -12.96 3.99
CA TYR K 157 -23.07 -13.20 2.94
C TYR K 157 -23.22 -12.12 1.88
N ASN K 158 -22.44 -12.24 0.80
CA ASN K 158 -22.46 -11.31 -0.31
C ASN K 158 -22.97 -12.02 -1.55
N LYS K 159 -24.09 -11.54 -2.10
CA LYS K 159 -24.70 -12.12 -3.29
C LYS K 159 -24.28 -11.33 -4.51
N PHE K 160 -23.74 -12.02 -5.51
CA PHE K 160 -23.29 -11.39 -6.75
C PHE K 160 -24.49 -11.26 -7.69
N VAL K 161 -25.08 -10.06 -7.73
CA VAL K 161 -26.24 -9.84 -8.59
C VAL K 161 -25.84 -9.65 -10.05
N SER K 162 -24.59 -9.27 -10.33
CA SER K 162 -24.12 -9.07 -11.69
C SER K 162 -22.69 -9.59 -11.78
N GLY K 163 -22.03 -9.30 -12.89
CA GLY K 163 -20.66 -9.73 -13.10
C GLY K 163 -19.65 -8.61 -12.93
N VAL K 164 -19.99 -7.62 -12.11
CA VAL K 164 -19.10 -6.49 -11.86
C VAL K 164 -19.30 -6.00 -10.43
N ALA K 165 -20.56 -5.88 -10.02
CA ALA K 165 -20.91 -5.42 -8.68
C ALA K 165 -21.61 -6.54 -7.91
N PHE K 166 -21.86 -6.28 -6.64
CA PHE K 166 -22.52 -7.24 -5.77
C PHE K 166 -23.30 -6.49 -4.71
N GLU K 167 -24.00 -7.24 -3.86
CA GLU K 167 -24.80 -6.67 -2.79
C GLU K 167 -24.84 -7.65 -1.63
N PRO K 168 -24.92 -7.17 -0.39
CA PRO K 168 -24.95 -8.09 0.76
C PRO K 168 -26.36 -8.56 1.08
N SER K 169 -26.65 -9.82 0.78
CA SER K 169 -27.95 -10.41 1.03
C SER K 169 -27.93 -11.21 2.32
N VAL K 170 -29.06 -11.82 2.65
CA VAL K 170 -29.20 -12.63 3.85
C VAL K 170 -30.22 -13.73 3.59
N PHE K 171 -30.01 -14.88 4.23
CA PHE K 171 -30.89 -16.02 4.08
C PHE K 171 -31.20 -16.64 5.45
N PRO K 172 -32.46 -16.77 5.81
CA PRO K 172 -32.80 -17.34 7.11
C PRO K 172 -32.77 -18.87 7.08
N SER K 173 -32.49 -19.45 8.24
CA SER K 173 -32.42 -20.90 8.40
C SER K 173 -33.31 -21.30 9.56
N PHE K 174 -34.26 -22.20 9.30
CA PHE K 174 -35.17 -22.67 10.34
C PHE K 174 -34.54 -23.79 11.14
N SER K 175 -35.02 -23.96 12.37
CA SER K 175 -34.52 -25.00 13.26
C SER K 175 -35.39 -26.24 13.17
N PRO K 176 -35.21 -27.20 14.07
CA PRO K 176 -36.05 -28.42 14.01
C PRO K 176 -37.44 -28.19 14.57
N ILE K 177 -37.57 -27.20 15.46
CA ILE K 177 -38.87 -26.91 16.05
C ILE K 177 -39.75 -26.08 15.12
N SER K 178 -39.16 -25.36 14.17
CA SER K 178 -39.93 -24.55 13.24
C SER K 178 -40.24 -25.26 11.93
N ILE K 179 -39.56 -26.37 11.64
CA ILE K 179 -39.82 -27.09 10.40
C ILE K 179 -41.07 -27.96 10.52
N GLU K 180 -41.36 -28.47 11.71
CA GLU K 180 -42.54 -29.31 11.92
C GLU K 180 -43.80 -28.51 12.23
N GLU K 181 -43.66 -27.20 12.51
CA GLU K 181 -44.79 -26.34 12.82
C GLU K 181 -45.18 -25.46 11.64
N SER K 182 -45.03 -25.94 10.41
CA SER K 182 -45.37 -25.19 9.22
C SER K 182 -46.85 -25.36 8.90
N PRO K 183 -47.34 -24.70 7.85
CA PRO K 183 -48.76 -24.84 7.52
C PRO K 183 -49.06 -26.12 6.76
N LYS K 184 -48.34 -26.34 5.65
CA LYS K 184 -48.52 -27.53 4.82
C LYS K 184 -47.39 -28.53 5.01
N LEU K 185 -46.96 -28.75 6.26
CA LEU K 185 -45.89 -29.69 6.53
C LEU K 185 -46.37 -31.14 6.55
N SER K 186 -47.66 -31.35 6.81
CA SER K 186 -48.23 -32.69 6.85
C SER K 186 -48.85 -33.11 5.52
N GLU K 187 -48.57 -32.39 4.44
CA GLU K 187 -49.12 -32.74 3.14
C GLU K 187 -48.40 -33.93 2.52
N PHE K 188 -47.12 -34.09 2.79
CA PHE K 188 -46.33 -35.19 2.26
C PHE K 188 -46.24 -36.32 3.27
N GLU K 189 -46.05 -37.54 2.76
CA GLU K 189 -45.95 -38.72 3.59
C GLU K 189 -44.55 -38.77 4.19
N LEU K 190 -44.43 -38.38 5.46
CA LEU K 190 -43.17 -38.37 6.18
C LEU K 190 -43.22 -39.37 7.32
N GLU K 191 -42.11 -40.05 7.56
CA GLU K 191 -42.01 -41.04 8.63
C GLU K 191 -41.82 -40.32 9.96
N GLU K 192 -42.84 -40.40 10.83
CA GLU K 192 -42.77 -39.74 12.13
C GLU K 192 -41.95 -40.54 13.14
N ASP K 193 -41.69 -41.82 12.88
CA ASP K 193 -40.92 -42.63 13.81
C ASP K 193 -39.43 -42.33 13.70
N GLN K 194 -38.93 -42.15 12.49
CA GLN K 194 -37.52 -41.85 12.27
C GLN K 194 -37.27 -40.35 12.37
N ALA K 195 -36.02 -39.95 12.14
CA ALA K 195 -35.63 -38.55 12.21
C ALA K 195 -36.08 -37.86 10.92
N ILE K 196 -37.14 -37.08 11.01
CA ILE K 196 -37.67 -36.34 9.86
C ILE K 196 -37.62 -34.85 10.15
N PRO K 197 -37.98 -34.41 11.36
CA PRO K 197 -37.93 -32.98 11.67
C PRO K 197 -36.50 -32.50 11.94
N THR K 198 -35.72 -33.33 12.64
CA THR K 198 -34.34 -32.96 12.94
C THR K 198 -33.43 -33.15 11.73
N SER K 199 -33.76 -34.08 10.83
CA SER K 199 -32.94 -34.29 9.65
C SER K 199 -33.15 -33.21 8.59
N LEU K 200 -34.31 -32.56 8.60
CA LEU K 200 -34.57 -31.50 7.63
C LEU K 200 -33.82 -30.23 7.98
N SER K 201 -33.64 -29.94 9.27
CA SER K 201 -32.92 -28.74 9.67
C SER K 201 -31.41 -28.93 9.61
N GLN K 202 -30.92 -30.15 9.84
CA GLN K 202 -29.49 -30.40 9.78
C GLN K 202 -28.99 -30.42 8.34
N ILE K 203 -29.79 -30.93 7.42
CA ILE K 203 -29.39 -30.96 6.01
C ILE K 203 -29.49 -29.58 5.39
N SER K 204 -30.43 -28.74 5.87
CA SER K 204 -30.58 -27.39 5.34
C SER K 204 -29.48 -26.44 5.83
N LEU K 205 -28.84 -26.76 6.96
CA LEU K 205 -27.76 -25.91 7.46
C LEU K 205 -26.51 -26.02 6.59
N THR K 206 -26.17 -27.24 6.18
CA THR K 206 -24.99 -27.44 5.33
C THR K 206 -25.24 -26.97 3.90
N ASN K 207 -26.48 -27.06 3.43
CA ASN K 207 -26.79 -26.61 2.08
C ASN K 207 -26.80 -25.09 1.98
N ALA K 208 -27.31 -24.41 3.01
CA ALA K 208 -27.34 -22.95 2.99
C ALA K 208 -25.94 -22.37 3.21
N ILE K 209 -25.08 -23.06 3.95
CA ILE K 209 -23.73 -22.58 4.17
C ILE K 209 -22.89 -22.76 2.92
N LEU K 210 -23.13 -23.83 2.15
CA LEU K 210 -22.38 -24.04 0.92
C LEU K 210 -22.81 -23.09 -0.18
N ASN K 211 -24.10 -22.75 -0.23
CA ASN K 211 -24.57 -21.81 -1.25
C ASN K 211 -24.14 -20.37 -0.94
N ALA K 212 -24.08 -20.01 0.35
CA ALA K 212 -23.63 -18.67 0.70
C ALA K 212 -22.13 -18.52 0.53
N MET K 213 -21.35 -19.58 0.77
CA MET K 213 -19.92 -19.49 0.57
C MET K 213 -19.55 -19.48 -0.90
N ALA K 214 -20.34 -20.16 -1.74
CA ALA K 214 -20.07 -20.15 -3.18
C ALA K 214 -20.41 -18.79 -3.79
N GLU K 215 -21.51 -18.18 -3.34
CA GLU K 215 -21.88 -16.86 -3.84
C GLU K 215 -20.96 -15.77 -3.30
N GLY K 216 -20.47 -15.94 -2.07
CA GLY K 216 -19.55 -14.95 -1.50
C GLY K 216 -18.16 -15.02 -2.12
N TYR K 217 -17.72 -16.21 -2.52
CA TYR K 217 -16.41 -16.33 -3.16
C TYR K 217 -16.42 -15.76 -4.56
N ALA K 218 -17.53 -15.92 -5.29
CA ALA K 218 -17.62 -15.36 -6.63
C ALA K 218 -17.75 -13.84 -6.59
N SER K 219 -18.45 -13.30 -5.59
CA SER K 219 -18.56 -11.85 -5.47
C SER K 219 -17.25 -11.22 -5.03
N GLU K 220 -16.49 -11.90 -4.18
CA GLU K 220 -15.20 -11.37 -3.76
C GLU K 220 -14.16 -11.44 -4.87
N ILE K 221 -14.23 -12.48 -5.72
CA ILE K 221 -13.31 -12.57 -6.84
C ILE K 221 -13.66 -11.55 -7.91
N SER K 222 -14.94 -11.25 -8.09
CA SER K 222 -15.34 -10.25 -9.07
C SER K 222 -15.00 -8.84 -8.58
N ALA K 223 -15.12 -8.60 -7.27
CA ALA K 223 -14.75 -7.30 -6.73
C ALA K 223 -13.24 -7.10 -6.71
N ARG K 224 -12.47 -8.19 -6.60
CA ARG K 224 -11.02 -8.06 -6.61
C ARG K 224 -10.50 -7.74 -8.01
N ARG K 225 -11.22 -8.17 -9.05
CA ARG K 225 -10.80 -7.85 -10.42
C ARG K 225 -11.03 -6.38 -10.72
N ASN K 226 -12.10 -5.80 -10.18
CA ASN K 226 -12.36 -4.38 -10.40
C ASN K 226 -11.38 -3.51 -9.61
N ALA K 227 -10.97 -3.96 -8.42
CA ALA K 227 -9.99 -3.19 -7.65
C ALA K 227 -8.60 -3.30 -8.26
N MET K 228 -8.27 -4.45 -8.85
CA MET K 228 -6.96 -4.60 -9.50
C MET K 228 -6.90 -3.79 -10.79
N ASP K 229 -8.01 -3.68 -11.52
CA ASP K 229 -8.02 -2.87 -12.73
C ASP K 229 -7.95 -1.39 -12.40
N ASN K 230 -8.56 -0.97 -11.29
CA ASN K 230 -8.47 0.43 -10.87
C ASN K 230 -7.09 0.78 -10.35
N ALA K 231 -6.42 -0.17 -9.69
CA ALA K 231 -5.07 0.08 -9.20
C ALA K 231 -4.07 0.14 -10.34
N SER K 232 -4.25 -0.69 -11.38
CA SER K 232 -3.36 -0.64 -12.53
C SER K 232 -3.58 0.62 -13.36
N LYS K 233 -4.83 1.09 -13.43
CA LYS K 233 -5.12 2.32 -14.15
C LYS K 233 -4.61 3.54 -13.39
N ASN K 234 -4.67 3.52 -12.05
CA ASN K 234 -4.15 4.63 -11.27
C ASN K 234 -2.63 4.66 -11.28
N ALA K 235 -1.98 3.50 -11.41
CA ALA K 235 -0.53 3.47 -11.48
C ALA K 235 -0.02 4.01 -12.81
N GLY K 236 -0.81 3.84 -13.88
CA GLY K 236 -0.40 4.37 -15.17
C GLY K 236 -0.45 5.89 -15.23
N GLU K 237 -1.43 6.50 -14.54
CA GLU K 237 -1.51 7.96 -14.52
C GLU K 237 -0.40 8.56 -13.66
N MET K 238 -0.02 7.88 -12.58
CA MET K 238 1.07 8.39 -11.74
C MET K 238 2.42 8.21 -12.42
N ILE K 239 2.56 7.16 -13.25
CA ILE K 239 3.82 6.97 -13.96
C ILE K 239 3.96 7.98 -15.08
N ASN K 240 2.85 8.43 -15.68
CA ASN K 240 2.92 9.43 -16.72
C ASN K 240 3.26 10.80 -16.14
N LYS K 241 2.75 11.11 -14.94
CA LYS K 241 3.07 12.37 -14.30
C LYS K 241 4.50 12.38 -13.77
N TYR K 242 5.00 11.22 -13.33
CA TYR K 242 6.39 11.15 -12.85
C TYR K 242 7.37 11.19 -14.01
N SER K 243 6.97 10.72 -15.19
CA SER K 243 7.85 10.78 -16.35
C SER K 243 8.03 12.21 -16.86
N ILE K 244 6.99 13.03 -16.73
CA ILE K 244 7.10 14.43 -17.14
C ILE K 244 7.98 15.21 -16.17
N LEU K 245 7.92 14.85 -14.88
CA LEU K 245 8.78 15.52 -13.91
C LEU K 245 10.22 15.04 -14.00
N TYR K 246 10.43 13.78 -14.37
CA TYR K 246 11.79 13.27 -14.53
C TYR K 246 12.45 13.80 -15.79
N ASN K 247 11.65 14.08 -16.83
CA ASN K 247 12.21 14.63 -18.05
C ASN K 247 12.63 16.09 -17.86
N ARG K 248 11.85 16.84 -17.09
CA ARG K 248 12.22 18.24 -16.82
C ARG K 248 13.39 18.33 -15.85
N THR K 249 13.50 17.38 -14.92
CA THR K 249 14.62 17.39 -13.98
C THR K 249 15.91 16.94 -14.66
N ARG K 250 15.82 16.09 -15.68
CA ARG K 250 17.02 15.65 -16.39
C ARG K 250 17.58 16.78 -17.26
N GLN K 251 16.72 17.57 -17.86
CA GLN K 251 17.19 18.69 -18.68
C GLN K 251 17.72 19.82 -17.81
N ALA K 252 17.15 20.01 -16.62
CA ALA K 252 17.64 21.06 -15.72
C ALA K 252 18.96 20.67 -15.07
N VAL K 253 19.21 19.37 -14.88
CA VAL K 253 20.47 18.93 -14.30
C VAL K 253 21.61 19.09 -15.30
N ILE K 254 21.33 18.92 -16.59
CA ILE K 254 22.37 19.10 -17.60
C ILE K 254 22.70 20.56 -17.78
N THR K 255 21.70 21.44 -17.65
CA THR K 255 21.95 22.87 -17.79
C THR K 255 22.64 23.45 -16.56
N ASN K 256 22.34 22.93 -15.37
CA ASN K 256 22.99 23.42 -14.16
C ASN K 256 24.43 22.95 -14.06
N GLU K 257 24.73 21.74 -14.54
CA GLU K 257 26.09 21.23 -14.51
C GLU K 257 26.97 21.91 -15.56
N LEU K 258 26.40 22.26 -16.71
CA LEU K 258 27.17 22.94 -17.75
C LEU K 258 27.41 24.41 -17.41
N VAL K 259 26.52 25.01 -16.62
CA VAL K 259 26.71 26.42 -16.25
C VAL K 259 27.81 26.56 -15.20
N ASP K 260 28.02 25.54 -14.38
CA ASP K 260 29.07 25.61 -13.36
C ASP K 260 30.45 25.47 -13.98
N ILE K 261 30.59 24.65 -15.02
CA ILE K 261 31.89 24.49 -15.67
C ILE K 261 32.20 25.68 -16.57
N ILE K 262 31.18 26.35 -17.12
CA ILE K 262 31.42 27.49 -17.97
C ILE K 262 31.75 28.74 -17.15
N THR K 263 31.24 28.82 -15.92
CA THR K 263 31.53 29.98 -15.07
C THR K 263 32.93 29.93 -14.50
N GLY K 264 33.43 28.74 -14.17
CA GLY K 264 34.77 28.62 -13.62
C GLY K 264 35.86 28.73 -14.66
N ALA K 265 35.56 28.39 -15.91
CA ALA K 265 36.55 28.46 -16.98
C ALA K 265 36.68 29.86 -17.56
N SER K 266 35.67 30.72 -17.37
CA SER K 266 35.71 32.08 -17.89
C SER K 266 36.23 33.09 -16.87
N SER K 267 36.58 32.64 -15.67
CA SER K 267 37.09 33.55 -14.64
C SER K 267 38.55 33.23 -14.32
N LYS L 10 -41.95 -35.32 -15.47
CA LYS L 10 -41.54 -34.13 -14.72
C LYS L 10 -40.70 -34.51 -13.50
N VAL L 11 -39.39 -34.39 -13.64
CA VAL L 11 -38.46 -34.70 -12.56
C VAL L 11 -37.53 -33.52 -12.35
N SER L 12 -37.01 -33.39 -11.14
CA SER L 12 -36.11 -32.31 -10.76
C SER L 12 -34.90 -32.87 -10.01
N LEU L 13 -34.25 -33.87 -10.61
CA LEU L 13 -33.07 -34.49 -10.01
C LEU L 13 -31.87 -33.58 -10.21
N VAL L 14 -31.65 -32.69 -9.23
CA VAL L 14 -30.54 -31.75 -9.27
C VAL L 14 -29.59 -32.09 -8.13
N ALA L 15 -28.32 -32.30 -8.46
CA ALA L 15 -27.31 -32.63 -7.46
C ALA L 15 -26.69 -31.36 -6.92
N PRO L 16 -25.61 -31.47 -6.14
CA PRO L 16 -24.95 -30.26 -5.62
C PRO L 16 -23.71 -29.89 -6.41
N HIS L 17 -23.66 -30.33 -7.67
CA HIS L 17 -22.51 -30.04 -8.54
C HIS L 17 -22.94 -29.97 -9.99
N GLN L 18 -24.04 -30.64 -10.33
CA GLN L 18 -24.54 -30.65 -11.70
C GLN L 18 -26.04 -30.91 -11.66
N ALA L 19 -26.68 -30.76 -12.82
CA ALA L 19 -28.11 -30.98 -12.99
C ALA L 19 -28.33 -32.13 -13.96
N ILE L 20 -29.21 -33.06 -13.59
CA ILE L 20 -29.50 -34.22 -14.42
C ILE L 20 -30.83 -34.00 -15.14
N PHE L 21 -31.93 -33.98 -14.37
CA PHE L 21 -33.24 -33.78 -14.97
C PHE L 21 -33.47 -32.32 -15.32
N THR L 22 -33.26 -31.43 -14.35
CA THR L 22 -33.44 -29.99 -14.53
C THR L 22 -34.84 -29.66 -15.05
N ASN L 23 -35.01 -29.68 -16.37
CA ASN L 23 -36.30 -29.38 -16.97
C ASN L 23 -37.26 -30.56 -16.80
N LYS L 24 -38.55 -30.26 -16.91
CA LYS L 24 -39.61 -31.26 -16.75
C LYS L 24 -39.81 -31.94 -18.10
N GLU L 25 -39.14 -33.07 -18.30
CA GLU L 25 -39.23 -33.85 -19.52
C GLU L 25 -38.96 -35.31 -19.21
N VAL L 26 -39.84 -35.92 -18.41
CA VAL L 26 -39.69 -37.32 -18.02
C VAL L 26 -41.07 -37.95 -17.91
N SER L 27 -41.11 -39.21 -17.47
CA SER L 27 -42.37 -39.94 -17.32
C SER L 27 -42.38 -40.73 -16.02
N GLN L 28 -41.56 -41.77 -15.94
CA GLN L 28 -41.47 -42.62 -14.77
C GLN L 28 -40.05 -42.62 -14.22
N VAL L 29 -39.93 -42.79 -12.91
CA VAL L 29 -38.64 -42.81 -12.23
C VAL L 29 -38.75 -43.69 -11.00
N ASN L 30 -37.81 -44.62 -10.85
CA ASN L 30 -37.77 -45.55 -9.73
C ASN L 30 -36.52 -45.28 -8.92
N LEU L 31 -36.69 -44.81 -7.70
CA LEU L 31 -35.57 -44.50 -6.81
C LEU L 31 -35.73 -45.24 -5.49
N PRO L 32 -34.64 -45.78 -4.95
CA PRO L 32 -34.73 -46.50 -3.66
C PRO L 32 -34.81 -45.53 -2.50
N ALA L 33 -35.90 -45.60 -1.75
CA ALA L 33 -36.12 -44.74 -0.60
C ALA L 33 -35.69 -45.46 0.67
N SER L 34 -36.13 -44.97 1.83
CA SER L 34 -35.76 -45.59 3.10
C SER L 34 -36.57 -46.85 3.36
N SER L 35 -37.87 -46.83 3.05
CA SER L 35 -38.72 -47.99 3.26
C SER L 35 -38.48 -49.05 2.19
N GLY L 36 -39.00 -48.81 0.99
CA GLY L 36 -38.84 -49.73 -0.12
C GLY L 36 -38.47 -49.01 -1.40
N GLU L 37 -38.34 -49.79 -2.47
CA GLU L 37 -37.99 -49.28 -3.79
C GLU L 37 -39.23 -48.64 -4.41
N MET L 38 -39.47 -47.39 -4.05
CA MET L 38 -40.62 -46.67 -4.57
C MET L 38 -40.37 -46.22 -6.01
N GLY L 39 -41.47 -45.91 -6.70
CA GLY L 39 -41.39 -45.48 -8.08
C GLY L 39 -42.44 -44.45 -8.45
N VAL L 40 -42.01 -43.29 -8.92
CA VAL L 40 -42.93 -42.22 -9.30
C VAL L 40 -43.45 -42.49 -10.71
N LEU L 41 -44.72 -42.21 -10.91
CA LEU L 41 -45.38 -42.41 -12.20
C LEU L 41 -45.81 -41.04 -12.74
N ALA L 42 -47.05 -40.87 -13.20
CA ALA L 42 -47.50 -39.57 -13.72
C ALA L 42 -47.78 -38.60 -12.58
N ASN L 43 -49.04 -38.49 -12.18
CA ASN L 43 -49.43 -37.60 -11.09
C ASN L 43 -49.19 -38.30 -9.76
N HIS L 44 -47.94 -38.23 -9.30
CA HIS L 44 -47.57 -38.87 -8.05
C HIS L 44 -48.14 -38.11 -6.85
N VAL L 45 -48.33 -38.83 -5.75
CA VAL L 45 -48.87 -38.25 -4.53
C VAL L 45 -47.74 -37.56 -3.77
N PRO L 46 -48.06 -36.72 -2.77
CA PRO L 46 -46.99 -36.05 -2.03
C PRO L 46 -46.36 -36.99 -1.01
N THR L 47 -45.06 -37.23 -1.15
CA THR L 47 -44.33 -38.12 -0.25
C THR L 47 -42.90 -37.64 -0.17
N VAL L 48 -42.49 -37.15 1.00
CA VAL L 48 -41.14 -36.67 1.22
C VAL L 48 -40.38 -37.64 2.10
N GLU L 49 -39.92 -38.74 1.51
CA GLU L 49 -39.17 -39.77 2.23
C GLU L 49 -37.68 -39.66 1.92
N GLU L 50 -36.87 -40.17 2.85
CA GLU L 50 -35.42 -40.14 2.68
C GLU L 50 -34.98 -41.24 1.72
N LEU L 51 -34.02 -40.90 0.86
CA LEU L 51 -33.48 -41.84 -0.11
C LEU L 51 -32.27 -42.56 0.45
N ALA L 52 -32.20 -43.88 0.20
CA ALA L 52 -31.09 -44.68 0.67
C ALA L 52 -30.05 -44.84 -0.42
N PRO L 53 -28.90 -45.57 -0.14
CA PRO L 53 -27.85 -45.76 -1.18
C PRO L 53 -28.17 -46.90 -2.13
N GLY L 54 -29.02 -46.61 -3.10
CA GLY L 54 -29.44 -47.57 -4.10
C GLY L 54 -29.26 -47.02 -5.51
N VAL L 55 -30.03 -47.59 -6.44
CA VAL L 55 -30.00 -47.19 -7.84
C VAL L 55 -31.25 -46.38 -8.14
N VAL L 56 -31.08 -45.21 -8.75
CA VAL L 56 -32.19 -44.34 -9.09
C VAL L 56 -32.36 -44.32 -10.61
N GLU L 57 -33.17 -45.24 -11.14
CA GLU L 57 -33.41 -45.32 -12.56
C GLU L 57 -34.64 -44.50 -12.94
N VAL L 58 -34.54 -43.79 -14.06
CA VAL L 58 -35.62 -42.94 -14.57
C VAL L 58 -35.94 -43.42 -15.97
N ILE L 59 -37.10 -44.04 -16.14
CA ILE L 59 -37.51 -44.53 -17.46
C ILE L 59 -37.96 -43.35 -18.31
N GLU L 60 -37.34 -43.21 -19.49
CA GLU L 60 -37.64 -42.12 -20.41
C GLU L 60 -38.57 -42.68 -21.50
N SER L 61 -39.88 -42.50 -21.28
CA SER L 61 -40.90 -42.95 -22.21
C SER L 61 -40.79 -44.45 -22.49
N SER L 62 -39.96 -44.82 -23.47
CA SER L 62 -39.78 -46.22 -23.83
C SER L 62 -38.75 -46.89 -22.93
N GLY L 63 -37.85 -47.66 -23.52
CA GLY L 63 -36.83 -48.35 -22.75
C GLY L 63 -35.51 -47.60 -22.70
N THR L 64 -35.57 -46.28 -22.72
CA THR L 64 -34.39 -45.43 -22.67
C THR L 64 -34.10 -44.97 -21.24
N ALA L 65 -34.12 -45.90 -20.29
CA ALA L 65 -33.86 -45.58 -18.90
C ALA L 65 -32.37 -45.38 -18.67
N SER L 66 -32.05 -44.46 -17.75
CA SER L 66 -30.67 -44.15 -17.39
C SER L 66 -30.48 -44.49 -15.91
N LYS L 67 -29.77 -45.59 -15.65
CA LYS L 67 -29.53 -46.03 -14.28
C LYS L 67 -28.47 -45.15 -13.64
N TYR L 68 -28.87 -44.38 -12.62
CA TYR L 68 -27.98 -43.48 -11.89
C TYR L 68 -27.87 -43.97 -10.45
N PHE L 69 -26.68 -44.44 -10.06
CA PHE L 69 -26.45 -44.94 -8.72
C PHE L 69 -26.30 -43.76 -7.77
N VAL L 70 -27.38 -43.44 -7.06
CA VAL L 70 -27.38 -42.32 -6.13
C VAL L 70 -26.76 -42.77 -4.81
N SER L 71 -26.11 -41.83 -4.12
CA SER L 71 -25.47 -42.09 -2.84
C SER L 71 -26.39 -41.89 -1.65
N GLY L 72 -27.62 -41.45 -1.89
CA GLY L 72 -28.57 -41.22 -0.81
C GLY L 72 -28.90 -39.76 -0.68
N GLY L 73 -30.19 -39.47 -0.46
CA GLY L 73 -30.64 -38.10 -0.32
C GLY L 73 -32.03 -38.00 0.27
N PHE L 74 -32.91 -37.25 -0.40
CA PHE L 74 -34.29 -37.08 0.08
C PHE L 74 -35.17 -36.88 -1.15
N ALA L 75 -35.95 -37.89 -1.49
CA ALA L 75 -36.86 -37.83 -2.64
C ALA L 75 -38.10 -37.05 -2.25
N SER L 76 -38.22 -35.83 -2.75
CA SER L 76 -39.36 -34.96 -2.46
C SER L 76 -40.34 -35.01 -3.63
N ILE L 77 -41.61 -35.23 -3.32
CA ILE L 77 -42.68 -35.30 -4.31
C ILE L 77 -43.65 -34.16 -4.03
N LEU L 78 -43.74 -33.22 -4.97
CA LEU L 78 -44.64 -32.08 -4.82
C LEU L 78 -46.06 -32.48 -5.19
N PRO L 79 -47.03 -31.61 -4.88
CA PRO L 79 -48.43 -31.93 -5.21
C PRO L 79 -48.80 -31.65 -6.67
N GLY L 80 -47.95 -30.97 -7.42
CA GLY L 80 -48.24 -30.67 -8.82
C GLY L 80 -47.54 -31.60 -9.77
N SER L 81 -47.47 -32.89 -9.42
CA SER L 81 -46.83 -33.91 -10.24
C SER L 81 -45.37 -33.55 -10.53
N LYS L 82 -44.63 -33.26 -9.47
CA LYS L 82 -43.21 -32.90 -9.57
C LYS L 82 -42.41 -33.73 -8.58
N LEU L 83 -41.30 -34.29 -9.04
CA LEU L 83 -40.43 -35.11 -8.21
C LEU L 83 -39.06 -34.45 -8.12
N SER L 84 -38.65 -34.07 -6.92
CA SER L 84 -37.37 -33.42 -6.67
C SER L 84 -36.48 -34.40 -5.91
N ILE L 85 -35.57 -35.04 -6.64
CA ILE L 85 -34.66 -36.02 -6.06
C ILE L 85 -33.33 -35.30 -5.83
N SER L 86 -33.15 -34.77 -4.63
CA SER L 86 -31.94 -34.06 -4.24
C SER L 86 -30.98 -35.04 -3.59
N THR L 87 -29.87 -35.33 -4.27
CA THR L 87 -28.86 -36.25 -3.78
C THR L 87 -27.50 -35.58 -3.79
N VAL L 88 -26.57 -36.19 -3.05
CA VAL L 88 -25.21 -35.64 -2.97
C VAL L 88 -24.39 -36.05 -4.19
N GLU L 89 -24.42 -37.34 -4.54
CA GLU L 89 -23.68 -37.87 -5.67
C GLU L 89 -24.60 -38.76 -6.50
N ALA L 90 -24.54 -38.60 -7.82
CA ALA L 90 -25.36 -39.39 -8.74
C ALA L 90 -24.49 -39.72 -9.97
N HIS L 91 -24.03 -40.97 -10.04
CA HIS L 91 -23.20 -41.45 -11.12
C HIS L 91 -23.85 -42.66 -11.78
N PRO L 92 -23.49 -42.96 -13.03
CA PRO L 92 -24.07 -44.12 -13.71
C PRO L 92 -23.42 -45.42 -13.25
N LEU L 93 -24.03 -46.53 -13.68
CA LEU L 93 -23.52 -47.84 -13.32
C LEU L 93 -22.28 -48.22 -14.12
N ASP L 94 -22.07 -47.61 -15.28
CA ASP L 94 -20.91 -47.91 -16.11
C ASP L 94 -19.67 -47.13 -15.71
N ALA L 95 -19.79 -46.19 -14.77
CA ALA L 95 -18.67 -45.38 -14.32
C ALA L 95 -17.96 -45.99 -13.12
N PHE L 96 -18.32 -47.20 -12.71
CA PHE L 96 -17.71 -47.87 -11.58
C PHE L 96 -16.88 -49.07 -12.06
N SER L 97 -15.82 -49.37 -11.32
CA SER L 97 -14.93 -50.47 -11.63
C SER L 97 -15.15 -51.62 -10.65
N SER L 98 -15.02 -52.85 -11.15
CA SER L 98 -15.21 -54.01 -10.30
C SER L 98 -13.97 -54.31 -9.46
N GLU L 99 -12.79 -53.98 -9.95
CA GLU L 99 -11.57 -54.23 -9.20
C GLU L 99 -11.37 -53.22 -8.08
N ASN L 100 -11.77 -51.97 -8.31
CA ASN L 100 -11.63 -50.94 -7.28
C ASN L 100 -12.71 -51.04 -6.22
N ILE L 101 -13.84 -51.66 -6.55
CA ILE L 101 -14.92 -51.78 -5.57
C ILE L 101 -14.61 -52.88 -4.55
N LYS L 102 -13.78 -53.85 -4.93
CA LYS L 102 -13.43 -54.92 -4.00
C LYS L 102 -12.39 -54.47 -2.99
N SER L 103 -11.61 -53.44 -3.32
CA SER L 103 -10.60 -52.94 -2.39
C SER L 103 -11.22 -52.13 -1.27
N LEU L 104 -12.31 -51.41 -1.56
CA LEU L 104 -12.97 -50.61 -0.54
C LEU L 104 -13.82 -51.47 0.39
N LEU L 105 -14.38 -52.57 -0.11
CA LEU L 105 -15.20 -53.44 0.72
C LEU L 105 -14.34 -54.33 1.61
N ALA L 106 -13.14 -54.68 1.18
CA ALA L 106 -12.27 -55.53 2.01
C ALA L 106 -11.62 -54.73 3.13
N GLU L 107 -11.32 -53.45 2.90
CA GLU L 107 -10.71 -52.64 3.94
C GLU L 107 -11.72 -52.21 5.00
N ALA L 108 -12.99 -52.07 4.63
CA ALA L 108 -14.00 -51.68 5.61
C ALA L 108 -14.43 -52.83 6.49
N GLN L 109 -14.31 -54.06 6.01
CA GLN L 109 -14.69 -55.22 6.81
C GLN L 109 -13.63 -55.52 7.88
N LYS L 110 -12.36 -55.32 7.55
CA LYS L 110 -11.29 -55.58 8.50
C LYS L 110 -11.18 -54.48 9.55
N ASN L 111 -11.57 -53.25 9.21
CA ASN L 111 -11.51 -52.14 10.16
C ASN L 111 -12.71 -52.08 11.09
N ALA L 112 -13.76 -52.85 10.80
CA ALA L 112 -14.95 -52.83 11.65
C ALA L 112 -14.71 -53.65 12.91
N SER L 113 -15.15 -53.10 14.04
CA SER L 113 -15.00 -53.74 15.36
C SER L 113 -13.52 -54.04 15.66
N SER L 114 -12.66 -53.07 15.37
CA SER L 114 -11.23 -53.21 15.61
C SER L 114 -10.64 -52.09 16.44
N ALA L 115 -11.38 -51.01 16.69
CA ALA L 115 -10.87 -49.90 17.47
C ALA L 115 -11.95 -49.33 18.38
N ASP L 116 -12.03 -48.01 18.45
CA ASP L 116 -13.04 -47.34 19.28
C ASP L 116 -13.43 -46.04 18.60
N GLU L 117 -14.06 -45.15 19.35
CA GLU L 117 -14.51 -43.83 18.86
C GLU L 117 -15.48 -44.07 17.70
N THR L 118 -15.37 -43.32 16.60
CA THR L 118 -16.24 -43.48 15.45
C THR L 118 -15.57 -44.24 14.31
N VAL L 119 -14.49 -44.97 14.60
CA VAL L 119 -13.81 -45.73 13.56
C VAL L 119 -14.56 -47.01 13.23
N ALA L 120 -15.09 -47.69 14.25
CA ALA L 120 -15.82 -48.92 14.01
C ALA L 120 -17.25 -48.67 13.55
N ALA L 121 -17.80 -47.50 13.87
CA ALA L 121 -19.16 -47.19 13.45
C ALA L 121 -19.20 -46.73 12.00
N GLU L 122 -18.11 -46.10 11.52
CA GLU L 122 -18.08 -45.64 10.14
C GLU L 122 -17.79 -46.79 9.18
N ALA L 123 -17.15 -47.86 9.65
CA ALA L 123 -16.86 -48.99 8.79
C ALA L 123 -18.08 -49.86 8.53
N ALA L 124 -19.08 -49.82 9.41
CA ALA L 124 -20.27 -50.62 9.19
C ALA L 124 -21.18 -50.02 8.13
N ILE L 125 -21.21 -48.69 8.03
CA ILE L 125 -22.04 -48.05 7.02
C ILE L 125 -21.41 -48.13 5.63
N GLU L 126 -20.08 -48.16 5.57
CA GLU L 126 -19.40 -48.25 4.27
C GLU L 126 -19.44 -49.66 3.70
N ILE L 127 -19.55 -50.67 4.55
CA ILE L 127 -19.60 -52.05 4.06
C ILE L 127 -20.98 -52.37 3.51
N GLU L 128 -22.03 -51.77 4.05
CA GLU L 128 -23.38 -52.03 3.57
C GLU L 128 -23.67 -51.32 2.25
N VAL L 129 -23.07 -50.14 2.04
CA VAL L 129 -23.30 -49.42 0.79
C VAL L 129 -22.49 -50.03 -0.35
N LEU L 130 -21.33 -50.61 -0.04
CA LEU L 130 -20.50 -51.21 -1.09
C LEU L 130 -21.05 -52.56 -1.54
N GLU L 131 -21.76 -53.28 -0.66
CA GLU L 131 -22.31 -54.58 -1.03
C GLU L 131 -23.55 -54.44 -1.91
N ALA L 132 -24.31 -53.35 -1.76
CA ALA L 132 -25.51 -53.17 -2.57
C ALA L 132 -25.16 -52.70 -3.99
N LEU L 133 -24.08 -51.94 -4.15
CA LEU L 133 -23.70 -51.47 -5.48
C LEU L 133 -23.00 -52.55 -6.29
N GLN L 134 -22.31 -53.48 -5.62
CA GLN L 134 -21.62 -54.55 -6.33
C GLN L 134 -22.56 -55.65 -6.80
N ALA L 135 -23.73 -55.79 -6.18
CA ALA L 135 -24.69 -56.80 -6.58
C ALA L 135 -25.57 -56.39 -7.75
N ALA L 136 -25.52 -55.12 -8.15
CA ALA L 136 -26.32 -54.61 -9.26
C ALA L 136 -25.40 -54.23 -10.41
N VAL L 137 -24.86 -55.26 -11.07
CA VAL L 137 -23.95 -55.05 -12.19
C VAL L 137 -24.57 -55.61 -13.46
N SER M 1 -28.88 -46.62 9.93
CA SER M 1 -28.04 -47.03 11.06
C SER M 1 -28.48 -46.35 12.35
N SER M 2 -27.62 -46.43 13.37
CA SER M 2 -27.91 -45.83 14.66
C SER M 2 -27.09 -44.56 14.86
N TRP M 3 -27.35 -43.58 13.99
CA TRP M 3 -26.65 -42.30 14.04
C TRP M 3 -27.28 -41.30 14.99
N GLN M 4 -28.46 -41.62 15.54
CA GLN M 4 -29.12 -40.70 16.47
C GLN M 4 -28.52 -40.74 17.86
N LYS M 5 -27.82 -41.81 18.22
CA LYS M 5 -27.21 -41.91 19.55
C LYS M 5 -25.90 -41.14 19.65
N ALA M 6 -25.22 -40.91 18.54
CA ALA M 6 -23.96 -40.20 18.53
C ALA M 6 -24.20 -38.73 18.18
N GLY M 7 -23.13 -38.02 17.83
CA GLY M 7 -23.23 -36.62 17.48
C GLY M 7 -23.24 -36.37 15.98
N ILE M 8 -23.73 -37.35 15.23
CA ILE M 8 -23.80 -37.26 13.78
C ILE M 8 -25.23 -36.91 13.38
N SER M 9 -25.41 -35.80 12.68
CA SER M 9 -26.71 -35.35 12.24
C SER M 9 -26.91 -35.71 10.77
N PHE M 10 -27.79 -34.98 10.08
CA PHE M 10 -28.04 -35.27 8.67
C PHE M 10 -26.94 -34.71 7.78
N ASN M 11 -26.22 -33.69 8.25
CA ASN M 11 -25.14 -33.12 7.45
C ASN M 11 -23.90 -34.01 7.48
N LYS M 12 -23.62 -34.63 8.63
CA LYS M 12 -22.46 -35.51 8.74
C LYS M 12 -22.72 -36.88 8.13
N TYR M 13 -23.97 -37.33 8.11
CA TYR M 13 -24.28 -38.63 7.53
C TYR M 13 -24.29 -38.57 6.01
N LEU M 14 -24.68 -37.43 5.43
CA LEU M 14 -24.71 -37.30 3.98
C LEU M 14 -23.31 -37.09 3.41
N ALA M 15 -22.41 -36.46 4.18
CA ALA M 15 -21.06 -36.24 3.70
C ALA M 15 -20.21 -37.50 3.78
N ILE M 16 -20.53 -38.41 4.71
CA ILE M 16 -19.77 -39.64 4.83
C ILE M 16 -20.17 -40.64 3.75
N ALA M 17 -21.43 -40.61 3.32
CA ALA M 17 -21.88 -41.53 2.27
C ALA M 17 -21.42 -41.07 0.89
N ALA M 18 -21.28 -39.76 0.69
CA ALA M 18 -20.84 -39.26 -0.61
C ALA M 18 -19.33 -39.43 -0.80
N ARG M 19 -18.56 -39.35 0.29
CA ARG M 19 -17.12 -39.52 0.18
C ARG M 19 -16.72 -40.97 0.01
N THR M 20 -17.50 -41.89 0.59
CA THR M 20 -17.19 -43.31 0.47
C THR M 20 -17.58 -43.86 -0.90
N VAL M 21 -18.61 -43.28 -1.52
CA VAL M 21 -19.04 -43.74 -2.84
C VAL M 21 -18.11 -43.24 -3.93
N GLN M 22 -17.47 -42.08 -3.73
CA GLN M 22 -16.56 -41.54 -4.73
C GLN M 22 -15.22 -42.25 -4.71
N ARG M 23 -14.76 -42.67 -3.53
CA ARG M 23 -13.49 -43.37 -3.41
C ARG M 23 -13.58 -44.82 -3.86
N SER M 24 -14.77 -45.41 -3.83
CA SER M 24 -14.96 -46.80 -4.23
C SER M 24 -15.26 -46.95 -5.72
N LEU M 25 -15.29 -45.85 -6.47
CA LEU M 25 -15.56 -45.92 -7.90
C LEU M 25 -14.27 -46.09 -8.69
N LYS M 26 -14.23 -45.53 -9.90
CA LYS M 26 -13.04 -45.64 -10.73
C LYS M 26 -11.96 -44.69 -10.24
N ASN M 27 -10.71 -45.19 -10.19
CA ASN M 27 -9.61 -44.36 -9.74
C ASN M 27 -9.18 -43.36 -10.80
N ASP M 28 -9.38 -43.69 -12.08
CA ASP M 28 -9.01 -42.79 -13.16
C ASP M 28 -10.03 -41.67 -13.37
N LEU M 29 -11.24 -41.82 -12.83
CA LEU M 29 -12.29 -40.81 -12.97
C LEU M 29 -12.37 -39.90 -11.74
N LYS M 30 -11.26 -39.71 -11.03
CA LYS M 30 -11.20 -38.87 -9.85
C LYS M 30 -10.69 -37.47 -10.16
N VAL M 31 -10.93 -36.98 -11.38
CA VAL M 31 -10.48 -35.65 -11.77
C VAL M 31 -11.43 -34.62 -11.18
N ALA M 32 -10.86 -33.61 -10.50
CA ALA M 32 -11.63 -32.55 -9.87
C ALA M 32 -12.67 -33.10 -8.89
N ALA M 33 -12.27 -34.08 -8.09
CA ALA M 33 -13.16 -34.70 -7.11
C ALA M 33 -12.54 -34.87 -5.73
N GLU M 34 -11.21 -34.85 -5.60
CA GLU M 34 -10.59 -35.01 -4.29
C GLU M 34 -10.65 -33.75 -3.44
N LYS M 35 -10.90 -32.59 -4.06
CA LYS M 35 -10.98 -31.34 -3.31
C LYS M 35 -12.33 -31.17 -2.61
N ARG M 36 -13.33 -31.95 -2.98
CA ARG M 36 -14.64 -31.85 -2.35
C ARG M 36 -14.75 -32.62 -1.05
N TYR M 37 -13.75 -33.44 -0.71
CA TYR M 37 -13.76 -34.22 0.51
C TYR M 37 -12.58 -33.89 1.43
N ILE M 38 -11.81 -32.85 1.11
CA ILE M 38 -10.66 -32.43 1.91
C ILE M 38 -10.71 -30.93 2.09
N SER M 39 -10.59 -30.47 3.34
CA SER M 39 -10.62 -29.05 3.65
C SER M 39 -9.65 -28.77 4.78
N ASP M 40 -9.15 -27.53 4.83
CA ASP M 40 -8.22 -27.09 5.85
C ASP M 40 -8.81 -26.00 6.72
N ALA M 41 -10.12 -26.02 6.91
CA ALA M 41 -10.79 -25.02 7.73
C ALA M 41 -10.71 -25.39 9.21
N LYS M 42 -10.73 -24.37 10.06
CA LYS M 42 -10.66 -24.55 11.50
C LYS M 42 -11.83 -23.83 12.16
N VAL M 43 -12.15 -24.26 13.38
CA VAL M 43 -13.23 -23.69 14.17
C VAL M 43 -12.70 -23.33 15.54
N GLN M 44 -13.04 -22.14 16.02
CA GLN M 44 -12.59 -21.66 17.32
C GLN M 44 -13.74 -20.89 17.97
N LYS M 45 -14.25 -21.42 19.07
CA LYS M 45 -15.35 -20.77 19.79
C LYS M 45 -14.81 -19.64 20.65
N LEU M 46 -15.43 -18.47 20.54
CA LEU M 46 -15.04 -17.29 21.28
C LEU M 46 -15.92 -17.11 22.51
N GLU M 47 -15.47 -16.26 23.42
CA GLU M 47 -16.20 -15.97 24.65
C GLU M 47 -15.91 -14.54 25.08
N LYS M 48 -16.96 -13.82 25.45
CA LYS M 48 -16.86 -12.43 25.89
C LYS M 48 -16.16 -11.56 24.85
N VAL M 52 -12.93 -10.33 23.87
CA VAL M 52 -12.99 -11.00 22.58
C VAL M 52 -12.02 -12.18 22.57
N SER M 53 -11.87 -12.83 23.72
CA SER M 53 -10.98 -13.98 23.82
C SER M 53 -11.63 -15.23 23.24
N THR M 54 -10.80 -16.23 22.96
CA THR M 54 -11.26 -17.49 22.41
C THR M 54 -10.53 -18.64 23.10
N THR M 55 -11.03 -19.85 22.87
CA THR M 55 -10.43 -21.04 23.47
C THR M 55 -9.46 -21.70 22.52
N ASP M 56 -9.29 -23.01 22.63
CA ASP M 56 -8.38 -23.74 21.77
C ASP M 56 -8.99 -23.94 20.39
N LEU M 57 -8.18 -23.75 19.35
CA LEU M 57 -8.63 -23.90 17.98
C LEU M 57 -8.61 -25.38 17.58
N ALA M 58 -9.74 -25.87 17.10
CA ALA M 58 -9.88 -27.26 16.68
C ALA M 58 -10.15 -27.33 15.19
N SER M 59 -9.64 -28.41 14.56
CA SER M 59 -9.84 -28.59 13.13
C SER M 59 -10.04 -30.06 12.75
N ASN M 60 -10.33 -30.93 13.69
CA ASN M 60 -10.53 -32.36 13.43
C ASN M 60 -9.34 -32.98 12.72
N VAL N 8 11.47 3.50 -15.54
CA VAL N 8 12.85 3.22 -15.93
C VAL N 8 13.08 1.72 -15.97
N ARG N 9 14.31 1.33 -16.28
CA ARG N 9 14.70 -0.07 -16.36
C ARG N 9 15.33 -0.52 -15.05
N SER N 10 15.62 -1.83 -14.98
CA SER N 10 16.23 -2.47 -13.81
C SER N 10 15.38 -2.23 -12.56
N SER N 11 14.25 -2.95 -12.52
CA SER N 11 13.30 -2.87 -11.42
C SER N 11 13.45 -4.02 -10.44
N ALA N 12 14.67 -4.55 -10.30
CA ALA N 12 14.93 -5.66 -9.38
C ALA N 12 15.04 -5.11 -7.97
N GLY N 13 13.97 -5.23 -7.20
CA GLY N 13 13.97 -4.74 -5.84
C GLY N 13 13.85 -3.23 -5.71
N ALA N 14 13.04 -2.61 -6.56
CA ALA N 14 12.86 -1.16 -6.52
C ALA N 14 11.89 -0.70 -5.44
N VAL N 15 11.13 -1.63 -4.84
CA VAL N 15 10.19 -1.24 -3.80
C VAL N 15 10.91 -0.98 -2.48
N ARG N 16 11.80 -1.89 -2.09
CA ARG N 16 12.55 -1.72 -0.86
C ARG N 16 13.69 -0.71 -0.98
N ASP N 17 14.11 -0.39 -2.19
CA ASP N 17 15.19 0.57 -2.38
C ASP N 17 14.71 2.01 -2.38
N ALA N 18 13.39 2.24 -2.49
CA ALA N 18 12.87 3.60 -2.49
C ALA N 18 12.82 4.17 -1.07
N GLY N 19 12.21 3.44 -0.14
CA GLY N 19 12.13 3.90 1.23
C GLY N 19 10.92 4.77 1.54
N GLY N 20 9.87 4.67 0.74
CA GLY N 20 8.67 5.45 0.91
C GLY N 20 7.59 4.68 1.67
N ALA N 21 6.35 4.82 1.20
CA ALA N 21 5.24 4.12 1.83
C ALA N 21 5.26 2.62 1.52
N PHE N 22 5.57 2.26 0.28
CA PHE N 22 5.63 0.85 -0.09
C PHE N 22 6.87 0.16 0.44
N GLY N 23 7.96 0.91 0.66
CA GLY N 23 9.17 0.30 1.18
C GLY N 23 9.08 0.00 2.67
N LYS N 24 8.40 0.87 3.42
CA LYS N 24 8.27 0.65 4.86
C LYS N 24 7.24 -0.44 5.16
N ARG N 25 6.22 -0.59 4.31
CA ARG N 25 5.21 -1.62 4.53
C ARG N 25 5.72 -3.01 4.19
N GLU N 26 6.70 -3.11 3.27
CA GLU N 26 7.23 -4.42 2.91
C GLU N 26 8.13 -4.97 4.01
N GLN N 27 8.90 -4.10 4.67
CA GLN N 27 9.77 -4.55 5.75
C GLN N 27 8.97 -4.89 7.00
N ALA N 28 7.87 -4.19 7.25
CA ALA N 28 7.06 -4.48 8.43
C ALA N 28 6.24 -5.75 8.25
N GLU N 29 5.86 -6.07 7.01
CA GLU N 29 5.10 -7.29 6.77
C GLU N 29 5.99 -8.52 6.87
N GLU N 30 7.24 -8.41 6.44
CA GLU N 30 8.16 -9.55 6.53
C GLU N 30 8.63 -9.78 7.96
N GLU N 31 8.76 -8.71 8.74
CA GLU N 31 9.19 -8.86 10.14
C GLU N 31 8.07 -9.41 11.01
N ARG N 32 6.81 -9.11 10.67
CA ARG N 32 5.70 -9.62 11.46
C ARG N 32 5.47 -11.10 11.21
N TYR N 33 5.68 -11.54 9.97
CA TYR N 33 5.51 -12.96 9.66
C TYR N 33 6.66 -13.80 10.20
N PHE N 34 7.86 -13.24 10.25
CA PHE N 34 8.99 -13.98 10.80
C PHE N 34 8.95 -14.06 12.31
N ARG N 35 8.32 -13.08 12.97
CA ARG N 35 8.21 -13.11 14.41
C ARG N 35 7.19 -14.13 14.89
N ALA N 36 6.12 -14.33 14.12
CA ALA N 36 5.11 -15.31 14.50
C ALA N 36 5.60 -16.74 14.26
N ARG N 37 6.40 -16.96 13.22
CA ARG N 37 6.92 -18.29 12.94
C ARG N 37 8.05 -18.66 13.89
N ALA N 38 8.75 -17.69 14.46
CA ALA N 38 9.83 -18.00 15.39
C ALA N 38 9.30 -18.48 16.73
N LYS N 39 8.09 -18.04 17.11
CA LYS N 39 7.51 -18.48 18.38
C LYS N 39 7.05 -19.93 18.31
N GLU N 40 6.57 -20.36 17.13
CA GLU N 40 6.13 -21.75 16.99
C GLU N 40 7.32 -22.69 16.85
N GLN N 41 8.42 -22.22 16.26
CA GLN N 41 9.60 -23.07 16.12
C GLN N 41 10.35 -23.22 17.43
N LEU N 42 10.35 -22.17 18.26
CA LEU N 42 11.04 -22.25 19.55
C LEU N 42 10.26 -23.08 20.56
N ALA N 43 8.91 -23.08 20.46
CA ALA N 43 8.11 -23.87 21.39
C ALA N 43 8.16 -25.36 21.05
N ALA N 44 8.28 -25.69 19.77
CA ALA N 44 8.34 -27.10 19.38
C ALA N 44 9.71 -27.71 19.66
N LEU N 45 10.77 -26.90 19.64
CA LEU N 45 12.11 -27.41 19.91
C LEU N 45 12.33 -27.65 21.38
N LYS N 46 11.62 -26.92 22.25
CA LYS N 46 11.80 -27.12 23.69
C LYS N 46 11.10 -28.38 24.18
N LYS N 47 9.97 -28.75 23.56
CA LYS N 47 9.24 -29.95 23.96
C LYS N 47 9.83 -31.21 23.35
N HIS N 48 10.69 -31.09 22.34
CA HIS N 48 11.31 -32.24 21.70
C HIS N 48 12.83 -32.24 21.90
N HIS N 49 13.29 -31.70 23.03
CA HIS N 49 14.71 -31.64 23.33
C HIS N 49 15.27 -32.97 23.83
N GLU N 50 14.42 -33.91 24.21
CA GLU N 50 14.87 -35.21 24.71
C GLU N 50 13.99 -36.33 24.18
N LEU O 3 -93.48 -75.58 28.98
CA LEU O 3 -92.77 -74.76 29.96
C LEU O 3 -92.17 -73.52 29.30
N VAL O 4 -92.61 -72.35 29.75
CA VAL O 4 -92.12 -71.09 29.21
C VAL O 4 -91.10 -70.41 30.11
N LEU O 5 -91.02 -70.81 31.39
CA LEU O 5 -90.07 -70.20 32.30
C LEU O 5 -88.65 -70.69 32.10
N ALA O 6 -88.48 -71.88 31.50
CA ALA O 6 -87.13 -72.40 31.27
C ALA O 6 -86.46 -71.68 30.10
N ALA O 7 -87.22 -71.38 29.05
CA ALA O 7 -86.66 -70.69 27.89
C ALA O 7 -86.53 -69.19 28.11
N LYS O 8 -87.19 -68.64 29.13
CA LYS O 8 -87.09 -67.21 29.39
C LYS O 8 -85.75 -66.84 30.00
N TYR O 9 -85.15 -67.76 30.78
CA TYR O 9 -83.86 -67.47 31.40
C TYR O 9 -82.74 -67.53 30.37
N ILE O 10 -82.89 -68.34 29.32
CA ILE O 10 -81.86 -68.43 28.30
C ILE O 10 -81.84 -67.21 27.38
N GLY O 11 -82.95 -66.45 27.32
CA GLY O 11 -83.00 -65.26 26.48
C GLY O 11 -82.21 -64.09 27.04
N ALA O 12 -81.88 -64.12 28.32
CA ALA O 12 -81.12 -63.04 28.95
C ALA O 12 -79.62 -63.31 28.99
N ALA O 13 -79.19 -64.51 28.59
CA ALA O 13 -77.77 -64.88 28.59
C ALA O 13 -77.16 -64.84 27.19
N ILE O 14 -77.86 -65.39 26.20
CA ILE O 14 -77.33 -65.39 24.84
C ILE O 14 -77.44 -64.01 24.19
N ALA O 15 -78.34 -63.16 24.69
CA ALA O 15 -78.49 -61.81 24.13
C ALA O 15 -77.37 -60.88 24.56
N THR O 16 -76.59 -61.25 25.58
CA THR O 16 -75.48 -60.43 26.05
C THR O 16 -74.21 -60.62 25.22
N ILE O 17 -74.27 -61.39 24.14
CA ILE O 17 -73.09 -61.60 23.31
C ILE O 17 -72.74 -60.35 22.51
N GLY O 18 -73.69 -59.45 22.31
CA GLY O 18 -73.45 -58.22 21.59
C GLY O 18 -72.69 -57.16 22.33
N LEU O 19 -72.32 -57.41 23.60
CA LEU O 19 -71.56 -56.45 24.37
C LEU O 19 -70.11 -56.34 23.94
N THR O 20 -69.62 -57.29 23.15
CA THR O 20 -68.24 -57.24 22.68
C THR O 20 -68.04 -56.10 21.69
N GLY O 21 -69.04 -55.81 20.86
CA GLY O 21 -68.92 -54.72 19.91
C GLY O 21 -69.05 -53.35 20.55
N ALA O 22 -69.89 -53.23 21.59
CA ALA O 22 -70.05 -51.97 22.28
C ALA O 22 -68.87 -51.65 23.19
N GLY O 23 -68.28 -52.68 23.81
CA GLY O 23 -67.13 -52.44 24.68
C GLY O 23 -65.88 -52.11 23.90
N ILE O 24 -65.66 -52.80 22.78
CA ILE O 24 -64.48 -52.52 21.95
C ILE O 24 -64.65 -51.26 21.12
N GLY O 25 -65.89 -50.85 20.85
CA GLY O 25 -66.11 -49.64 20.07
C GLY O 25 -65.79 -48.38 20.84
N ILE O 26 -65.98 -48.40 22.17
CA ILE O 26 -65.67 -47.23 22.98
C ILE O 26 -64.15 -47.04 23.10
N ALA O 27 -63.39 -48.14 23.00
CA ALA O 27 -61.94 -48.04 23.06
C ALA O 27 -61.33 -47.74 21.70
N ILE O 28 -62.02 -48.09 20.61
CA ILE O 28 -61.50 -47.80 19.29
C ILE O 28 -61.59 -46.30 18.98
N VAL O 29 -62.66 -45.66 19.43
CA VAL O 29 -62.81 -44.22 19.21
C VAL O 29 -61.90 -43.44 20.16
N PHE O 30 -61.59 -44.00 21.32
CA PHE O 30 -60.72 -43.32 22.27
C PHE O 30 -59.26 -43.48 21.90
N ALA O 31 -58.90 -44.55 21.20
CA ALA O 31 -57.51 -44.74 20.79
C ALA O 31 -57.12 -43.79 19.67
N ALA O 32 -58.06 -43.51 18.75
CA ALA O 32 -57.76 -42.59 17.66
C ALA O 32 -57.77 -41.15 18.13
N LEU O 33 -58.56 -40.83 19.16
CA LEU O 33 -58.60 -39.48 19.68
C LEU O 33 -57.40 -39.16 20.56
N ILE O 34 -56.87 -40.15 21.27
CA ILE O 34 -55.70 -39.92 22.12
C ILE O 34 -54.44 -39.84 21.27
N ASN O 35 -54.35 -40.65 20.21
CA ASN O 35 -53.18 -40.62 19.35
C ASN O 35 -53.18 -39.41 18.43
N GLY O 36 -54.36 -38.89 18.06
CA GLY O 36 -54.43 -37.74 17.19
C GLY O 36 -54.23 -36.43 17.91
N THR O 37 -54.56 -36.37 19.20
CA THR O 37 -54.38 -35.15 19.97
C THR O 37 -52.93 -34.85 20.30
N SER O 38 -52.06 -35.87 20.27
CA SER O 38 -50.64 -35.67 20.56
C SER O 38 -49.86 -35.13 19.37
N ARG O 39 -50.49 -34.97 18.21
CA ARG O 39 -49.84 -34.45 17.03
C ARG O 39 -49.91 -32.95 16.91
N ASN O 40 -50.52 -32.26 17.89
CA ASN O 40 -50.67 -30.81 17.96
C ASN O 40 -51.58 -30.30 16.84
N PRO O 41 -52.69 -29.63 17.19
CA PRO O 41 -53.10 -29.33 18.57
C PRO O 41 -54.61 -29.49 18.78
N SER O 42 -55.14 -30.65 18.43
CA SER O 42 -56.58 -30.93 18.58
C SER O 42 -56.86 -31.21 20.05
N LEU O 43 -57.07 -30.13 20.81
CA LEU O 43 -57.36 -30.23 22.23
C LEU O 43 -58.75 -29.67 22.54
N ARG O 44 -58.92 -28.34 22.48
CA ARG O 44 -60.20 -27.73 22.77
C ARG O 44 -61.14 -27.95 21.58
N ASN O 45 -62.26 -28.61 21.84
CA ASN O 45 -63.28 -28.91 20.82
C ASN O 45 -62.61 -29.75 19.71
N THR O 46 -63.08 -29.58 18.47
CA THR O 46 -62.56 -30.30 17.31
C THR O 46 -62.59 -31.80 17.54
N LEU O 47 -61.49 -32.36 18.07
CA LEU O 47 -61.43 -33.79 18.34
C LEU O 47 -62.13 -34.16 19.64
N PHE O 48 -62.16 -33.24 20.61
CA PHE O 48 -62.82 -33.49 21.88
C PHE O 48 -64.32 -33.46 21.72
N PRO O 49 -64.85 -32.59 20.84
CA PRO O 49 -66.30 -32.56 20.65
C PRO O 49 -66.83 -33.73 19.84
N PHE O 50 -66.03 -34.26 18.91
CA PHE O 50 -66.47 -35.39 18.12
C PHE O 50 -66.39 -36.70 18.89
N ALA O 51 -65.62 -36.76 19.97
CA ALA O 51 -65.53 -37.98 20.76
C ALA O 51 -66.79 -38.21 21.57
N ILE O 52 -67.46 -37.15 22.01
CA ILE O 52 -68.69 -37.31 22.78
C ILE O 52 -69.84 -37.73 21.86
N LEU O 53 -69.91 -37.15 20.67
CA LEU O 53 -70.96 -37.51 19.73
C LEU O 53 -70.69 -38.84 19.04
N GLY O 54 -69.41 -39.18 18.84
CA GLY O 54 -69.08 -40.45 18.21
C GLY O 54 -69.29 -41.64 19.12
N PHE O 55 -69.13 -41.45 20.43
CA PHE O 55 -69.32 -42.54 21.38
C PHE O 55 -70.79 -42.88 21.57
N ALA O 56 -71.70 -41.93 21.33
CA ALA O 56 -73.12 -42.20 21.47
C ALA O 56 -73.64 -43.09 20.35
N LEU O 57 -73.02 -43.02 19.16
CA LEU O 57 -73.46 -43.86 18.06
C LEU O 57 -73.02 -45.31 18.25
N SER O 58 -71.82 -45.51 18.82
CA SER O 58 -71.35 -46.87 19.07
C SER O 58 -72.05 -47.50 20.27
N GLU O 59 -72.46 -46.68 21.25
CA GLU O 59 -73.16 -47.19 22.41
C GLU O 59 -74.64 -47.40 22.17
N ALA O 60 -75.17 -46.99 21.01
CA ALA O 60 -76.58 -47.18 20.71
C ALA O 60 -76.90 -48.65 20.46
N THR O 61 -75.93 -49.42 19.96
CA THR O 61 -76.16 -50.84 19.71
C THR O 61 -76.24 -51.63 21.01
N GLY O 62 -75.47 -51.23 22.03
CA GLY O 62 -75.50 -51.94 23.30
C GLY O 62 -76.74 -51.64 24.12
N LEU O 63 -77.28 -50.43 24.01
CA LEU O 63 -78.48 -50.09 24.76
C LEU O 63 -79.72 -50.75 24.16
N PHE O 64 -79.78 -50.89 22.84
CA PHE O 64 -80.91 -51.55 22.22
C PHE O 64 -80.89 -53.06 22.45
N CYS O 65 -79.71 -53.66 22.48
CA CYS O 65 -79.61 -55.10 22.72
C CYS O 65 -79.87 -55.45 24.18
N LEU O 66 -79.57 -54.52 25.10
CA LEU O 66 -79.81 -54.78 26.52
C LEU O 66 -81.30 -54.71 26.86
N MET O 67 -82.06 -53.92 26.11
CA MET O 67 -83.50 -53.82 26.37
C MET O 67 -84.26 -55.07 25.94
N ILE O 68 -83.71 -55.85 25.01
CA ILE O 68 -84.38 -57.07 24.58
C ILE O 68 -84.28 -58.14 25.65
N SER O 69 -83.09 -58.33 26.23
CA SER O 69 -82.93 -59.33 27.28
C SER O 69 -83.61 -58.91 28.58
N PHE O 70 -83.71 -57.61 28.83
CA PHE O 70 -84.36 -57.13 30.04
C PHE O 70 -85.87 -57.23 29.96
N LEU O 71 -86.44 -57.19 28.74
CA LEU O 71 -87.89 -57.29 28.59
C LEU O 71 -88.37 -58.73 28.73
N LEU O 72 -87.51 -59.71 28.46
CA LEU O 72 -87.91 -61.10 28.58
C LEU O 72 -87.94 -61.56 30.03
N LEU O 73 -87.16 -60.92 30.89
CA LEU O 73 -87.11 -61.28 32.30
C LEU O 73 -88.20 -60.59 33.12
N TYR O 74 -88.96 -59.67 32.54
CA TYR O 74 -90.02 -58.97 33.24
C TYR O 74 -91.37 -59.07 32.54
N GLY O 75 -91.39 -59.14 31.21
CA GLY O 75 -92.64 -59.24 30.47
C GLY O 75 -92.53 -60.15 29.25
N GLN P 2 -96.55 -75.67 23.51
CA GLN P 2 -95.60 -75.01 24.41
C GLN P 2 -94.23 -74.89 23.76
N LEU P 3 -94.01 -75.71 22.72
CA LEU P 3 -92.71 -75.67 22.03
C LEU P 3 -92.58 -74.45 21.13
N VAL P 4 -93.71 -73.93 20.64
CA VAL P 4 -93.66 -72.76 19.77
C VAL P 4 -93.42 -71.49 20.59
N LEU P 5 -93.97 -71.44 21.80
CA LEU P 5 -93.77 -70.26 22.64
C LEU P 5 -92.38 -70.24 23.28
N ALA P 6 -91.78 -71.42 23.47
CA ALA P 6 -90.45 -71.47 24.07
C ALA P 6 -89.38 -71.07 23.06
N ALA P 7 -89.58 -71.39 21.78
CA ALA P 7 -88.62 -71.03 20.76
C ALA P 7 -88.66 -69.55 20.40
N LYS P 8 -89.78 -68.88 20.70
CA LYS P 8 -89.88 -67.45 20.39
C LYS P 8 -89.06 -66.61 21.36
N TYR P 9 -88.95 -67.05 22.62
CA TYR P 9 -88.16 -66.29 23.59
C TYR P 9 -86.67 -66.44 23.34
N ILE P 10 -86.23 -67.63 22.92
CA ILE P 10 -84.81 -67.84 22.62
C ILE P 10 -84.41 -67.23 21.28
N GLY P 11 -85.37 -66.94 20.41
CA GLY P 11 -85.04 -66.34 19.14
C GLY P 11 -84.65 -64.88 19.24
N ALA P 12 -85.08 -64.21 20.31
CA ALA P 12 -84.74 -62.80 20.49
C ALA P 12 -83.31 -62.63 21.01
N ALA P 13 -82.69 -63.69 21.52
CA ALA P 13 -81.33 -63.63 22.04
C ALA P 13 -80.29 -64.06 21.01
N ILE P 14 -80.59 -65.07 20.19
CA ILE P 14 -79.64 -65.51 19.17
C ILE P 14 -79.56 -64.50 18.03
N ALA P 15 -80.64 -63.78 17.77
CA ALA P 15 -80.64 -62.78 16.70
C ALA P 15 -79.90 -61.51 17.08
N THR P 16 -79.64 -61.30 18.37
CA THR P 16 -78.91 -60.12 18.84
C THR P 16 -77.40 -60.30 18.78
N ILE P 17 -76.90 -61.42 18.24
CA ILE P 17 -75.46 -61.63 18.15
C ILE P 17 -74.84 -60.76 17.07
N GLY P 18 -75.63 -60.24 16.13
CA GLY P 18 -75.12 -59.39 15.08
C GLY P 18 -74.84 -57.96 15.47
N LEU P 19 -75.03 -57.61 16.75
CA LEU P 19 -74.76 -56.26 17.20
C LEU P 19 -73.27 -55.96 17.33
N THR P 20 -72.41 -56.98 17.27
CA THR P 20 -70.97 -56.73 17.35
C THR P 20 -70.45 -56.05 16.09
N GLY P 21 -71.03 -56.37 14.93
CA GLY P 21 -70.61 -55.72 13.71
C GLY P 21 -71.15 -54.31 13.57
N ALA P 22 -72.37 -54.08 14.05
CA ALA P 22 -72.95 -52.75 14.00
C ALA P 22 -72.35 -51.82 15.03
N GLY P 23 -71.98 -52.34 16.21
CA GLY P 23 -71.38 -51.49 17.22
C GLY P 23 -69.94 -51.11 16.89
N ILE P 24 -69.16 -52.08 16.41
CA ILE P 24 -67.78 -51.80 16.03
C ILE P 24 -67.69 -51.05 14.70
N GLY P 25 -68.69 -51.18 13.83
CA GLY P 25 -68.66 -50.49 12.56
C GLY P 25 -68.89 -49.00 12.70
N ILE P 26 -69.68 -48.59 13.70
CA ILE P 26 -69.93 -47.16 13.92
C ILE P 26 -68.69 -46.48 14.47
N ALA P 27 -67.85 -47.23 15.20
CA ALA P 27 -66.63 -46.67 15.75
C ALA P 27 -65.44 -46.75 14.80
N ILE P 28 -65.47 -47.68 13.84
CA ILE P 28 -64.38 -47.79 12.88
C ILE P 28 -64.41 -46.63 11.90
N VAL P 29 -65.61 -46.17 11.53
CA VAL P 29 -65.71 -45.04 10.62
C VAL P 29 -65.38 -43.74 11.34
N PHE P 30 -65.67 -43.66 12.64
CA PHE P 30 -65.35 -42.46 13.41
C PHE P 30 -63.88 -42.38 13.79
N ALA P 31 -63.19 -43.52 13.86
CA ALA P 31 -61.77 -43.49 14.22
C ALA P 31 -60.93 -42.97 13.05
N ALA P 32 -61.30 -43.32 11.82
CA ALA P 32 -60.55 -42.83 10.67
C ALA P 32 -60.86 -41.38 10.37
N LEU P 33 -62.07 -40.91 10.71
CA LEU P 33 -62.41 -39.51 10.48
C LEU P 33 -61.78 -38.60 11.53
N ILE P 34 -61.59 -39.09 12.75
CA ILE P 34 -60.98 -38.27 13.79
C ILE P 34 -59.48 -38.16 13.57
N ASN P 35 -58.84 -39.24 13.10
CA ASN P 35 -57.41 -39.20 12.84
C ASN P 35 -57.07 -38.43 11.56
N GLY P 36 -57.98 -38.43 10.58
CA GLY P 36 -57.74 -37.72 9.35
C GLY P 36 -58.05 -36.24 9.40
N THR P 37 -58.89 -35.82 10.34
CA THR P 37 -59.23 -34.39 10.46
C THR P 37 -58.10 -33.58 11.08
N SER P 38 -57.17 -34.22 11.78
CA SER P 38 -56.05 -33.52 12.39
C SER P 38 -54.92 -33.24 11.41
N ARG P 39 -55.03 -33.72 10.17
CA ARG P 39 -53.99 -33.48 9.18
C ARG P 39 -54.15 -32.14 8.46
N ASN P 40 -55.23 -31.41 8.73
CA ASN P 40 -55.54 -30.09 8.15
C ASN P 40 -55.79 -30.19 6.66
N PRO P 41 -56.99 -29.79 6.18
CA PRO P 41 -58.07 -29.25 6.99
C PRO P 41 -59.45 -29.75 6.56
N SER P 42 -59.80 -30.97 6.97
CA SER P 42 -61.08 -31.57 6.62
C SER P 42 -62.00 -31.42 7.84
N LEU P 43 -62.68 -30.26 7.90
CA LEU P 43 -63.59 -29.98 9.01
C LEU P 43 -65.01 -29.80 8.51
N ARG P 44 -65.32 -28.59 8.02
CA ARG P 44 -66.66 -28.31 7.52
C ARG P 44 -66.87 -28.97 6.16
N ASN P 45 -67.91 -29.78 6.05
CA ASN P 45 -68.27 -30.50 4.82
C ASN P 45 -67.08 -31.41 4.43
N THR P 46 -66.90 -31.63 3.13
CA THR P 46 -65.82 -32.47 2.61
C THR P 46 -65.84 -33.85 3.25
N LEU P 47 -65.14 -34.00 4.38
CA LEU P 47 -65.11 -35.28 5.07
C LEU P 47 -66.32 -35.49 5.97
N PHE P 48 -67.08 -34.44 6.26
CA PHE P 48 -68.26 -34.55 7.10
C PHE P 48 -69.38 -35.26 6.34
N PRO P 49 -69.44 -35.09 5.01
CA PRO P 49 -70.51 -35.78 4.26
C PRO P 49 -70.27 -37.26 4.11
N PHE P 50 -69.00 -37.70 4.00
CA PHE P 50 -68.72 -39.13 3.88
C PHE P 50 -68.87 -39.84 5.22
N ALA P 51 -68.64 -39.14 6.32
CA ALA P 51 -68.78 -39.76 7.64
C ALA P 51 -70.26 -39.93 8.01
N ILE P 52 -71.10 -38.99 7.60
CA ILE P 52 -72.53 -39.10 7.89
C ILE P 52 -73.18 -40.14 6.99
N LEU P 53 -72.77 -40.19 5.71
CA LEU P 53 -73.32 -41.18 4.79
C LEU P 53 -72.76 -42.57 5.04
N GLY P 54 -71.50 -42.65 5.49
CA GLY P 54 -70.91 -43.94 5.77
C GLY P 54 -71.44 -44.58 7.03
N PHE P 55 -71.83 -43.78 8.03
CA PHE P 55 -72.37 -44.33 9.26
C PHE P 55 -73.80 -44.85 9.07
N ALA P 56 -74.55 -44.26 8.14
CA ALA P 56 -75.91 -44.73 7.89
C ALA P 56 -75.92 -46.05 7.15
N LEU P 57 -74.91 -46.30 6.30
CA LEU P 57 -74.85 -47.56 5.57
C LEU P 57 -74.46 -48.72 6.49
N SER P 58 -73.57 -48.45 7.45
CA SER P 58 -73.16 -49.50 8.39
C SER P 58 -74.25 -49.77 9.42
N GLU P 59 -75.09 -48.78 9.72
CA GLU P 59 -76.17 -48.96 10.68
C GLU P 59 -77.39 -49.65 10.08
N ALA P 60 -77.41 -49.86 8.75
CA ALA P 60 -78.55 -50.53 8.14
C ALA P 60 -78.59 -52.01 8.48
N THR P 61 -77.44 -52.61 8.77
CA THR P 61 -77.41 -54.02 9.13
C THR P 61 -77.98 -54.26 10.52
N GLY P 62 -77.77 -53.32 11.44
CA GLY P 62 -78.31 -53.48 12.78
C GLY P 62 -79.80 -53.25 12.88
N LEU P 63 -80.34 -52.35 12.04
CA LEU P 63 -81.78 -52.10 12.06
C LEU P 63 -82.56 -53.24 11.41
N PHE P 64 -82.00 -53.86 10.37
CA PHE P 64 -82.69 -54.97 9.73
C PHE P 64 -82.63 -56.24 10.57
N CYS P 65 -81.54 -56.44 11.33
CA CYS P 65 -81.44 -57.62 12.18
C CYS P 65 -82.29 -57.49 13.44
N LEU P 66 -82.53 -56.27 13.91
CA LEU P 66 -83.35 -56.06 15.10
C LEU P 66 -84.83 -56.28 14.83
N MET P 67 -85.28 -56.10 13.58
CA MET P 67 -86.69 -56.30 13.27
C MET P 67 -87.07 -57.77 13.26
N ILE P 68 -86.10 -58.68 13.08
CA ILE P 68 -86.41 -60.10 13.08
C ILE P 68 -86.71 -60.58 14.48
N SER P 69 -85.90 -60.18 15.46
CA SER P 69 -86.12 -60.60 16.84
C SER P 69 -87.32 -59.89 17.45
N PHE P 70 -87.65 -58.69 16.97
CA PHE P 70 -88.78 -57.93 17.48
C PHE P 70 -90.11 -58.38 16.90
N LEU P 71 -90.10 -59.19 15.84
CA LEU P 71 -91.32 -59.68 15.21
C LEU P 71 -91.85 -60.95 15.84
N LEU P 72 -91.15 -61.50 16.83
CA LEU P 72 -91.60 -62.72 17.49
C LEU P 72 -92.65 -62.43 18.54
N MET Q 1 -97.83 -79.97 14.94
CA MET Q 1 -96.40 -80.15 14.76
C MET Q 1 -95.61 -79.18 15.64
N GLN Q 2 -95.31 -79.62 16.87
CA GLN Q 2 -94.56 -78.76 17.78
C GLN Q 2 -93.07 -78.72 17.44
N LEU Q 3 -92.56 -79.78 16.80
CA LEU Q 3 -91.14 -79.79 16.44
C LEU Q 3 -90.88 -78.93 15.21
N VAL Q 4 -91.85 -78.81 14.30
CA VAL Q 4 -91.65 -77.99 13.11
C VAL Q 4 -91.77 -76.51 13.45
N LEU Q 5 -92.63 -76.15 14.40
CA LEU Q 5 -92.79 -74.74 14.77
C LEU Q 5 -91.63 -74.26 15.64
N ALA Q 6 -91.00 -75.15 16.40
CA ALA Q 6 -89.89 -74.75 17.24
C ALA Q 6 -88.61 -74.53 16.43
N ALA Q 7 -88.46 -75.27 15.33
CA ALA Q 7 -87.27 -75.12 14.50
C ALA Q 7 -87.35 -73.90 13.59
N LYS Q 8 -88.54 -73.35 13.37
CA LYS Q 8 -88.66 -72.17 12.53
C LYS Q 8 -88.13 -70.92 13.22
N TYR Q 9 -88.35 -70.82 14.53
CA TYR Q 9 -87.84 -69.67 15.28
C TYR Q 9 -86.34 -69.76 15.50
N ILE Q 10 -85.82 -70.99 15.64
CA ILE Q 10 -84.38 -71.15 15.83
C ILE Q 10 -83.64 -70.96 14.51
N GLY Q 11 -84.27 -71.32 13.39
CA GLY Q 11 -83.64 -71.14 12.10
C GLY Q 11 -83.62 -69.71 11.61
N ALA Q 12 -84.48 -68.85 12.16
CA ALA Q 12 -84.53 -67.44 11.77
C ALA Q 12 -83.67 -66.55 12.66
N ALA Q 13 -83.20 -67.06 13.80
CA ALA Q 13 -82.37 -66.29 14.72
C ALA Q 13 -80.89 -66.58 14.56
N ILE Q 14 -80.51 -67.84 14.41
CA ILE Q 14 -79.11 -68.18 14.24
C ILE Q 14 -78.60 -67.82 12.84
N ALA Q 15 -79.50 -67.68 11.87
CA ALA Q 15 -79.09 -67.32 10.52
C ALA Q 15 -78.70 -65.84 10.42
N THR Q 16 -79.10 -65.02 11.38
CA THR Q 16 -78.78 -63.60 11.38
C THR Q 16 -77.43 -63.31 12.03
N ILE Q 17 -76.63 -64.34 12.33
CA ILE Q 17 -75.33 -64.13 12.94
C ILE Q 17 -74.31 -63.59 11.94
N GLY Q 18 -74.61 -63.68 10.65
CA GLY Q 18 -73.71 -63.18 9.62
C GLY Q 18 -73.73 -61.68 9.41
N LEU Q 19 -74.48 -60.94 10.22
CA LEU Q 19 -74.55 -59.49 10.09
C LEU Q 19 -73.28 -58.80 10.57
N THR Q 20 -72.40 -59.51 11.30
CA THR Q 20 -71.15 -58.90 11.75
C THR Q 20 -70.21 -58.65 10.59
N GLY Q 21 -70.20 -59.54 9.59
CA GLY Q 21 -69.35 -59.33 8.43
C GLY Q 21 -69.90 -58.27 7.48
N ALA Q 22 -71.22 -58.20 7.36
CA ALA Q 22 -71.82 -57.19 6.50
C ALA Q 22 -71.81 -55.81 7.15
N GLY Q 23 -71.95 -55.74 8.47
CA GLY Q 23 -71.92 -54.46 9.14
C GLY Q 23 -70.52 -53.85 9.20
N ILE Q 24 -69.52 -54.68 9.50
CA ILE Q 24 -68.15 -54.19 9.53
C ILE Q 24 -67.55 -54.03 8.14
N GLY Q 25 -68.14 -54.69 7.13
CA GLY Q 25 -67.63 -54.55 5.78
C GLY Q 25 -67.93 -53.19 5.16
N ILE Q 26 -69.07 -52.60 5.51
CA ILE Q 26 -69.41 -51.28 4.98
C ILE Q 26 -68.56 -50.21 5.65
N ALA Q 27 -68.09 -50.46 6.87
CA ALA Q 27 -67.24 -49.51 7.58
C ALA Q 27 -65.77 -49.64 7.22
N ILE Q 28 -65.33 -50.80 6.74
CA ILE Q 28 -63.94 -50.98 6.36
C ILE Q 28 -63.63 -50.23 5.08
N VAL Q 29 -64.58 -50.21 4.14
CA VAL Q 29 -64.37 -49.49 2.89
C VAL Q 29 -64.51 -47.99 3.10
N PHE Q 30 -65.31 -47.57 4.08
CA PHE Q 30 -65.48 -46.15 4.34
C PHE Q 30 -64.33 -45.57 5.16
N ALA Q 31 -63.65 -46.40 5.96
CA ALA Q 31 -62.53 -45.91 6.75
C ALA Q 31 -61.31 -45.67 5.88
N ALA Q 32 -61.06 -46.55 4.91
CA ALA Q 32 -59.92 -46.38 4.02
C ALA Q 32 -60.15 -45.27 3.00
N LEU Q 33 -61.41 -45.01 2.64
CA LEU Q 33 -61.71 -43.96 1.68
C LEU Q 33 -61.69 -42.58 2.32
N ILE Q 34 -62.04 -42.48 3.60
CA ILE Q 34 -62.03 -41.18 4.26
C ILE Q 34 -60.61 -40.74 4.60
N ASN Q 35 -59.73 -41.70 4.93
CA ASN Q 35 -58.34 -41.36 5.25
C ASN Q 35 -57.50 -41.11 4.01
N GLY Q 36 -57.97 -41.52 2.84
CA GLY Q 36 -57.22 -41.31 1.61
C GLY Q 36 -57.68 -40.10 0.83
N THR Q 37 -58.92 -39.66 1.07
CA THR Q 37 -59.44 -38.49 0.38
C THR Q 37 -58.90 -37.19 0.93
N SER Q 38 -58.34 -37.19 2.14
CA SER Q 38 -57.78 -35.99 2.75
C SER Q 38 -56.38 -35.67 2.24
N ARG Q 39 -55.78 -36.55 1.44
CA ARG Q 39 -54.44 -36.31 0.92
C ARG Q 39 -54.30 -37.08 -0.40
N ASN Q 40 -54.30 -36.35 -1.51
CA ASN Q 40 -54.17 -36.89 -2.86
C ASN Q 40 -55.29 -37.89 -3.15
N PRO Q 41 -56.42 -37.44 -3.69
CA PRO Q 41 -56.69 -36.04 -4.05
C PRO Q 41 -58.12 -35.62 -3.72
N SER Q 42 -59.00 -35.70 -4.70
CA SER Q 42 -60.39 -35.32 -4.52
C SER Q 42 -61.23 -36.53 -4.07
N LEU Q 43 -62.53 -36.30 -3.89
CA LEU Q 43 -63.46 -37.33 -3.47
C LEU Q 43 -64.66 -37.48 -4.38
N ARG Q 44 -64.77 -36.68 -5.43
CA ARG Q 44 -65.90 -36.77 -6.35
C ARG Q 44 -65.66 -37.76 -7.50
N ASN Q 45 -64.45 -38.27 -7.64
CA ASN Q 45 -64.12 -39.23 -8.69
C ASN Q 45 -63.08 -40.21 -8.17
N THR Q 46 -62.58 -41.06 -9.06
CA THR Q 46 -61.58 -42.07 -8.74
C THR Q 46 -62.03 -42.95 -7.57
N LEU Q 47 -61.84 -42.46 -6.35
CA LEU Q 47 -62.23 -43.23 -5.17
C LEU Q 47 -63.74 -43.23 -4.95
N PHE Q 48 -64.47 -42.33 -5.61
CA PHE Q 48 -65.91 -42.25 -5.48
C PHE Q 48 -66.56 -43.43 -6.20
N PRO Q 49 -65.98 -43.90 -7.31
CA PRO Q 49 -66.56 -45.05 -8.02
C PRO Q 49 -66.24 -46.37 -7.32
N PHE Q 50 -65.08 -46.43 -6.67
CA PHE Q 50 -64.70 -47.65 -5.97
C PHE Q 50 -65.45 -47.80 -4.64
N ALA Q 51 -65.79 -46.70 -3.99
CA ALA Q 51 -66.51 -46.77 -2.73
C ALA Q 51 -67.98 -47.14 -2.93
N ILE Q 52 -68.60 -46.68 -4.02
CA ILE Q 52 -69.99 -47.02 -4.27
C ILE Q 52 -70.13 -48.45 -4.76
N LEU Q 53 -69.22 -48.90 -5.63
CA LEU Q 53 -69.27 -50.27 -6.13
C LEU Q 53 -68.77 -51.27 -5.10
N GLY Q 54 -67.84 -50.87 -4.24
CA GLY Q 54 -67.34 -51.77 -3.22
C GLY Q 54 -68.31 -52.01 -2.09
N PHE Q 55 -69.14 -51.01 -1.78
CA PHE Q 55 -70.11 -51.16 -0.71
C PHE Q 55 -71.29 -52.03 -1.14
N ALA Q 56 -71.60 -52.06 -2.44
CA ALA Q 56 -72.69 -52.88 -2.92
C ALA Q 56 -72.32 -54.36 -2.95
N LEU Q 57 -71.04 -54.67 -3.16
CA LEU Q 57 -70.61 -56.06 -3.19
C LEU Q 57 -70.56 -56.65 -1.79
N SER Q 58 -70.15 -55.84 -0.80
CA SER Q 58 -70.09 -56.33 0.58
C SER Q 58 -71.48 -56.44 1.21
N GLU Q 59 -72.45 -55.68 0.70
CA GLU Q 59 -73.81 -55.73 1.23
C GLU Q 59 -74.63 -56.88 0.65
N ALA Q 60 -74.08 -57.64 -0.30
CA ALA Q 60 -74.82 -58.75 -0.87
C ALA Q 60 -74.91 -59.93 0.10
N THR Q 61 -73.98 -60.02 1.05
CA THR Q 61 -74.02 -61.10 2.03
C THR Q 61 -75.14 -60.90 3.04
N GLY Q 62 -75.45 -59.66 3.38
CA GLY Q 62 -76.53 -59.40 4.33
C GLY Q 62 -77.91 -59.58 3.72
N LEU Q 63 -78.06 -59.25 2.44
CA LEU Q 63 -79.36 -59.41 1.79
C LEU Q 63 -79.64 -60.88 1.47
N PHE Q 64 -78.62 -61.66 1.15
CA PHE Q 64 -78.83 -63.07 0.86
C PHE Q 64 -79.11 -63.87 2.13
N CYS Q 65 -78.49 -63.48 3.24
CA CYS Q 65 -78.72 -64.18 4.50
C CYS Q 65 -80.06 -63.79 5.11
N LEU Q 66 -80.60 -62.62 4.75
CA LEU Q 66 -81.89 -62.21 5.29
C LEU Q 66 -83.04 -62.96 4.65
N MET Q 67 -82.86 -63.46 3.42
CA MET Q 67 -83.92 -64.20 2.76
C MET Q 67 -84.08 -65.60 3.35
N ILE Q 68 -83.03 -66.14 3.96
CA ILE Q 68 -83.11 -67.46 4.56
C ILE Q 68 -83.90 -67.41 5.86
N SER Q 69 -83.63 -66.40 6.69
CA SER Q 69 -84.35 -66.27 7.95
C SER Q 69 -85.80 -65.85 7.74
N PHE Q 70 -86.08 -65.12 6.66
CA PHE Q 70 -87.43 -64.67 6.38
C PHE Q 70 -88.31 -65.77 5.78
N LEU Q 71 -87.70 -66.80 5.19
CA LEU Q 71 -88.44 -67.90 4.59
C LEU Q 71 -88.61 -69.09 5.52
N LEU Q 72 -88.01 -69.04 6.71
CA LEU Q 72 -88.12 -70.14 7.67
C LEU Q 72 -89.06 -69.78 8.80
N MET R 1 -91.75 -86.36 8.30
CA MET R 1 -91.22 -86.71 9.61
C MET R 1 -90.96 -85.44 10.44
N GLN R 2 -91.02 -85.59 11.76
CA GLN R 2 -90.79 -84.46 12.64
C GLN R 2 -89.30 -84.22 12.89
N LEU R 3 -88.52 -85.30 12.98
CA LEU R 3 -87.09 -85.16 13.20
C LEU R 3 -86.35 -84.73 11.94
N VAL R 4 -86.86 -85.10 10.76
CA VAL R 4 -86.20 -84.73 9.52
C VAL R 4 -86.50 -83.27 9.18
N LEU R 5 -87.69 -82.79 9.53
CA LEU R 5 -88.05 -81.41 9.23
C LEU R 5 -87.39 -80.43 10.21
N ALA R 6 -87.09 -80.89 11.43
CA ALA R 6 -86.46 -80.01 12.41
C ALA R 6 -84.98 -79.79 12.10
N ALA R 7 -84.32 -80.81 11.55
CA ALA R 7 -82.90 -80.69 11.22
C ALA R 7 -82.66 -79.85 9.97
N LYS R 8 -83.65 -79.75 9.08
CA LYS R 8 -83.48 -78.94 7.87
C LYS R 8 -83.53 -77.45 8.18
N TYR R 9 -84.36 -77.06 9.14
CA TYR R 9 -84.45 -75.65 9.51
C TYR R 9 -83.22 -75.21 10.30
N ILE R 10 -82.67 -76.10 11.13
CA ILE R 10 -81.49 -75.76 11.90
C ILE R 10 -80.25 -75.78 11.02
N GLY R 11 -80.27 -76.56 9.94
CA GLY R 11 -79.13 -76.60 9.03
C GLY R 11 -79.01 -75.36 8.16
N ALA R 12 -80.13 -74.70 7.88
CA ALA R 12 -80.09 -73.49 7.06
C ALA R 12 -79.58 -72.29 7.84
N ALA R 13 -79.61 -72.33 9.17
CA ALA R 13 -79.14 -71.23 9.99
C ALA R 13 -77.67 -71.38 10.37
N ILE R 14 -77.21 -72.61 10.62
CA ILE R 14 -75.82 -72.83 10.97
C ILE R 14 -74.91 -72.65 9.76
N ALA R 15 -75.42 -72.98 8.56
CA ALA R 15 -74.62 -72.80 7.35
C ALA R 15 -74.52 -71.35 6.93
N THR R 16 -75.42 -70.49 7.40
CA THR R 16 -75.39 -69.07 7.07
C THR R 16 -74.42 -68.28 7.94
N ILE R 17 -73.74 -68.92 8.89
CA ILE R 17 -72.79 -68.23 9.73
C ILE R 17 -71.51 -67.89 8.99
N GLY R 18 -71.26 -68.53 7.85
CA GLY R 18 -70.08 -68.27 7.05
C GLY R 18 -70.13 -67.01 6.22
N LEU R 19 -71.19 -66.21 6.33
CA LEU R 19 -71.28 -64.98 5.56
C LEU R 19 -70.35 -63.89 6.09
N THR R 20 -69.84 -64.05 7.31
CA THR R 20 -68.92 -63.06 7.86
C THR R 20 -67.58 -63.07 7.14
N GLY R 21 -67.11 -64.24 6.73
CA GLY R 21 -65.85 -64.31 6.01
C GLY R 21 -65.97 -63.84 4.58
N ALA R 22 -67.11 -64.12 3.93
CA ALA R 22 -67.32 -63.68 2.57
C ALA R 22 -67.66 -62.20 2.50
N GLY R 23 -68.36 -61.66 3.49
CA GLY R 23 -68.68 -60.24 3.48
C GLY R 23 -67.46 -59.38 3.78
N ILE R 24 -66.62 -59.80 4.72
CA ILE R 24 -65.42 -59.04 5.03
C ILE R 24 -64.34 -59.24 3.99
N GLY R 25 -64.39 -60.32 3.20
CA GLY R 25 -63.39 -60.53 2.17
C GLY R 25 -63.54 -59.57 1.00
N ILE R 26 -64.76 -59.21 0.64
CA ILE R 26 -64.97 -58.27 -0.45
C ILE R 26 -64.58 -56.85 -0.02
N ALA R 27 -64.67 -56.56 1.28
CA ALA R 27 -64.28 -55.24 1.78
C ALA R 27 -62.78 -55.13 2.02
N ILE R 28 -62.09 -56.24 2.25
CA ILE R 28 -60.65 -56.19 2.46
C ILE R 28 -59.92 -55.88 1.16
N VAL R 29 -60.42 -56.43 0.04
CA VAL R 29 -59.79 -56.15 -1.24
C VAL R 29 -60.17 -54.75 -1.73
N PHE R 30 -61.35 -54.26 -1.34
CA PHE R 30 -61.76 -52.91 -1.74
C PHE R 30 -61.07 -51.84 -0.93
N ALA R 31 -60.68 -52.14 0.31
CA ALA R 31 -59.99 -51.15 1.13
C ALA R 31 -58.55 -50.95 0.64
N ALA R 32 -57.89 -52.02 0.21
CA ALA R 32 -56.54 -51.90 -0.29
C ALA R 32 -56.51 -51.28 -1.68
N LEU R 33 -57.56 -51.49 -2.48
CA LEU R 33 -57.61 -50.91 -3.81
C LEU R 33 -57.94 -49.42 -3.78
N ILE R 34 -58.72 -48.98 -2.79
CA ILE R 34 -59.05 -47.56 -2.68
C ILE R 34 -57.85 -46.78 -2.16
N ASN R 35 -57.12 -47.34 -1.19
CA ASN R 35 -55.94 -46.66 -0.67
C ASN R 35 -54.74 -46.79 -1.58
N GLY R 36 -54.67 -47.87 -2.37
CA GLY R 36 -53.55 -48.05 -3.27
C GLY R 36 -53.64 -47.20 -4.52
N THR R 37 -54.87 -46.90 -4.97
CA THR R 37 -55.03 -46.07 -6.17
C THR R 37 -54.70 -44.61 -5.91
N SER R 38 -54.78 -44.16 -4.66
CA SER R 38 -54.47 -42.78 -4.33
C SER R 38 -52.98 -42.50 -4.27
N ARG R 39 -52.14 -43.54 -4.25
CA ARG R 39 -50.69 -43.38 -4.21
C ARG R 39 -50.06 -43.35 -5.59
N ASN R 40 -50.87 -43.31 -6.66
CA ASN R 40 -50.46 -43.26 -8.06
C ASN R 40 -49.79 -44.55 -8.49
N PRO R 41 -50.14 -45.09 -9.66
CA PRO R 41 -51.12 -44.52 -10.59
C PRO R 41 -52.03 -45.59 -11.21
N SER R 42 -52.05 -46.77 -10.61
CA SER R 42 -52.86 -47.88 -11.10
C SER R 42 -54.32 -47.61 -10.78
N LEU R 43 -55.11 -47.24 -11.78
CA LEU R 43 -56.53 -46.97 -11.60
C LEU R 43 -57.39 -47.81 -12.52
N ARG R 44 -57.24 -47.69 -13.84
CA ARG R 44 -58.01 -48.47 -14.80
C ARG R 44 -57.30 -49.73 -15.24
N ASN R 45 -56.06 -49.95 -14.81
CA ASN R 45 -55.29 -51.13 -15.19
C ASN R 45 -54.46 -51.57 -13.98
N THR R 46 -53.61 -52.58 -14.21
CA THR R 46 -52.73 -53.13 -13.18
C THR R 46 -53.51 -53.57 -11.96
N LEU R 47 -53.80 -52.61 -11.06
CA LEU R 47 -54.55 -52.93 -9.85
C LEU R 47 -56.03 -53.22 -10.13
N PHE R 48 -56.54 -52.75 -11.27
CA PHE R 48 -57.93 -52.98 -11.63
C PHE R 48 -58.14 -54.44 -12.02
N PRO R 49 -57.12 -55.07 -12.64
CA PRO R 49 -57.29 -56.49 -13.00
C PRO R 49 -57.19 -57.43 -11.81
N PHE R 50 -56.36 -57.11 -10.83
CA PHE R 50 -56.25 -57.96 -9.64
C PHE R 50 -57.44 -57.81 -8.71
N ALA R 51 -58.10 -56.65 -8.74
CA ALA R 51 -59.26 -56.45 -7.87
C ALA R 51 -60.47 -57.23 -8.38
N ILE R 52 -60.63 -57.35 -9.69
CA ILE R 52 -61.75 -58.11 -10.25
C ILE R 52 -61.52 -59.60 -10.08
N LEU R 53 -60.28 -60.06 -10.26
CA LEU R 53 -59.97 -61.46 -10.09
C LEU R 53 -59.89 -61.86 -8.62
N GLY R 54 -59.46 -60.95 -7.75
CA GLY R 54 -59.39 -61.26 -6.33
C GLY R 54 -60.75 -61.30 -5.67
N PHE R 55 -61.71 -60.52 -6.17
CA PHE R 55 -63.05 -60.53 -5.60
C PHE R 55 -63.82 -61.79 -5.97
N ALA R 56 -63.50 -62.39 -7.13
CA ALA R 56 -64.18 -63.62 -7.53
C ALA R 56 -63.70 -64.81 -6.70
N LEU R 57 -62.45 -64.80 -6.24
CA LEU R 57 -61.96 -65.90 -5.42
C LEU R 57 -62.54 -65.85 -4.01
N SER R 58 -62.69 -64.65 -3.47
CA SER R 58 -63.27 -64.50 -2.13
C SER R 58 -64.77 -64.76 -2.12
N GLU R 59 -65.44 -64.52 -3.24
CA GLU R 59 -66.88 -64.77 -3.34
C GLU R 59 -67.22 -66.23 -3.57
N ALA R 60 -66.23 -67.08 -3.82
CA ALA R 60 -66.50 -68.50 -4.04
C ALA R 60 -66.88 -69.20 -2.74
N THR R 61 -66.43 -68.67 -1.60
CA THR R 61 -66.77 -69.28 -0.32
C THR R 61 -68.24 -69.02 0.05
N GLY R 62 -68.76 -67.84 -0.30
CA GLY R 62 -70.15 -67.55 -0.01
C GLY R 62 -71.13 -68.26 -0.91
N LEU R 63 -70.75 -68.49 -2.16
CA LEU R 63 -71.64 -69.18 -3.09
C LEU R 63 -71.70 -70.68 -2.80
N PHE R 64 -70.59 -71.27 -2.34
CA PHE R 64 -70.59 -72.69 -2.03
C PHE R 64 -71.33 -72.98 -0.73
N CYS R 65 -71.24 -72.07 0.25
CA CYS R 65 -71.94 -72.26 1.51
C CYS R 65 -73.43 -71.99 1.40
N LEU R 66 -73.85 -71.17 0.44
CA LEU R 66 -75.27 -70.89 0.27
C LEU R 66 -76.03 -72.07 -0.34
N MET R 67 -75.35 -72.89 -1.14
CA MET R 67 -76.00 -74.05 -1.74
C MET R 67 -76.27 -75.15 -0.73
N ILE R 68 -75.50 -75.21 0.37
CA ILE R 68 -75.73 -76.23 1.37
C ILE R 68 -76.98 -75.91 2.19
N SER R 69 -77.15 -74.64 2.57
CA SER R 69 -78.33 -74.26 3.33
C SER R 69 -79.59 -74.26 2.47
N PHE R 70 -79.45 -74.02 1.17
CA PHE R 70 -80.60 -74.02 0.27
C PHE R 70 -81.07 -75.43 -0.08
N LEU R 71 -80.20 -76.43 0.02
CA LEU R 71 -80.55 -77.81 -0.28
C LEU R 71 -80.98 -78.60 0.94
N LEU R 72 -80.94 -77.99 2.12
CA LEU R 72 -81.33 -78.68 3.36
C LEU R 72 -82.71 -78.24 3.81
N MET S 1 -83.68 -95.38 11.72
CA MET S 1 -82.84 -94.63 10.79
C MET S 1 -83.05 -93.13 10.96
N GLN S 2 -83.85 -92.75 11.95
CA GLN S 2 -84.11 -91.33 12.20
C GLN S 2 -82.92 -90.63 12.83
N LEU S 3 -82.10 -91.35 13.61
CA LEU S 3 -80.95 -90.73 14.24
C LEU S 3 -79.82 -90.47 13.24
N VAL S 4 -79.66 -91.33 12.24
CA VAL S 4 -78.60 -91.12 11.27
C VAL S 4 -78.98 -90.04 10.27
N LEU S 5 -80.27 -89.88 9.98
CA LEU S 5 -80.70 -88.85 9.04
C LEU S 5 -80.70 -87.46 9.67
N ALA S 6 -81.03 -87.37 10.96
CA ALA S 6 -81.04 -86.08 11.63
C ALA S 6 -79.63 -85.56 11.90
N ALA S 7 -78.70 -86.47 12.24
CA ALA S 7 -77.33 -86.07 12.50
C ALA S 7 -76.56 -85.74 11.23
N LYS S 8 -76.99 -86.27 10.07
CA LYS S 8 -76.30 -85.98 8.83
C LYS S 8 -76.58 -84.56 8.35
N TYR S 9 -77.77 -84.04 8.62
CA TYR S 9 -78.09 -82.68 8.19
C TYR S 9 -77.40 -81.65 9.06
N ILE S 10 -77.31 -81.88 10.37
CA ILE S 10 -76.63 -80.93 11.25
C ILE S 10 -75.13 -80.98 11.09
N GLY S 11 -74.57 -82.11 10.66
CA GLY S 11 -73.13 -82.20 10.48
C GLY S 11 -72.63 -81.44 9.26
N ALA S 12 -73.47 -81.36 8.22
CA ALA S 12 -73.07 -80.63 7.01
C ALA S 12 -73.14 -79.12 7.19
N ALA S 13 -73.91 -78.64 8.17
CA ALA S 13 -74.00 -77.21 8.41
C ALA S 13 -72.93 -76.71 9.37
N ILE S 14 -72.58 -77.53 10.37
CA ILE S 14 -71.54 -77.13 11.31
C ILE S 14 -70.16 -77.22 10.68
N ALA S 15 -70.01 -78.08 9.67
CA ALA S 15 -68.72 -78.21 9.00
C ALA S 15 -68.44 -77.04 8.06
N THR S 16 -69.46 -76.26 7.70
CA THR S 16 -69.29 -75.11 6.83
C THR S 16 -68.81 -73.86 7.57
N ILE S 17 -68.55 -73.97 8.87
CA ILE S 17 -68.07 -72.81 9.63
C ILE S 17 -66.63 -72.46 9.29
N GLY S 18 -65.88 -73.40 8.70
CA GLY S 18 -64.51 -73.15 8.31
C GLY S 18 -64.32 -72.33 7.06
N LEU S 19 -65.41 -71.90 6.43
CA LEU S 19 -65.30 -71.09 5.22
C LEU S 19 -64.85 -69.66 5.52
N THR S 20 -64.92 -69.23 6.79
CA THR S 20 -64.48 -67.88 7.12
C THR S 20 -62.97 -67.74 7.02
N GLY S 21 -62.22 -68.78 7.36
CA GLY S 21 -60.77 -68.72 7.25
C GLY S 21 -60.30 -68.83 5.81
N ALA S 22 -60.99 -69.63 5.00
CA ALA S 22 -60.63 -69.77 3.60
C ALA S 22 -61.08 -68.58 2.77
N GLY S 23 -62.22 -67.97 3.11
CA GLY S 23 -62.69 -66.82 2.36
C GLY S 23 -61.87 -65.57 2.65
N ILE S 24 -61.51 -65.36 3.92
CA ILE S 24 -60.70 -64.20 4.28
C ILE S 24 -59.22 -64.42 3.93
N GLY S 25 -58.80 -65.67 3.74
CA GLY S 25 -57.42 -65.91 3.38
C GLY S 25 -57.09 -65.50 1.95
N ILE S 26 -58.04 -65.66 1.04
CA ILE S 26 -57.80 -65.24 -0.35
C ILE S 26 -57.81 -63.74 -0.46
N ALA S 27 -58.53 -63.05 0.43
CA ALA S 27 -58.55 -61.58 0.39
C ALA S 27 -57.36 -60.98 1.12
N ILE S 28 -56.77 -61.70 2.06
CA ILE S 28 -55.60 -61.19 2.77
C ILE S 28 -54.38 -61.20 1.87
N VAL S 29 -54.25 -62.22 1.03
CA VAL S 29 -53.12 -62.28 0.10
C VAL S 29 -53.32 -61.31 -1.05
N PHE S 30 -54.58 -61.04 -1.42
CA PHE S 30 -54.85 -60.10 -2.50
C PHE S 30 -54.70 -58.65 -2.05
N ALA S 31 -54.90 -58.37 -0.77
CA ALA S 31 -54.76 -57.01 -0.27
C ALA S 31 -53.28 -56.60 -0.21
N ALA S 32 -52.41 -57.54 0.16
CA ALA S 32 -50.99 -57.23 0.21
C ALA S 32 -50.37 -57.15 -1.18
N LEU S 33 -50.92 -57.92 -2.14
CA LEU S 33 -50.39 -57.88 -3.50
C LEU S 33 -50.85 -56.64 -4.25
N ILE S 34 -52.03 -56.11 -3.92
CA ILE S 34 -52.52 -54.91 -4.59
C ILE S 34 -51.78 -53.68 -4.08
N ASN S 35 -51.48 -53.64 -2.78
CA ASN S 35 -50.76 -52.51 -2.22
C ASN S 35 -49.28 -52.54 -2.58
N GLY S 36 -48.70 -53.73 -2.75
CA GLY S 36 -47.30 -53.82 -3.11
C GLY S 36 -47.01 -53.59 -4.58
N THR S 37 -47.96 -53.87 -5.45
CA THR S 37 -47.76 -53.65 -6.88
C THR S 37 -47.75 -52.17 -7.24
N SER S 38 -48.48 -51.35 -6.49
CA SER S 38 -48.53 -49.92 -6.74
C SER S 38 -47.29 -49.19 -6.25
N ARG S 39 -46.47 -49.82 -5.43
CA ARG S 39 -45.25 -49.21 -4.91
C ARG S 39 -44.05 -49.42 -5.81
N ASN S 40 -44.23 -50.06 -6.97
CA ASN S 40 -43.20 -50.33 -7.98
C ASN S 40 -42.18 -51.34 -7.47
N PRO S 41 -41.76 -52.30 -8.30
CA PRO S 41 -42.21 -52.49 -9.68
C PRO S 41 -42.44 -53.95 -10.03
N SER S 42 -42.53 -54.81 -9.02
CA SER S 42 -42.74 -56.24 -9.23
C SER S 42 -44.18 -56.46 -9.65
N LEU S 43 -44.40 -56.57 -10.96
CA LEU S 43 -45.74 -56.79 -11.51
C LEU S 43 -45.80 -58.12 -12.25
N ARG S 44 -45.11 -58.25 -13.38
CA ARG S 44 -45.11 -59.50 -14.14
C ARG S 44 -44.09 -60.46 -13.54
N ASN S 45 -44.55 -61.65 -13.18
CA ASN S 45 -43.72 -62.69 -12.57
C ASN S 45 -43.11 -62.14 -11.28
N THR S 46 -41.91 -62.62 -10.92
CA THR S 46 -41.21 -62.20 -9.71
C THR S 46 -42.09 -62.36 -8.47
N LEU S 47 -42.86 -61.33 -8.13
CA LEU S 47 -43.75 -61.38 -6.99
C LEU S 47 -45.10 -62.00 -7.32
N PHE S 48 -45.40 -62.24 -8.59
CA PHE S 48 -46.66 -62.85 -8.99
C PHE S 48 -46.65 -64.34 -8.68
N PRO S 49 -45.47 -64.95 -8.56
CA PRO S 49 -45.43 -66.39 -8.24
C PRO S 49 -45.80 -66.69 -6.80
N PHE S 50 -45.46 -65.81 -5.86
CA PHE S 50 -45.80 -66.03 -4.46
C PHE S 50 -47.28 -65.79 -4.20
N ALA S 51 -47.90 -64.87 -4.94
CA ALA S 51 -49.32 -64.61 -4.74
C ALA S 51 -50.19 -65.72 -5.31
N ILE S 52 -49.78 -66.31 -6.44
CA ILE S 52 -50.55 -67.40 -7.02
C ILE S 52 -50.38 -68.68 -6.21
N LEU S 53 -49.17 -68.93 -5.72
CA LEU S 53 -48.94 -70.11 -4.90
C LEU S 53 -49.49 -69.93 -3.49
N GLY S 54 -49.55 -68.70 -3.00
CA GLY S 54 -50.09 -68.46 -1.67
C GLY S 54 -51.60 -68.61 -1.60
N PHE S 55 -52.29 -68.33 -2.71
CA PHE S 55 -53.74 -68.48 -2.72
C PHE S 55 -54.16 -69.94 -2.76
N ALA S 56 -53.34 -70.81 -3.38
CA ALA S 56 -53.66 -72.23 -3.42
C ALA S 56 -53.42 -72.90 -2.08
N LEU S 57 -52.47 -72.41 -1.29
CA LEU S 57 -52.22 -72.98 0.02
C LEU S 57 -53.32 -72.62 1.01
N SER S 58 -53.83 -71.40 0.92
CA SER S 58 -54.92 -70.98 1.82
C SER S 58 -56.24 -71.63 1.43
N GLU S 59 -56.39 -72.00 0.15
CA GLU S 59 -57.62 -72.63 -0.31
C GLU S 59 -57.67 -74.12 0.01
N ALA S 60 -56.58 -74.69 0.52
CA ALA S 60 -56.59 -76.11 0.87
C ALA S 60 -57.44 -76.39 2.11
N THR S 61 -57.60 -75.40 2.98
CA THR S 61 -58.43 -75.59 4.17
C THR S 61 -59.91 -75.63 3.82
N GLY S 62 -60.34 -74.83 2.85
CA GLY S 62 -61.73 -74.85 2.45
C GLY S 62 -62.12 -76.05 1.64
N LEU S 63 -61.20 -76.57 0.82
CA LEU S 63 -61.50 -77.76 0.02
C LEU S 63 -61.51 -79.02 0.87
N PHE S 64 -60.64 -79.09 1.88
CA PHE S 64 -60.61 -80.25 2.75
C PHE S 64 -61.80 -80.27 3.71
N CYS S 65 -62.27 -79.10 4.14
CA CYS S 65 -63.43 -79.05 5.02
C CYS S 65 -64.73 -79.30 4.26
N LEU S 66 -64.74 -79.04 2.95
CA LEU S 66 -65.94 -79.27 2.16
C LEU S 66 -66.18 -80.74 1.89
N MET S 67 -65.11 -81.55 1.87
CA MET S 67 -65.26 -82.99 1.65
C MET S 67 -65.87 -83.70 2.84
N ILE S 68 -65.73 -83.15 4.05
CA ILE S 68 -66.32 -83.78 5.23
C ILE S 68 -67.83 -83.60 5.23
N SER S 69 -68.30 -82.39 4.91
CA SER S 69 -69.74 -82.15 4.88
C SER S 69 -70.39 -82.83 3.67
N PHE S 70 -69.65 -83.01 2.58
CA PHE S 70 -70.21 -83.66 1.41
C PHE S 70 -70.29 -85.17 1.56
N LEU S 71 -69.39 -85.76 2.37
CA LEU S 71 -69.43 -87.20 2.58
C LEU S 71 -70.54 -87.63 3.53
N LEU S 72 -71.03 -86.72 4.38
CA LEU S 72 -72.10 -87.01 5.32
C LEU S 72 -73.44 -86.48 4.84
N LEU S 73 -73.69 -86.53 3.53
CA LEU S 73 -74.95 -86.04 2.97
C LEU S 73 -75.37 -86.88 1.77
N MET T 1 -76.05 -99.36 20.00
CA MET T 1 -75.06 -98.31 19.77
C MET T 1 -75.64 -97.15 18.97
N GLN T 2 -76.90 -96.82 19.25
CA GLN T 2 -77.54 -95.72 18.54
C GLN T 2 -77.06 -94.37 19.05
N LEU T 3 -76.76 -94.28 20.35
CA LEU T 3 -76.27 -93.01 20.90
C LEU T 3 -74.82 -92.76 20.55
N VAL T 4 -74.03 -93.82 20.36
CA VAL T 4 -72.62 -93.64 20.02
C VAL T 4 -72.46 -93.28 18.54
N LEU T 5 -73.42 -93.68 17.70
CA LEU T 5 -73.33 -93.36 16.28
C LEU T 5 -73.69 -91.91 16.01
N ALA T 6 -74.62 -91.35 16.79
CA ALA T 6 -75.01 -89.95 16.59
C ALA T 6 -73.94 -89.01 17.11
N ALA T 7 -73.25 -89.39 18.19
CA ALA T 7 -72.20 -88.54 18.75
C ALA T 7 -70.93 -88.60 17.90
N LYS T 8 -70.72 -89.70 17.18
CA LYS T 8 -69.53 -89.81 16.35
C LYS T 8 -69.64 -88.97 15.08
N TYR T 9 -70.84 -88.88 14.51
CA TYR T 9 -71.04 -88.07 13.31
C TYR T 9 -70.98 -86.58 13.63
N ILE T 10 -71.43 -86.18 14.81
CA ILE T 10 -71.40 -84.77 15.18
C ILE T 10 -69.99 -84.33 15.59
N GLY T 11 -69.11 -85.28 15.93
CA GLY T 11 -67.76 -84.92 16.30
C GLY T 11 -66.91 -84.50 15.13
N ALA T 12 -67.22 -84.99 13.93
CA ALA T 12 -66.47 -84.61 12.75
C ALA T 12 -66.83 -83.23 12.24
N ALA T 13 -67.96 -82.67 12.68
CA ALA T 13 -68.38 -81.35 12.24
C ALA T 13 -67.86 -80.25 13.17
N ILE T 14 -67.87 -80.48 14.48
CA ILE T 14 -67.37 -79.48 15.41
C ILE T 14 -65.85 -79.39 15.35
N ALA T 15 -65.17 -80.50 15.05
CA ALA T 15 -63.71 -80.48 14.94
C ALA T 15 -63.24 -79.78 13.67
N THR T 16 -64.08 -79.72 12.64
CA THR T 16 -63.72 -79.05 11.39
C THR T 16 -63.89 -77.53 11.45
N ILE T 17 -64.45 -77.01 12.55
CA ILE T 17 -64.62 -75.57 12.68
C ILE T 17 -63.30 -74.87 12.98
N GLY T 18 -62.28 -75.61 13.38
CA GLY T 18 -60.98 -75.04 13.68
C GLY T 18 -60.10 -74.77 12.48
N LEU T 19 -60.64 -74.86 11.27
CA LEU T 19 -59.86 -74.59 10.07
C LEU T 19 -59.65 -73.11 9.80
N THR T 20 -60.28 -72.23 10.59
CA THR T 20 -60.09 -70.80 10.39
C THR T 20 -58.70 -70.35 10.80
N GLY T 21 -58.12 -70.98 11.82
CA GLY T 21 -56.78 -70.65 12.25
C GLY T 21 -55.72 -71.15 11.31
N ALA T 22 -55.94 -72.33 10.73
CA ALA T 22 -54.98 -72.89 9.78
C ALA T 22 -55.13 -72.27 8.40
N GLY T 23 -56.34 -71.90 8.00
CA GLY T 23 -56.52 -71.28 6.69
C GLY T 23 -55.99 -69.86 6.64
N ILE T 24 -56.22 -69.09 7.71
CA ILE T 24 -55.72 -67.71 7.76
C ILE T 24 -54.23 -67.67 8.08
N GLY T 25 -53.67 -68.74 8.63
CA GLY T 25 -52.24 -68.74 8.93
C GLY T 25 -51.38 -68.82 7.70
N ILE T 26 -51.85 -69.50 6.65
CA ILE T 26 -51.07 -69.59 5.42
C ILE T 26 -51.10 -68.27 4.68
N ALA T 27 -52.15 -67.46 4.88
CA ALA T 27 -52.25 -66.17 4.23
C ALA T 27 -51.53 -65.07 4.99
N ILE T 28 -51.34 -65.22 6.30
CA ILE T 28 -50.65 -64.21 7.08
C ILE T 28 -49.15 -64.25 6.77
N VAL T 29 -48.60 -65.45 6.56
CA VAL T 29 -47.18 -65.56 6.22
C VAL T 29 -46.93 -65.16 4.78
N PHE T 30 -47.92 -65.35 3.91
CA PHE T 30 -47.77 -64.98 2.51
C PHE T 30 -47.94 -63.48 2.29
N ALA T 31 -48.69 -62.80 3.16
CA ALA T 31 -48.88 -61.37 3.02
C ALA T 31 -47.63 -60.60 3.43
N ALA T 32 -46.93 -61.08 4.46
CA ALA T 32 -45.70 -60.41 4.90
C ALA T 32 -44.55 -60.70 3.94
N LEU T 33 -44.55 -61.86 3.29
CA LEU T 33 -43.49 -62.19 2.35
C LEU T 33 -43.66 -61.46 1.02
N ILE T 34 -44.90 -61.22 0.60
CA ILE T 34 -45.13 -60.51 -0.65
C ILE T 34 -44.83 -59.02 -0.49
N ASN T 35 -45.21 -58.45 0.65
CA ASN T 35 -44.95 -57.03 0.89
C ASN T 35 -43.49 -56.76 1.26
N GLY T 36 -42.81 -57.75 1.83
CA GLY T 36 -41.41 -57.58 2.19
C GLY T 36 -40.44 -57.81 1.05
N THR T 37 -40.86 -58.55 0.02
CA THR T 37 -39.96 -58.80 -1.11
C THR T 37 -39.81 -57.57 -1.99
N SER T 38 -40.82 -56.68 -2.00
CA SER T 38 -40.76 -55.47 -2.80
C SER T 38 -39.99 -54.35 -2.12
N ARG T 39 -39.53 -54.55 -0.89
CA ARG T 39 -38.78 -53.54 -0.16
C ARG T 39 -37.29 -53.58 -0.46
N ASN T 40 -36.84 -54.51 -1.31
CA ASN T 40 -35.45 -54.69 -1.73
C ASN T 40 -34.58 -55.17 -0.58
N PRO T 41 -33.80 -56.24 -0.78
CA PRO T 41 -33.71 -57.00 -2.03
C PRO T 41 -33.61 -58.51 -1.79
N SER T 42 -34.13 -58.98 -0.66
CA SER T 42 -34.10 -60.39 -0.32
C SER T 42 -35.12 -61.14 -1.17
N LEU T 43 -34.64 -61.74 -2.27
CA LEU T 43 -35.49 -62.49 -3.18
C LEU T 43 -35.25 -63.99 -3.08
N ARG T 44 -34.09 -64.47 -3.54
CA ARG T 44 -33.78 -65.89 -3.47
C ARG T 44 -33.29 -66.26 -2.08
N ASN T 45 -33.89 -67.29 -1.49
CA ASN T 45 -33.53 -67.78 -0.16
C ASN T 45 -33.75 -66.64 0.85
N THR T 46 -32.98 -66.64 1.93
CA THR T 46 -33.06 -65.63 2.99
C THR T 46 -34.48 -65.51 3.52
N LEU T 47 -35.29 -64.64 2.89
CA LEU T 47 -36.68 -64.48 3.31
C LEU T 47 -37.60 -65.56 2.75
N PHE T 48 -37.23 -66.16 1.63
CA PHE T 48 -38.05 -67.22 1.03
C PHE T 48 -37.92 -68.50 1.84
N PRO T 49 -36.79 -68.72 2.51
CA PRO T 49 -36.65 -69.94 3.32
C PRO T 49 -37.51 -69.93 4.57
N PHE T 50 -37.75 -68.75 5.16
CA PHE T 50 -38.60 -68.69 6.34
C PHE T 50 -40.07 -68.84 5.99
N ALA T 51 -40.44 -68.54 4.75
CA ALA T 51 -41.84 -68.70 4.34
C ALA T 51 -42.19 -70.16 4.13
N ILE T 52 -41.23 -70.96 3.66
CA ILE T 52 -41.49 -72.39 3.47
C ILE T 52 -41.50 -73.12 4.80
N LEU T 53 -40.57 -72.76 5.70
CA LEU T 53 -40.52 -73.38 7.01
C LEU T 53 -41.64 -72.87 7.92
N GLY T 54 -42.03 -71.60 7.77
CA GLY T 54 -43.10 -71.07 8.61
C GLY T 54 -44.46 -71.58 8.22
N PHE T 55 -44.65 -71.95 6.95
CA PHE T 55 -45.93 -72.48 6.52
C PHE T 55 -46.17 -73.90 7.03
N ALA T 56 -45.09 -74.66 7.26
CA ALA T 56 -45.25 -76.01 7.77
C ALA T 56 -45.63 -76.02 9.25
N LEU T 57 -45.20 -75.01 10.01
CA LEU T 57 -45.56 -74.93 11.42
C LEU T 57 -47.02 -74.51 11.59
N SER T 58 -47.50 -73.61 10.73
CA SER T 58 -48.89 -73.18 10.81
C SER T 58 -49.84 -74.26 10.31
N GLU T 59 -49.39 -75.11 9.39
CA GLU T 59 -50.21 -76.19 8.86
C GLU T 59 -50.26 -77.40 9.79
N ALA T 60 -49.45 -77.42 10.86
CA ALA T 60 -49.48 -78.54 11.78
C ALA T 60 -50.75 -78.55 12.63
N THR T 61 -51.35 -77.37 12.84
CA THR T 61 -52.59 -77.31 13.62
C THR T 61 -53.76 -77.87 12.82
N GLY T 62 -53.80 -77.64 11.51
CA GLY T 62 -54.89 -78.18 10.70
C GLY T 62 -54.77 -79.66 10.45
N LEU T 63 -53.54 -80.17 10.34
CA LEU T 63 -53.35 -81.61 10.11
C LEU T 63 -53.62 -82.41 11.37
N PHE T 64 -53.27 -81.86 12.55
CA PHE T 64 -53.52 -82.57 13.80
C PHE T 64 -55.00 -82.56 14.16
N CYS T 65 -55.72 -81.48 13.83
CA CYS T 65 -57.14 -81.42 14.12
C CYS T 65 -57.95 -82.27 13.15
N LEU T 66 -57.43 -82.52 11.95
CA LEU T 66 -58.13 -83.35 10.98
C LEU T 66 -58.07 -84.83 11.35
N MET T 67 -57.03 -85.25 12.09
CA MET T 67 -56.93 -86.65 12.49
C MET T 67 -57.94 -86.99 13.57
N ILE T 68 -58.37 -86.00 14.36
CA ILE T 68 -59.36 -86.26 15.41
C ILE T 68 -60.74 -86.47 14.79
N SER T 69 -61.10 -85.65 13.81
CA SER T 69 -62.40 -85.81 13.17
C SER T 69 -62.44 -87.06 12.28
N PHE T 70 -61.30 -87.46 11.73
CA PHE T 70 -61.25 -88.64 10.89
C PHE T 70 -61.28 -89.93 11.70
N LEU T 71 -60.79 -89.90 12.94
CA LEU T 71 -60.79 -91.09 13.77
C LEU T 71 -62.17 -91.40 14.33
N LEU T 72 -63.01 -90.38 14.51
CA LEU T 72 -64.35 -90.59 15.03
C LEU T 72 -65.32 -91.11 13.98
N LEU T 73 -65.01 -90.93 12.70
CA LEU T 73 -65.86 -91.39 11.62
C LEU T 73 -65.33 -92.64 10.94
N TYR T 74 -64.29 -93.26 11.50
CA TYR T 74 -63.72 -94.46 10.91
C TYR T 74 -63.25 -95.42 12.01
N MET U 1 -71.23 -95.19 30.30
CA MET U 1 -71.96 -95.76 29.18
C MET U 1 -73.20 -94.92 28.86
N GLN U 2 -73.77 -95.16 27.68
CA GLN U 2 -74.96 -94.45 27.21
C GLN U 2 -74.73 -92.94 27.21
N LEU U 3 -75.05 -92.29 28.33
CA LEU U 3 -74.87 -90.85 28.42
C LEU U 3 -73.40 -90.48 28.58
N VAL U 4 -72.63 -91.30 29.29
CA VAL U 4 -71.22 -91.01 29.48
C VAL U 4 -70.42 -91.35 28.22
N LEU U 5 -70.87 -92.34 27.44
CA LEU U 5 -70.16 -92.69 26.22
C LEU U 5 -70.40 -91.69 25.11
N ALA U 6 -71.59 -91.08 25.06
CA ALA U 6 -71.88 -90.10 24.03
C ALA U 6 -71.19 -88.77 24.31
N ALA U 7 -70.98 -88.44 25.59
CA ALA U 7 -70.32 -87.20 25.94
C ALA U 7 -68.81 -87.25 25.71
N LYS U 8 -68.22 -88.45 25.64
CA LYS U 8 -66.79 -88.56 25.40
C LYS U 8 -66.42 -88.24 23.95
N TYR U 9 -67.30 -88.61 23.00
CA TYR U 9 -67.02 -88.32 21.60
C TYR U 9 -67.22 -86.83 21.30
N ILE U 10 -68.23 -86.21 21.91
CA ILE U 10 -68.47 -84.79 21.69
C ILE U 10 -67.46 -83.92 22.42
N GLY U 11 -66.85 -84.42 23.49
CA GLY U 11 -65.86 -83.63 24.21
C GLY U 11 -64.55 -83.50 23.46
N ALA U 12 -64.23 -84.47 22.61
CA ALA U 12 -62.99 -84.40 21.83
C ALA U 12 -63.09 -83.44 20.67
N ALA U 13 -64.31 -83.07 20.26
CA ALA U 13 -64.50 -82.15 19.14
C ALA U 13 -64.55 -80.69 19.61
N ILE U 14 -65.23 -80.43 20.73
CA ILE U 14 -65.32 -79.07 21.24
C ILE U 14 -64.00 -78.60 21.85
N ALA U 15 -63.16 -79.53 22.31
CA ALA U 15 -61.87 -79.16 22.87
C ALA U 15 -60.87 -78.74 21.81
N THR U 16 -61.12 -79.07 20.55
CA THR U 16 -60.22 -78.71 19.46
C THR U 16 -60.47 -77.30 18.94
N ILE U 17 -61.35 -76.53 19.58
CA ILE U 17 -61.61 -75.16 19.14
C ILE U 17 -60.45 -74.23 19.46
N GLY U 18 -59.58 -74.63 20.38
CA GLY U 18 -58.43 -73.81 20.73
C GLY U 18 -57.30 -73.81 19.74
N LEU U 19 -57.43 -74.56 18.64
CA LEU U 19 -56.39 -74.60 17.62
C LEU U 19 -56.31 -73.32 16.81
N THR U 20 -57.34 -72.47 16.86
CA THR U 20 -57.30 -71.21 16.12
C THR U 20 -56.27 -70.25 16.69
N GLY U 21 -56.11 -70.23 18.01
CA GLY U 21 -55.13 -69.37 18.64
C GLY U 21 -53.71 -69.88 18.46
N ALA U 22 -53.54 -71.20 18.50
CA ALA U 22 -52.22 -71.79 18.31
C ALA U 22 -51.82 -71.82 16.85
N GLY U 23 -52.78 -72.00 15.94
CA GLY U 23 -52.45 -72.01 14.53
C GLY U 23 -52.10 -70.63 13.99
N ILE U 24 -52.84 -69.61 14.42
CA ILE U 24 -52.55 -68.25 13.99
C ILE U 24 -51.36 -67.65 14.73
N GLY U 25 -50.96 -68.24 15.86
CA GLY U 25 -49.81 -67.72 16.58
C GLY U 25 -48.49 -68.00 15.89
N ILE U 26 -48.41 -69.10 15.14
CA ILE U 26 -47.18 -69.41 14.41
C ILE U 26 -47.01 -68.48 13.22
N ALA U 27 -48.12 -67.98 12.66
CA ALA U 27 -48.05 -67.06 11.53
C ALA U 27 -47.81 -65.63 11.98
N ILE U 28 -48.24 -65.28 13.19
CA ILE U 28 -48.03 -63.92 13.68
C ILE U 28 -46.55 -63.69 14.03
N VAL U 29 -45.90 -64.71 14.57
CA VAL U 29 -44.48 -64.58 14.89
C VAL U 29 -43.63 -64.68 13.64
N PHE U 30 -44.10 -65.39 12.61
CA PHE U 30 -43.34 -65.50 11.37
C PHE U 30 -43.50 -64.26 10.49
N ALA U 31 -44.61 -63.54 10.63
CA ALA U 31 -44.80 -62.33 9.83
C ALA U 31 -43.91 -61.20 10.32
N ALA U 32 -43.74 -61.08 11.63
CA ALA U 32 -42.87 -60.04 12.17
C ALA U 32 -41.39 -60.36 11.96
N LEU U 33 -41.04 -61.64 11.93
CA LEU U 33 -39.65 -62.03 11.70
C LEU U 33 -39.24 -61.88 10.24
N ILE U 34 -40.17 -62.13 9.32
CA ILE U 34 -39.85 -62.00 7.90
C ILE U 34 -39.80 -60.53 7.49
N ASN U 35 -40.70 -59.71 8.03
CA ASN U 35 -40.71 -58.29 7.70
C ASN U 35 -39.59 -57.54 8.42
N GLY U 36 -39.18 -58.00 9.60
CA GLY U 36 -38.11 -57.34 10.33
C GLY U 36 -36.71 -57.69 9.86
N THR U 37 -36.56 -58.83 9.18
CA THR U 37 -35.25 -59.25 8.68
C THR U 37 -34.82 -58.48 7.44
N SER U 38 -35.75 -57.79 6.77
CA SER U 38 -35.42 -57.01 5.58
C SER U 38 -34.77 -55.68 5.89
N ARG U 39 -34.68 -55.30 7.17
CA ARG U 39 -34.06 -54.03 7.56
C ARG U 39 -32.54 -54.11 7.66
N ASN U 40 -31.97 -55.31 7.52
CA ASN U 40 -30.53 -55.59 7.59
C ASN U 40 -29.97 -55.31 8.97
N PRO U 41 -29.36 -56.32 9.62
CA PRO U 41 -29.18 -57.67 9.11
C PRO U 41 -29.39 -58.74 10.16
N SER U 42 -30.60 -58.81 10.71
CA SER U 42 -30.94 -59.80 11.74
C SER U 42 -31.14 -61.15 11.07
N LEU U 43 -30.06 -61.91 10.96
CA LEU U 43 -30.11 -63.23 10.34
C LEU U 43 -29.69 -64.31 11.33
N ARG U 44 -28.38 -64.45 11.55
CA ARG U 44 -27.88 -65.45 12.48
C ARG U 44 -28.14 -65.01 13.92
N ASN U 45 -28.82 -65.86 14.68
CA ASN U 45 -29.18 -65.59 16.08
C ASN U 45 -30.01 -64.30 16.13
N THR U 46 -29.91 -63.57 17.25
CA THR U 46 -30.64 -62.32 17.45
C THR U 46 -32.14 -62.52 17.24
N LEU U 47 -32.60 -62.32 16.00
CA LEU U 47 -34.01 -62.49 15.69
C LEU U 47 -34.39 -63.95 15.49
N PHE U 48 -33.45 -64.80 15.10
CA PHE U 48 -33.72 -66.22 14.90
C PHE U 48 -33.92 -66.90 16.25
N PRO U 49 -33.23 -66.45 17.30
CA PRO U 49 -33.43 -67.09 18.61
C PRO U 49 -34.75 -66.73 19.25
N PHE U 50 -35.22 -65.49 19.07
CA PHE U 50 -36.51 -65.11 19.65
C PHE U 50 -37.67 -65.72 18.88
N ALA U 51 -37.50 -65.96 17.58
CA ALA U 51 -38.57 -66.57 16.80
C ALA U 51 -38.71 -68.06 17.12
N ILE U 52 -37.59 -68.73 17.38
CA ILE U 52 -37.65 -70.15 17.72
C ILE U 52 -38.18 -70.33 19.14
N LEU U 53 -37.77 -69.46 20.06
CA LEU U 53 -38.27 -69.56 21.44
C LEU U 53 -39.70 -69.07 21.55
N GLY U 54 -40.09 -68.09 20.73
CA GLY U 54 -41.46 -67.60 20.77
C GLY U 54 -42.45 -68.57 20.16
N PHE U 55 -42.02 -69.36 19.18
CA PHE U 55 -42.91 -70.33 18.56
C PHE U 55 -43.20 -71.52 19.50
N ALA U 56 -42.25 -71.83 20.39
CA ALA U 56 -42.47 -72.93 21.32
C ALA U 56 -43.46 -72.56 22.41
N LEU U 57 -43.50 -71.28 22.79
CA LEU U 57 -44.45 -70.84 23.81
C LEU U 57 -45.87 -70.78 23.26
N SER U 58 -46.02 -70.38 21.99
CA SER U 58 -47.34 -70.33 21.38
C SER U 58 -47.87 -71.72 21.07
N GLU U 59 -46.98 -72.67 20.78
CA GLU U 59 -47.39 -74.04 20.50
C GLU U 59 -47.70 -74.84 21.75
N ALA U 60 -47.40 -74.31 22.93
CA ALA U 60 -47.69 -75.03 24.17
C ALA U 60 -49.19 -75.03 24.46
N THR U 61 -49.93 -74.03 23.96
CA THR U 61 -51.36 -74.00 24.19
C THR U 61 -52.08 -75.07 23.36
N GLY U 62 -51.59 -75.32 22.13
CA GLY U 62 -52.20 -76.34 21.30
C GLY U 62 -51.84 -77.75 21.73
N LEU U 63 -50.65 -77.95 22.26
CA LEU U 63 -50.24 -79.28 22.71
C LEU U 63 -50.94 -79.65 24.02
N PHE U 64 -51.16 -78.67 24.90
CA PHE U 64 -51.84 -78.94 26.15
C PHE U 64 -53.33 -79.17 25.95
N CYS U 65 -53.93 -78.46 24.98
CA CYS U 65 -55.35 -78.66 24.71
C CYS U 65 -55.62 -79.96 23.97
N LEU U 66 -54.61 -80.46 23.24
CA LEU U 66 -54.79 -81.72 22.52
C LEU U 66 -54.76 -82.92 23.45
N MET U 67 -54.11 -82.79 24.61
CA MET U 67 -54.07 -83.89 25.57
C MET U 67 -55.41 -84.08 26.26
N ILE U 68 -56.21 -83.02 26.36
CA ILE U 68 -57.53 -83.14 26.99
C ILE U 68 -58.49 -83.89 26.08
N SER U 69 -58.48 -83.57 24.79
CA SER U 69 -59.37 -84.25 23.85
C SER U 69 -58.92 -85.68 23.60
N PHE U 70 -57.62 -85.96 23.72
CA PHE U 70 -57.13 -87.31 23.50
C PHE U 70 -57.38 -88.21 24.70
N LEU U 71 -57.45 -87.64 25.90
CA LEU U 71 -57.71 -88.44 27.10
C LEU U 71 -59.16 -88.87 27.20
N LEU U 72 -60.08 -88.09 26.63
CA LEU U 72 -61.50 -88.45 26.68
C LEU U 72 -61.88 -89.49 25.64
N LEU U 73 -61.09 -89.66 24.59
CA LEU U 73 -61.35 -90.62 23.54
C LEU U 73 -60.54 -91.90 23.69
N TYR U 74 -59.75 -92.03 24.74
CA TYR U 74 -58.93 -93.22 24.96
C TYR U 74 -58.77 -93.51 26.45
N MET V 1 -77.31 -90.24 38.83
CA MET V 1 -76.11 -89.46 38.52
C MET V 1 -75.75 -89.58 37.04
N GLN V 2 -76.74 -89.91 36.22
CA GLN V 2 -76.48 -90.05 34.79
C GLN V 2 -76.34 -88.69 34.11
N LEU V 3 -77.13 -87.70 34.54
CA LEU V 3 -77.03 -86.37 33.94
C LEU V 3 -75.80 -85.61 34.41
N VAL V 4 -75.35 -85.88 35.63
CA VAL V 4 -74.16 -85.19 36.14
C VAL V 4 -72.89 -85.80 35.56
N LEU V 5 -72.92 -87.07 35.18
CA LEU V 5 -71.73 -87.71 34.61
C LEU V 5 -71.51 -87.26 33.17
N ALA V 6 -72.59 -87.05 32.41
CA ALA V 6 -72.46 -86.60 31.03
C ALA V 6 -72.08 -85.13 30.95
N ALA V 7 -72.50 -84.33 31.93
CA ALA V 7 -72.16 -82.91 31.95
C ALA V 7 -70.72 -82.64 32.35
N LYS V 8 -70.07 -83.60 33.01
CA LYS V 8 -68.68 -83.40 33.41
C LYS V 8 -67.74 -83.49 32.21
N TYR V 9 -68.05 -84.35 31.25
CA TYR V 9 -67.22 -84.46 30.06
C TYR V 9 -67.41 -83.28 29.12
N ILE V 10 -68.65 -82.79 29.01
CA ILE V 10 -68.92 -81.64 28.15
C ILE V 10 -68.44 -80.34 28.77
N GLY V 11 -68.34 -80.27 30.11
CA GLY V 11 -67.87 -79.05 30.75
C GLY V 11 -66.38 -78.83 30.57
N ALA V 12 -65.61 -79.90 30.48
CA ALA V 12 -64.16 -79.79 30.28
C ALA V 12 -63.78 -79.43 28.85
N ALA V 13 -64.69 -79.59 27.90
CA ALA V 13 -64.40 -79.27 26.50
C ALA V 13 -64.71 -77.81 26.17
N ILE V 14 -65.86 -77.30 26.65
CA ILE V 14 -66.22 -75.91 26.37
C ILE V 14 -65.38 -74.94 27.20
N ALA V 15 -64.80 -75.40 28.31
CA ALA V 15 -63.96 -74.53 29.13
C ALA V 15 -62.60 -74.28 28.50
N THR V 16 -62.21 -75.08 27.51
CA THR V 16 -60.93 -74.91 26.83
C THR V 16 -60.99 -73.90 25.68
N ILE V 17 -62.07 -73.13 25.58
CA ILE V 17 -62.18 -72.14 24.52
C ILE V 17 -61.29 -70.93 24.78
N GLY V 18 -60.84 -70.76 26.02
CA GLY V 18 -59.96 -69.65 26.37
C GLY V 18 -58.53 -69.79 25.92
N LEU V 19 -58.17 -70.90 25.29
CA LEU V 19 -56.80 -71.09 24.82
C LEU V 19 -56.49 -70.24 23.60
N THR V 20 -57.51 -69.73 22.91
CA THR V 20 -57.26 -68.87 21.75
C THR V 20 -56.69 -67.52 22.17
N GLY V 21 -57.14 -66.99 23.31
CA GLY V 21 -56.60 -65.73 23.79
C GLY V 21 -55.22 -65.87 24.41
N ALA V 22 -54.98 -66.99 25.08
CA ALA V 22 -53.67 -67.22 25.67
C ALA V 22 -52.63 -67.65 24.64
N GLY V 23 -53.05 -68.40 23.62
CA GLY V 23 -52.11 -68.81 22.60
C GLY V 23 -51.69 -67.67 21.69
N ILE V 24 -52.63 -66.78 21.35
CA ILE V 24 -52.30 -65.63 20.52
C ILE V 24 -51.57 -64.55 21.31
N GLY V 25 -51.69 -64.55 22.64
CA GLY V 25 -51.00 -63.55 23.43
C GLY V 25 -49.50 -63.77 23.49
N ILE V 26 -49.06 -65.03 23.38
CA ILE V 26 -47.63 -65.31 23.39
C ILE V 26 -46.98 -64.87 22.08
N ALA V 27 -47.74 -64.85 20.99
CA ALA V 27 -47.23 -64.41 19.70
C ALA V 27 -47.33 -62.90 19.52
N ILE V 28 -48.28 -62.25 20.19
CA ILE V 28 -48.42 -60.80 20.06
C ILE V 28 -47.30 -60.10 20.81
N VAL V 29 -46.88 -60.65 21.95
CA VAL V 29 -45.79 -60.04 22.71
C VAL V 29 -44.46 -60.30 22.04
N PHE V 30 -44.33 -61.43 21.34
CA PHE V 30 -43.08 -61.75 20.65
C PHE V 30 -42.94 -61.03 19.31
N ALA V 31 -44.06 -60.61 18.71
CA ALA V 31 -43.99 -59.90 17.44
C ALA V 31 -43.48 -58.47 17.63
N ALA V 32 -43.89 -57.82 18.72
CA ALA V 32 -43.42 -56.46 18.97
C ALA V 32 -41.98 -56.44 19.47
N LEU V 33 -41.55 -57.52 20.15
CA LEU V 33 -40.17 -57.59 20.64
C LEU V 33 -39.19 -57.91 19.53
N ILE V 34 -39.60 -58.72 18.55
CA ILE V 34 -38.71 -59.06 17.44
C ILE V 34 -38.60 -57.91 16.46
N ASN V 35 -39.70 -57.21 16.19
CA ASN V 35 -39.67 -56.07 15.28
C ASN V 35 -39.09 -54.83 15.94
N GLY V 36 -39.15 -54.74 17.27
CA GLY V 36 -38.60 -53.59 17.96
C GLY V 36 -37.11 -53.69 18.22
N THR V 37 -36.58 -54.91 18.25
CA THR V 37 -35.15 -55.09 18.50
C THR V 37 -34.30 -54.73 17.28
N SER V 38 -34.89 -54.71 16.09
CA SER V 38 -34.16 -54.36 14.88
C SER V 38 -34.02 -52.86 14.68
N ARG V 39 -34.59 -52.04 15.57
CA ARG V 39 -34.50 -50.60 15.44
C ARG V 39 -33.26 -50.01 16.10
N ASN V 40 -32.42 -50.85 16.74
CA ASN V 40 -31.19 -50.47 17.41
C ASN V 40 -31.47 -49.57 18.62
N PRO V 41 -31.17 -50.04 19.83
CA PRO V 41 -30.57 -51.35 20.12
C PRO V 41 -31.14 -51.99 21.38
N SER V 42 -32.44 -52.29 21.37
CA SER V 42 -33.11 -52.91 22.51
C SER V 42 -32.82 -54.41 22.49
N LEU V 43 -31.68 -54.78 23.08
CA LEU V 43 -31.27 -56.17 23.13
C LEU V 43 -31.05 -56.62 24.58
N ARG V 44 -29.91 -56.25 25.15
CA ARG V 44 -29.59 -56.62 26.52
C ARG V 44 -30.43 -55.79 27.49
N ASN V 45 -31.21 -56.47 28.32
CA ASN V 45 -32.08 -55.84 29.32
C ASN V 45 -33.07 -54.93 28.59
N THR V 46 -33.50 -53.85 29.25
CA THR V 46 -34.44 -52.89 28.69
C THR V 46 -35.70 -53.57 28.19
N LEU V 47 -35.70 -53.98 26.92
CA LEU V 47 -36.86 -54.66 26.36
C LEU V 47 -36.86 -56.16 26.65
N PHE V 48 -35.74 -56.72 27.07
CA PHE V 48 -35.65 -58.14 27.39
C PHE V 48 -36.37 -58.42 28.70
N PRO V 49 -36.40 -57.48 29.63
CA PRO V 49 -37.11 -57.73 30.90
C PRO V 49 -38.61 -57.65 30.76
N PHE V 50 -39.13 -56.79 29.89
CA PHE V 50 -40.57 -56.69 29.68
C PHE V 50 -41.14 -57.84 28.87
N ALA V 51 -40.33 -58.49 28.03
CA ALA V 51 -40.82 -59.61 27.25
C ALA V 51 -40.99 -60.85 28.12
N ILE V 52 -40.10 -61.04 29.09
CA ILE V 52 -40.20 -62.20 29.97
C ILE V 52 -41.33 -62.01 30.99
N LEU V 53 -41.48 -60.79 31.51
CA LEU V 53 -42.55 -60.52 32.46
C LEU V 53 -43.90 -60.38 31.77
N GLY V 54 -43.93 -59.88 30.53
CA GLY V 54 -45.19 -59.76 29.82
C GLY V 54 -45.74 -61.08 29.34
N PHE V 55 -44.86 -62.04 29.05
CA PHE V 55 -45.33 -63.35 28.59
C PHE V 55 -45.91 -64.17 29.74
N ALA V 56 -45.45 -63.94 30.96
CA ALA V 56 -45.99 -64.66 32.11
C ALA V 56 -47.38 -64.17 32.48
N LEU V 57 -47.67 -62.89 32.24
CA LEU V 57 -49.00 -62.36 32.56
C LEU V 57 -50.02 -62.83 31.54
N SER V 58 -49.63 -62.95 30.27
CA SER V 58 -50.55 -63.42 29.25
C SER V 58 -50.79 -64.92 29.35
N GLU V 59 -49.82 -65.67 29.87
CA GLU V 59 -49.96 -67.11 30.02
C GLU V 59 -50.73 -67.50 31.27
N ALA V 60 -51.08 -66.54 32.13
CA ALA V 60 -51.83 -66.86 33.34
C ALA V 60 -53.27 -67.21 33.03
N THR V 61 -53.81 -66.71 31.91
CA THR V 61 -55.18 -67.03 31.55
C THR V 61 -55.30 -68.48 31.07
N GLY V 62 -54.27 -69.00 30.41
CA GLY V 62 -54.32 -70.38 29.95
C GLY V 62 -54.15 -71.38 31.08
N LEU V 63 -53.37 -71.02 32.09
CA LEU V 63 -53.18 -71.91 33.24
C LEU V 63 -54.38 -71.88 34.17
N PHE V 64 -55.05 -70.74 34.28
CA PHE V 64 -56.22 -70.66 35.15
C PHE V 64 -57.43 -71.34 34.52
N CYS V 65 -57.58 -71.26 33.20
CA CYS V 65 -58.69 -71.90 32.53
C CYS V 65 -58.52 -73.41 32.45
N LEU V 66 -57.27 -73.90 32.48
CA LEU V 66 -57.03 -75.33 32.42
C LEU V 66 -57.35 -76.03 33.74
N MET V 67 -57.35 -75.29 34.86
CA MET V 67 -57.67 -75.91 36.14
C MET V 67 -59.16 -76.20 36.26
N ILE V 68 -59.99 -75.45 35.53
CA ILE V 68 -61.43 -75.70 35.58
C ILE V 68 -61.78 -76.98 34.84
N SER V 69 -61.19 -77.19 33.66
CA SER V 69 -61.47 -78.40 32.90
C SER V 69 -60.84 -79.62 33.53
N PHE V 70 -59.73 -79.44 34.26
CA PHE V 70 -59.09 -80.58 34.91
C PHE V 70 -59.81 -81.00 36.19
N LEU V 71 -60.46 -80.07 36.88
CA LEU V 71 -61.18 -80.39 38.10
C LEU V 71 -62.53 -81.05 37.83
N LEU V 72 -63.06 -80.92 36.62
CA LEU V 72 -64.34 -81.51 36.26
C LEU V 72 -64.18 -82.86 35.56
N LEU V 73 -63.01 -83.49 35.69
CA LEU V 73 -62.76 -84.79 35.06
C LEU V 73 -62.45 -85.85 36.11
N MET W 1 -83.17 -80.85 41.17
CA MET W 1 -82.59 -82.14 41.57
C MET W 1 -81.57 -82.62 40.55
N GLN W 2 -82.00 -83.50 39.65
CA GLN W 2 -81.10 -84.02 38.64
C GLN W 2 -80.81 -82.99 37.55
N LEU W 3 -81.81 -82.16 37.21
CA LEU W 3 -81.60 -81.14 36.20
C LEU W 3 -80.78 -79.97 36.71
N VAL W 4 -80.87 -79.69 38.02
CA VAL W 4 -80.09 -78.59 38.58
C VAL W 4 -78.64 -78.98 38.77
N LEU W 5 -78.37 -80.26 39.02
CA LEU W 5 -76.99 -80.71 39.20
C LEU W 5 -76.24 -80.78 37.86
N ALA W 6 -76.95 -81.12 36.78
CA ALA W 6 -76.31 -81.19 35.47
C ALA W 6 -76.00 -79.80 34.91
N ALA W 7 -76.80 -78.81 35.27
CA ALA W 7 -76.58 -77.45 34.79
C ALA W 7 -75.44 -76.76 35.50
N LYS W 8 -75.01 -77.27 36.66
CA LYS W 8 -73.89 -76.66 37.38
C LYS W 8 -72.56 -76.90 36.68
N TYR W 9 -72.40 -78.07 36.05
CA TYR W 9 -71.15 -78.35 35.35
C TYR W 9 -71.07 -77.56 34.05
N ILE W 10 -72.20 -77.41 33.36
CA ILE W 10 -72.20 -76.63 32.11
C ILE W 10 -72.17 -75.13 32.37
N GLY W 11 -72.54 -74.68 33.57
CA GLY W 11 -72.49 -73.26 33.87
C GLY W 11 -71.09 -72.73 34.05
N ALA W 12 -70.16 -73.58 34.45
CA ALA W 12 -68.77 -73.19 34.63
C ALA W 12 -67.94 -73.31 33.35
N ALA W 13 -68.51 -73.86 32.29
CA ALA W 13 -67.80 -74.01 31.02
C ALA W 13 -68.01 -72.82 30.10
N ILE W 14 -69.26 -72.41 29.91
CA ILE W 14 -69.54 -71.26 29.05
C ILE W 14 -69.16 -69.95 29.71
N ALA W 15 -69.05 -69.92 31.04
CA ALA W 15 -68.67 -68.70 31.73
C ALA W 15 -67.19 -68.38 31.57
N THR W 16 -66.38 -69.36 31.17
CA THR W 16 -64.95 -69.16 30.96
C THR W 16 -64.62 -68.66 29.57
N ILE W 17 -65.63 -68.22 28.79
CA ILE W 17 -65.37 -67.72 27.45
C ILE W 17 -64.73 -66.34 27.49
N GLY W 18 -64.79 -65.64 28.61
CA GLY W 18 -64.20 -64.33 28.75
C GLY W 18 -62.70 -64.32 28.92
N LEU W 19 -62.06 -65.48 28.92
CA LEU W 19 -60.60 -65.53 29.08
C LEU W 19 -59.87 -65.08 27.82
N THR W 20 -60.57 -65.03 26.68
CA THR W 20 -59.92 -64.58 25.45
C THR W 20 -59.62 -63.09 25.50
N GLY W 21 -60.53 -62.30 26.09
CA GLY W 21 -60.29 -60.87 26.20
C GLY W 21 -59.30 -60.51 27.29
N ALA W 22 -59.30 -61.24 28.40
CA ALA W 22 -58.37 -60.97 29.48
C ALA W 22 -56.97 -61.50 29.16
N GLY W 23 -56.87 -62.62 28.45
CA GLY W 23 -55.57 -63.15 28.09
C GLY W 23 -54.87 -62.33 27.03
N ILE W 24 -55.61 -61.91 26.00
CA ILE W 24 -55.03 -61.07 24.95
C ILE W 24 -54.84 -59.63 25.41
N GLY W 25 -55.55 -59.21 26.45
CA GLY W 25 -55.39 -57.85 26.94
C GLY W 25 -54.09 -57.63 27.69
N ILE W 26 -53.56 -58.68 28.32
CA ILE W 26 -52.30 -58.55 29.04
C ILE W 26 -51.13 -58.45 28.07
N ALA W 27 -51.28 -58.99 26.86
CA ALA W 27 -50.24 -58.92 25.85
C ALA W 27 -50.36 -57.69 24.96
N ILE W 28 -51.54 -57.08 24.87
CA ILE W 28 -51.71 -55.89 24.05
C ILE W 28 -51.04 -54.69 24.70
N VAL W 29 -51.11 -54.59 26.03
CA VAL W 29 -50.48 -53.49 26.73
C VAL W 29 -48.96 -53.70 26.80
N PHE W 30 -48.49 -54.95 26.81
CA PHE W 30 -47.07 -55.21 26.86
C PHE W 30 -46.41 -55.04 25.50
N ALA W 31 -47.18 -55.20 24.41
CA ALA W 31 -46.61 -55.04 23.07
C ALA W 31 -46.36 -53.57 22.77
N ALA W 32 -47.26 -52.68 23.19
CA ALA W 32 -47.06 -51.26 22.96
C ALA W 32 -46.01 -50.66 23.89
N LEU W 33 -45.84 -51.24 25.08
CA LEU W 33 -44.84 -50.75 26.02
C LEU W 33 -43.44 -51.19 25.63
N ILE W 34 -43.29 -52.36 25.03
CA ILE W 34 -41.97 -52.84 24.62
C ILE W 34 -41.51 -52.10 23.37
N ASN W 35 -42.43 -51.85 22.43
CA ASN W 35 -42.07 -51.15 21.20
C ASN W 35 -41.92 -49.66 21.43
N GLY W 36 -42.62 -49.10 22.42
CA GLY W 36 -42.52 -47.68 22.70
C GLY W 36 -41.34 -47.28 23.55
N THR W 37 -40.78 -48.23 24.31
CA THR W 37 -39.62 -47.93 25.15
C THR W 37 -38.35 -47.75 24.35
N SER W 38 -38.26 -48.36 23.17
CA SER W 38 -37.08 -48.24 22.32
C SER W 38 -37.12 -47.00 21.43
N ARG W 39 -38.12 -46.14 21.57
CA ARG W 39 -38.25 -44.94 20.77
C ARG W 39 -37.68 -43.70 21.45
N ASN W 40 -37.18 -43.83 22.69
CA ASN W 40 -36.58 -42.78 23.50
C ASN W 40 -37.63 -41.73 23.89
N PRO W 41 -37.87 -41.53 25.19
CA PRO W 41 -37.20 -42.23 26.30
C PRO W 41 -38.14 -42.59 27.44
N SER W 42 -39.25 -43.24 27.11
CA SER W 42 -40.24 -43.63 28.11
C SER W 42 -39.78 -44.94 28.76
N LEU W 43 -38.87 -44.81 29.72
CA LEU W 43 -38.32 -45.96 30.43
C LEU W 43 -38.66 -45.89 31.91
N ARG W 44 -37.88 -45.14 32.67
CA ARG W 44 -38.12 -45.02 34.11
C ARG W 44 -39.32 -44.12 34.37
N ASN W 45 -40.29 -44.65 35.11
CA ASN W 45 -41.53 -43.95 35.46
C ASN W 45 -42.25 -43.55 34.16
N THR W 46 -42.98 -42.44 34.20
CA THR W 46 -43.72 -41.94 33.04
C THR W 46 -44.66 -43.01 32.47
N LEU W 47 -44.15 -43.82 31.55
CA LEU W 47 -44.94 -44.88 30.96
C LEU W 47 -44.91 -46.17 31.78
N PHE W 48 -44.02 -46.28 32.75
CA PHE W 48 -43.93 -47.47 33.59
C PHE W 48 -45.13 -47.51 34.54
N PRO W 49 -45.63 -46.36 35.00
CA PRO W 49 -46.79 -46.39 35.89
C PRO W 49 -48.09 -46.72 35.18
N PHE W 50 -48.24 -46.30 33.93
CA PHE W 50 -49.45 -46.61 33.17
C PHE W 50 -49.49 -48.06 32.70
N ALA W 51 -48.31 -48.67 32.52
CA ALA W 51 -48.27 -50.07 32.08
C ALA W 51 -48.64 -51.01 33.22
N ILE W 52 -48.22 -50.69 34.45
CA ILE W 52 -48.56 -51.52 35.59
C ILE W 52 -50.02 -51.33 35.97
N LEU W 53 -50.51 -50.09 35.92
CA LEU W 53 -51.92 -49.83 36.25
C LEU W 53 -52.85 -50.27 35.13
N GLY W 54 -52.40 -50.18 33.88
CA GLY W 54 -53.25 -50.62 32.77
C GLY W 54 -53.38 -52.11 32.66
N PHE W 55 -52.36 -52.86 33.12
CA PHE W 55 -52.43 -54.31 33.07
C PHE W 55 -53.39 -54.86 34.11
N ALA W 56 -53.52 -54.18 35.26
CA ALA W 56 -54.45 -54.64 36.28
C ALA W 56 -55.90 -54.37 35.90
N LEU W 57 -56.15 -53.32 35.12
CA LEU W 57 -57.51 -53.02 34.69
C LEU W 57 -57.98 -53.98 33.62
N SER W 58 -57.08 -54.39 32.72
CA SER W 58 -57.45 -55.35 31.69
C SER W 58 -57.61 -56.75 32.24
N GLU W 59 -56.85 -57.09 33.28
CA GLU W 59 -56.95 -58.41 33.90
C GLU W 59 -58.09 -58.51 34.90
N ALA W 60 -58.78 -57.42 35.19
CA ALA W 60 -59.90 -57.46 36.13
C ALA W 60 -61.11 -58.18 35.56
N THR W 61 -61.24 -58.23 34.23
CA THR W 61 -62.37 -58.94 33.64
C THR W 61 -62.24 -60.45 33.79
N GLY W 62 -61.01 -60.97 33.79
CA GLY W 62 -60.82 -62.39 33.97
C GLY W 62 -61.02 -62.85 35.41
N LEU W 63 -60.69 -61.98 36.37
CA LEU W 63 -60.88 -62.35 37.77
C LEU W 63 -62.35 -62.28 38.16
N PHE W 64 -63.10 -61.35 37.57
CA PHE W 64 -64.52 -61.24 37.88
C PHE W 64 -65.32 -62.36 37.21
N CYS W 65 -64.92 -62.77 36.01
CA CYS W 65 -65.63 -63.85 35.33
C CYS W 65 -65.29 -65.22 35.93
N LEU W 66 -64.14 -65.34 36.59
CA LEU W 66 -63.77 -66.61 37.20
C LEU W 66 -64.55 -66.87 38.48
N MET W 67 -65.05 -65.82 39.12
CA MET W 67 -65.83 -65.99 40.34
C MET W 67 -67.21 -66.56 40.04
N ILE W 68 -67.73 -66.32 38.83
CA ILE W 68 -69.05 -66.86 38.48
C ILE W 68 -68.96 -68.35 38.23
N SER W 69 -67.92 -68.79 37.51
CA SER W 69 -67.77 -70.23 37.24
C SER W 69 -67.38 -70.99 38.49
N PHE W 70 -66.67 -70.35 39.42
CA PHE W 70 -66.27 -71.03 40.66
C PHE W 70 -67.42 -71.15 41.64
N LEU W 71 -68.37 -70.20 41.62
CA LEU W 71 -69.49 -70.26 42.53
C LEU W 71 -70.53 -71.30 42.12
N LEU W 72 -70.57 -71.68 40.85
CA LEU W 72 -71.50 -72.67 40.34
C LEU W 72 -70.88 -74.06 40.22
N LEU W 73 -69.72 -74.27 40.83
CA LEU W 73 -69.05 -75.57 40.76
C LEU W 73 -68.51 -75.98 42.13
N GLN X 2 -88.19 -77.08 38.81
CA GLN X 2 -87.37 -78.03 38.09
C GLN X 2 -86.79 -77.40 36.82
N LEU X 3 -87.68 -76.96 35.93
CA LEU X 3 -87.22 -76.34 34.68
C LEU X 3 -86.73 -74.92 34.92
N VAL X 4 -87.35 -74.19 35.84
CA VAL X 4 -86.92 -72.82 36.10
C VAL X 4 -85.67 -72.80 36.97
N LEU X 5 -85.48 -73.81 37.82
CA LEU X 5 -84.30 -73.86 38.67
C LEU X 5 -83.07 -74.28 37.89
N ALA X 6 -83.24 -75.17 36.91
CA ALA X 6 -82.11 -75.62 36.11
C ALA X 6 -81.69 -74.58 35.09
N ALA X 7 -82.61 -73.71 34.68
CA ALA X 7 -82.29 -72.66 33.71
C ALA X 7 -81.58 -71.48 34.33
N LYS X 8 -81.50 -71.41 35.67
CA LYS X 8 -80.80 -70.30 36.31
C LYS X 8 -79.28 -70.41 36.14
N TYR X 9 -78.76 -71.62 36.05
CA TYR X 9 -77.32 -71.79 35.86
C TYR X 9 -76.91 -71.43 34.44
N ILE X 10 -77.78 -71.68 33.46
CA ILE X 10 -77.47 -71.34 32.08
C ILE X 10 -77.63 -69.85 31.82
N GLY X 11 -78.41 -69.16 32.65
CA GLY X 11 -78.60 -67.73 32.48
C GLY X 11 -77.40 -66.89 32.88
N ALA X 12 -76.47 -67.47 33.65
CA ALA X 12 -75.27 -66.77 34.08
C ALA X 12 -74.01 -67.25 33.39
N ALA X 13 -74.09 -68.29 32.55
CA ALA X 13 -72.93 -68.82 31.85
C ALA X 13 -72.71 -68.10 30.52
N ILE X 14 -73.73 -68.06 29.67
CA ILE X 14 -73.61 -67.38 28.38
C ILE X 14 -73.66 -65.87 28.53
N ALA X 15 -74.17 -65.36 29.66
CA ALA X 15 -74.22 -63.92 29.88
C ALA X 15 -72.85 -63.33 30.16
N THR X 16 -71.89 -64.15 30.60
CA THR X 16 -70.54 -63.68 30.88
C THR X 16 -69.64 -63.66 29.65
N ILE X 17 -70.21 -63.85 28.45
CA ILE X 17 -69.41 -63.82 27.23
C ILE X 17 -69.01 -62.41 26.85
N GLY X 18 -69.66 -61.40 27.43
CA GLY X 18 -69.34 -60.01 27.13
C GLY X 18 -68.08 -59.49 27.78
N LEU X 19 -67.37 -60.32 28.55
CA LEU X 19 -66.14 -59.87 29.19
C LEU X 19 -64.99 -59.72 28.20
N THR X 20 -65.11 -60.29 27.00
CA THR X 20 -64.05 -60.15 26.02
C THR X 20 -63.98 -58.72 25.48
N GLY X 21 -65.12 -58.07 25.34
CA GLY X 21 -65.11 -56.68 24.88
C GLY X 21 -64.66 -55.71 25.94
N ALA X 22 -65.03 -55.97 27.20
CA ALA X 22 -64.62 -55.10 28.30
C ALA X 22 -63.17 -55.34 28.70
N GLY X 23 -62.69 -56.58 28.60
CA GLY X 23 -61.31 -56.85 28.94
C GLY X 23 -60.32 -56.32 27.92
N ILE X 24 -60.65 -56.47 26.63
CA ILE X 24 -59.78 -55.95 25.59
C ILE X 24 -59.92 -54.45 25.42
N GLY X 25 -61.00 -53.86 25.91
CA GLY X 25 -61.17 -52.41 25.80
C GLY X 25 -60.23 -51.63 26.69
N ILE X 26 -59.88 -52.20 27.85
CA ILE X 26 -58.96 -51.51 28.75
C ILE X 26 -57.53 -51.57 28.20
N ALA X 27 -57.23 -52.56 27.38
CA ALA X 27 -55.89 -52.68 26.80
C ALA X 27 -55.76 -51.85 25.52
N ILE X 28 -56.86 -51.62 24.81
CA ILE X 28 -56.80 -50.82 23.59
C ILE X 28 -56.59 -49.35 23.93
N VAL X 29 -57.21 -48.88 25.02
CA VAL X 29 -57.03 -47.48 25.41
C VAL X 29 -55.68 -47.28 26.08
N PHE X 30 -55.12 -48.32 26.70
CA PHE X 30 -53.82 -48.19 27.34
C PHE X 30 -52.68 -48.31 26.34
N ALA X 31 -52.90 -48.99 25.22
CA ALA X 31 -51.85 -49.12 24.22
C ALA X 31 -51.62 -47.80 23.48
N ALA X 32 -52.70 -47.07 23.19
CA ALA X 32 -52.55 -45.79 22.51
C ALA X 32 -52.04 -44.71 23.46
N LEU X 33 -52.33 -44.83 24.75
CA LEU X 33 -51.86 -43.85 25.72
C LEU X 33 -50.39 -44.05 26.06
N ILE X 34 -49.91 -45.30 26.09
CA ILE X 34 -48.51 -45.56 26.40
C ILE X 34 -47.64 -45.21 25.20
N ASN X 35 -48.11 -45.48 23.99
CA ASN X 35 -47.35 -45.17 22.79
C ASN X 35 -47.37 -43.69 22.46
N GLY X 36 -48.44 -42.98 22.84
CA GLY X 36 -48.54 -41.55 22.58
C GLY X 36 -47.83 -40.68 23.59
N THR X 37 -47.62 -41.18 24.80
CA THR X 37 -46.94 -40.40 25.83
C THR X 37 -45.43 -40.31 25.58
N SER X 38 -44.87 -41.24 24.82
CA SER X 38 -43.44 -41.21 24.52
C SER X 38 -43.08 -40.24 23.40
N ARG X 39 -44.06 -39.62 22.76
CA ARG X 39 -43.81 -38.66 21.69
C ARG X 39 -43.56 -37.24 22.20
N ASN X 40 -43.65 -37.03 23.52
CA ASN X 40 -43.42 -35.75 24.20
C ASN X 40 -44.49 -34.74 23.83
N PRO X 41 -45.19 -34.16 24.82
CA PRO X 41 -44.99 -34.41 26.25
C PRO X 41 -46.30 -34.48 27.02
N SER X 42 -47.28 -35.20 26.47
CA SER X 42 -48.59 -35.33 27.11
C SER X 42 -48.50 -36.27 28.31
N LEU X 43 -48.20 -35.72 29.49
CA LEU X 43 -48.08 -36.50 30.71
C LEU X 43 -49.18 -36.12 31.70
N ARG X 44 -49.03 -35.00 32.40
CA ARG X 44 -50.04 -34.58 33.37
C ARG X 44 -51.25 -34.00 32.63
N ASN X 45 -52.42 -34.53 32.94
CA ASN X 45 -53.70 -34.11 32.33
C ASN X 45 -53.59 -34.32 30.82
N THR X 46 -54.28 -33.48 30.05
CA THR X 46 -54.29 -33.54 28.59
C THR X 46 -54.70 -34.93 28.10
N LEU X 47 -53.70 -35.80 27.88
CA LEU X 47 -53.99 -37.16 27.44
C LEU X 47 -54.38 -38.08 28.60
N PHE X 48 -54.03 -37.72 29.83
CA PHE X 48 -54.36 -38.53 30.99
C PHE X 48 -55.85 -38.40 31.30
N PRO X 49 -56.47 -37.25 30.98
CA PRO X 49 -57.90 -37.13 31.25
C PRO X 49 -58.77 -37.92 30.29
N PHE X 50 -58.34 -38.04 29.03
CA PHE X 50 -59.10 -38.82 28.06
C PHE X 50 -58.94 -40.32 28.30
N ALA X 51 -57.78 -40.74 28.79
CA ALA X 51 -57.57 -42.16 29.05
C ALA X 51 -58.31 -42.62 30.31
N ILE X 52 -58.42 -41.75 31.32
CA ILE X 52 -59.14 -42.11 32.53
C ILE X 52 -60.64 -42.11 32.27
N LEU X 53 -61.13 -41.13 31.51
CA LEU X 53 -62.55 -41.09 31.19
C LEU X 53 -62.94 -42.14 30.16
N GLY X 54 -62.02 -42.48 29.25
CA GLY X 54 -62.32 -43.49 28.26
C GLY X 54 -62.33 -44.89 28.82
N PHE X 55 -61.55 -45.13 29.88
CA PHE X 55 -61.53 -46.45 30.50
C PHE X 55 -62.81 -46.73 31.28
N ALA X 56 -63.41 -45.70 31.87
CA ALA X 56 -64.65 -45.89 32.61
C ALA X 56 -65.83 -46.12 31.67
N LEU X 57 -65.81 -45.50 30.49
CA LEU X 57 -66.90 -45.71 29.54
C LEU X 57 -66.80 -47.09 28.88
N SER X 58 -65.59 -47.57 28.64
CA SER X 58 -65.43 -48.89 28.05
C SER X 58 -65.74 -50.00 29.04
N GLU X 59 -65.54 -49.75 30.33
CA GLU X 59 -65.84 -50.73 31.37
C GLU X 59 -67.31 -50.74 31.77
N ALA X 60 -68.13 -49.86 31.19
CA ALA X 60 -69.55 -49.84 31.53
C ALA X 60 -70.29 -51.04 30.94
N THR X 61 -69.75 -51.62 29.87
CA THR X 61 -70.40 -52.79 29.27
C THR X 61 -70.24 -54.02 30.16
N GLY X 62 -69.12 -54.14 30.87
CA GLY X 62 -68.92 -55.27 31.76
C GLY X 62 -69.74 -55.20 33.03
N LEU X 63 -70.03 -53.98 33.50
CA LEU X 63 -70.83 -53.83 34.70
C LEU X 63 -72.31 -54.13 34.43
N PHE X 64 -72.79 -53.78 33.24
CA PHE X 64 -74.18 -54.06 32.90
C PHE X 64 -74.41 -55.53 32.61
N CYS X 65 -73.41 -56.21 32.02
CA CYS X 65 -73.54 -57.63 31.74
C CYS X 65 -73.40 -58.48 32.99
N LEU X 66 -72.65 -58.00 33.99
CA LEU X 66 -72.49 -58.75 35.23
C LEU X 66 -73.73 -58.69 36.10
N MET X 67 -74.52 -57.61 35.98
CA MET X 67 -75.74 -57.50 36.78
C MET X 67 -76.82 -58.46 36.29
N ILE X 68 -76.79 -58.82 35.00
CA ILE X 68 -77.78 -59.76 34.48
C ILE X 68 -77.48 -61.18 34.96
N SER X 69 -76.20 -61.57 34.95
CA SER X 69 -75.84 -62.91 35.40
C SER X 69 -75.97 -63.05 36.91
N PHE X 70 -75.80 -61.94 37.65
CA PHE X 70 -75.91 -62.00 39.11
C PHE X 70 -77.37 -62.03 39.56
N LEU X 71 -78.28 -61.47 38.77
CA LEU X 71 -79.69 -61.45 39.14
C LEU X 71 -80.35 -62.81 38.95
N LEU X 72 -79.78 -63.68 38.10
CA LEU X 72 -80.34 -65.00 37.86
C LEU X 72 -79.49 -66.11 38.49
N LEU X 73 -78.63 -65.76 39.44
CA LEU X 73 -77.78 -66.74 40.11
C LEU X 73 -77.47 -66.32 41.54
N ILE Y 6 70.04 42.11 -20.34
CA ILE Y 6 70.10 42.78 -19.05
C ILE Y 6 68.70 43.20 -18.61
N LYS Y 7 68.30 42.75 -17.43
CA LYS Y 7 66.98 43.05 -16.88
C LYS Y 7 67.16 43.84 -15.59
N PRO Y 8 66.63 45.05 -15.49
CA PRO Y 8 66.77 45.84 -14.27
C PRO Y 8 65.69 45.48 -13.26
N PRO Y 9 65.98 45.58 -11.96
CA PRO Y 9 64.97 45.25 -10.95
C PRO Y 9 63.96 46.37 -10.77
N VAL Y 10 62.94 46.42 -11.62
CA VAL Y 10 61.91 47.45 -11.54
C VAL Y 10 60.55 46.83 -11.80
N GLN Y 11 60.54 45.54 -12.11
CA GLN Y 11 59.31 44.79 -12.39
C GLN Y 11 58.51 45.44 -13.51
N LEU Y 12 57.66 46.41 -13.16
CA LEU Y 12 56.82 47.15 -14.10
C LEU Y 12 55.92 46.19 -14.88
N PHE Y 13 54.99 45.61 -14.15
CA PHE Y 13 53.98 44.66 -14.68
C PHE Y 13 54.75 43.49 -15.31
N GLY Y 14 54.31 42.97 -16.45
CA GLY Y 14 54.99 41.86 -17.09
C GLY Y 14 54.60 41.67 -18.54
N LEU Y 15 53.37 42.06 -18.88
CA LEU Y 15 52.87 41.95 -20.25
C LEU Y 15 52.75 43.31 -20.92
N ASP Y 16 51.95 44.22 -20.37
CA ASP Y 16 51.80 45.54 -20.96
C ASP Y 16 52.99 46.43 -20.67
N GLY Y 17 53.61 46.28 -19.50
CA GLY Y 17 54.76 47.09 -19.12
C GLY Y 17 56.09 46.62 -19.68
N THR Y 18 56.10 45.51 -20.42
CA THR Y 18 57.33 44.99 -21.01
C THR Y 18 57.63 45.58 -22.38
N TYR Y 19 56.84 46.54 -22.84
CA TYR Y 19 57.09 47.14 -24.15
C TYR Y 19 58.29 48.08 -24.11
N ALA Y 20 58.35 48.95 -23.09
CA ALA Y 20 59.48 49.87 -22.97
C ALA Y 20 60.72 49.18 -22.41
N THR Y 21 60.54 48.10 -21.65
CA THR Y 21 61.69 47.39 -21.10
C THR Y 21 62.39 46.52 -22.13
N ALA Y 22 61.70 46.15 -23.21
CA ALA Y 22 62.32 45.33 -24.25
C ALA Y 22 63.32 46.14 -25.07
N LEU Y 23 62.97 47.39 -25.39
CA LEU Y 23 63.85 48.24 -26.17
C LEU Y 23 64.94 48.90 -25.33
N PHE Y 24 64.84 48.82 -24.00
CA PHE Y 24 65.87 49.43 -23.15
C PHE Y 24 67.14 48.61 -23.11
N SER Y 25 67.08 47.32 -23.43
CA SER Y 25 68.28 46.50 -23.42
C SER Y 25 69.18 46.81 -24.60
N ALA Y 26 68.60 47.08 -25.76
CA ALA Y 26 69.40 47.41 -26.94
C ALA Y 26 69.82 48.86 -26.96
N SER Y 27 69.07 49.74 -26.27
CA SER Y 27 69.41 51.16 -26.22
C SER Y 27 70.45 51.48 -25.17
N ALA Y 28 70.79 50.54 -24.29
CA ALA Y 28 71.77 50.76 -23.24
C ALA Y 28 73.20 50.45 -23.70
N LYS Y 29 73.46 50.47 -25.00
CA LYS Y 29 74.78 50.18 -25.54
C LYS Y 29 75.28 51.39 -26.32
N ASP Y 30 76.58 51.69 -26.17
CA ASP Y 30 77.22 52.82 -26.84
C ASP Y 30 76.57 54.15 -26.51
N SER Y 31 76.05 54.27 -25.28
CA SER Y 31 75.42 55.50 -24.80
C SER Y 31 74.29 55.95 -25.73
N SER Y 32 73.15 55.27 -25.66
CA SER Y 32 72.00 55.60 -26.50
C SER Y 32 70.71 55.66 -25.67
N ILE Y 33 70.80 56.14 -24.45
CA ILE Y 33 69.64 56.25 -23.57
C ILE Y 33 69.26 57.72 -23.41
N GLU Y 34 70.21 58.61 -23.71
CA GLU Y 34 69.94 60.04 -23.59
C GLU Y 34 69.14 60.58 -24.76
N LYS Y 35 69.36 60.04 -25.96
CA LYS Y 35 68.62 60.49 -27.13
C LYS Y 35 67.25 59.85 -27.26
N THR Y 36 66.98 58.78 -26.51
CA THR Y 36 65.69 58.10 -26.57
C THR Y 36 64.62 58.79 -25.72
N PHE Y 37 65.02 59.69 -24.81
CA PHE Y 37 64.04 60.38 -23.98
C PHE Y 37 63.38 61.52 -24.73
N GLN Y 38 64.15 62.26 -25.52
CA GLN Y 38 63.59 63.38 -26.28
C GLN Y 38 62.88 62.92 -27.55
N SER Y 39 63.24 61.75 -28.07
CA SER Y 39 62.62 61.24 -29.27
C SER Y 39 61.27 60.56 -28.98
N VAL Y 40 61.08 60.09 -27.75
CA VAL Y 40 59.82 59.43 -27.40
C VAL Y 40 58.74 60.47 -27.11
N GLN Y 41 59.11 61.67 -26.69
CA GLN Y 41 58.13 62.71 -26.40
C GLN Y 41 57.59 63.37 -27.66
N LYS Y 42 58.32 63.30 -28.77
CA LYS Y 42 57.85 63.92 -30.01
C LYS Y 42 56.80 63.07 -30.71
N LEU Y 43 56.76 61.77 -30.44
CA LEU Y 43 55.78 60.90 -31.08
C LEU Y 43 54.41 61.03 -30.44
N SER Y 44 54.34 61.34 -29.15
CA SER Y 44 53.08 61.49 -28.45
C SER Y 44 52.52 62.90 -28.54
N SER Y 45 53.38 63.91 -28.66
CA SER Y 45 52.91 65.28 -28.74
C SER Y 45 52.39 65.63 -30.13
N THR Y 46 52.84 64.92 -31.17
CA THR Y 46 52.40 65.15 -32.53
C THR Y 46 51.24 64.26 -32.94
N ILE Y 47 50.59 63.59 -31.99
CA ILE Y 47 49.47 62.71 -32.29
C ILE Y 47 48.30 63.07 -31.39
N SER Y 48 48.59 63.52 -30.17
CA SER Y 48 47.53 63.90 -29.23
C SER Y 48 46.94 65.27 -29.59
N LYS Y 49 47.76 66.32 -29.50
CA LYS Y 49 47.32 67.67 -29.82
C LYS Y 49 47.66 68.00 -31.27
N ASP Y 50 46.97 67.31 -32.17
CA ASP Y 50 47.17 67.49 -33.61
C ASP Y 50 45.88 67.25 -34.38
N ALA Y 51 45.15 66.20 -33.99
CA ALA Y 51 43.88 65.83 -34.62
C ALA Y 51 44.07 65.61 -36.12
N LYS Y 52 44.94 64.66 -36.45
CA LYS Y 52 45.22 64.33 -37.84
C LYS Y 52 45.57 62.84 -37.98
N VAL Y 53 46.69 62.43 -37.39
CA VAL Y 53 47.12 61.04 -37.46
C VAL Y 53 46.56 60.19 -36.33
N ALA Y 54 45.75 60.78 -35.45
CA ALA Y 54 45.17 60.02 -34.34
C ALA Y 54 43.96 59.21 -34.79
N GLN Y 55 43.05 59.84 -35.52
CA GLN Y 55 41.85 59.15 -36.00
C GLN Y 55 42.15 58.20 -37.16
N VAL Y 56 43.24 58.42 -37.89
CA VAL Y 56 43.58 57.55 -39.01
C VAL Y 56 44.38 56.33 -38.59
N LEU Y 57 44.80 56.24 -37.32
CA LEU Y 57 45.56 55.11 -36.83
C LEU Y 57 44.88 54.35 -35.71
N SER Y 58 43.92 54.95 -35.01
CA SER Y 58 43.23 54.27 -33.93
C SER Y 58 42.11 53.34 -34.42
N ASN Y 59 41.74 53.42 -35.68
CA ASN Y 59 40.69 52.58 -36.23
C ASN Y 59 41.23 51.18 -36.51
N PRO Y 60 40.34 50.23 -36.78
CA PRO Y 60 40.80 48.85 -37.05
C PRO Y 60 40.89 48.55 -38.55
N ALA Y 61 41.14 49.59 -39.34
CA ALA Y 61 41.25 49.43 -40.79
C ALA Y 61 42.71 49.42 -41.23
N LEU Y 62 43.01 50.11 -42.32
CA LEU Y 62 44.36 50.22 -42.87
C LEU Y 62 44.85 48.81 -43.21
N SER Y 63 46.16 48.59 -43.17
CA SER Y 63 46.74 47.29 -43.47
C SER Y 63 48.11 47.21 -42.79
N LEU Y 64 48.90 46.21 -43.17
CA LEU Y 64 50.23 46.05 -42.58
C LEU Y 64 51.25 46.98 -43.24
N ASN Y 65 51.16 47.16 -44.56
CA ASN Y 65 52.09 48.03 -45.26
C ASN Y 65 51.69 49.49 -45.15
N SER Y 66 50.41 49.77 -44.89
CA SER Y 66 49.98 51.16 -44.77
C SER Y 66 50.35 51.76 -43.42
N ARG Y 67 50.41 50.92 -42.38
CA ARG Y 67 50.78 51.42 -41.05
C ARG Y 67 52.28 51.65 -40.93
N LYS Y 68 53.09 50.87 -41.64
CA LYS Y 68 54.53 51.04 -41.59
C LYS Y 68 55.01 52.22 -42.42
N GLU Y 69 54.28 52.56 -43.49
CA GLU Y 69 54.67 53.68 -44.32
C GLU Y 69 54.32 55.03 -43.69
N VAL Y 70 53.30 55.06 -42.84
CA VAL Y 70 52.91 56.31 -42.19
C VAL Y 70 53.87 56.65 -41.05
N VAL Y 71 54.45 55.65 -40.40
CA VAL Y 71 55.38 55.91 -39.31
C VAL Y 71 56.75 56.30 -39.84
N SER Y 72 57.13 55.80 -41.01
CA SER Y 72 58.44 56.15 -41.58
C SER Y 72 58.43 57.52 -42.23
N VAL Y 73 57.27 57.99 -42.71
CA VAL Y 73 57.21 59.30 -43.34
C VAL Y 73 57.19 60.41 -42.29
N LEU Y 74 56.58 60.18 -41.14
CA LEU Y 74 56.53 61.18 -40.09
C LEU Y 74 57.82 61.26 -39.28
N SER Y 75 58.63 60.19 -39.28
CA SER Y 75 59.88 60.17 -38.54
C SER Y 75 61.05 60.75 -39.33
N LYS Y 76 60.90 60.94 -40.64
CA LYS Y 76 61.98 61.49 -41.44
C LYS Y 76 62.06 63.01 -41.35
N GLU Y 77 61.00 63.67 -40.88
CA GLU Y 77 60.99 65.12 -40.75
C GLU Y 77 60.83 65.58 -39.30
N LEU Y 78 60.88 64.65 -38.34
CA LEU Y 78 60.72 65.00 -36.93
C LEU Y 78 62.07 64.96 -36.22
N LYS Y 79 62.28 63.92 -35.40
CA LYS Y 79 63.52 63.74 -34.65
C LYS Y 79 63.69 62.24 -34.37
N LEU Y 80 63.91 61.48 -35.44
CA LEU Y 80 64.09 60.03 -35.33
C LEU Y 80 64.98 59.57 -36.47
N GLU Y 81 66.11 58.97 -36.13
CA GLU Y 81 67.06 58.48 -37.13
C GLU Y 81 67.84 57.29 -36.57
N PRO Y 82 67.90 57.14 -35.26
CA PRO Y 82 68.64 55.99 -34.69
C PRO Y 82 67.77 54.76 -34.53
N VAL Y 83 67.51 54.35 -33.28
CA VAL Y 83 66.69 53.19 -33.00
C VAL Y 83 65.25 53.57 -32.68
N VAL Y 84 64.86 54.82 -32.97
CA VAL Y 84 63.49 55.26 -32.70
C VAL Y 84 62.51 54.77 -33.75
N SER Y 85 62.99 54.41 -34.94
CA SER Y 85 62.10 53.93 -36.00
C SER Y 85 61.67 52.49 -35.80
N ASN Y 86 62.45 51.69 -35.05
CA ASN Y 86 62.10 50.30 -34.81
C ASN Y 86 61.03 50.13 -33.75
N LEU Y 87 60.79 51.15 -32.92
CA LEU Y 87 59.78 51.05 -31.87
C LEU Y 87 58.37 51.18 -32.44
N LEU Y 88 58.19 51.99 -33.48
CA LEU Y 88 56.87 52.17 -34.07
C LEU Y 88 56.50 51.06 -35.04
N THR Y 89 57.49 50.34 -35.58
CA THR Y 89 57.19 49.26 -36.52
C THR Y 89 56.72 48.00 -35.80
N VAL Y 90 57.12 47.82 -34.55
CA VAL Y 90 56.70 46.62 -33.82
C VAL Y 90 55.26 46.75 -33.32
N LEU Y 91 54.81 47.98 -33.04
CA LEU Y 91 53.45 48.19 -32.56
C LEU Y 91 52.44 48.30 -33.69
N ALA Y 92 52.89 48.41 -34.94
CA ALA Y 92 51.98 48.53 -36.07
C ALA Y 92 51.54 47.15 -36.59
N GLU Y 93 52.45 46.19 -36.61
CA GLU Y 93 52.09 44.85 -37.09
C GLU Y 93 51.35 44.03 -36.05
N ASN Y 94 51.60 44.30 -34.76
CA ASN Y 94 50.96 43.58 -33.68
C ASN Y 94 49.72 44.29 -33.14
N ASN Y 95 49.29 45.38 -33.80
CA ASN Y 95 48.12 46.16 -33.41
C ASN Y 95 48.26 46.66 -31.97
N ARG Y 96 49.23 47.55 -31.79
CA ARG Y 96 49.52 48.13 -30.48
C ARG Y 96 49.72 49.65 -30.57
N LEU Y 97 49.21 50.28 -31.62
CA LEU Y 97 49.35 51.72 -31.79
C LEU Y 97 48.32 52.52 -30.99
N SER Y 98 47.30 51.87 -30.43
CA SER Y 98 46.30 52.57 -29.66
C SER Y 98 46.80 52.97 -28.27
N LEU Y 99 47.79 52.26 -27.75
CA LEU Y 99 48.33 52.57 -26.42
C LEU Y 99 49.75 53.09 -26.53
N PHE Y 100 49.94 54.20 -27.25
CA PHE Y 100 51.27 54.78 -27.40
C PHE Y 100 51.70 55.58 -26.17
N ASP Y 101 50.76 55.97 -25.31
CA ASP Y 101 51.11 56.73 -24.12
C ASP Y 101 51.66 55.83 -23.03
N SER Y 102 51.34 54.53 -23.06
CA SER Y 102 51.84 53.61 -22.06
C SER Y 102 53.27 53.19 -22.31
N ILE Y 103 53.71 53.22 -23.58
CA ILE Y 103 55.08 52.84 -23.90
C ILE Y 103 56.05 53.98 -23.62
N ALA Y 104 55.59 55.22 -23.80
CA ALA Y 104 56.44 56.38 -23.55
C ALA Y 104 56.55 56.71 -22.07
N LYS Y 105 55.52 56.38 -21.28
CA LYS Y 105 55.56 56.66 -19.86
C LYS Y 105 56.41 55.66 -19.09
N GLN Y 106 56.49 54.41 -19.56
CA GLN Y 106 57.30 53.40 -18.89
C GLN Y 106 58.78 53.54 -19.20
N PHE Y 107 59.13 54.27 -20.27
CA PHE Y 107 60.54 54.43 -20.61
C PHE Y 107 61.22 55.47 -19.73
N SER Y 108 60.46 56.47 -19.27
CA SER Y 108 61.03 57.50 -18.41
C SER Y 108 61.18 57.05 -16.96
N VAL Y 109 60.49 55.98 -16.57
CA VAL Y 109 60.59 55.49 -15.20
C VAL Y 109 61.88 54.70 -14.96
N LEU Y 110 62.51 54.19 -16.02
CA LEU Y 110 63.75 53.44 -15.85
C LEU Y 110 64.95 54.35 -15.61
N ASN Y 111 64.95 55.54 -16.19
CA ASN Y 111 66.06 56.46 -15.99
C ASN Y 111 65.97 57.19 -14.65
N ASP Y 112 64.76 57.32 -14.10
CA ASP Y 112 64.57 58.00 -12.83
C ASP Y 112 64.74 57.07 -11.63
N ALA Y 113 64.74 55.75 -11.84
CA ALA Y 113 64.90 54.80 -10.75
C ALA Y 113 66.35 54.40 -10.52
N TYR Y 114 67.11 54.22 -11.60
CA TYR Y 114 68.51 53.84 -11.51
C TYR Y 114 69.44 55.03 -11.44
N ASN Y 115 68.92 56.26 -11.45
CA ASN Y 115 69.74 57.46 -11.38
C ASN Y 115 68.98 58.57 -10.64
N GLY Y 116 68.29 58.20 -9.57
CA GLY Y 116 67.54 59.18 -8.80
C GLY Y 116 66.56 58.48 -7.88
N VAL Y 117 65.95 59.29 -7.02
CA VAL Y 117 64.97 58.79 -6.06
C VAL Y 117 63.57 59.01 -6.60
N VAL Y 118 62.56 58.58 -5.84
CA VAL Y 118 61.16 58.73 -6.25
C VAL Y 118 60.28 58.84 -5.02
N GLU Y 119 59.18 58.10 -5.00
CA GLU Y 119 58.23 58.09 -3.89
C GLU Y 119 57.71 59.50 -3.60
N ALA Y 120 57.31 59.74 -2.36
CA ALA Y 120 56.77 61.04 -1.95
C ALA Y 120 56.97 61.17 -0.44
N THR Y 121 56.26 62.13 0.16
CA THR Y 121 56.35 62.37 1.59
C THR Y 121 55.05 62.96 2.12
N VAL Y 122 54.82 64.24 1.87
CA VAL Y 122 53.62 64.93 2.31
C VAL Y 122 53.34 66.09 1.37
N VAL Y 123 52.10 66.58 1.42
CA VAL Y 123 51.64 67.69 0.58
C VAL Y 123 51.86 67.36 -0.89
N SER Y 124 52.86 68.00 -1.51
CA SER Y 124 53.15 67.76 -2.91
C SER Y 124 54.26 66.73 -3.06
N ALA Y 125 55.11 66.90 -4.08
CA ALA Y 125 56.20 65.97 -4.31
C ALA Y 125 57.36 66.27 -3.38
N LYS Y 126 58.33 65.36 -3.36
CA LYS Y 126 59.52 65.49 -2.52
C LYS Y 126 60.63 66.17 -3.29
N PRO Y 127 61.85 65.63 -3.24
CA PRO Y 127 62.97 66.26 -3.98
C PRO Y 127 63.53 65.36 -5.06
N LEU Y 128 63.57 64.05 -4.78
CA LEU Y 128 64.09 63.03 -5.70
C LEU Y 128 65.53 63.35 -6.10
N ASP Y 129 66.42 63.13 -5.14
CA ASP Y 129 67.84 63.37 -5.36
C ASP Y 129 68.50 62.17 -6.03
N SER Y 130 69.69 62.40 -6.58
CA SER Y 130 70.43 61.35 -7.26
C SER Y 130 71.78 61.11 -6.58
N LYS Y 131 71.77 60.95 -5.25
CA LYS Y 131 72.99 60.72 -4.50
C LYS Y 131 73.35 59.25 -4.48
N ILE Y 132 73.01 58.56 -3.39
CA ILE Y 132 73.30 57.14 -3.23
C ILE Y 132 72.22 56.50 -2.37
N LEU Y 133 72.38 56.58 -1.05
CA LEU Y 133 71.42 56.00 -0.14
C LEU Y 133 70.20 56.91 0.01
N ASN Y 134 69.13 56.33 0.55
CA ASN Y 134 67.89 57.08 0.77
C ASN Y 134 67.75 57.63 2.17
N ARG Y 135 68.54 57.13 3.12
CA ARG Y 135 68.46 57.63 4.50
C ARG Y 135 69.21 58.94 4.66
N LEU Y 136 70.35 59.09 3.97
CA LEU Y 136 71.14 60.31 4.07
C LEU Y 136 70.64 61.41 3.13
N THR Y 137 69.76 61.08 2.19
CA THR Y 137 69.24 62.07 1.26
C THR Y 137 67.87 62.61 1.69
N LYS Y 138 67.09 61.83 2.43
CA LYS Y 138 65.78 62.29 2.87
C LYS Y 138 65.88 63.17 4.11
N SER Y 139 66.90 62.99 4.93
CA SER Y 139 67.05 63.81 6.13
C SER Y 139 67.60 65.20 5.80
N ILE Y 140 68.45 65.29 4.77
CA ILE Y 140 69.02 66.58 4.39
C ILE Y 140 68.10 67.40 3.50
N THR Y 141 67.05 66.79 2.95
CA THR Y 141 66.11 67.49 2.09
C THR Y 141 64.81 67.84 2.77
N ASN Y 142 64.49 67.20 3.89
CA ASN Y 142 63.24 67.50 4.59
C ASN Y 142 63.33 68.78 5.40
N SER Y 143 64.52 69.12 5.91
CA SER Y 143 64.67 70.34 6.69
C SER Y 143 64.74 71.57 5.80
N LYS Y 144 65.22 71.43 4.57
CA LYS Y 144 65.32 72.57 3.66
C LYS Y 144 64.01 72.83 2.91
N TYR Y 145 63.10 71.85 2.87
CA TYR Y 145 61.83 72.01 2.17
C TYR Y 145 60.69 72.39 3.10
N VAL Y 146 60.81 72.15 4.40
CA VAL Y 146 59.74 72.51 5.33
C VAL Y 146 59.76 73.99 5.64
N GLY Y 147 60.93 74.61 5.67
CA GLY Y 147 61.05 76.02 5.95
C GLY Y 147 60.70 76.88 4.76
N PRO Y 148 61.22 76.51 3.58
CA PRO Y 148 60.92 77.27 2.36
C PRO Y 148 59.62 76.81 1.72
N GLY Y 149 58.61 77.67 1.81
CA GLY Y 149 57.30 77.34 1.24
C GLY Y 149 56.39 76.71 2.28
N LYS Y 150 55.85 75.54 1.97
CA LYS Y 150 54.96 74.80 2.86
C LYS Y 150 53.77 75.66 3.27
N THR Y 151 52.78 75.78 2.37
CA THR Y 151 51.60 76.58 2.69
C THR Y 151 50.68 75.87 3.67
N LEU Y 152 50.71 74.54 3.70
CA LEU Y 152 49.88 73.72 4.59
C LEU Y 152 48.40 74.04 4.40
N LYS Y 153 47.87 73.52 3.30
CA LYS Y 153 46.47 73.72 2.96
C LYS Y 153 45.82 72.41 2.51
N ALA Y 180 46.05 68.12 10.41
CA ALA Y 180 45.11 67.29 9.65
C ALA Y 180 45.27 65.82 10.01
N SER Y 181 46.49 65.30 9.90
CA SER Y 181 46.75 63.91 10.21
C SER Y 181 46.82 63.68 11.73
N LYS Y 182 47.40 64.63 12.47
CA LYS Y 182 47.51 64.48 13.91
C LYS Y 182 46.19 64.80 14.62
N VAL Y 183 45.35 65.65 14.02
CA VAL Y 183 44.08 65.99 14.65
C VAL Y 183 43.05 64.90 14.43
N ASN Y 184 43.18 64.13 13.34
CA ASN Y 184 42.22 63.06 13.07
C ASN Y 184 42.49 61.83 13.92
N LYS Y 185 43.74 61.59 14.30
CA LYS Y 185 44.07 60.42 15.12
C LYS Y 185 43.70 60.63 16.59
N LEU Y 186 43.70 61.88 17.06
CA LEU Y 186 43.36 62.15 18.46
C LEU Y 186 41.86 62.11 18.69
N ASN Y 187 41.06 62.45 17.67
CA ASN Y 187 39.61 62.42 17.82
C ASN Y 187 39.05 61.01 17.74
N LYS Y 188 39.73 60.11 17.03
CA LYS Y 188 39.24 58.74 16.91
C LYS Y 188 39.54 57.91 18.16
N VAL Y 189 40.57 58.29 18.92
CA VAL Y 189 40.90 57.54 20.12
C VAL Y 189 39.96 57.90 21.27
N LEU Y 190 39.43 59.13 21.28
CA LEU Y 190 38.52 59.54 22.35
C LEU Y 190 37.12 58.98 22.16
N SER Y 191 36.71 58.75 20.91
CA SER Y 191 35.37 58.22 20.64
C SER Y 191 35.30 56.72 20.89
N GLU Y 192 36.42 56.01 20.78
CA GLU Y 192 36.42 54.57 21.01
C GLU Y 192 36.39 54.20 22.47
N THR Y 193 36.78 55.11 23.36
CA THR Y 193 36.79 54.86 24.80
C THR Y 193 35.55 55.42 25.50
N ILE Y 194 34.61 55.97 24.76
CA ILE Y 194 33.40 56.53 25.36
C ILE Y 194 32.18 55.70 24.97
N ASP Z 49 -49.63 -76.73 51.83
CA ASP Z 49 -48.87 -77.92 51.48
C ASP Z 49 -47.42 -77.57 51.15
N GLU Z 50 -46.62 -78.59 50.85
CA GLU Z 50 -45.22 -78.38 50.51
C GLU Z 50 -45.06 -78.09 49.03
N SER Z 51 -44.14 -78.81 48.37
CA SER Z 51 -43.87 -78.64 46.95
C SER Z 51 -43.50 -77.19 46.61
N ILE Z 52 -44.52 -76.34 46.45
CA ILE Z 52 -44.29 -74.94 46.14
C ILE Z 52 -43.77 -74.15 47.33
N LEU Z 53 -43.86 -74.69 48.54
CA LEU Z 53 -43.37 -73.99 49.72
C LEU Z 53 -41.85 -73.96 49.75
N LEU Z 54 -41.21 -75.05 49.31
CA LEU Z 54 -39.75 -75.09 49.30
C LEU Z 54 -39.18 -74.31 48.12
N VAL Z 55 -39.91 -74.22 47.02
CA VAL Z 55 -39.44 -73.46 45.87
C VAL Z 55 -39.58 -71.97 46.11
N THR Z 56 -40.60 -71.55 46.88
CA THR Z 56 -40.78 -70.13 47.16
C THR Z 56 -39.77 -69.62 48.17
N PHE Z 57 -39.33 -70.48 49.10
CA PHE Z 57 -38.34 -70.06 50.08
C PHE Z 57 -36.96 -69.92 49.46
N LEU Z 58 -36.63 -70.79 48.50
CA LEU Z 58 -35.34 -70.69 47.84
C LEU Z 58 -35.29 -69.53 46.85
N GLY Z 59 -36.40 -69.23 46.18
CA GLY Z 59 -36.42 -68.12 45.26
C GLY Z 59 -36.41 -66.77 45.96
N PHE Z 60 -37.05 -66.69 47.13
CA PHE Z 60 -37.07 -65.44 47.88
C PHE Z 60 -35.74 -65.20 48.58
N ILE Z 61 -34.97 -66.26 48.83
CA ILE Z 61 -33.67 -66.09 49.49
C ILE Z 61 -32.67 -65.46 48.52
N ALA Z 62 -32.73 -65.85 47.25
CA ALA Z 62 -31.83 -65.26 46.25
C ALA Z 62 -32.24 -63.84 45.89
N LEU Z 63 -33.55 -63.54 45.94
CA LEU Z 63 -34.01 -62.18 45.64
C LEU Z 63 -33.71 -61.23 46.78
N ILE Z 64 -33.75 -61.71 48.03
CA ILE Z 64 -33.44 -60.86 49.16
C ILE Z 64 -31.95 -60.56 49.24
N SER Z 65 -31.11 -61.46 48.71
CA SER Z 65 -29.67 -61.22 48.71
C SER Z 65 -29.30 -60.12 47.73
N LYS Z 66 -29.93 -60.10 46.55
CA LYS Z 66 -29.66 -59.04 45.59
C LYS Z 66 -30.30 -57.73 46.01
N THR Z 67 -31.43 -57.78 46.71
CA THR Z 67 -32.08 -56.57 47.17
C THR Z 67 -31.35 -55.94 48.35
N VAL Z 68 -30.56 -56.73 49.09
CA VAL Z 68 -29.79 -56.18 50.20
C VAL Z 68 -28.67 -55.29 49.70
N ALA Z 69 -28.04 -55.67 48.60
CA ALA Z 69 -26.99 -54.85 47.99
C ALA Z 69 -27.61 -53.66 47.29
N PRO Z 70 -28.82 -53.80 46.75
CA PRO Z 70 -29.46 -52.64 46.10
C PRO Z 70 -30.00 -51.63 47.10
N LEU Z 71 -30.46 -52.09 48.27
CA LEU Z 71 -30.96 -51.16 49.28
C LEU Z 71 -29.82 -50.37 49.92
N TYR Z 72 -28.66 -51.00 50.12
CA TYR Z 72 -27.52 -50.29 50.68
C TYR Z 72 -26.91 -49.32 49.67
N GLY Z 73 -26.94 -49.67 48.39
CA GLY Z 73 -26.42 -48.76 47.38
C GLY Z 73 -27.33 -47.58 47.14
N GLU Z 74 -28.66 -47.81 47.19
CA GLU Z 74 -29.59 -46.71 47.01
C GLU Z 74 -29.61 -45.79 48.23
N MET Z 75 -29.30 -46.31 49.40
CA MET Z 75 -29.25 -45.48 50.60
C MET Z 75 -28.03 -44.58 50.63
N ALA Z 76 -27.02 -44.88 49.81
CA ALA Z 76 -25.82 -44.04 49.77
C ALA Z 76 -26.10 -42.68 49.16
N LYS Z 77 -27.12 -42.55 48.32
CA LYS Z 77 -27.49 -41.29 47.72
C LYS Z 77 -28.40 -40.44 48.60
N ASN Z 78 -28.72 -40.91 49.81
CA ASN Z 78 -29.59 -40.16 50.71
C ASN Z 78 -29.00 -40.14 52.12
N ARG Z 79 -28.67 -41.32 52.66
CA ARG Z 79 -28.10 -41.38 53.99
C ARG Z 79 -26.62 -41.00 53.98
N THR Z 80 -25.83 -41.64 53.12
CA THR Z 80 -24.41 -41.31 53.04
C THR Z 80 -24.19 -39.97 52.35
N ASP Z 81 -25.11 -39.56 51.47
CA ASP Z 81 -24.98 -38.27 50.81
C ASP Z 81 -25.24 -37.12 51.76
N HIS Z 82 -26.02 -37.36 52.83
CA HIS Z 82 -26.26 -36.32 53.82
C HIS Z 82 -25.02 -35.99 54.63
N VAL Z 83 -24.18 -37.00 54.88
CA VAL Z 83 -22.94 -36.74 55.61
C VAL Z 83 -21.94 -36.00 54.73
N VAL Z 84 -21.91 -36.30 53.44
CA VAL Z 84 -21.03 -35.59 52.52
C VAL Z 84 -21.54 -34.17 52.29
N GLY Z 85 -22.86 -33.99 52.29
CA GLY Z 85 -23.41 -32.65 52.13
C GLY Z 85 -23.22 -31.80 53.37
N LEU Z 86 -23.30 -32.42 54.56
CA LEU Z 86 -23.06 -31.67 55.79
C LEU Z 86 -21.59 -31.32 55.97
N LEU Z 87 -20.69 -32.19 55.50
CA LEU Z 87 -19.27 -31.89 55.58
C LEU Z 87 -18.87 -30.78 54.62
N ASN Z 88 -19.50 -30.76 53.43
CA ASN Z 88 -19.22 -29.69 52.49
C ASN Z 88 -19.81 -28.36 52.95
N GLN Z 89 -20.97 -28.40 53.62
CA GLN Z 89 -21.56 -27.17 54.15
C GLN Z 89 -20.77 -26.65 55.35
N ALA Z 90 -20.20 -27.55 56.16
CA ALA Z 90 -19.38 -27.12 57.28
C ALA Z 90 -18.04 -26.58 56.82
N ARG Z 91 -17.49 -27.11 55.73
CA ARG Z 91 -16.23 -26.59 55.20
C ARG Z 91 -16.44 -25.22 54.56
N ALA Z 92 -17.58 -25.01 53.92
CA ALA Z 92 -17.87 -23.71 53.34
C ALA Z 92 -18.19 -22.67 54.41
N ASP Z 93 -18.84 -23.11 55.50
CA ASP Z 93 -19.14 -22.18 56.59
C ASP Z 93 -17.88 -21.81 57.37
N HIS Z 94 -16.93 -22.74 57.47
CA HIS Z 94 -15.68 -22.44 58.16
C HIS Z 94 -14.81 -21.47 57.37
N VAL Z 95 -14.83 -21.59 56.04
CA VAL Z 95 -14.07 -20.65 55.22
C VAL Z 95 -14.75 -19.28 55.21
N ASN Z 96 -16.07 -19.24 55.30
CA ASN Z 96 -16.77 -17.95 55.35
C ASN Z 96 -16.58 -17.29 56.71
N ALA Z 97 -16.51 -18.08 57.78
CA ALA Z 97 -16.28 -17.52 59.10
C ALA Z 97 -14.83 -17.05 59.26
N VAL Z 98 -13.88 -17.73 58.63
CA VAL Z 98 -12.49 -17.30 58.71
C VAL Z 98 -12.27 -16.05 57.86
N LYS Z 99 -13.00 -15.92 56.75
CA LYS Z 99 -12.88 -14.73 55.92
C LYS Z 99 -13.54 -13.53 56.59
N THR Z 100 -14.65 -13.75 57.30
CA THR Z 100 -15.30 -12.66 58.02
C THR Z 100 -14.49 -12.22 59.23
N ARG Z 101 -13.81 -13.17 59.90
CA ARG Z 101 -12.99 -12.81 61.04
C ARG Z 101 -11.71 -12.11 60.61
N ILE Z 102 -11.18 -12.44 59.44
CA ILE Z 102 -9.98 -11.77 58.96
C ILE Z 102 -10.30 -10.36 58.50
N ASP Z 103 -11.51 -10.14 57.96
CA ASP Z 103 -11.89 -8.79 57.54
C ASP Z 103 -12.19 -7.90 58.74
N GLN Z 104 -12.75 -8.46 59.81
CA GLN Z 104 -13.02 -7.67 61.00
C GLN Z 104 -11.76 -7.37 61.79
N VAL Z 105 -10.80 -8.29 61.80
CA VAL Z 105 -9.55 -8.04 62.51
C VAL Z 105 -8.69 -7.04 61.75
N SER Z 106 -8.75 -7.06 60.41
CA SER Z 106 -8.00 -6.08 59.63
C SER Z 106 -8.60 -4.69 59.72
N ASN Z 107 -9.89 -4.59 60.01
CA ASN Z 107 -10.53 -3.28 60.15
C ASN Z 107 -10.15 -2.60 61.44
N LEU Z 108 -9.70 -3.34 62.46
CA LEU Z 108 -9.28 -2.72 63.70
C LEU Z 108 -7.96 -1.98 63.53
N LYS Z 109 -7.00 -2.60 62.84
CA LYS Z 109 -5.72 -1.94 62.60
C LYS Z 109 -5.83 -0.82 61.57
N ASP Z 110 -6.80 -0.90 60.66
CA ASP Z 110 -6.97 0.14 59.65
C ASP Z 110 -7.65 1.36 60.24
N VAL Z 111 -8.64 1.16 61.13
CA VAL Z 111 -9.32 2.29 61.74
C VAL Z 111 -8.43 2.98 62.76
N VAL Z 112 -7.55 2.23 63.43
CA VAL Z 112 -6.64 2.83 64.39
C VAL Z 112 -5.55 3.61 63.68
N SER Z 113 -5.16 3.18 62.49
CA SER Z 113 -4.13 3.90 61.73
C SER Z 113 -4.72 5.12 61.02
N THR Z 114 -5.97 5.04 60.56
CA THR Z 114 -6.58 6.18 59.89
C THR Z 114 -6.96 7.27 60.88
N THR Z 115 -7.22 6.91 62.14
CA THR Z 115 -7.56 7.91 63.15
C THR Z 115 -6.34 8.72 63.54
N LYS Z 116 -5.17 8.08 63.66
CA LYS Z 116 -3.96 8.81 64.00
C LYS Z 116 -3.44 9.62 62.82
N ALA Z 117 -3.71 9.16 61.60
CA ALA Z 117 -3.27 9.89 60.40
C ALA Z 117 -4.10 11.13 60.14
N LEU Z 118 -5.32 11.21 60.68
CA LEU Z 118 -6.13 12.41 60.47
C LEU Z 118 -5.59 13.59 61.26
N PHE Z 119 -5.06 13.35 62.46
CA PHE Z 119 -4.47 14.43 63.24
C PHE Z 119 -3.14 14.89 62.68
N GLU Z 120 -2.36 13.97 62.09
CA GLU Z 120 -1.09 14.34 61.50
C GLU Z 120 -1.26 15.06 60.17
N MET Z 121 -2.34 14.77 59.44
CA MET Z 121 -2.58 15.44 58.17
C MET Z 121 -2.99 16.89 58.38
N SER Z 122 -3.74 17.19 59.45
CA SER Z 122 -4.13 18.56 59.71
C SER Z 122 -2.95 19.39 60.20
N LYS Z 123 -2.03 18.77 60.95
CA LYS Z 123 -0.84 19.49 61.41
C LYS Z 123 0.16 19.69 60.29
N GLU Z 124 0.19 18.78 59.30
CA GLU Z 124 1.11 18.94 58.19
C GLU Z 124 0.66 20.04 57.24
N THR Z 125 -0.65 20.25 57.11
CA THR Z 125 -1.15 21.31 56.25
C THR Z 125 -0.91 22.68 56.85
N ALA Z 126 -1.00 22.80 58.17
CA ALA Z 126 -0.75 24.09 58.82
C ALA Z 126 0.74 24.43 58.84
N ALA Z 127 1.60 23.42 58.95
CA ALA Z 127 3.04 23.67 58.94
C ALA Z 127 3.53 24.03 57.55
N LEU Z 128 2.93 23.45 56.51
CA LEU Z 128 3.34 23.77 55.15
C LEU Z 128 2.85 25.14 54.73
N GLU Z 129 1.69 25.57 55.23
CA GLU Z 129 1.18 26.89 54.90
C GLU Z 129 1.96 27.99 55.60
N ALA Z 130 2.49 27.71 56.80
CA ALA Z 130 3.27 28.71 57.51
C ALA Z 130 4.64 28.89 56.87
N GLU Z 131 5.24 27.81 56.37
CA GLU Z 131 6.53 27.91 55.71
C GLU Z 131 6.41 28.55 54.34
N ALA Z 132 5.29 28.32 53.65
CA ALA Z 132 5.09 28.94 52.33
C ALA Z 132 4.78 30.42 52.45
N PHE Z 133 4.08 30.83 53.51
CA PHE Z 133 3.78 32.25 53.69
C PHE Z 133 5.01 33.04 54.12
N GLU Z 134 5.87 32.45 54.94
CA GLU Z 134 7.09 33.14 55.36
C GLU Z 134 8.10 33.22 54.22
N LEU Z 135 8.14 32.21 53.35
CA LEU Z 135 9.07 32.25 52.23
C LEU Z 135 8.61 33.20 51.15
N LYS Z 136 7.29 33.31 50.93
CA LYS Z 136 6.78 34.24 49.93
C LYS Z 136 6.88 35.68 50.39
N GLN Z 137 6.74 35.93 51.70
CA GLN Z 137 6.85 37.29 52.22
C GLN Z 137 8.31 37.75 52.20
N LYS Z 138 9.24 36.83 52.44
CA LYS Z 138 10.66 37.19 52.42
C LYS Z 138 11.16 37.38 51.00
N VAL Z 139 10.63 36.61 50.04
CA VAL Z 139 11.05 36.77 48.65
C VAL Z 139 10.45 38.02 48.04
N ALA Z 140 9.28 38.46 48.54
CA ALA Z 140 8.68 39.67 48.01
C ALA Z 140 9.43 40.91 48.46
N VAL Z 141 9.96 40.91 49.68
CA VAL Z 141 10.73 42.05 50.16
C VAL Z 141 12.10 42.11 49.50
N ALA Z 142 12.66 40.94 49.16
CA ALA Z 142 13.95 40.92 48.49
C ALA Z 142 13.84 41.29 47.02
N SER Z 143 12.74 40.91 46.37
CA SER Z 143 12.54 41.26 44.97
C SER Z 143 12.18 42.73 44.80
N GLU Z 144 11.47 43.32 45.77
CA GLU Z 144 11.12 44.73 45.68
C GLU Z 144 12.34 45.61 45.91
N ALA Z 145 13.24 45.20 46.79
CA ALA Z 145 14.45 45.98 47.04
C ALA Z 145 15.46 45.81 45.91
N LYS Z 146 15.48 44.65 45.26
CA LYS Z 146 16.41 44.44 44.15
C LYS Z 146 15.93 45.15 42.89
N SER Z 147 14.61 45.22 42.69
CA SER Z 147 14.09 45.92 41.51
C SER Z 147 14.26 47.43 41.65
N VAL Z 148 14.15 47.96 42.87
CA VAL Z 148 14.35 49.39 43.07
C VAL Z 148 15.82 49.74 42.99
N LEU Z 149 16.70 48.83 43.40
CA LEU Z 149 18.14 49.10 43.32
C LEU Z 149 18.64 48.97 41.89
N ASP Z 150 18.05 48.07 41.10
CA ASP Z 150 18.48 47.92 39.70
C ASP Z 150 18.00 49.09 38.85
N SER Z 151 16.82 49.63 39.16
CA SER Z 151 16.31 50.78 38.40
C SER Z 151 17.06 52.05 38.77
N TRP Z 152 17.45 52.20 40.03
CA TRP Z 152 18.20 53.38 40.44
C TRP Z 152 19.63 53.35 39.95
N VAL Z 153 20.24 52.16 39.84
CA VAL Z 153 21.59 52.06 39.34
C VAL Z 153 21.64 52.30 37.84
N ARG Z 154 20.57 51.95 37.12
CA ARG Z 154 20.53 52.20 35.69
C ARG Z 154 20.38 53.69 35.39
N TYR Z 155 19.63 54.40 36.23
CA TYR Z 155 19.49 55.84 36.03
C TYR Z 155 20.75 56.59 36.42
N GLU Z 156 21.49 56.11 37.41
CA GLU Z 156 22.74 56.74 37.81
C GLU Z 156 23.83 56.48 36.78
N ALA Z 157 23.84 55.30 36.17
CA ALA Z 157 24.82 55.00 35.14
C ALA Z 157 24.52 55.74 33.84
N GLN Z 158 23.25 55.95 33.53
CA GLN Z 158 22.89 56.69 32.32
C GLN Z 158 23.18 58.17 32.48
N VAL Z 159 23.05 58.71 33.69
CA VAL Z 159 23.35 60.12 33.93
C VAL Z 159 24.85 60.36 33.87
N ARG Z 160 25.65 59.39 34.33
CA ARG Z 160 27.10 59.53 34.27
C ARG Z 160 27.61 59.37 32.85
N GLN Z 161 26.99 58.49 32.06
CA GLN Z 161 27.41 58.32 30.67
C GLN Z 161 27.00 59.50 29.80
N HIS Z 162 25.84 60.11 30.09
CA HIS Z 162 25.41 61.27 29.32
C HIS Z 162 26.25 62.50 29.66
N GLU Z 163 26.69 62.62 30.91
CA GLU Z 163 27.54 63.75 31.28
C GLU Z 163 28.94 63.61 30.70
N GLN Z 164 29.45 62.38 30.60
CA GLN Z 164 30.76 62.16 30.00
C GLN Z 164 30.71 62.33 28.48
N GLU Z 165 29.59 61.98 27.85
CA GLU Z 165 29.47 62.16 26.42
C GLU Z 165 29.28 63.63 26.06
N GLN Z 166 28.58 64.38 26.91
CA GLN Z 166 28.41 65.80 26.67
C GLN Z 166 29.70 66.58 26.91
N LEU Z 167 30.50 66.15 27.88
CA LEU Z 167 31.78 66.83 28.13
C LEU Z 167 32.80 66.51 27.06
N ALA Z 168 32.73 65.32 26.47
CA ALA Z 168 33.66 64.98 25.40
C ALA Z 168 33.32 65.70 24.10
N SER Z 169 32.04 65.98 23.87
CA SER Z 169 31.64 66.71 22.66
C SER Z 169 32.02 68.17 22.76
N THR Z 170 31.95 68.75 23.96
CA THR Z 170 32.34 70.15 24.14
C THR Z 170 33.85 70.31 24.09
N VAL Z 171 34.60 69.31 24.54
CA VAL Z 171 36.06 69.40 24.49
C VAL Z 171 36.56 69.20 23.06
N ILE Z 172 35.83 68.43 22.25
CA ILE Z 172 36.23 68.23 20.86
C ILE Z 172 35.96 69.48 20.03
N SER Z 173 34.91 70.23 20.37
CA SER Z 173 34.61 71.47 19.65
C SER Z 173 35.59 72.57 20.01
N LYS Z 174 36.09 72.59 21.25
CA LYS Z 174 37.04 73.61 21.64
C LYS Z 174 38.42 73.35 21.05
N VAL Z 175 38.76 72.08 20.83
CA VAL Z 175 40.06 71.76 20.24
C VAL Z 175 40.08 72.07 18.75
N GLN Z 176 38.95 71.89 18.06
CA GLN Z 176 38.89 72.20 16.64
C GLN Z 176 38.85 73.70 16.38
N SER Z 177 38.25 74.47 17.29
CA SER Z 177 38.19 75.92 17.12
C SER Z 177 39.54 76.58 17.42
N GLU Z 178 40.35 75.97 18.28
CA GLU Z 178 41.66 76.54 18.61
C GLU Z 178 42.65 76.35 17.47
N LEU Z 179 42.54 75.25 16.72
CA LEU Z 179 43.45 75.00 15.61
C LEU Z 179 43.15 75.89 14.41
N GLN Z 180 41.93 76.39 14.27
CA GLN Z 180 41.55 77.25 13.15
C GLN Z 180 41.85 78.71 13.41
N ASN Z 181 42.34 79.06 14.60
CA ASN Z 181 42.66 80.44 14.95
C ASN Z 181 44.11 80.80 14.65
N ALA Z 182 44.77 80.04 13.76
CA ALA Z 182 46.17 80.27 13.37
C ALA Z 182 47.08 80.26 14.61
N LYS Z 183 47.32 79.04 15.10
CA LYS Z 183 48.16 78.83 16.26
C LYS Z 183 49.63 78.83 15.84
N PHE Z 184 50.40 79.79 16.36
CA PHE Z 184 51.81 79.86 16.03
C PHE Z 184 52.63 78.83 16.81
N GLN Z 185 52.10 78.36 17.95
CA GLN Z 185 52.83 77.36 18.73
C GLN Z 185 52.63 75.96 18.17
N ASP Z 186 51.57 75.75 17.38
CA ASP Z 186 51.33 74.44 16.80
C ASP Z 186 52.15 74.22 15.54
N LYS Z 187 52.47 75.31 14.82
CA LYS Z 187 53.26 75.18 13.61
C LYS Z 187 54.75 75.03 13.92
N VAL Z 188 55.22 75.63 15.02
CA VAL Z 188 56.63 75.52 15.37
C VAL Z 188 56.92 74.18 16.05
N LEU Z 189 55.92 73.60 16.72
CA LEU Z 189 56.15 72.32 17.39
C LEU Z 189 56.08 71.15 16.42
N ALA Z 190 55.44 71.35 15.26
CA ALA Z 190 55.35 70.27 14.28
C ALA Z 190 56.65 70.09 13.51
N GLN Z 191 57.40 71.17 13.29
CA GLN Z 191 58.66 71.06 12.57
C GLN Z 191 59.78 70.51 13.44
N ALA Z 192 59.73 70.79 14.75
CA ALA Z 192 60.76 70.28 15.66
C ALA Z 192 60.54 68.82 16.01
N VAL Z 193 59.30 68.34 15.91
CA VAL Z 193 59.04 66.93 16.23
C VAL Z 193 59.46 66.01 15.08
N GLU Z 194 59.47 66.53 13.85
CA GLU Z 194 59.87 65.70 12.71
C GLU Z 194 61.38 65.56 12.63
N GLU Z 195 62.13 66.57 13.05
CA GLU Z 195 63.58 66.51 13.00
C GLU Z 195 64.15 65.67 14.14
N VAL Z 196 63.47 65.61 15.28
CA VAL Z 196 63.96 64.81 16.39
C VAL Z 196 63.67 63.32 16.18
N GLU Z 197 62.62 62.99 15.44
CA GLU Z 197 62.29 61.59 15.19
C GLU Z 197 63.19 60.98 14.13
N ARG Z 198 63.65 61.77 13.17
CA ARG Z 198 64.52 61.25 12.12
C ARG Z 198 65.96 61.06 12.61
N LEU Z 199 66.38 61.82 13.61
CA LEU Z 199 67.74 61.69 14.13
C LEU Z 199 67.89 60.47 15.03
N PHE Z 200 66.80 60.03 15.68
CA PHE Z 200 66.87 58.87 16.56
C PHE Z 200 66.92 57.55 15.79
N ALA Z 201 66.45 57.53 14.55
CA ALA Z 201 66.45 56.32 13.73
C ALA Z 201 67.62 56.26 12.77
N LYS Z 202 68.50 57.26 12.77
CA LYS Z 202 69.65 57.28 11.87
C LYS Z 202 70.94 57.54 12.65
N LEU AA 11 4.27 4.28 55.98
CA LEU AA 11 3.77 4.74 54.69
C LEU AA 11 3.01 3.64 53.97
N ASP AA 12 1.77 3.39 54.40
CA ASP AA 12 0.93 2.36 53.80
C ASP AA 12 0.36 2.90 52.48
N TRP AA 13 0.80 2.33 51.37
CA TRP AA 13 0.31 2.75 50.05
C TRP AA 13 -0.85 1.89 49.59
N THR AA 14 -0.65 0.58 49.51
CA THR AA 14 -1.71 -0.33 49.08
C THR AA 14 -2.71 -0.63 50.18
N LYS AA 15 -2.36 -0.40 51.45
CA LYS AA 15 -3.26 -0.66 52.55
C LYS AA 15 -4.19 0.52 52.84
N ILE AA 16 -3.86 1.71 52.37
CA ILE AA 16 -4.71 2.87 52.63
C ILE AA 16 -5.87 2.92 51.62
N VAL AA 17 -5.71 2.30 50.45
CA VAL AA 17 -6.78 2.31 49.47
C VAL AA 17 -7.87 1.30 49.78
N SER AA 18 -7.58 0.28 50.58
CA SER AA 18 -8.55 -0.75 50.95
C SER AA 18 -8.76 -0.79 52.47
N LYS AA 19 -8.54 0.34 53.14
CA LYS AA 19 -8.72 0.41 54.58
C LYS AA 19 -10.18 0.56 54.99
N LEU AA 20 -11.05 0.95 54.06
CA LEU AA 20 -12.46 1.13 54.37
C LEU AA 20 -13.20 -0.22 54.26
N GLY AA 21 -14.50 -0.19 54.52
CA GLY AA 21 -15.32 -1.36 54.47
C GLY AA 21 -15.86 -1.64 53.08
N LEU AA 22 -17.03 -2.28 53.03
CA LEU AA 22 -17.67 -2.60 51.76
C LEU AA 22 -18.36 -1.41 51.12
N SER AA 23 -18.67 -0.37 51.90
CA SER AA 23 -19.33 0.80 51.37
C SER AA 23 -18.34 1.68 50.61
N GLY AA 24 -18.82 2.30 49.53
CA GLY AA 24 -17.98 3.16 48.73
C GLY AA 24 -18.14 4.62 49.07
N GLN AA 25 -18.70 4.91 50.24
CA GLN AA 25 -18.90 6.29 50.66
C GLN AA 25 -17.61 6.95 51.14
N THR AA 26 -16.59 6.16 51.46
CA THR AA 26 -15.32 6.69 51.92
C THR AA 26 -14.33 6.94 50.79
N ALA AA 27 -14.77 6.81 49.53
CA ALA AA 27 -13.87 7.05 48.42
C ALA AA 27 -13.61 8.54 48.22
N ALA AA 28 -14.59 9.38 48.55
CA ALA AA 28 -14.40 10.82 48.39
C ALA AA 28 -13.53 11.39 49.50
N ALA AA 29 -13.64 10.83 50.71
CA ALA AA 29 -12.83 11.31 51.83
C ALA AA 29 -11.39 10.84 51.74
N LEU AA 30 -11.16 9.65 51.18
CA LEU AA 30 -9.79 9.15 51.05
C LEU AA 30 -9.04 9.84 49.93
N THR AA 31 -9.74 10.24 48.87
CA THR AA 31 -9.07 10.93 47.76
C THR AA 31 -8.73 12.37 48.11
N SER AA 32 -9.54 13.01 48.97
CA SER AA 32 -9.25 14.39 49.36
C SER AA 32 -8.10 14.46 50.36
N PHE AA 33 -7.95 13.44 51.20
CA PHE AA 33 -6.86 13.45 52.17
C PHE AA 33 -5.51 13.15 51.51
N LYS AA 34 -5.51 12.31 50.48
CA LYS AA 34 -4.26 12.00 49.79
C LYS AA 34 -3.81 13.15 48.90
N LYS AA 35 -4.74 13.92 48.34
CA LYS AA 35 -4.37 15.04 47.50
C LYS AA 35 -3.87 16.22 48.32
N ARG AA 36 -4.37 16.38 49.55
CA ARG AA 36 -3.91 17.47 50.39
C ARG AA 36 -2.53 17.21 50.97
N ASN AA 37 -2.19 15.94 51.22
CA ASN AA 37 -0.87 15.62 51.76
C ASN AA 37 0.21 15.72 50.70
N ASP AA 38 -0.13 15.41 49.44
CA ASP AA 38 0.86 15.50 48.36
C ASP AA 38 1.12 16.94 47.95
N GLU AA 39 0.09 17.80 48.04
CA GLU AA 39 0.28 19.20 47.67
C GLU AA 39 1.04 19.96 48.74
N ALA AA 40 0.91 19.55 50.01
CA ALA AA 40 1.63 20.23 51.08
C ALA AA 40 3.11 19.87 51.07
N LYS AA 41 3.43 18.62 50.72
CA LYS AA 41 4.84 18.22 50.67
C LYS AA 41 5.54 18.75 49.43
N ARG AA 42 4.80 18.95 48.34
CA ARG AA 42 5.41 19.47 47.12
C ARG AA 42 5.65 20.97 47.22
N ILE AA 43 4.88 21.68 48.04
CA ILE AA 43 5.07 23.11 48.19
C ILE AA 43 6.29 23.43 49.03
N LEU AA 44 6.60 22.57 50.01
CA LEU AA 44 7.78 22.79 50.85
C LEU AA 44 9.07 22.43 50.14
N PHE AA 45 9.01 21.50 49.17
CA PHE AA 45 10.22 21.11 48.45
C PHE AA 45 10.51 22.04 47.28
N GLU AA 46 9.48 22.63 46.68
CA GLU AA 46 9.70 23.54 45.56
C GLU AA 46 10.18 24.91 46.03
N LEU AA 47 9.78 25.32 47.23
CA LEU AA 47 10.20 26.61 47.76
C LEU AA 47 11.55 26.49 48.46
N LYS AA 48 12.22 27.62 48.62
CA LYS AA 48 13.52 27.65 49.27
C LYS AA 48 13.36 27.51 50.78
N GLN AA 49 14.29 26.79 51.39
CA GLN AA 49 14.28 26.57 52.84
C GLN AA 49 15.17 27.57 53.57
N GLN AA 50 15.04 28.84 53.22
CA GLN AA 50 15.83 29.90 53.83
C GLN AA 50 15.02 31.19 53.78
N PRO AA 51 15.53 32.26 54.39
CA PRO AA 51 14.78 33.52 54.38
C PRO AA 51 14.92 34.26 53.05
N SER AA 52 15.86 35.21 52.99
CA SER AA 52 16.09 35.98 51.78
C SER AA 52 17.53 36.46 51.77
N ASN AA 53 18.00 36.83 50.57
CA ASN AA 53 19.36 37.33 50.41
C ASN AA 53 19.50 38.75 50.94
N VAL AA 54 18.69 39.66 50.42
CA VAL AA 54 18.70 41.07 50.82
C VAL AA 54 20.09 41.65 50.64
N ASP AA 55 20.47 41.90 49.38
CA ASP AA 55 21.79 42.46 49.07
C ASP AA 55 21.83 43.95 49.39
N PHE AA 56 22.08 44.29 50.67
CA PHE AA 56 22.16 45.68 51.07
C PHE AA 56 23.49 46.34 50.73
N ALA AA 57 24.49 45.56 50.32
CA ALA AA 57 25.78 46.13 49.97
C ALA AA 57 25.75 46.81 48.60
N PHE AA 58 24.89 46.37 47.70
CA PHE AA 58 24.77 46.95 46.38
C PHE AA 58 23.49 47.75 46.19
N TYR AA 59 22.68 47.91 47.24
CA TYR AA 59 21.43 48.66 47.16
C TYR AA 59 21.50 50.01 47.86
N LYS AA 60 22.32 50.15 48.90
CA LYS AA 60 22.41 51.42 49.61
C LYS AA 60 23.27 52.43 48.85
N SER AA 61 24.29 51.97 48.13
CA SER AA 61 25.15 52.86 47.37
C SER AA 61 24.65 53.12 45.96
N THR AA 62 23.60 52.43 45.51
CA THR AA 62 23.05 52.62 44.19
C THR AA 62 21.74 53.39 44.17
N LEU AA 63 21.08 53.54 45.32
CA LEU AA 63 19.83 54.26 45.38
C LEU AA 63 20.06 55.77 45.31
N LYS AA 64 19.06 56.49 44.79
CA LYS AA 64 19.16 57.93 44.66
C LYS AA 64 18.90 58.63 45.99
N ASN AA 65 17.87 58.19 46.72
CA ASN AA 65 17.54 58.79 48.00
C ASN AA 65 18.49 58.30 49.08
N THR AA 66 18.92 59.23 49.94
CA THR AA 66 19.84 58.89 51.02
C THR AA 66 19.09 58.20 52.16
N ALA AA 67 19.72 57.17 52.73
CA ALA AA 67 19.15 56.39 53.83
C ALA AA 67 17.80 55.81 53.45
N ILE AA 68 17.73 55.24 52.25
CA ILE AA 68 16.51 54.63 51.72
C ILE AA 68 16.57 53.11 51.79
N VAL AA 69 17.63 52.52 51.23
CA VAL AA 69 17.76 51.06 51.26
C VAL AA 69 18.24 50.55 52.60
N ASP AA 70 18.86 51.40 53.42
CA ASP AA 70 19.34 50.96 54.72
C ASP AA 70 18.21 50.81 55.73
N LYS AA 71 17.18 51.65 55.65
CA LYS AA 71 16.06 51.55 56.58
C LYS AA 71 15.13 50.40 56.24
N ILE AA 72 14.98 50.08 54.95
CA ILE AA 72 14.10 48.99 54.56
C ILE AA 72 14.73 47.62 54.79
N GLN AA 73 16.06 47.54 54.82
CA GLN AA 73 16.72 46.25 55.04
C GLN AA 73 16.69 45.84 56.51
N SER AA 74 16.68 46.82 57.43
CA SER AA 74 16.65 46.50 58.85
C SER AA 74 15.26 46.06 59.31
N ASP AA 75 14.21 46.59 58.68
CA ASP AA 75 12.85 46.22 59.07
C ASP AA 75 12.42 44.89 58.46
N VAL AA 76 12.94 44.54 57.29
CA VAL AA 76 12.58 43.28 56.65
C VAL AA 76 13.30 42.09 57.27
N SER AA 77 14.44 42.32 57.92
CA SER AA 77 15.20 41.24 58.54
C SER AA 77 14.79 40.99 59.98
N LYS AA 78 13.85 41.76 60.52
CA LYS AA 78 13.41 41.58 61.90
C LYS AA 78 12.31 40.53 61.98
N PHE AA 79 11.07 40.96 61.99
CA PHE AA 79 9.93 40.05 62.08
C PHE AA 79 8.73 40.68 61.39
N THR AA 80 7.85 39.83 60.86
CA THR AA 80 6.66 40.30 60.18
C THR AA 80 5.53 39.28 60.35
N PRO AA 81 4.34 39.56 59.84
CA PRO AA 81 3.23 38.61 59.99
C PRO AA 81 3.23 37.57 58.87
N SER AA 82 2.63 36.42 59.18
CA SER AA 82 2.54 35.32 58.23
C SER AA 82 1.22 34.59 58.43
N LYS AA 83 0.74 33.97 57.35
CA LYS AA 83 -0.52 33.23 57.39
C LYS AA 83 -0.27 31.89 58.08
N ALA AA 84 -0.48 31.86 59.39
CA ALA AA 84 -0.28 30.66 60.18
C ALA AA 84 -1.40 30.56 61.21
N ASN AA 85 -1.44 29.42 61.90
CA ASN AA 85 -2.45 29.18 62.92
C ASN AA 85 -1.82 28.35 64.03
N LEU AA 86 -2.58 28.18 65.11
CA LEU AA 86 -2.16 27.42 66.28
C LEU AA 86 -2.88 26.08 66.32
N SER AA 87 -2.59 25.30 67.36
CA SER AA 87 -3.19 23.98 67.55
C SER AA 87 -4.38 24.02 68.50
N LYS AA 88 -5.08 25.15 68.57
CA LYS AA 88 -6.23 25.27 69.46
C LYS AA 88 -7.45 24.57 68.88
N GLN AA 89 -7.68 24.71 67.58
CA GLN AA 89 -8.82 24.08 66.90
C GLN AA 89 -8.44 22.65 66.51
N LEU AA 90 -8.42 21.78 67.52
CA LEU AA 90 -8.06 20.37 67.32
C LEU AA 90 -9.32 19.57 66.98
N ASN AA 91 -9.79 19.76 65.74
CA ASN AA 91 -10.97 19.05 65.29
C ASN AA 91 -10.66 17.61 64.94
N LEU AA 92 -9.48 17.36 64.34
CA LEU AA 92 -9.11 16.00 63.98
C LEU AA 92 -8.58 15.22 65.18
N ILE AA 93 -8.07 15.91 66.20
CA ILE AA 93 -7.56 15.22 67.38
C ILE AA 93 -8.71 14.73 68.25
N GLU AA 94 -9.80 15.50 68.31
CA GLU AA 94 -10.94 15.08 69.12
C GLU AA 94 -11.72 13.96 68.45
N SER AA 95 -11.76 13.92 67.12
CA SER AA 95 -12.46 12.86 66.41
C SER AA 95 -11.65 11.59 66.32
N PHE AA 96 -10.35 11.63 66.64
CA PHE AA 96 -9.53 10.42 66.57
C PHE AA 96 -9.84 9.48 67.73
N GLU AA 97 -10.14 10.04 68.90
CA GLU AA 97 -10.45 9.20 70.06
C GLU AA 97 -11.85 8.58 69.94
N ALA AA 98 -12.79 9.32 69.34
CA ALA AA 98 -14.14 8.78 69.17
C ALA AA 98 -14.21 7.73 68.07
N LYS AA 99 -13.35 7.83 67.06
CA LYS AA 99 -13.36 6.84 65.98
C LYS AA 99 -12.76 5.53 66.44
N ALA AA 100 -11.73 5.57 67.29
CA ALA AA 100 -11.12 4.35 67.78
C ALA AA 100 -11.99 3.68 68.85
N LEU AA 101 -12.85 4.44 69.52
CA LEU AA 101 -13.73 3.88 70.54
C LEU AA 101 -15.01 3.29 69.95
N GLU AA 102 -15.29 3.53 68.67
CA GLU AA 102 -16.49 3.01 68.03
C GLU AA 102 -16.20 2.01 66.92
N ASN AA 103 -15.08 2.17 66.20
CA ASN AA 103 -14.71 1.27 65.12
C ASN AA 103 -13.61 0.28 65.53
N ALA AA 104 -12.52 0.78 66.11
CA ALA AA 104 -11.44 -0.09 66.53
C ALA AA 104 -11.79 -0.85 67.81
N LYS AA 105 -12.54 -0.20 68.71
CA LYS AA 105 -12.93 -0.85 69.96
C LYS AA 105 -14.06 -1.86 69.76
N GLU AA 106 -14.80 -1.77 68.65
CA GLU AA 106 -15.87 -2.72 68.41
C GLU AA 106 -15.34 -4.10 68.02
N THR AA 107 -14.13 -4.16 67.48
CA THR AA 107 -13.54 -5.44 67.11
C THR AA 107 -13.04 -6.23 68.31
N GLU AA 108 -12.89 -5.59 69.47
CA GLU AA 108 -12.44 -6.30 70.66
C GLU AA 108 -13.53 -7.18 71.25
N SER AA 109 -14.80 -6.96 70.87
CA SER AA 109 -15.91 -7.76 71.37
C SER AA 109 -16.69 -8.47 70.28
N VAL AA 110 -16.62 -8.01 69.03
CA VAL AA 110 -17.34 -8.66 67.94
C VAL AA 110 -16.45 -9.65 67.20
N VAL AA 111 -15.23 -9.24 66.86
CA VAL AA 111 -14.31 -10.14 66.18
C VAL AA 111 -13.73 -11.17 67.14
N LEU AA 112 -13.61 -10.82 68.42
CA LEU AA 112 -13.10 -11.77 69.40
C LEU AA 112 -14.12 -12.85 69.73
N ALA AA 113 -15.41 -12.50 69.74
CA ALA AA 113 -16.44 -13.50 70.02
C ALA AA 113 -16.63 -14.45 68.83
N GLU AA 114 -16.40 -13.97 67.61
CA GLU AA 114 -16.53 -14.83 66.44
C GLU AA 114 -15.38 -15.81 66.32
N LEU AA 115 -14.18 -15.42 66.78
CA LEU AA 115 -13.03 -16.32 66.72
C LEU AA 115 -13.14 -17.42 67.77
N THR AA 116 -13.68 -17.10 68.95
CA THR AA 116 -13.83 -18.12 69.98
C THR AA 116 -14.96 -19.09 69.65
N ASP AA 117 -16.02 -18.62 69.00
CA ASP AA 117 -17.12 -19.50 68.62
C ASP AA 117 -16.76 -20.40 67.45
N LEU AA 118 -15.92 -19.91 66.52
CA LEU AA 118 -15.52 -20.73 65.39
C LEU AA 118 -14.52 -21.81 65.80
N GLU AA 119 -13.69 -21.53 66.82
CA GLU AA 119 -12.73 -22.53 67.28
C GLU AA 119 -13.40 -23.62 68.09
N LYS AA 120 -14.44 -23.28 68.86
CA LYS AA 120 -15.16 -24.27 69.65
C LYS AA 120 -16.05 -25.15 68.79
N THR AA 121 -16.59 -24.61 67.69
CA THR AA 121 -17.46 -25.39 66.82
C THR AA 121 -16.65 -26.31 65.91
N LEU AA 122 -15.46 -25.89 65.49
CA LEU AA 122 -14.63 -26.73 64.63
C LEU AA 122 -14.01 -27.89 65.39
N GLU AA 123 -13.66 -27.69 66.66
CA GLU AA 123 -13.08 -28.76 67.46
C GLU AA 123 -14.11 -29.73 68.01
N ASN AA 124 -15.39 -29.38 67.97
CA ASN AA 124 -16.45 -30.26 68.46
C ASN AA 124 -17.15 -31.02 67.34
N ILE AA 125 -17.30 -30.42 66.16
CA ILE AA 125 -17.96 -31.10 65.05
C ILE AA 125 -17.06 -32.14 64.40
N GLU AA 126 -15.74 -32.02 64.54
CA GLU AA 126 -14.80 -32.96 63.95
C GLU AA 126 -14.55 -34.17 64.83
N SER AA 127 -15.10 -34.20 66.04
CA SER AA 127 -14.91 -35.33 66.94
C SER AA 127 -16.20 -36.14 67.10
N UNK AA 128 -17.82 -39.88 70.56
CA UNK AA 128 -17.75 -40.79 69.43
C UNK AA 128 -19.14 -41.05 68.85
N UNK AA 129 -20.12 -41.24 69.74
CA UNK AA 129 -21.49 -41.49 69.30
C UNK AA 129 -22.45 -40.49 69.96
N UNK AA 130 -22.85 -40.78 71.19
CA UNK AA 130 -23.77 -39.91 71.92
C UNK AA 130 -23.04 -38.66 72.41
N UNK AA 131 -21.77 -38.82 72.75
CA UNK AA 131 -20.96 -37.70 73.24
C UNK AA 131 -20.58 -36.76 72.10
N UNK AA 132 -20.40 -37.35 70.91
CA UNK AA 132 -20.04 -36.57 69.73
C UNK AA 132 -21.25 -35.82 69.19
N UNK AA 133 -22.44 -36.40 69.40
CA UNK AA 133 -23.68 -35.79 68.93
C UNK AA 133 -24.05 -34.58 69.81
N UNK AA 134 -23.68 -34.65 71.07
CA UNK AA 134 -23.96 -33.56 72.01
C UNK AA 134 -23.06 -32.36 71.73
N UNK AA 135 -21.84 -32.64 71.31
CA UNK AA 135 -20.88 -31.57 70.98
C UNK AA 135 -21.19 -30.97 69.61
N UNK AA 136 -21.83 -31.76 68.75
CA UNK AA 136 -22.19 -31.30 67.42
C UNK AA 136 -23.44 -30.43 67.46
N UNK AA 137 -24.21 -30.56 68.53
CA UNK AA 137 -25.42 -29.77 68.71
C UNK AA 137 -25.07 -28.31 69.02
N UNK AA 138 -23.99 -28.11 69.76
CA UNK AA 138 -23.53 -26.78 70.11
C UNK AA 138 -22.84 -26.12 68.92
N UNK AA 139 -22.23 -26.95 68.08
CA UNK AA 139 -21.54 -26.48 66.89
C UNK AA 139 -22.55 -26.10 65.80
N UNK AA 140 -23.68 -26.79 65.79
CA UNK AA 140 -24.73 -26.52 64.81
C UNK AA 140 -25.45 -25.21 65.14
N UNK AA 141 -25.55 -24.91 66.43
CA UNK AA 141 -26.19 -23.68 66.88
C UNK AA 141 -25.29 -22.48 66.61
N UNK AA 142 -23.98 -22.69 66.68
CA UNK AA 142 -23.02 -21.64 66.42
C UNK AA 142 -22.90 -21.38 64.92
N UNK AA 143 -23.09 -22.43 64.13
CA UNK AA 143 -23.02 -22.31 62.68
C UNK AA 143 -24.26 -21.62 62.13
N UNK AA 144 -25.39 -21.82 62.82
CA UNK AA 144 -26.65 -21.20 62.42
C UNK AA 144 -26.63 -19.71 62.74
N UNK AA 145 -25.96 -19.35 63.83
CA UNK AA 145 -25.85 -17.95 64.24
C UNK AA 145 -24.84 -17.22 63.36
N UNK AA 146 -23.86 -17.96 62.86
CA UNK AA 146 -22.83 -17.39 62.00
C UNK AA 146 -23.38 -17.15 60.60
N UNK AA 147 -24.35 -17.96 60.21
CA UNK AA 147 -24.98 -17.82 58.90
C UNK AA 147 -25.89 -16.60 58.86
N UNK AA 148 -26.53 -16.31 59.99
CA UNK AA 148 -27.41 -15.15 60.09
C UNK AA 148 -26.59 -13.87 60.23
N UNK AA 149 -25.41 -13.99 60.80
CA UNK AA 149 -24.52 -12.85 60.99
C UNK AA 149 -23.82 -12.49 59.69
N UNK AA 150 -23.65 -13.48 58.83
CA UNK AA 150 -23.01 -13.28 57.53
C UNK AA 150 -23.94 -12.55 56.57
N UNK AA 151 -25.24 -12.79 56.73
CA UNK AA 151 -26.24 -12.15 55.88
C UNK AA 151 -26.53 -10.73 56.38
N UNK AA 152 -26.27 -10.49 57.67
CA UNK AA 152 -26.49 -9.18 58.26
C UNK AA 152 -25.30 -8.27 58.02
N UNK AA 153 -24.14 -8.87 57.77
CA UNK AA 153 -22.92 -8.12 57.53
C UNK AA 153 -22.89 -7.59 56.09
N UNK AA 154 -23.62 -8.27 55.20
CA UNK AA 154 -23.68 -7.88 53.80
C UNK AA 154 -24.90 -7.00 53.54
N UNK AA 155 -25.71 -6.80 54.58
CA UNK AA 155 -26.91 -5.97 54.47
C UNK AA 155 -26.84 -4.78 55.41
N UNK BA 1 54.36 66.49 18.46
CA UNK BA 1 54.36 67.02 19.82
C UNK BA 1 53.35 68.16 19.95
N UNK BA 2 52.73 68.52 18.83
CA UNK BA 2 51.75 69.60 18.81
C UNK BA 2 50.34 69.06 19.04
N UNK BA 3 50.21 67.74 19.01
CA UNK BA 3 48.92 67.09 19.21
C UNK BA 3 48.74 66.68 20.67
N UNK BA 4 49.75 66.95 21.49
CA UNK BA 4 49.70 66.60 22.90
C UNK BA 4 49.26 67.80 23.74
N UNK BA 5 48.97 68.91 23.06
CA UNK BA 5 48.54 70.12 23.74
C UNK BA 5 47.01 70.20 23.79
N UNK BA 6 46.35 69.22 23.17
CA UNK BA 6 44.91 69.17 23.14
C UNK BA 6 44.37 68.27 24.26
N UNK BA 7 45.28 67.71 25.05
CA UNK BA 7 44.90 66.84 26.15
C UNK BA 7 44.62 67.65 27.42
N UNK BA 8 45.25 68.81 27.52
CA UNK BA 8 45.07 69.68 28.67
C UNK BA 8 43.74 70.43 28.59
N UNK BA 9 43.26 70.64 27.38
CA UNK BA 9 42.00 71.34 27.16
C UNK BA 9 40.83 70.37 27.22
N UNK BA 10 41.12 69.07 27.14
CA UNK BA 10 40.09 68.05 27.19
C UNK BA 10 39.60 67.84 28.62
N UNK BA 11 40.50 68.03 29.59
CA UNK BA 11 40.16 67.86 30.99
C UNK BA 11 39.65 69.17 31.58
N UNK BA 12 39.85 70.26 30.85
CA UNK BA 12 39.40 71.58 31.30
C UNK BA 12 37.91 71.76 31.04
N UNK BA 13 37.39 71.02 30.08
CA UNK BA 13 35.97 71.11 29.73
C UNK BA 13 35.21 69.91 30.28
N UNK BA 14 35.93 68.95 30.86
CA UNK BA 14 35.32 67.77 31.42
C UNK BA 14 35.05 67.95 32.92
N UNK BA 15 35.97 68.63 33.59
CA UNK BA 15 35.83 68.88 35.03
C UNK BA 15 34.86 70.02 35.29
N UNK BA 16 34.71 70.90 34.31
CA UNK BA 16 33.81 72.04 34.43
C UNK BA 16 32.37 71.63 34.12
N UNK BA 17 32.21 70.52 33.40
CA UNK BA 17 30.90 70.03 33.04
C UNK BA 17 30.39 69.03 34.07
N UNK BA 18 31.31 68.37 34.75
CA UNK BA 18 30.95 67.38 35.77
C UNK BA 18 30.59 68.07 37.08
N UNK BA 19 31.20 69.22 37.33
CA UNK BA 19 30.94 69.99 38.54
C UNK BA 19 29.61 70.73 38.44
N UNK BA 20 29.24 71.11 37.23
CA UNK BA 20 27.99 71.83 36.99
C UNK BA 20 26.80 70.87 37.01
N UNK BA 21 27.04 69.64 36.58
CA UNK BA 21 26.00 68.60 36.53
C UNK BA 21 24.78 69.06 35.72
N ILE CA 119 -61.76 -66.12 54.05
CA ILE CA 119 -61.03 -65.04 53.41
C ILE CA 119 -61.80 -64.52 52.20
N TYR CA 120 -62.60 -65.40 51.60
CA TYR CA 120 -63.38 -65.00 50.43
C TYR CA 120 -64.59 -64.16 50.84
N ILE CA 121 -65.24 -64.51 51.95
CA ILE CA 121 -66.40 -63.74 52.40
C ILE CA 121 -65.96 -62.44 53.05
N ILE CA 122 -64.79 -62.41 53.68
CA ILE CA 122 -64.31 -61.18 54.31
C ILE CA 122 -63.79 -60.20 53.28
N GLY CA 123 -63.33 -60.69 52.13
CA GLY CA 123 -62.83 -59.79 51.09
C GLY CA 123 -63.93 -59.07 50.37
N ILE CA 124 -65.07 -59.72 50.17
CA ILE CA 124 -66.20 -59.08 49.50
C ILE CA 124 -66.90 -58.10 50.42
N SER CA 125 -66.89 -58.37 51.72
CA SER CA 125 -67.54 -57.46 52.66
C SER CA 125 -66.69 -56.22 52.90
N VAL CA 126 -65.36 -56.36 52.87
CA VAL CA 126 -64.49 -55.21 53.07
C VAL CA 126 -64.46 -54.34 51.82
N SER CA 127 -64.61 -54.94 50.64
CA SER CA 127 -64.60 -54.17 49.40
C SER CA 127 -65.90 -53.40 49.21
N LEU CA 128 -67.00 -53.91 49.76
CA LEU CA 128 -68.28 -53.21 49.63
C LEU CA 128 -68.33 -51.96 50.50
N TRP CA 129 -67.60 -51.95 51.61
CA TRP CA 129 -67.58 -50.76 52.47
C TRP CA 129 -66.75 -49.65 51.86
N ILE CA 130 -65.73 -49.99 51.07
CA ILE CA 130 -64.90 -48.96 50.43
C ILE CA 130 -65.65 -48.34 49.25
N GLY CA 131 -66.52 -49.09 48.60
CA GLY CA 131 -67.27 -48.55 47.48
C GLY CA 131 -68.36 -47.59 47.92
N LEU CA 132 -68.95 -47.81 49.09
CA LEU CA 132 -69.99 -46.90 49.58
C LEU CA 132 -69.40 -45.60 50.08
N THR CA 133 -68.16 -45.63 50.57
CA THR CA 133 -67.52 -44.41 51.05
C THR CA 133 -67.10 -43.50 49.90
N ILE CA 134 -66.78 -44.08 48.74
CA ILE CA 134 -66.40 -43.27 47.59
C ILE CA 134 -67.63 -42.59 46.99
N LEU CA 135 -68.77 -43.28 47.00
CA LEU CA 135 -69.99 -42.68 46.48
C LEU CA 135 -70.57 -41.63 47.43
N GLY CA 136 -70.40 -41.83 48.73
CA GLY CA 136 -70.91 -40.85 49.68
C GLY CA 136 -70.07 -39.59 49.75
N LEU CA 137 -68.76 -39.72 49.50
CA LEU CA 137 -67.90 -38.53 49.51
C LEU CA 137 -68.13 -37.65 48.29
N PHE CA 138 -68.42 -38.26 47.14
CA PHE CA 138 -68.67 -37.47 45.94
C PHE CA 138 -70.05 -36.80 45.99
N LEU CA 139 -71.02 -37.43 46.65
CA LEU CA 139 -72.34 -36.83 46.76
C LEU CA 139 -72.37 -35.70 47.77
N ASN CA 140 -71.50 -35.75 48.78
CA ASN CA 140 -71.46 -34.67 49.78
C ASN CA 140 -70.79 -33.42 49.22
N LYS CA 141 -69.84 -33.58 48.29
CA LYS CA 141 -69.18 -32.43 47.70
C LYS CA 141 -70.03 -31.75 46.65
N ALA CA 142 -71.05 -32.43 46.12
CA ALA CA 142 -71.93 -31.85 45.12
C ALA CA 142 -72.99 -30.94 45.72
N VAL CA 143 -73.11 -30.88 47.05
CA VAL CA 143 -74.10 -30.03 47.69
C VAL CA 143 -73.63 -28.59 47.83
N PHE CA 144 -72.36 -28.31 47.52
CA PHE CA 144 -71.87 -26.94 47.63
C PHE CA 144 -70.91 -26.56 46.50
N PHE CA 145 -70.75 -27.38 45.47
CA PHE CA 145 -69.86 -27.07 44.36
C PHE CA 145 -70.51 -27.47 43.03
N SER CA 146 -71.80 -27.19 42.89
CA SER CA 146 -72.57 -27.50 41.69
C SER CA 146 -72.55 -29.02 41.48
N LEU CA 147 -72.70 -29.45 40.22
CA LEU CA 147 -72.69 -30.88 39.90
C LEU CA 147 -72.28 -31.11 38.46
N PHE CA 148 -73.26 -31.04 37.55
CA PHE CA 148 -73.02 -31.23 36.12
C PHE CA 148 -72.37 -32.58 35.83
N VAL CA 149 -71.03 -32.61 35.83
CA VAL CA 149 -70.24 -33.81 35.58
C VAL CA 149 -70.63 -34.40 34.24
N PRO CA 150 -70.82 -33.57 33.20
CA PRO CA 150 -71.19 -34.14 31.89
C PRO CA 150 -70.63 -33.32 30.74
N SER CA 151 -69.99 -33.99 29.79
CA SER CA 151 -69.40 -33.31 28.64
C SER CA 151 -70.50 -32.96 27.63
N GLY CA 152 -70.65 -31.67 27.34
CA GLY CA 152 -71.66 -31.19 26.41
C GLY CA 152 -71.01 -30.78 25.09
N THR CA 153 -71.58 -31.29 24.00
CA THR CA 153 -71.09 -30.99 22.65
C THR CA 153 -72.29 -30.89 21.70
N PRO CA 154 -73.18 -29.90 21.92
CA PRO CA 154 -74.36 -29.73 21.06
C PRO CA 154 -75.14 -31.01 20.83
N LEU CA 155 -75.42 -31.74 21.91
CA LEU CA 155 -76.18 -32.98 21.82
C LEU CA 155 -76.92 -33.23 23.13
N PRO CA 156 -77.58 -34.39 23.27
CA PRO CA 156 -78.32 -34.66 24.51
C PRO CA 156 -78.21 -36.12 24.93
N LEU CA 157 -79.19 -36.59 25.71
CA LEU CA 157 -79.24 -37.97 26.20
C LEU CA 157 -77.97 -38.31 26.98
N VAL CA 158 -77.58 -37.40 27.87
CA VAL CA 158 -76.39 -37.59 28.69
C VAL CA 158 -76.81 -38.23 30.02
N PRO CA 159 -78.06 -38.07 30.44
CA PRO CA 159 -78.48 -38.68 31.73
C PRO CA 159 -78.80 -40.16 31.62
N VAL CA 160 -78.98 -40.69 30.41
CA VAL CA 160 -79.28 -42.11 30.27
C VAL CA 160 -78.04 -42.97 30.46
N LEU CA 161 -76.87 -42.43 30.15
CA LEU CA 161 -75.60 -43.16 30.31
C LEU CA 161 -74.95 -42.82 31.64
N VAL CA 162 -75.67 -43.12 32.72
CA VAL CA 162 -75.18 -42.86 34.07
C VAL CA 162 -74.60 -44.13 34.66
N LEU CA 163 -73.72 -44.79 33.89
CA LEU CA 163 -73.09 -46.02 34.32
C LEU CA 163 -71.73 -45.78 34.99
N ILE CA 164 -71.46 -44.56 35.43
CA ILE CA 164 -70.20 -44.24 36.09
C ILE CA 164 -70.48 -43.62 37.45
N GLU CA 165 -69.43 -43.14 38.11
CA GLU CA 165 -69.53 -42.51 39.43
C GLU CA 165 -70.19 -43.45 40.44
N LEU CA 166 -71.53 -43.44 40.47
CA LEU CA 166 -72.24 -44.30 41.40
C LEU CA 166 -72.20 -45.76 40.95
N LEU CA 167 -72.48 -46.01 39.67
CA LEU CA 167 -72.46 -47.37 39.16
C LEU CA 167 -71.05 -47.91 38.98
N SER CA 168 -70.06 -47.04 38.80
CA SER CA 168 -68.68 -47.50 38.64
C SER CA 168 -68.08 -47.97 39.96
N TYR CA 169 -68.61 -47.53 41.10
CA TYR CA 169 -68.08 -47.97 42.38
C TYR CA 169 -68.41 -49.42 42.67
N THR CA 170 -69.56 -49.91 42.17
CA THR CA 170 -69.93 -51.30 42.39
C THR CA 170 -69.09 -52.25 41.54
N ALA CA 171 -68.74 -51.85 40.31
CA ALA CA 171 -67.91 -52.69 39.46
C ALA CA 171 -66.44 -52.66 39.87
N ARG CA 172 -65.97 -51.53 40.39
CA ARG CA 172 -64.58 -51.44 40.81
C ARG CA 172 -64.33 -52.18 42.12
N ALA CA 173 -65.34 -52.24 42.99
CA ALA CA 173 -65.18 -52.97 44.25
C ALA CA 173 -65.18 -54.47 44.04
N ILE CA 174 -65.97 -54.95 43.08
CA ILE CA 174 -66.01 -56.39 42.81
C ILE CA 174 -64.75 -56.84 42.07
N SER CA 175 -64.18 -55.97 41.24
CA SER CA 175 -62.96 -56.32 40.52
C SER CA 175 -61.74 -56.27 41.42
N LEU CA 176 -61.67 -55.29 42.33
CA LEU CA 176 -60.54 -55.21 43.24
C LEU CA 176 -60.61 -56.26 44.33
N GLY CA 177 -61.82 -56.57 44.81
CA GLY CA 177 -61.99 -57.59 45.84
C GLY CA 177 -61.85 -59.01 45.37
N LEU CA 178 -61.84 -59.24 44.06
CA LEU CA 178 -61.69 -60.59 43.52
C LEU CA 178 -60.24 -61.05 43.47
N ARG CA 179 -59.29 -60.22 43.87
CA ARG CA 179 -57.89 -60.63 43.87
C ARG CA 179 -57.61 -61.66 44.95
N LEU CA 180 -58.33 -61.61 46.06
CA LEU CA 180 -58.13 -62.60 47.12
C LEU CA 180 -58.70 -63.96 46.72
N ALA CA 181 -59.80 -63.97 45.98
CA ALA CA 181 -60.40 -65.22 45.54
C ALA CA 181 -59.64 -65.82 44.36
N ALA CA 182 -59.06 -64.98 43.50
CA ALA CA 182 -58.30 -65.50 42.36
C ALA CA 182 -56.96 -66.08 42.80
N ASN CA 183 -56.36 -65.52 43.84
CA ASN CA 183 -55.08 -66.04 44.33
C ASN CA 183 -55.26 -67.38 45.03
N THR CA 184 -56.41 -67.58 45.69
CA THR CA 184 -56.67 -68.85 46.36
C THR CA 184 -57.02 -69.95 45.36
N LEU CA 185 -57.53 -69.58 44.18
CA LEU CA 185 -57.87 -70.59 43.18
C LEU CA 185 -56.61 -71.16 42.52
N SER CA 186 -55.53 -70.37 42.44
CA SER CA 186 -54.31 -70.87 41.84
C SER CA 186 -53.60 -71.85 42.77
N GLY CA 187 -53.63 -71.59 44.08
CA GLY CA 187 -53.00 -72.49 45.02
C GLY CA 187 -53.78 -73.76 45.27
N HIS CA 188 -55.11 -73.69 45.15
CA HIS CA 188 -55.95 -74.86 45.34
C HIS CA 188 -55.95 -75.79 44.12
N LEU CA 189 -55.44 -75.33 42.98
CA LEU CA 189 -55.38 -76.16 41.78
C LEU CA 189 -54.23 -77.15 41.79
N LEU CA 190 -53.36 -77.10 42.80
CA LEU CA 190 -52.24 -78.02 42.87
C LEU CA 190 -52.65 -79.42 43.33
N MET CA 191 -53.89 -79.58 43.84
CA MET CA 191 -54.33 -80.90 44.27
C MET CA 191 -54.58 -81.83 43.08
N SER CA 192 -55.01 -81.28 41.94
CA SER CA 192 -55.24 -82.10 40.77
C SER CA 192 -53.93 -82.51 40.10
N ILE CA 193 -52.91 -81.67 40.19
CA ILE CA 193 -51.61 -81.99 39.59
C ILE CA 193 -50.75 -82.84 40.51
N LEU CA 194 -51.07 -82.92 41.80
CA LEU CA 194 -50.28 -83.72 42.71
C LEU CA 194 -50.55 -85.21 42.54
N GLY CA 195 -51.77 -85.57 42.15
CA GLY CA 195 -52.08 -86.98 41.95
C GLY CA 195 -51.51 -87.54 40.67
N ASN CA 196 -51.32 -86.70 39.65
CA ASN CA 196 -50.76 -87.16 38.39
C ASN CA 196 -49.24 -87.25 38.44
N LEU CA 197 -48.60 -86.40 39.23
CA LEU CA 197 -47.14 -86.42 39.34
C LEU CA 197 -46.64 -87.56 40.21
N VAL CA 198 -47.48 -88.11 41.09
CA VAL CA 198 -47.09 -89.21 41.96
C VAL CA 198 -47.60 -90.55 41.46
N LYS CA 199 -48.14 -90.58 40.25
CA LYS CA 199 -48.65 -91.84 39.68
C LYS CA 199 -47.59 -92.53 38.83
N ILE CA 210 -43.72 -88.91 31.28
CA ILE CA 210 -42.81 -87.77 31.33
C ILE CA 210 -42.34 -87.54 32.75
N PHE CA 211 -41.38 -86.63 32.91
CA PHE CA 211 -40.84 -86.32 34.23
C PHE CA 211 -41.75 -85.35 34.96
N GLY CA 212 -41.77 -85.47 36.28
CA GLY CA 212 -42.59 -84.63 37.14
C GLY CA 212 -41.94 -83.33 37.58
N LEU CA 213 -40.81 -82.96 37.00
CA LEU CA 213 -40.14 -81.72 37.36
C LEU CA 213 -40.72 -80.49 36.68
N ILE CA 214 -41.66 -80.68 35.75
CA ILE CA 214 -42.28 -79.56 35.05
C ILE CA 214 -43.30 -78.91 35.97
N PRO CA 215 -43.84 -79.63 36.95
CA PRO CA 215 -44.82 -79.01 37.86
C PRO CA 215 -44.19 -78.06 38.86
N LEU CA 216 -42.91 -78.24 39.20
CA LEU CA 216 -42.27 -77.34 40.14
C LEU CA 216 -41.97 -75.98 39.53
N ALA CA 217 -41.61 -75.95 38.24
CA ALA CA 217 -41.33 -74.68 37.58
C ALA CA 217 -42.60 -73.91 37.30
N GLY CA 218 -43.70 -74.61 37.01
CA GLY CA 218 -44.96 -73.95 36.76
C GLY CA 218 -45.62 -73.39 38.01
N ILE CA 219 -45.44 -74.07 39.14
CA ILE CA 219 -46.02 -73.59 40.39
C ILE CA 219 -45.23 -72.40 40.93
N PHE CA 220 -43.93 -72.32 40.62
CA PHE CA 220 -43.13 -71.20 41.09
C PHE CA 220 -43.45 -69.93 40.30
N ALA CA 221 -43.77 -70.06 39.01
CA ALA CA 221 -44.12 -68.90 38.22
C ALA CA 221 -45.51 -68.39 38.55
N ILE CA 222 -46.43 -69.28 38.92
CA ILE CA 222 -47.78 -68.85 39.29
C ILE CA 222 -47.78 -68.21 40.67
N VAL CA 223 -46.88 -68.65 41.56
CA VAL CA 223 -46.82 -68.06 42.89
C VAL CA 223 -46.19 -66.66 42.83
N ILE CA 224 -45.25 -66.44 41.91
CA ILE CA 224 -44.63 -65.13 41.79
C ILE CA 224 -45.59 -64.15 41.13
N LEU CA 225 -46.41 -64.63 40.20
CA LEU CA 225 -47.39 -63.75 39.55
C LEU CA 225 -48.54 -63.41 40.47
N GLU CA 226 -48.90 -64.32 41.38
CA GLU CA 226 -49.98 -64.05 42.32
C GLU CA 226 -49.55 -63.05 43.38
N PHE CA 227 -48.29 -63.13 43.82
CA PHE CA 227 -47.79 -62.19 44.81
C PHE CA 227 -47.58 -60.81 44.20
N ALA CA 228 -47.20 -60.75 42.92
CA ALA CA 228 -47.03 -59.47 42.25
C ALA CA 228 -48.37 -58.85 41.85
N ILE CA 229 -49.44 -59.64 41.82
CA ILE CA 229 -50.74 -59.11 41.46
C ILE CA 229 -51.33 -58.25 42.58
N ALA CA 230 -50.86 -58.44 43.82
CA ALA CA 230 -51.36 -57.62 44.91
C ALA CA 230 -50.87 -56.18 44.81
N CYS CA 231 -49.66 -55.98 44.30
CA CYS CA 231 -49.14 -54.63 44.12
C CYS CA 231 -49.80 -53.93 42.94
N ILE CA 232 -50.16 -54.68 41.90
CA ILE CA 232 -50.83 -54.08 40.75
C ILE CA 232 -52.29 -53.77 41.09
N GLN CA 233 -52.92 -54.59 41.93
CA GLN CA 233 -54.31 -54.32 42.32
C GLN CA 233 -54.40 -53.15 43.27
N ALA CA 234 -53.39 -52.95 44.12
CA ALA CA 234 -53.39 -51.82 45.03
C ALA CA 234 -53.15 -50.51 44.29
N TYR CA 235 -52.32 -50.55 43.24
CA TYR CA 235 -52.07 -49.35 42.45
C TYR CA 235 -53.25 -49.01 41.56
N VAL CA 236 -54.01 -50.01 41.12
CA VAL CA 236 -55.17 -49.74 40.28
C VAL CA 236 -56.31 -49.16 41.12
N PHE CA 237 -56.40 -49.55 42.39
CA PHE CA 237 -57.44 -49.00 43.26
C PHE CA 237 -57.14 -47.56 43.64
N ALA CA 238 -55.87 -47.21 43.82
CA ALA CA 238 -55.51 -45.84 44.15
C ALA CA 238 -55.63 -44.92 42.94
N ILE CA 239 -55.44 -45.45 41.73
CA ILE CA 239 -55.58 -44.63 40.54
C ILE CA 239 -57.05 -44.34 40.25
N LEU CA 240 -57.95 -45.26 40.60
CA LEU CA 240 -59.37 -45.04 40.38
C LEU CA 240 -59.93 -44.01 41.37
N THR CA 241 -59.40 -43.97 42.59
CA THR CA 241 -59.85 -42.99 43.56
C THR CA 241 -59.34 -41.59 43.27
N SER CA 242 -58.25 -41.47 42.51
CA SER CA 242 -57.73 -40.15 42.17
C SER CA 242 -58.59 -39.45 41.14
N SER CA 243 -59.27 -40.21 40.28
CA SER CA 243 -60.15 -39.59 39.28
C SER CA 243 -61.42 -39.06 39.91
N TYR CA 244 -61.90 -39.70 40.97
CA TYR CA 244 -63.12 -39.24 41.63
C TYR CA 244 -62.87 -37.99 42.47
N LEU CA 245 -61.69 -37.88 43.08
CA LEU CA 245 -61.38 -36.70 43.88
C LEU CA 245 -61.06 -35.48 43.02
N LYS CA 246 -60.46 -35.70 41.86
CA LYS CA 246 -60.14 -34.58 40.97
C LYS CA 246 -61.37 -34.06 40.23
N ASP CA 247 -62.31 -34.94 39.89
CA ASP CA 247 -63.51 -34.52 39.19
C ASP CA 247 -64.51 -33.84 40.13
N SER CA 248 -64.47 -34.17 41.42
CA SER CA 248 -65.39 -33.57 42.38
C SER CA 248 -65.01 -32.14 42.74
N ILE CA 249 -63.76 -31.75 42.52
CA ILE CA 249 -63.32 -30.39 42.83
C ILE CA 249 -63.21 -29.52 41.58
N TYR CA 250 -63.55 -30.05 40.41
CA TYR CA 250 -63.48 -29.28 39.18
C TYR CA 250 -64.88 -28.95 38.65
N UNK DA 1 -31.13 -53.12 57.40
CA UNK DA 1 -31.89 -52.67 56.24
C UNK DA 1 -33.38 -52.62 56.56
N UNK DA 2 -33.72 -52.74 57.84
CA UNK DA 2 -35.11 -52.71 58.28
C UNK DA 2 -35.65 -51.29 58.21
N UNK DA 3 -34.84 -50.32 58.59
CA UNK DA 3 -35.24 -48.92 58.57
C UNK DA 3 -35.19 -48.35 57.15
N UNK DA 4 -34.33 -48.95 56.33
CA UNK DA 4 -34.18 -48.51 54.95
C UNK DA 4 -35.36 -49.00 54.09
N UNK DA 5 -35.91 -50.14 54.47
CA UNK DA 5 -37.05 -50.72 53.76
C UNK DA 5 -38.32 -49.95 54.05
N UNK DA 6 -38.42 -49.43 55.28
CA UNK DA 6 -39.59 -48.65 55.69
C UNK DA 6 -39.57 -47.26 55.07
N UNK DA 7 -38.36 -46.74 54.86
CA UNK DA 7 -38.19 -45.41 54.26
C UNK DA 7 -38.47 -45.45 52.77
N UNK DA 8 -38.20 -46.59 52.15
CA UNK DA 8 -38.43 -46.76 50.71
C UNK DA 8 -39.92 -46.93 50.43
N UNK DA 9 -40.63 -47.54 51.37
CA UNK DA 9 -42.06 -47.76 51.22
C UNK DA 9 -42.83 -46.45 51.44
N UNK DA 10 -42.29 -45.60 52.30
CA UNK DA 10 -42.92 -44.31 52.59
C UNK DA 10 -42.69 -43.33 51.45
N UNK DA 11 -41.56 -43.48 50.75
CA UNK DA 11 -41.23 -42.62 49.62
C UNK DA 11 -42.06 -43.00 48.40
N UNK DA 12 -42.41 -44.27 48.30
CA UNK DA 12 -43.21 -44.76 47.17
C UNK DA 12 -44.66 -44.34 47.33
N UNK DA 13 -45.10 -44.25 48.57
CA UNK DA 13 -46.48 -43.84 48.87
C UNK DA 13 -46.66 -42.34 48.66
N UNK DA 14 -45.60 -41.59 48.92
CA UNK DA 14 -45.63 -40.14 48.76
C UNK DA 14 -45.55 -39.76 47.28
N UNK DA 15 -44.87 -40.60 46.50
CA UNK DA 15 -44.72 -40.36 45.07
C UNK DA 15 -46.01 -40.67 44.33
N UNK DA 16 -46.76 -41.64 44.84
CA UNK DA 16 -48.03 -42.04 44.24
C UNK DA 16 -49.12 -41.03 44.58
N UNK DA 17 -48.97 -40.37 45.72
CA UNK DA 17 -49.94 -39.37 46.17
C UNK DA 17 -49.77 -38.07 45.40
N UNK DA 18 -48.54 -37.81 44.95
CA UNK DA 18 -48.24 -36.60 44.20
C UNK DA 18 -48.78 -36.70 42.77
N UNK DA 19 -48.84 -37.92 42.25
CA UNK DA 19 -49.33 -38.15 40.90
C UNK DA 19 -50.84 -37.98 40.83
N UNK DA 20 -51.54 -38.45 41.87
CA UNK DA 20 -52.99 -38.34 41.93
C UNK DA 20 -53.43 -37.41 43.05
N UNK DA 21 -52.77 -36.26 43.15
CA UNK DA 21 -53.10 -35.28 44.18
C UNK DA 21 -53.03 -33.86 43.64
N UNK DA 22 -53.69 -32.93 44.33
CA UNK DA 22 -53.70 -31.54 43.91
C UNK DA 22 -53.29 -30.61 45.05
N UNK DA 23 -53.95 -30.78 46.20
CA UNK DA 23 -53.66 -29.96 47.37
C UNK DA 23 -54.13 -30.65 48.65
N UNK DA 24 -55.23 -31.39 48.55
CA UNK DA 24 -55.79 -32.10 49.70
C UNK DA 24 -54.94 -33.31 50.05
N UNK DA 25 -54.51 -33.39 51.31
CA UNK DA 25 -53.69 -34.49 51.78
C UNK DA 25 -54.55 -35.62 52.33
N UNK DA 26 -54.07 -36.29 53.37
CA UNK DA 26 -54.79 -37.39 53.98
C UNK DA 26 -55.56 -38.20 52.93
N UNK DA 27 -55.09 -38.16 51.69
CA UNK DA 27 -55.72 -38.88 50.61
C UNK DA 27 -54.90 -40.11 50.21
N UNK DA 28 -53.61 -40.07 50.49
CA UNK DA 28 -52.72 -41.17 50.16
C UNK DA 28 -52.39 -42.01 51.39
N UNK DA 29 -52.53 -41.41 52.57
CA UNK DA 29 -52.25 -42.10 53.83
C UNK DA 29 -53.14 -43.33 54.00
N UNK DA 30 -54.44 -43.08 54.19
CA UNK DA 30 -55.40 -44.16 54.37
C UNK DA 30 -55.31 -45.16 53.22
N UNK DA 31 -54.99 -44.66 52.02
CA UNK DA 31 -54.88 -45.50 50.84
C UNK DA 31 -53.57 -46.28 50.87
N UNK DA 32 -52.54 -45.70 51.48
CA UNK DA 32 -51.23 -46.35 51.58
C UNK DA 32 -51.25 -47.42 52.66
N UNK DA 33 -52.06 -47.20 53.69
CA UNK DA 33 -52.17 -48.16 54.78
C UNK DA 33 -52.98 -49.38 54.36
N UNK DA 34 -53.95 -49.16 53.49
CA UNK DA 34 -54.81 -50.23 52.99
C UNK DA 34 -54.07 -51.07 51.96
N UNK DA 35 -53.12 -50.46 51.27
CA UNK DA 35 -52.33 -51.15 50.25
C UNK DA 35 -51.30 -52.07 50.90
N UNK DA 36 -50.76 -51.64 52.03
CA UNK DA 36 -49.76 -52.43 52.76
C UNK DA 36 -50.43 -53.58 53.51
N UNK DA 37 -51.69 -53.37 53.91
CA UNK DA 37 -52.43 -54.39 54.63
C UNK DA 37 -52.91 -55.49 53.69
N UNK DA 38 -53.15 -55.12 52.44
CA UNK DA 38 -53.61 -56.08 51.44
C UNK DA 38 -52.46 -56.96 50.96
N UNK DA 39 -51.25 -56.39 50.95
CA UNK DA 39 -50.07 -57.12 50.53
C UNK DA 39 -49.59 -58.09 51.60
N UNK DA 40 -49.81 -57.72 52.86
CA UNK DA 40 -49.40 -58.56 53.99
C UNK DA 40 -50.37 -59.72 54.18
N UNK DA 41 -51.63 -59.52 53.80
CA UNK DA 41 -52.64 -60.54 53.94
C UNK DA 41 -52.54 -61.58 52.82
N UNK DA 42 -51.96 -61.17 51.69
CA UNK DA 42 -51.79 -62.07 50.55
C UNK DA 42 -50.37 -62.62 50.49
N UNK DA 43 -49.75 -62.79 51.66
CA UNK DA 43 -48.39 -63.31 51.74
C UNK DA 43 -48.39 -64.81 52.05
N UNK DA 44 -49.43 -65.26 52.72
CA UNK DA 44 -49.56 -66.68 53.08
C UNK DA 44 -49.44 -67.57 51.84
PG ATP EA . 34.59 -4.14 -15.25
O1G ATP EA . 33.30 -3.38 -15.04
O2G ATP EA . 35.50 -3.54 -16.29
O3G ATP EA . 35.28 -4.54 -13.97
PB ATP EA . 35.18 -6.67 -16.29
O1B ATP EA . 35.82 -7.17 -15.02
O2B ATP EA . 36.05 -6.13 -17.41
O3B ATP EA . 34.11 -5.53 -15.90
PA ATP EA . 34.88 -9.20 -17.47
O1A ATP EA . 34.16 -9.54 -18.75
O2A ATP EA . 36.38 -9.05 -17.48
O3A ATP EA . 34.25 -7.83 -16.91
O5' ATP EA . 34.47 -10.31 -16.37
C5' ATP EA . 34.69 -10.10 -14.98
C4' ATP EA . 34.37 -11.39 -14.22
O4' ATP EA . 33.05 -11.82 -14.51
C3' ATP EA . 35.31 -12.52 -14.63
O3' ATP EA . 36.23 -12.80 -13.56
C2' ATP EA . 34.42 -13.72 -14.89
O2' ATP EA . 34.77 -14.78 -13.99
C1' ATP EA . 33.00 -13.25 -14.62
N9 ATP EA . 32.12 -13.66 -15.74
C8 ATP EA . 31.84 -12.92 -16.83
N7 ATP EA . 31.00 -13.57 -17.67
C5 ATP EA . 30.72 -14.77 -17.11
C6 ATP EA . 29.91 -15.95 -17.46
N6 ATP EA . 29.19 -15.99 -18.62
N1 ATP EA . 29.90 -16.99 -16.60
C2 ATP EA . 30.60 -16.96 -15.45
N3 ATP EA . 31.36 -15.93 -15.06
C4 ATP EA . 31.47 -14.82 -15.84
MG MG FA . 36.36 -5.00 -19.34
PB ADP GA . -2.43 26.15 -30.80
O1B ADP GA . -3.93 26.25 -30.75
O2B ADP GA . -1.83 25.32 -29.69
O3B ADP GA . -1.72 27.46 -31.05
PA ADP GA . -2.64 25.73 -33.58
O1A ADP GA . -3.28 27.10 -33.46
O2A ADP GA . -1.51 25.54 -34.57
O3A ADP GA . -2.11 25.28 -32.13
O5' ADP GA . -3.78 24.64 -33.94
C5' ADP GA . -4.97 24.52 -33.16
C4' ADP GA . -5.84 23.42 -33.75
O4' ADP GA . -7.02 23.24 -32.95
C3' ADP GA . -6.32 23.77 -35.15
O3' ADP GA . -5.65 22.95 -36.12
C2' ADP GA . -7.81 23.51 -35.17
O2' ADP GA . -8.11 22.51 -36.15
C1' ADP GA . -8.16 23.00 -33.78
N9 ADP GA . -9.34 23.72 -33.26
C8 ADP GA . -9.31 24.87 -32.55
N7 ADP GA . -10.57 25.27 -32.22
C5 ADP GA . -11.42 24.38 -32.72
C6 ADP GA . -12.89 24.20 -32.75
N6 ADP GA . -13.71 25.09 -32.14
N1 ADP GA . -13.39 23.13 -33.39
C2 ADP GA . -12.58 22.23 -34.00
N3 ADP GA . -11.25 22.32 -34.02
C4 ADP GA . -10.61 23.35 -33.41
MG MG HA . -0.52 29.37 -32.17
PB ADP IA . 15.89 25.93 14.78
O1B ADP IA . 15.58 25.06 15.97
O2B ADP IA . 15.60 25.27 13.45
O3B ADP IA . 17.22 26.63 14.85
PA ADP IA . 14.67 28.08 16.15
O1A ADP IA . 15.79 27.73 17.11
O2A ADP IA . 14.54 29.49 15.66
O3A ADP IA . 14.81 27.13 14.85
O5' ADP IA . 13.27 27.65 16.80
C5' ADP IA . 13.04 26.34 17.29
C4' ADP IA . 11.63 26.25 17.87
O4' ADP IA . 11.36 24.92 18.34
C3' ADP IA . 11.46 27.18 19.06
O3' ADP IA . 10.61 28.27 18.71
C2' ADP IA . 10.81 26.35 20.15
O2' ADP IA . 9.54 26.91 20.52
C1' ADP IA . 10.63 24.96 19.56
N9 ADP IA . 11.13 23.93 20.51
C8 ADP IA . 12.39 23.44 20.53
N7 ADP IA . 12.52 22.52 21.52
C5 ADP IA . 11.34 22.41 22.14
C6 ADP IA . 10.80 21.61 23.27
N6 ADP IA . 11.57 20.72 23.94
N1 ADP IA . 9.50 21.80 23.60
C2 ADP IA . 8.72 22.67 22.94
N3 ADP IA . 9.14 23.43 21.91
C4 ADP IA . 10.43 23.34 21.47
MG MG JA . 19.14 28.26 15.28
PB ADP KA . 32.44 5.56 8.13
O1B ADP KA . 32.35 4.11 8.54
O2B ADP KA . 31.54 5.93 6.98
O3B ADP KA . 33.85 6.10 8.02
PA ADP KA . 32.42 6.22 10.87
O1A ADP KA . 33.66 5.38 10.81
O2A ADP KA . 32.51 7.61 11.47
O3A ADP KA . 31.83 6.38 9.38
O5' ADP KA . 31.27 5.42 11.67
C5' ADP KA . 30.90 4.10 11.32
C4' ADP KA . 29.81 3.60 12.26
O4' ADP KA . 29.39 2.28 11.90
C3' ADP KA . 30.31 3.53 13.70
O3' ADP KA . 29.69 4.57 14.47
C2' ADP KA . 29.88 2.17 14.22
O2' ADP KA . 29.00 2.33 15.34
C1' ADP KA . 29.14 1.50 13.06
N9 ADP KA . 29.66 0.12 12.88
C8 ADP KA . 30.66 -0.24 12.06
N7 ADP KA . 30.89 -1.58 12.12
C5 ADP KA . 30.01 -2.10 13.00
C6 ADP KA . 29.71 -3.44 13.54
N6 ADP KA . 30.40 -4.54 13.13
N1 ADP KA . 28.71 -3.55 14.44
C2 ADP KA . 28.01 -2.47 14.86
N3 ADP KA . 28.23 -1.22 14.41
C4 ADP KA . 29.20 -0.98 13.50
MG MG LA . 36.49 6.37 7.99
PB ADP MA . 13.27 0.21 -41.68
O1B ADP MA . 12.00 0.14 -42.50
O2B ADP MA . 13.04 0.46 -40.21
O3B ADP MA . 14.35 1.07 -42.30
PA ADP MA . 14.21 -2.02 -43.12
O1A ADP MA . 15.55 -2.70 -42.97
O2A ADP MA . 14.01 -1.03 -44.25
O3A ADP MA . 13.88 -1.27 -41.73
O5' ADP MA . 13.10 -3.18 -43.22
C5' ADP MA . 11.71 -2.88 -43.30
C4' ADP MA . 10.91 -4.17 -43.43
O4' ADP MA . 9.51 -3.91 -43.48
C3' ADP MA . 11.27 -4.94 -44.69
O3' ADP MA . 12.02 -6.11 -44.37
C2' ADP MA . 9.94 -5.33 -45.33
O2' ADP MA . 9.84 -6.75 -45.42
C1' ADP MA . 8.87 -4.79 -44.40
N9 ADP MA . 7.84 -4.06 -45.18
C8 ADP MA . 7.85 -2.73 -45.45
N7 ADP MA . 6.78 -2.38 -46.19
C5 ADP MA . 6.05 -3.49 -46.41
C6 ADP MA . 4.80 -3.82 -47.12
N6 ADP MA . 4.08 -2.87 -47.77
N1 ADP MA . 4.39 -5.11 -47.12
C2 ADP MA . 5.09 -6.07 -46.48
N3 ADP MA . 6.24 -5.84 -45.82
C4 ADP MA . 6.76 -4.59 -45.75
PB ADP NA . -0.32 35.81 -6.46
O1B ADP NA . -1.34 35.54 -5.38
O2B ADP NA . 0.63 34.65 -6.72
O3B ADP NA . 0.35 37.15 -6.37
PA ADP NA . -2.39 36.94 -7.99
O1A ADP NA . -2.43 37.84 -6.79
O2A ADP NA . -2.27 37.56 -9.37
O3A ADP NA . -1.18 35.90 -7.82
O5' ADP NA . -3.71 36.01 -8.00
C5' ADP NA . -4.08 35.23 -6.87
C4' ADP NA . -5.37 34.49 -7.17
O4' ADP NA . -5.75 33.67 -6.06
C3' ADP NA . -6.53 35.46 -7.42
O3' ADP NA . -6.90 35.44 -8.79
C2' ADP NA . -7.69 34.95 -6.56
O2' ADP NA . -8.80 34.62 -7.40
C1' ADP NA . -7.16 33.71 -5.85
N9 ADP NA . -7.48 33.77 -4.41
C8 ADP NA . -6.69 34.29 -3.46
N7 ADP NA . -7.26 34.21 -2.24
C5 ADP NA . -8.47 33.62 -2.39
C6 ADP NA . -9.59 33.23 -1.51
N6 ADP NA . -9.55 33.45 -0.18
N1 ADP NA . -10.67 32.65 -2.09
C2 ADP NA . -10.73 32.43 -3.42
N3 ADP NA . -9.75 32.76 -4.27
C4 ADP NA . -8.60 33.34 -3.83
MG MG OA . 0.77 39.77 -5.77
#